data_1WGU
#
_entry.id   1WGU
#
_entity_poly.entity_id   1
_entity_poly.type   'polypeptide(L)'
_entity_poly.pdbx_seq_one_letter_code
;GSSGSSGPTPKTELVQKFRVQYLGMLPVDRPVGMDTLNSAIENLMTSSSKEDWPSVNMNVADATVTVISEKNEEEVLVEC
RVRFLSFMGVGKDVHTFAFIMDTGNQRFECHVFWCEPNAANVSEAVQAACSGPSSG
;
_entity_poly.pdbx_strand_id   A
#
# COMPACT_ATOMS: atom_id res chain seq x y z
N GLY A 1 -5.32 -28.49 22.35
CA GLY A 1 -4.28 -28.39 21.34
C GLY A 1 -3.36 -29.62 21.38
N SER A 2 -3.95 -30.78 21.12
CA SER A 2 -3.20 -32.02 21.13
C SER A 2 -1.92 -31.86 20.31
N SER A 3 -2.11 -31.51 19.04
CA SER A 3 -0.98 -31.32 18.15
C SER A 3 0.00 -30.31 18.75
N GLY A 4 1.29 -30.62 18.59
CA GLY A 4 2.33 -29.75 19.11
C GLY A 4 2.31 -28.39 18.41
N SER A 5 3.49 -27.80 18.30
CA SER A 5 3.62 -26.50 17.66
C SER A 5 4.52 -26.61 16.43
N SER A 6 4.30 -25.69 15.50
CA SER A 6 5.08 -25.67 14.27
C SER A 6 6.57 -25.54 14.60
N GLY A 7 7.38 -25.75 13.59
CA GLY A 7 8.83 -25.67 13.75
C GLY A 7 9.41 -24.55 12.87
N PRO A 8 9.81 -23.45 13.55
CA PRO A 8 10.39 -22.31 12.84
C PRO A 8 11.82 -22.60 12.41
N THR A 9 12.43 -21.62 11.76
CA THR A 9 13.79 -21.77 11.28
C THR A 9 14.61 -20.50 11.61
N PRO A 10 15.92 -20.73 11.89
CA PRO A 10 16.81 -19.63 12.22
C PRO A 10 17.18 -18.82 10.97
N LYS A 11 16.15 -18.21 10.38
CA LYS A 11 16.35 -17.41 9.18
C LYS A 11 15.02 -16.76 8.78
N THR A 12 15.08 -15.44 8.63
CA THR A 12 13.90 -14.69 8.26
C THR A 12 14.19 -13.79 7.05
N GLU A 13 13.15 -13.11 6.59
CA GLU A 13 13.28 -12.24 5.45
C GLU A 13 13.33 -10.77 5.91
N LEU A 14 13.72 -9.91 4.98
CA LEU A 14 13.81 -8.49 5.28
C LEU A 14 12.45 -7.84 5.07
N VAL A 15 12.00 -7.12 6.09
CA VAL A 15 10.72 -6.43 6.03
C VAL A 15 10.92 -4.95 6.28
N GLN A 16 10.16 -4.14 5.55
CA GLN A 16 10.25 -2.69 5.70
C GLN A 16 8.90 -2.13 6.15
N LYS A 17 8.88 -1.67 7.40
CA LYS A 17 7.68 -1.10 7.97
C LYS A 17 7.80 0.42 8.02
N PHE A 18 6.77 1.09 7.53
CA PHE A 18 6.77 2.54 7.51
C PHE A 18 5.46 3.08 8.09
N ARG A 19 5.58 3.78 9.21
CA ARG A 19 4.43 4.36 9.88
C ARG A 19 3.80 5.44 8.99
N VAL A 20 2.73 5.06 8.32
CA VAL A 20 2.02 5.98 7.44
C VAL A 20 0.54 6.01 7.83
N GLN A 21 -0.10 7.10 7.44
CA GLN A 21 -1.52 7.27 7.74
C GLN A 21 -2.38 6.66 6.63
N TYR A 22 -3.58 6.25 7.02
CA TYR A 22 -4.50 5.64 6.07
C TYR A 22 -5.62 6.62 5.69
N LEU A 23 -5.49 7.18 4.51
CA LEU A 23 -6.48 8.13 4.02
C LEU A 23 -7.80 7.39 3.74
N GLY A 24 -7.68 6.26 3.06
CA GLY A 24 -8.84 5.46 2.73
C GLY A 24 -8.62 4.67 1.44
N MET A 25 -9.68 4.00 1.00
CA MET A 25 -9.61 3.22 -0.21
C MET A 25 -10.56 3.77 -1.28
N LEU A 26 -9.97 4.34 -2.32
CA LEU A 26 -10.75 4.91 -3.40
C LEU A 26 -10.55 4.07 -4.67
N PRO A 27 -11.69 3.65 -5.27
CA PRO A 27 -11.65 2.84 -6.48
C PRO A 27 -11.28 3.69 -7.70
N VAL A 28 -10.75 3.02 -8.70
CA VAL A 28 -10.35 3.71 -9.92
C VAL A 28 -10.61 2.79 -11.13
N ASP A 29 -10.88 3.42 -12.26
CA ASP A 29 -11.16 2.68 -13.47
C ASP A 29 -9.83 2.30 -14.14
N ARG A 30 -8.97 3.29 -14.30
CA ARG A 30 -7.67 3.08 -14.91
C ARG A 30 -6.70 2.48 -13.89
N PRO A 31 -6.27 1.23 -14.19
CA PRO A 31 -5.33 0.53 -13.31
C PRO A 31 -3.92 1.08 -13.47
N VAL A 32 -3.77 2.00 -14.42
CA VAL A 32 -2.48 2.61 -14.68
C VAL A 32 -2.69 4.08 -15.03
N GLY A 33 -1.76 4.90 -14.56
CA GLY A 33 -1.83 6.33 -14.81
C GLY A 33 -1.55 7.13 -13.54
N MET A 34 -1.19 8.39 -13.73
CA MET A 34 -0.90 9.26 -12.61
C MET A 34 -2.07 10.21 -12.33
N ASP A 35 -2.56 10.81 -13.40
CA ASP A 35 -3.68 11.74 -13.28
C ASP A 35 -4.71 11.16 -12.31
N THR A 36 -5.23 9.99 -12.68
CA THR A 36 -6.22 9.33 -11.85
C THR A 36 -5.69 9.11 -10.43
N LEU A 37 -4.42 8.70 -10.37
CA LEU A 37 -3.79 8.45 -9.09
C LEU A 37 -3.93 9.70 -8.21
N ASN A 38 -3.36 10.79 -8.70
CA ASN A 38 -3.41 12.05 -7.97
C ASN A 38 -4.87 12.39 -7.65
N SER A 39 -5.69 12.35 -8.68
CA SER A 39 -7.10 12.66 -8.54
C SER A 39 -7.68 11.89 -7.34
N ALA A 40 -7.33 10.61 -7.28
CA ALA A 40 -7.81 9.76 -6.19
C ALA A 40 -7.35 10.35 -4.85
N ILE A 41 -6.05 10.53 -4.74
CA ILE A 41 -5.47 11.09 -3.53
C ILE A 41 -6.19 12.38 -3.18
N GLU A 42 -5.97 13.39 -4.02
CA GLU A 42 -6.58 14.69 -3.80
C GLU A 42 -8.03 14.52 -3.31
N ASN A 43 -8.72 13.56 -3.90
CA ASN A 43 -10.09 13.28 -3.53
C ASN A 43 -10.15 12.88 -2.06
N LEU A 44 -9.39 11.84 -1.73
CA LEU A 44 -9.35 11.35 -0.36
C LEU A 44 -8.80 12.45 0.56
N MET A 45 -7.70 13.05 0.12
CA MET A 45 -7.07 14.10 0.89
C MET A 45 -8.12 15.01 1.54
N THR A 46 -8.94 15.59 0.70
CA THR A 46 -9.99 16.49 1.17
C THR A 46 -10.89 15.76 2.18
N SER A 47 -11.13 14.48 1.89
CA SER A 47 -11.96 13.67 2.76
C SER A 47 -11.19 13.26 4.01
N SER A 48 -11.80 13.50 5.15
CA SER A 48 -11.19 13.17 6.43
C SER A 48 -9.90 13.97 6.61
N SER A 49 -9.78 14.61 7.76
CA SER A 49 -8.62 15.41 8.07
C SER A 49 -7.37 14.53 8.09
N LYS A 50 -6.24 15.17 8.35
CA LYS A 50 -4.97 14.45 8.41
C LYS A 50 -4.92 13.63 9.70
N GLU A 51 -5.20 14.30 10.81
CA GLU A 51 -5.19 13.64 12.10
C GLU A 51 -6.23 12.52 12.14
N ASP A 52 -7.25 12.67 11.32
CA ASP A 52 -8.31 11.68 11.25
C ASP A 52 -7.73 10.35 10.74
N TRP A 53 -6.80 10.48 9.80
CA TRP A 53 -6.15 9.31 9.22
C TRP A 53 -5.43 8.56 10.36
N PRO A 54 -5.73 7.25 10.46
CA PRO A 54 -5.12 6.42 11.49
C PRO A 54 -3.67 6.09 11.13
N SER A 55 -2.79 6.23 12.13
CA SER A 55 -1.38 5.95 11.93
C SER A 55 -1.16 4.44 11.80
N VAL A 56 -0.97 4.00 10.55
CA VAL A 56 -0.74 2.60 10.28
C VAL A 56 0.69 2.40 9.81
N ASN A 57 1.05 1.13 9.62
CA ASN A 57 2.39 0.80 9.16
C ASN A 57 2.30 0.01 7.86
N MET A 58 3.22 0.31 6.95
CA MET A 58 3.25 -0.36 5.67
C MET A 58 4.35 -1.42 5.62
N ASN A 59 3.92 -2.67 5.73
CA ASN A 59 4.86 -3.79 5.71
C ASN A 59 5.23 -4.11 4.26
N VAL A 60 6.51 -4.35 4.05
CA VAL A 60 7.00 -4.68 2.72
C VAL A 60 7.97 -5.86 2.81
N ALA A 61 7.55 -6.98 2.24
CA ALA A 61 8.37 -8.18 2.25
C ALA A 61 7.80 -9.18 1.25
N ASP A 62 8.60 -10.20 0.96
CA ASP A 62 8.19 -11.24 0.03
C ASP A 62 7.46 -10.59 -1.15
N ALA A 63 7.96 -9.42 -1.55
CA ALA A 63 7.37 -8.70 -2.66
C ALA A 63 5.87 -8.52 -2.41
N THR A 64 5.55 -7.97 -1.25
CA THR A 64 4.17 -7.74 -0.88
C THR A 64 4.04 -6.45 -0.07
N VAL A 65 2.83 -5.92 -0.06
CA VAL A 65 2.55 -4.69 0.68
C VAL A 65 1.37 -4.92 1.62
N THR A 66 1.69 -5.09 2.90
CA THR A 66 0.67 -5.31 3.90
C THR A 66 0.64 -4.15 4.90
N VAL A 67 -0.53 -3.53 5.00
CA VAL A 67 -0.71 -2.41 5.90
C VAL A 67 -1.06 -2.94 7.29
N ILE A 68 -0.08 -2.83 8.19
CA ILE A 68 -0.28 -3.30 9.55
C ILE A 68 -0.59 -2.10 10.46
N SER A 69 -1.44 -2.35 11.44
CA SER A 69 -1.84 -1.31 12.38
C SER A 69 -0.61 -0.81 13.14
N GLU A 70 -0.85 0.19 13.98
CA GLU A 70 0.22 0.77 14.78
C GLU A 70 0.30 0.08 16.14
N LYS A 71 -0.87 -0.15 16.72
CA LYS A 71 -0.94 -0.80 18.02
C LYS A 71 -1.19 -2.30 17.82
N ASN A 72 -0.40 -2.87 16.92
CA ASN A 72 -0.51 -4.29 16.64
C ASN A 72 0.37 -4.64 15.44
N GLU A 73 1.43 -5.39 15.72
CA GLU A 73 2.36 -5.80 14.68
C GLU A 73 1.88 -7.08 14.00
N GLU A 74 0.72 -7.55 14.46
CA GLU A 74 0.14 -8.76 13.91
C GLU A 74 -1.06 -8.42 13.02
N GLU A 75 -1.87 -7.50 13.50
CA GLU A 75 -3.05 -7.08 12.76
C GLU A 75 -2.66 -6.66 11.34
N VAL A 76 -3.51 -7.04 10.40
CA VAL A 76 -3.28 -6.72 9.00
C VAL A 76 -4.49 -5.98 8.44
N LEU A 77 -4.40 -4.66 8.49
CA LEU A 77 -5.49 -3.82 7.99
C LEU A 77 -5.76 -4.17 6.52
N VAL A 78 -4.76 -3.90 5.69
CA VAL A 78 -4.86 -4.16 4.27
C VAL A 78 -3.70 -5.06 3.83
N GLU A 79 -4.00 -5.98 2.93
CA GLU A 79 -2.99 -6.90 2.43
C GLU A 79 -2.92 -6.80 0.91
N CYS A 80 -1.90 -6.08 0.45
CA CYS A 80 -1.69 -5.91 -0.98
C CYS A 80 -0.40 -6.63 -1.37
N ARG A 81 -0.38 -7.10 -2.61
CA ARG A 81 0.79 -7.80 -3.12
C ARG A 81 1.26 -7.18 -4.43
N VAL A 82 2.58 -7.12 -4.58
CA VAL A 82 3.16 -6.55 -5.79
C VAL A 82 2.74 -7.38 -7.01
N ARG A 83 2.33 -8.60 -6.73
CA ARG A 83 1.89 -9.50 -7.79
C ARG A 83 0.46 -9.17 -8.21
N PHE A 84 -0.26 -8.53 -7.29
CA PHE A 84 -1.64 -8.16 -7.54
C PHE A 84 -1.76 -6.66 -7.81
N LEU A 85 -0.62 -5.99 -7.77
CA LEU A 85 -0.58 -4.55 -7.99
C LEU A 85 -0.71 -4.27 -9.50
N SER A 86 -1.07 -3.05 -9.81
CA SER A 86 -1.23 -2.64 -11.20
C SER A 86 -0.39 -1.40 -11.48
N PHE A 87 -0.44 -0.46 -10.55
CA PHE A 87 0.31 0.78 -10.68
C PHE A 87 0.26 1.60 -9.39
N MET A 88 1.03 2.67 -9.37
CA MET A 88 1.09 3.55 -8.22
C MET A 88 1.89 4.81 -8.51
N GLY A 89 2.38 5.43 -7.45
CA GLY A 89 3.16 6.64 -7.58
C GLY A 89 2.86 7.62 -6.44
N VAL A 90 3.67 8.67 -6.37
CA VAL A 90 3.50 9.68 -5.35
C VAL A 90 2.58 10.78 -5.87
N GLY A 91 1.53 11.04 -5.11
CA GLY A 91 0.57 12.07 -5.47
C GLY A 91 1.23 13.44 -5.53
N LYS A 92 0.40 14.47 -5.70
CA LYS A 92 0.89 15.83 -5.78
C LYS A 92 2.01 16.02 -4.76
N ASP A 93 1.64 15.93 -3.49
CA ASP A 93 2.60 16.09 -2.41
C ASP A 93 3.45 14.82 -2.29
N VAL A 94 4.70 15.02 -1.90
CA VAL A 94 5.62 13.90 -1.75
C VAL A 94 5.30 13.16 -0.45
N HIS A 95 4.35 13.71 0.29
CA HIS A 95 3.95 13.11 1.55
C HIS A 95 2.66 12.30 1.35
N THR A 96 2.59 11.66 0.19
CA THR A 96 1.43 10.85 -0.14
C THR A 96 1.82 9.70 -1.07
N PHE A 97 1.24 8.54 -0.80
CA PHE A 97 1.52 7.36 -1.60
C PHE A 97 0.26 6.54 -1.83
N ALA A 98 0.00 6.26 -3.10
CA ALA A 98 -1.17 5.48 -3.47
C ALA A 98 -0.80 4.51 -4.60
N PHE A 99 -1.45 3.35 -4.59
CA PHE A 99 -1.20 2.34 -5.59
C PHE A 99 -2.49 1.59 -5.95
N ILE A 100 -2.64 1.31 -7.23
CA ILE A 100 -3.81 0.60 -7.72
C ILE A 100 -3.55 -0.91 -7.63
N MET A 101 -4.45 -1.58 -6.92
CA MET A 101 -4.33 -3.02 -6.76
C MET A 101 -5.44 -3.75 -7.51
N ASP A 102 -5.24 -5.05 -7.68
CA ASP A 102 -6.22 -5.86 -8.38
C ASP A 102 -6.83 -6.88 -7.41
N THR A 103 -8.14 -6.77 -7.23
CA THR A 103 -8.85 -7.66 -6.34
C THR A 103 -9.58 -8.74 -7.13
N GLY A 104 -10.10 -8.33 -8.29
CA GLY A 104 -10.82 -9.25 -9.14
C GLY A 104 -12.14 -8.62 -9.62
N ASN A 105 -12.69 -9.22 -10.67
CA ASN A 105 -13.93 -8.73 -11.23
C ASN A 105 -13.74 -7.31 -11.76
N GLN A 106 -12.74 -7.17 -12.63
CA GLN A 106 -12.44 -5.87 -13.21
C GLN A 106 -12.63 -4.76 -12.17
N ARG A 107 -12.04 -4.98 -11.01
CA ARG A 107 -12.13 -4.01 -9.93
C ARG A 107 -10.74 -3.68 -9.39
N PHE A 108 -10.51 -2.39 -9.20
CA PHE A 108 -9.23 -1.93 -8.69
C PHE A 108 -9.41 -0.97 -7.52
N GLU A 109 -8.56 -1.11 -6.52
CA GLU A 109 -8.62 -0.26 -5.35
C GLU A 109 -7.29 0.48 -5.16
N CYS A 110 -7.41 1.77 -4.89
CA CYS A 110 -6.24 2.61 -4.68
C CYS A 110 -6.17 3.00 -3.21
N HIS A 111 -5.16 2.46 -2.53
CA HIS A 111 -4.97 2.74 -1.12
C HIS A 111 -4.05 3.95 -0.96
N VAL A 112 -4.65 5.05 -0.51
CA VAL A 112 -3.90 6.27 -0.29
C VAL A 112 -3.26 6.26 1.10
N PHE A 113 -2.06 6.80 1.17
CA PHE A 113 -1.34 6.85 2.43
C PHE A 113 -0.48 8.11 2.52
N TRP A 114 -0.04 8.40 3.73
CA TRP A 114 0.79 9.57 3.96
C TRP A 114 2.13 9.10 4.55
N CYS A 115 3.19 9.34 3.79
CA CYS A 115 4.51 8.95 4.23
C CYS A 115 5.35 10.22 4.43
N GLU A 116 6.22 10.16 5.43
CA GLU A 116 7.07 11.29 5.74
C GLU A 116 8.54 10.84 5.83
N PRO A 117 9.46 11.78 5.47
CA PRO A 117 9.03 13.11 5.04
C PRO A 117 8.46 13.07 3.62
N ASN A 118 8.69 11.94 2.95
CA ASN A 118 8.20 11.78 1.59
C ASN A 118 8.09 10.27 1.29
N ALA A 119 7.11 9.95 0.45
CA ALA A 119 6.89 8.57 0.07
C ALA A 119 7.86 8.18 -1.04
N ALA A 120 9.14 8.44 -0.78
CA ALA A 120 10.18 8.13 -1.75
C ALA A 120 10.72 6.72 -1.47
N ASN A 121 11.03 6.48 -0.20
CA ASN A 121 11.55 5.19 0.21
C ASN A 121 10.42 4.15 0.15
N VAL A 122 9.25 4.56 0.62
CA VAL A 122 8.09 3.68 0.62
C VAL A 122 7.79 3.25 -0.81
N SER A 123 7.54 4.24 -1.66
CA SER A 123 7.23 3.97 -3.05
C SER A 123 8.30 3.08 -3.67
N GLU A 124 9.55 3.38 -3.32
CA GLU A 124 10.67 2.61 -3.83
C GLU A 124 10.65 1.20 -3.25
N ALA A 125 10.65 1.13 -1.93
CA ALA A 125 10.62 -0.15 -1.24
C ALA A 125 9.51 -1.02 -1.84
N VAL A 126 8.44 -0.37 -2.22
CA VAL A 126 7.30 -1.07 -2.81
C VAL A 126 7.58 -1.34 -4.29
N GLN A 127 8.09 -0.32 -4.96
CA GLN A 127 8.40 -0.44 -6.37
C GLN A 127 9.45 -1.55 -6.60
N ALA A 128 10.55 -1.42 -5.89
CA ALA A 128 11.63 -2.39 -6.00
C ALA A 128 11.04 -3.80 -6.08
N ALA A 129 9.89 -3.97 -5.42
CA ALA A 129 9.21 -5.24 -5.42
C ALA A 129 8.42 -5.40 -6.71
N CYS A 130 7.57 -4.42 -6.97
CA CYS A 130 6.75 -4.43 -8.17
C CYS A 130 7.67 -4.59 -9.38
N SER A 131 8.53 -3.59 -9.56
CA SER A 131 9.47 -3.60 -10.67
C SER A 131 8.78 -4.12 -11.93
N GLY A 132 8.21 -3.20 -12.67
CA GLY A 132 7.51 -3.54 -13.91
C GLY A 132 8.10 -2.80 -15.10
N PRO A 133 7.67 -3.23 -16.32
CA PRO A 133 8.14 -2.60 -17.54
C PRO A 133 7.49 -1.23 -17.75
N SER A 134 8.02 -0.52 -18.73
CA SER A 134 7.49 0.81 -19.05
C SER A 134 6.65 0.75 -20.32
N SER A 135 6.93 -0.26 -21.13
CA SER A 135 6.21 -0.44 -22.38
C SER A 135 6.11 0.89 -23.13
N GLY A 136 7.27 1.53 -23.28
CA GLY A 136 7.34 2.80 -23.97
C GLY A 136 7.29 2.61 -25.49
N GLY A 1 -13.93 -34.31 16.88
CA GLY A 1 -12.53 -34.06 17.19
C GLY A 1 -11.82 -33.39 16.02
N SER A 2 -11.26 -32.23 16.29
CA SER A 2 -10.55 -31.46 15.28
C SER A 2 -9.06 -31.37 15.63
N SER A 3 -8.26 -31.06 14.63
CA SER A 3 -6.83 -30.93 14.83
C SER A 3 -6.17 -30.32 13.59
N GLY A 4 -5.13 -29.54 13.82
CA GLY A 4 -4.41 -28.89 12.73
C GLY A 4 -3.07 -28.36 13.20
N SER A 5 -2.08 -28.47 12.33
CA SER A 5 -0.74 -28.00 12.64
C SER A 5 0.17 -28.14 11.42
N SER A 6 1.24 -27.36 11.43
CA SER A 6 2.19 -27.39 10.32
C SER A 6 3.36 -26.46 10.62
N GLY A 7 3.03 -25.30 11.16
CA GLY A 7 4.04 -24.31 11.49
C GLY A 7 4.71 -23.76 10.23
N PRO A 8 5.25 -22.52 10.36
CA PRO A 8 5.91 -21.88 9.25
C PRO A 8 7.29 -22.49 9.00
N THR A 9 7.61 -22.64 7.72
CA THR A 9 8.90 -23.21 7.32
C THR A 9 10.04 -22.40 7.94
N PRO A 10 11.22 -23.09 8.06
CA PRO A 10 12.40 -22.45 8.62
C PRO A 10 13.02 -21.47 7.61
N LYS A 11 12.36 -20.32 7.48
CA LYS A 11 12.84 -19.30 6.56
C LYS A 11 12.46 -17.92 7.11
N THR A 12 13.02 -16.90 6.48
CA THR A 12 12.75 -15.52 6.90
C THR A 12 13.29 -14.54 5.87
N GLU A 13 12.58 -13.44 5.71
CA GLU A 13 12.98 -12.41 4.76
C GLU A 13 12.85 -11.03 5.40
N LEU A 14 13.79 -10.16 5.06
CA LEU A 14 13.79 -8.81 5.58
C LEU A 14 12.44 -8.15 5.28
N VAL A 15 12.05 -7.25 6.16
CA VAL A 15 10.79 -6.53 6.00
C VAL A 15 11.01 -5.05 6.30
N GLN A 16 10.20 -4.23 5.64
CA GLN A 16 10.30 -2.79 5.81
C GLN A 16 8.95 -2.22 6.29
N LYS A 17 8.94 -1.80 7.55
CA LYS A 17 7.74 -1.24 8.13
C LYS A 17 7.86 0.29 8.17
N PHE A 18 6.86 0.94 7.58
CA PHE A 18 6.84 2.40 7.54
C PHE A 18 5.55 2.94 8.15
N ARG A 19 5.69 3.56 9.31
CA ARG A 19 4.56 4.14 10.00
C ARG A 19 3.95 5.28 9.18
N VAL A 20 2.87 4.96 8.48
CA VAL A 20 2.20 5.95 7.66
C VAL A 20 0.71 5.97 8.01
N GLN A 21 0.05 7.06 7.61
CA GLN A 21 -1.37 7.20 7.88
C GLN A 21 -2.19 6.59 6.75
N TYR A 22 -3.46 6.32 7.06
CA TYR A 22 -4.36 5.74 6.07
C TYR A 22 -5.46 6.73 5.68
N LEU A 23 -5.28 7.32 4.50
CA LEU A 23 -6.25 8.27 4.00
C LEU A 23 -7.58 7.56 3.75
N GLY A 24 -7.49 6.41 3.11
CA GLY A 24 -8.67 5.62 2.81
C GLY A 24 -8.57 5.00 1.42
N MET A 25 -9.51 4.10 1.14
CA MET A 25 -9.54 3.41 -0.14
C MET A 25 -10.52 4.09 -1.10
N LEU A 26 -10.07 4.25 -2.33
CA LEU A 26 -10.90 4.87 -3.36
C LEU A 26 -10.79 4.07 -4.65
N PRO A 27 -11.98 3.70 -5.19
CA PRO A 27 -12.03 2.93 -6.43
C PRO A 27 -11.72 3.83 -7.64
N VAL A 28 -11.09 3.21 -8.63
CA VAL A 28 -10.74 3.93 -9.84
C VAL A 28 -10.92 3.01 -11.05
N ASP A 29 -11.30 3.63 -12.16
CA ASP A 29 -11.51 2.87 -13.39
C ASP A 29 -10.16 2.47 -13.98
N ARG A 30 -9.34 3.47 -14.23
CA ARG A 30 -8.02 3.24 -14.78
C ARG A 30 -7.12 2.56 -13.76
N PRO A 31 -6.66 1.33 -14.11
CA PRO A 31 -5.80 0.57 -13.22
C PRO A 31 -4.38 1.14 -13.24
N VAL A 32 -4.13 2.02 -14.19
CA VAL A 32 -2.83 2.64 -14.32
C VAL A 32 -2.99 4.12 -14.63
N GLY A 33 -1.87 4.82 -14.67
CA GLY A 33 -1.88 6.24 -14.96
C GLY A 33 -1.67 7.07 -13.68
N MET A 34 -1.05 8.22 -13.86
CA MET A 34 -0.79 9.10 -12.74
C MET A 34 -1.97 10.05 -12.49
N ASP A 35 -2.59 10.45 -13.58
CA ASP A 35 -3.73 11.36 -13.51
C ASP A 35 -4.72 10.83 -12.47
N THR A 36 -5.31 9.68 -12.79
CA THR A 36 -6.28 9.07 -11.89
C THR A 36 -5.71 8.95 -10.48
N LEU A 37 -4.48 8.45 -10.42
CA LEU A 37 -3.81 8.28 -9.15
C LEU A 37 -4.00 9.53 -8.30
N ASN A 38 -3.38 10.62 -8.75
CA ASN A 38 -3.49 11.89 -8.05
C ASN A 38 -4.96 12.19 -7.77
N SER A 39 -5.74 12.23 -8.83
CA SER A 39 -7.15 12.52 -8.72
C SER A 39 -7.74 11.80 -7.49
N ALA A 40 -7.38 10.52 -7.38
CA ALA A 40 -7.85 9.72 -6.26
C ALA A 40 -7.44 10.38 -4.94
N ILE A 41 -6.13 10.57 -4.80
CA ILE A 41 -5.59 11.18 -3.61
C ILE A 41 -6.30 12.50 -3.35
N GLU A 42 -6.10 13.44 -4.26
CA GLU A 42 -6.72 14.75 -4.14
C GLU A 42 -8.15 14.61 -3.61
N ASN A 43 -8.82 13.56 -4.06
CA ASN A 43 -10.19 13.31 -3.63
C ASN A 43 -10.22 13.14 -2.12
N LEU A 44 -9.58 12.07 -1.66
CA LEU A 44 -9.53 11.78 -0.24
C LEU A 44 -9.10 13.03 0.53
N MET A 45 -7.96 13.58 0.11
CA MET A 45 -7.44 14.78 0.74
C MET A 45 -8.56 15.76 1.09
N THR A 46 -9.21 16.25 0.05
CA THR A 46 -10.31 17.19 0.24
C THR A 46 -11.58 16.45 0.65
N SER A 47 -11.48 15.73 1.75
CA SER A 47 -12.60 14.97 2.27
C SER A 47 -12.44 14.76 3.77
N SER A 48 -11.38 14.07 4.14
CA SER A 48 -11.11 13.79 5.53
C SER A 48 -9.90 14.61 6.01
N SER A 49 -9.81 14.76 7.32
CA SER A 49 -8.72 15.52 7.91
C SER A 49 -7.43 14.70 7.88
N LYS A 50 -6.32 15.39 8.07
CA LYS A 50 -5.02 14.74 8.07
C LYS A 50 -4.91 13.81 9.28
N GLU A 51 -5.18 14.39 10.44
CA GLU A 51 -5.12 13.62 11.68
C GLU A 51 -6.19 12.51 11.67
N ASP A 52 -7.26 12.78 10.95
CA ASP A 52 -8.35 11.82 10.85
C ASP A 52 -7.82 10.49 10.31
N TRP A 53 -6.63 10.56 9.72
CA TRP A 53 -6.01 9.38 9.16
C TRP A 53 -5.30 8.64 10.30
N PRO A 54 -5.61 7.32 10.42
CA PRO A 54 -5.03 6.50 11.45
C PRO A 54 -3.58 6.16 11.12
N SER A 55 -2.74 6.20 12.14
CA SER A 55 -1.32 5.90 11.97
C SER A 55 -1.13 4.39 11.83
N VAL A 56 -0.94 3.95 10.60
CA VAL A 56 -0.73 2.54 10.33
C VAL A 56 0.72 2.31 9.88
N ASN A 57 1.07 1.04 9.77
CA ASN A 57 2.42 0.67 9.36
C ASN A 57 2.35 -0.07 8.02
N MET A 58 3.27 0.29 7.13
CA MET A 58 3.32 -0.34 5.83
C MET A 58 4.40 -1.42 5.77
N ASN A 59 3.95 -2.66 5.76
CA ASN A 59 4.86 -3.79 5.71
C ASN A 59 5.24 -4.08 4.26
N VAL A 60 6.52 -4.34 4.06
CA VAL A 60 7.02 -4.63 2.72
C VAL A 60 7.97 -5.84 2.79
N ALA A 61 7.50 -6.94 2.22
CA ALA A 61 8.29 -8.16 2.21
C ALA A 61 7.67 -9.16 1.23
N ASP A 62 8.42 -10.22 0.94
CA ASP A 62 7.96 -11.23 0.03
C ASP A 62 7.26 -10.57 -1.16
N ALA A 63 7.81 -9.44 -1.58
CA ALA A 63 7.25 -8.71 -2.70
C ALA A 63 5.75 -8.50 -2.47
N THR A 64 5.42 -7.99 -1.29
CA THR A 64 4.03 -7.74 -0.95
C THR A 64 3.91 -6.47 -0.11
N VAL A 65 2.73 -5.87 -0.17
CA VAL A 65 2.47 -4.65 0.57
C VAL A 65 1.31 -4.89 1.55
N THR A 66 1.68 -5.09 2.81
CA THR A 66 0.69 -5.33 3.85
C THR A 66 0.64 -4.15 4.82
N VAL A 67 -0.58 -3.71 5.11
CA VAL A 67 -0.77 -2.60 6.01
C VAL A 67 -1.10 -3.13 7.41
N ILE A 68 -0.10 -3.08 8.27
CA ILE A 68 -0.26 -3.54 9.64
C ILE A 68 -0.60 -2.36 10.55
N SER A 69 -1.46 -2.64 11.52
CA SER A 69 -1.87 -1.61 12.47
C SER A 69 -0.68 -1.16 13.31
N GLU A 70 -0.89 -0.09 14.07
CA GLU A 70 0.16 0.45 14.92
C GLU A 70 -0.01 -0.06 16.35
N LYS A 71 -1.23 0.02 16.84
CA LYS A 71 -1.53 -0.44 18.19
C LYS A 71 -1.16 -1.92 18.32
N ASN A 72 -1.41 -2.65 17.24
CA ASN A 72 -1.12 -4.07 17.22
C ASN A 72 -0.17 -4.38 16.05
N GLU A 73 1.02 -4.81 16.39
CA GLU A 73 2.01 -5.14 15.39
C GLU A 73 1.77 -6.55 14.84
N GLU A 74 0.54 -6.79 14.41
CA GLU A 74 0.16 -8.07 13.87
C GLU A 74 -1.07 -7.94 12.97
N GLU A 75 -2.03 -7.17 13.46
CA GLU A 75 -3.26 -6.96 12.72
C GLU A 75 -2.95 -6.47 11.31
N VAL A 76 -3.37 -7.26 10.33
CA VAL A 76 -3.15 -6.92 8.94
C VAL A 76 -4.38 -6.19 8.38
N LEU A 77 -4.32 -4.88 8.46
CA LEU A 77 -5.42 -4.06 7.97
C LEU A 77 -5.68 -4.38 6.50
N VAL A 78 -4.66 -4.15 5.68
CA VAL A 78 -4.77 -4.42 4.27
C VAL A 78 -3.58 -5.28 3.81
N GLU A 79 -3.83 -6.11 2.83
CA GLU A 79 -2.80 -6.99 2.30
C GLU A 79 -2.77 -6.91 0.77
N CYS A 80 -1.80 -6.16 0.27
CA CYS A 80 -1.65 -6.00 -1.17
C CYS A 80 -0.40 -6.75 -1.61
N ARG A 81 -0.43 -7.23 -2.85
CA ARG A 81 0.68 -7.96 -3.40
C ARG A 81 1.18 -7.30 -4.69
N VAL A 82 2.49 -7.22 -4.81
CA VAL A 82 3.10 -6.61 -5.98
C VAL A 82 2.68 -7.39 -7.22
N ARG A 83 2.23 -8.61 -7.00
CA ARG A 83 1.80 -9.46 -8.09
C ARG A 83 0.37 -9.10 -8.52
N PHE A 84 -0.36 -8.54 -7.56
CA PHE A 84 -1.74 -8.14 -7.83
C PHE A 84 -1.84 -6.63 -8.08
N LEU A 85 -0.73 -5.95 -7.85
CA LEU A 85 -0.67 -4.52 -8.04
C LEU A 85 -0.85 -4.20 -9.51
N SER A 86 -1.21 -2.95 -9.79
CA SER A 86 -1.42 -2.50 -11.15
C SER A 86 -0.55 -1.29 -11.45
N PHE A 87 -0.48 -0.39 -10.48
CA PHE A 87 0.32 0.81 -10.63
C PHE A 87 0.28 1.65 -9.35
N MET A 88 1.10 2.69 -9.33
CA MET A 88 1.17 3.58 -8.18
C MET A 88 1.99 4.83 -8.50
N GLY A 89 2.47 5.47 -7.45
CA GLY A 89 3.27 6.67 -7.61
C GLY A 89 3.12 7.60 -6.39
N VAL A 90 3.88 8.67 -6.40
CA VAL A 90 3.84 9.63 -5.32
C VAL A 90 2.93 10.79 -5.71
N GLY A 91 1.83 10.92 -4.96
CA GLY A 91 0.87 11.97 -5.22
C GLY A 91 1.56 13.34 -5.28
N LYS A 92 0.75 14.38 -5.43
CA LYS A 92 1.26 15.73 -5.50
C LYS A 92 2.40 15.90 -4.50
N ASP A 93 2.02 15.96 -3.23
CA ASP A 93 2.99 16.12 -2.17
C ASP A 93 3.90 14.89 -2.12
N VAL A 94 5.02 15.04 -1.44
CA VAL A 94 5.99 13.96 -1.31
C VAL A 94 5.61 13.07 -0.12
N HIS A 95 4.69 13.60 0.68
CA HIS A 95 4.22 12.87 1.85
C HIS A 95 2.94 12.10 1.52
N THR A 96 2.77 11.86 0.23
CA THR A 96 1.59 11.14 -0.24
C THR A 96 2.00 9.92 -1.08
N PHE A 97 1.21 8.87 -0.97
CA PHE A 97 1.48 7.65 -1.71
C PHE A 97 0.20 6.83 -1.91
N ALA A 98 0.07 6.27 -3.11
CA ALA A 98 -1.10 5.47 -3.43
C ALA A 98 -0.75 4.51 -4.57
N PHE A 99 -1.44 3.39 -4.60
CA PHE A 99 -1.23 2.39 -5.63
C PHE A 99 -2.53 1.66 -5.98
N ILE A 100 -2.69 1.40 -7.26
CA ILE A 100 -3.88 0.71 -7.74
C ILE A 100 -3.64 -0.80 -7.69
N MET A 101 -4.50 -1.47 -6.94
CA MET A 101 -4.40 -2.91 -6.79
C MET A 101 -5.57 -3.62 -7.50
N ASP A 102 -5.37 -4.90 -7.75
CA ASP A 102 -6.39 -5.70 -8.42
C ASP A 102 -6.89 -6.78 -7.47
N THR A 103 -8.19 -6.76 -7.21
CA THR A 103 -8.80 -7.73 -6.32
C THR A 103 -9.48 -8.84 -7.14
N GLY A 104 -10.28 -8.41 -8.10
CA GLY A 104 -10.99 -9.36 -8.94
C GLY A 104 -12.32 -8.76 -9.42
N ASN A 105 -12.79 -9.28 -10.56
CA ASN A 105 -14.03 -8.81 -11.13
C ASN A 105 -13.85 -7.38 -11.64
N GLN A 106 -12.88 -7.22 -12.52
CA GLN A 106 -12.58 -5.92 -13.10
C GLN A 106 -12.75 -4.83 -12.04
N ARG A 107 -12.00 -4.99 -10.95
CA ARG A 107 -12.06 -4.02 -9.86
C ARG A 107 -10.65 -3.56 -9.49
N PHE A 108 -10.54 -2.29 -9.18
CA PHE A 108 -9.25 -1.71 -8.79
C PHE A 108 -9.41 -0.77 -7.59
N GLU A 109 -8.60 -1.02 -6.58
CA GLU A 109 -8.64 -0.21 -5.38
C GLU A 109 -7.32 0.56 -5.22
N CYS A 110 -7.46 1.84 -4.90
CA CYS A 110 -6.30 2.69 -4.73
C CYS A 110 -6.20 3.07 -3.25
N HIS A 111 -5.21 2.50 -2.58
CA HIS A 111 -5.00 2.77 -1.17
C HIS A 111 -4.07 3.99 -1.00
N VAL A 112 -4.66 5.06 -0.51
CA VAL A 112 -3.90 6.28 -0.30
C VAL A 112 -3.28 6.26 1.10
N PHE A 113 -2.07 6.80 1.18
CA PHE A 113 -1.36 6.85 2.44
C PHE A 113 -0.49 8.11 2.53
N TRP A 114 -0.10 8.43 3.76
CA TRP A 114 0.72 9.60 4.00
C TRP A 114 2.03 9.14 4.65
N CYS A 115 3.11 9.21 3.89
CA CYS A 115 4.40 8.80 4.38
C CYS A 115 5.23 10.07 4.65
N GLU A 116 6.18 9.93 5.57
CA GLU A 116 7.04 11.04 5.93
C GLU A 116 8.48 10.56 6.11
N PRO A 117 9.43 11.48 5.81
CA PRO A 117 9.07 12.82 5.37
C PRO A 117 8.59 12.80 3.91
N ASN A 118 8.75 11.64 3.29
CA ASN A 118 8.33 11.47 1.90
C ASN A 118 8.12 9.98 1.62
N ALA A 119 7.32 9.73 0.59
CA ALA A 119 7.03 8.36 0.20
C ALA A 119 8.03 7.90 -0.86
N ALA A 120 9.18 8.55 -0.85
CA ALA A 120 10.24 8.22 -1.80
C ALA A 120 10.86 6.88 -1.42
N ASN A 121 11.05 6.70 -0.11
CA ASN A 121 11.64 5.48 0.39
C ASN A 121 10.60 4.37 0.38
N VAL A 122 9.36 4.75 0.65
CA VAL A 122 8.26 3.80 0.68
C VAL A 122 8.00 3.31 -0.75
N SER A 123 7.54 4.24 -1.58
CA SER A 123 7.24 3.92 -2.97
C SER A 123 8.38 3.10 -3.58
N GLU A 124 9.60 3.48 -3.20
CA GLU A 124 10.78 2.79 -3.70
C GLU A 124 10.82 1.36 -3.17
N ALA A 125 10.64 1.23 -1.86
CA ALA A 125 10.66 -0.08 -1.23
C ALA A 125 9.51 -0.92 -1.77
N VAL A 126 8.46 -0.23 -2.21
CA VAL A 126 7.30 -0.91 -2.76
C VAL A 126 7.55 -1.22 -4.24
N GLN A 127 8.11 -0.24 -4.93
CA GLN A 127 8.41 -0.40 -6.34
C GLN A 127 9.45 -1.51 -6.54
N ALA A 128 10.53 -1.40 -5.79
CA ALA A 128 11.60 -2.37 -5.88
C ALA A 128 11.00 -3.78 -5.93
N ALA A 129 9.83 -3.91 -5.34
CA ALA A 129 9.14 -5.19 -5.30
C ALA A 129 8.47 -5.43 -6.66
N CYS A 130 7.54 -4.56 -6.99
CA CYS A 130 6.82 -4.66 -8.25
C CYS A 130 7.85 -4.78 -9.39
N SER A 131 8.92 -4.03 -9.24
CA SER A 131 9.98 -4.04 -10.24
C SER A 131 10.62 -5.43 -10.31
N GLY A 132 11.23 -5.82 -9.20
CA GLY A 132 11.88 -7.12 -9.12
C GLY A 132 13.38 -6.97 -8.85
N PRO A 133 14.15 -8.02 -9.26
CA PRO A 133 15.59 -8.01 -9.07
C PRO A 133 16.26 -7.07 -10.07
N SER A 134 16.37 -5.80 -9.67
CA SER A 134 17.00 -4.81 -10.53
C SER A 134 17.58 -3.69 -9.67
N SER A 135 18.80 -3.29 -10.02
CA SER A 135 19.48 -2.23 -9.29
C SER A 135 20.16 -1.28 -10.27
N GLY A 136 20.54 -0.12 -9.75
CA GLY A 136 21.20 0.88 -10.57
C GLY A 136 21.80 1.99 -9.70
N GLY A 1 -10.31 -38.67 8.61
CA GLY A 1 -9.05 -39.28 8.97
C GLY A 1 -8.13 -38.27 9.67
N SER A 2 -7.35 -37.58 8.85
CA SER A 2 -6.42 -36.58 9.38
C SER A 2 -6.67 -35.23 8.71
N SER A 3 -6.46 -34.18 9.47
CA SER A 3 -6.66 -32.83 8.97
C SER A 3 -6.06 -31.81 9.93
N GLY A 4 -5.91 -30.59 9.44
CA GLY A 4 -5.35 -29.52 10.25
C GLY A 4 -4.02 -29.02 9.67
N SER A 5 -4.08 -27.84 9.08
CA SER A 5 -2.89 -27.26 8.49
C SER A 5 -2.04 -26.57 9.57
N SER A 6 -0.76 -26.86 9.54
CA SER A 6 0.16 -26.29 10.50
C SER A 6 1.38 -25.69 9.78
N GLY A 7 1.46 -24.38 9.81
CA GLY A 7 2.57 -23.68 9.18
C GLY A 7 3.67 -23.36 10.18
N PRO A 8 4.90 -23.87 9.87
CA PRO A 8 6.04 -23.65 10.73
C PRO A 8 6.56 -22.21 10.59
N THR A 9 5.68 -21.26 10.89
CA THR A 9 6.04 -19.86 10.80
C THR A 9 6.92 -19.61 9.58
N PRO A 10 6.26 -19.33 8.43
CA PRO A 10 6.98 -19.08 7.19
C PRO A 10 7.60 -17.68 7.20
N LYS A 11 8.70 -17.56 7.94
CA LYS A 11 9.39 -16.30 8.04
C LYS A 11 10.64 -16.33 7.16
N THR A 12 10.83 -15.27 6.40
CA THR A 12 11.96 -15.16 5.50
C THR A 12 12.05 -13.76 4.90
N GLU A 13 13.26 -13.37 4.53
CA GLU A 13 13.49 -12.07 3.94
C GLU A 13 13.15 -10.97 4.95
N LEU A 14 13.93 -9.90 4.91
CA LEU A 14 13.73 -8.78 5.80
C LEU A 14 12.39 -8.11 5.48
N VAL A 15 11.96 -7.25 6.39
CA VAL A 15 10.70 -6.55 6.22
C VAL A 15 10.92 -5.06 6.48
N GLN A 16 10.16 -4.25 5.76
CA GLN A 16 10.25 -2.81 5.91
C GLN A 16 8.90 -2.21 6.31
N LYS A 17 8.83 -1.75 7.55
CA LYS A 17 7.61 -1.17 8.07
C LYS A 17 7.76 0.36 8.13
N PHE A 18 6.77 1.04 7.58
CA PHE A 18 6.78 2.49 7.56
C PHE A 18 5.50 3.06 8.18
N ARG A 19 5.67 3.84 9.24
CA ARG A 19 4.54 4.44 9.91
C ARG A 19 3.91 5.52 9.04
N VAL A 20 2.81 5.15 8.40
CA VAL A 20 2.10 6.07 7.53
C VAL A 20 0.62 6.10 7.93
N GLN A 21 -0.02 7.21 7.57
CA GLN A 21 -1.43 7.39 7.89
C GLN A 21 -2.30 6.81 6.77
N TYR A 22 -3.42 6.23 7.16
CA TYR A 22 -4.34 5.64 6.20
C TYR A 22 -5.44 6.63 5.82
N LEU A 23 -5.43 7.03 4.56
CA LEU A 23 -6.42 7.96 4.06
C LEU A 23 -7.72 7.22 3.76
N GLY A 24 -7.57 6.07 3.12
CA GLY A 24 -8.73 5.25 2.78
C GLY A 24 -8.53 4.59 1.41
N MET A 25 -9.51 3.78 1.04
CA MET A 25 -9.47 3.07 -0.23
C MET A 25 -10.48 3.65 -1.22
N LEU A 26 -9.96 4.25 -2.27
CA LEU A 26 -10.80 4.85 -3.29
C LEU A 26 -10.72 4.02 -4.58
N PRO A 27 -11.91 3.62 -5.10
CA PRO A 27 -11.98 2.83 -6.30
C PRO A 27 -11.69 3.69 -7.54
N VAL A 28 -11.11 3.05 -8.55
CA VAL A 28 -10.78 3.74 -9.78
C VAL A 28 -11.09 2.83 -10.97
N ASP A 29 -11.09 3.43 -12.16
CA ASP A 29 -11.36 2.68 -13.36
C ASP A 29 -10.04 2.29 -14.03
N ARG A 30 -9.21 3.29 -14.27
CA ARG A 30 -7.92 3.06 -14.89
C ARG A 30 -6.96 2.42 -13.89
N PRO A 31 -6.45 1.22 -14.27
CA PRO A 31 -5.52 0.49 -13.41
C PRO A 31 -4.14 1.13 -13.46
N VAL A 32 -3.98 2.08 -14.36
CA VAL A 32 -2.71 2.77 -14.51
C VAL A 32 -2.96 4.27 -14.68
N GLY A 33 -1.90 4.99 -14.99
CA GLY A 33 -1.99 6.42 -15.17
C GLY A 33 -1.68 7.16 -13.86
N MET A 34 -1.25 8.41 -14.02
CA MET A 34 -0.92 9.23 -12.87
C MET A 34 -2.05 10.21 -12.55
N ASP A 35 -2.64 10.75 -13.60
CA ASP A 35 -3.73 11.70 -13.46
C ASP A 35 -4.74 11.14 -12.45
N THR A 36 -5.33 10.01 -12.82
CA THR A 36 -6.31 9.37 -11.95
C THR A 36 -5.75 9.16 -10.55
N LEU A 37 -4.51 8.67 -10.52
CA LEU A 37 -3.84 8.42 -9.25
C LEU A 37 -4.00 9.65 -8.34
N ASN A 38 -3.33 10.72 -8.73
CA ASN A 38 -3.39 11.96 -7.98
C ASN A 38 -4.85 12.30 -7.68
N SER A 39 -5.65 12.28 -8.74
CA SER A 39 -7.06 12.60 -8.61
C SER A 39 -7.64 11.89 -7.39
N ALA A 40 -7.37 10.60 -7.30
CA ALA A 40 -7.85 9.80 -6.18
C ALA A 40 -7.43 10.45 -4.87
N ILE A 41 -6.12 10.50 -4.67
CA ILE A 41 -5.57 11.10 -3.46
C ILE A 41 -6.33 12.38 -3.13
N GLU A 42 -6.14 13.38 -3.98
CA GLU A 42 -6.81 14.65 -3.79
C GLU A 42 -8.24 14.44 -3.33
N ASN A 43 -8.90 13.50 -3.98
CA ASN A 43 -10.29 13.18 -3.65
C ASN A 43 -10.40 12.92 -2.15
N LEU A 44 -9.67 11.92 -1.69
CA LEU A 44 -9.68 11.55 -0.29
C LEU A 44 -9.30 12.79 0.55
N MET A 45 -8.11 13.29 0.28
CA MET A 45 -7.62 14.46 1.00
C MET A 45 -8.75 15.46 1.26
N THR A 46 -9.28 15.99 0.17
CA THR A 46 -10.36 16.97 0.27
C THR A 46 -11.64 16.28 0.74
N SER A 47 -11.56 15.70 1.93
CA SER A 47 -12.71 15.02 2.51
C SER A 47 -12.43 14.69 3.98
N SER A 48 -11.45 13.82 4.18
CA SER A 48 -11.08 13.41 5.53
C SER A 48 -9.91 14.27 6.03
N SER A 49 -9.90 14.47 7.34
CA SER A 49 -8.85 15.27 7.96
C SER A 49 -7.54 14.49 7.97
N LYS A 50 -6.49 15.16 8.44
CA LYS A 50 -5.18 14.54 8.51
C LYS A 50 -5.13 13.59 9.71
N GLU A 51 -5.49 14.12 10.86
CA GLU A 51 -5.50 13.34 12.08
C GLU A 51 -6.52 12.21 11.99
N ASP A 52 -7.56 12.46 11.20
CA ASP A 52 -8.61 11.48 11.02
C ASP A 52 -8.01 10.19 10.45
N TRP A 53 -6.81 10.33 9.91
CA TRP A 53 -6.11 9.19 9.33
C TRP A 53 -5.38 8.46 10.47
N PRO A 54 -5.68 7.14 10.58
CA PRO A 54 -5.06 6.32 11.61
C PRO A 54 -3.61 6.00 11.26
N SER A 55 -2.77 6.01 12.29
CA SER A 55 -1.36 5.73 12.09
C SER A 55 -1.15 4.23 11.88
N VAL A 56 -0.92 3.87 10.63
CA VAL A 56 -0.72 2.47 10.28
C VAL A 56 0.73 2.28 9.82
N ASN A 57 1.10 1.02 9.62
CA ASN A 57 2.44 0.69 9.19
C ASN A 57 2.38 -0.07 7.87
N MET A 58 3.26 0.31 6.96
CA MET A 58 3.31 -0.32 5.65
C MET A 58 4.40 -1.40 5.61
N ASN A 59 3.94 -2.65 5.66
CA ASN A 59 4.86 -3.78 5.64
C ASN A 59 5.28 -4.06 4.19
N VAL A 60 6.56 -4.32 4.02
CA VAL A 60 7.09 -4.61 2.70
C VAL A 60 8.02 -5.83 2.78
N ALA A 61 7.51 -6.95 2.32
CA ALA A 61 8.28 -8.19 2.33
C ALA A 61 7.69 -9.17 1.32
N ASP A 62 8.44 -10.23 1.06
CA ASP A 62 8.01 -11.24 0.11
C ASP A 62 7.35 -10.56 -1.09
N ALA A 63 7.85 -9.38 -1.41
CA ALA A 63 7.32 -8.62 -2.53
C ALA A 63 5.81 -8.44 -2.35
N THR A 64 5.45 -7.91 -1.19
CA THR A 64 4.06 -7.68 -0.88
C THR A 64 3.90 -6.40 -0.05
N VAL A 65 2.72 -5.80 -0.16
CA VAL A 65 2.43 -4.58 0.58
C VAL A 65 1.27 -4.84 1.55
N THR A 66 1.62 -5.06 2.80
CA THR A 66 0.63 -5.31 3.83
C THR A 66 0.57 -4.14 4.82
N VAL A 67 -0.64 -3.61 4.98
CA VAL A 67 -0.84 -2.49 5.88
C VAL A 67 -1.18 -3.02 7.27
N ILE A 68 -0.26 -2.81 8.20
CA ILE A 68 -0.44 -3.27 9.56
C ILE A 68 -0.72 -2.05 10.46
N SER A 69 -1.37 -2.33 11.59
CA SER A 69 -1.70 -1.29 12.54
C SER A 69 -0.43 -0.78 13.22
N GLU A 70 -0.57 0.35 13.91
CA GLU A 70 0.55 0.95 14.61
C GLU A 70 0.84 0.17 15.89
N LYS A 71 -0.21 -0.34 16.51
CA LYS A 71 -0.09 -1.10 17.73
C LYS A 71 0.19 -2.56 17.39
N ASN A 72 -0.89 -3.32 17.25
CA ASN A 72 -0.77 -4.73 16.93
C ASN A 72 0.21 -4.91 15.78
N GLU A 73 0.79 -6.10 15.68
CA GLU A 73 1.74 -6.41 14.63
C GLU A 73 1.19 -7.51 13.73
N GLU A 74 0.07 -8.09 14.15
CA GLU A 74 -0.56 -9.15 13.38
C GLU A 74 -1.80 -8.61 12.66
N GLU A 75 -2.30 -7.50 13.16
CA GLU A 75 -3.48 -6.88 12.58
C GLU A 75 -3.14 -6.27 11.21
N VAL A 76 -3.51 -6.98 10.17
CA VAL A 76 -3.26 -6.53 8.82
C VAL A 76 -4.52 -5.88 8.24
N LEU A 77 -4.57 -4.56 8.35
CA LEU A 77 -5.72 -3.82 7.85
C LEU A 77 -5.94 -4.16 6.37
N VAL A 78 -4.86 -4.07 5.61
CA VAL A 78 -4.93 -4.36 4.19
C VAL A 78 -3.74 -5.25 3.80
N GLU A 79 -3.97 -6.06 2.78
CA GLU A 79 -2.92 -6.95 2.30
C GLU A 79 -2.82 -6.88 0.77
N CYS A 80 -1.91 -6.04 0.30
CA CYS A 80 -1.71 -5.89 -1.12
C CYS A 80 -0.43 -6.63 -1.51
N ARG A 81 -0.42 -7.10 -2.75
CA ARG A 81 0.74 -7.82 -3.26
C ARG A 81 1.24 -7.18 -4.56
N VAL A 82 2.56 -7.10 -4.68
CA VAL A 82 3.16 -6.52 -5.86
C VAL A 82 2.75 -7.31 -7.09
N ARG A 83 2.31 -8.54 -6.85
CA ARG A 83 1.87 -9.40 -7.92
C ARG A 83 0.45 -9.05 -8.36
N PHE A 84 -0.28 -8.42 -7.44
CA PHE A 84 -1.65 -8.02 -7.72
C PHE A 84 -1.74 -6.51 -7.95
N LEU A 85 -0.58 -5.86 -7.87
CA LEU A 85 -0.53 -4.42 -8.07
C LEU A 85 -0.66 -4.10 -9.56
N SER A 86 -1.08 -2.88 -9.84
CA SER A 86 -1.25 -2.45 -11.22
C SER A 86 -0.39 -1.21 -11.48
N PHE A 87 -0.38 -0.32 -10.51
CA PHE A 87 0.39 0.91 -10.63
C PHE A 87 0.36 1.70 -9.33
N MET A 88 1.20 2.74 -9.28
CA MET A 88 1.28 3.58 -8.09
C MET A 88 2.12 4.82 -8.37
N GLY A 89 2.61 5.41 -7.29
CA GLY A 89 3.44 6.60 -7.39
C GLY A 89 3.21 7.54 -6.20
N VAL A 90 3.96 8.62 -6.19
CA VAL A 90 3.85 9.61 -5.13
C VAL A 90 2.94 10.76 -5.59
N GLY A 91 1.85 10.93 -4.86
CA GLY A 91 0.90 11.99 -5.18
C GLY A 91 1.59 13.36 -5.21
N LYS A 92 0.78 14.38 -5.37
CA LYS A 92 1.30 15.75 -5.42
C LYS A 92 2.40 15.90 -4.38
N ASP A 93 1.98 15.96 -3.12
CA ASP A 93 2.92 16.11 -2.02
C ASP A 93 3.88 14.93 -2.02
N VAL A 94 4.98 15.10 -1.29
CA VAL A 94 5.99 14.06 -1.20
C VAL A 94 5.61 13.09 -0.07
N HIS A 95 4.63 13.51 0.72
CA HIS A 95 4.16 12.70 1.84
C HIS A 95 2.88 11.98 1.45
N THR A 96 2.78 11.66 0.16
CA THR A 96 1.60 10.97 -0.34
C THR A 96 2.02 9.78 -1.21
N PHE A 97 1.36 8.66 -0.97
CA PHE A 97 1.66 7.45 -1.72
C PHE A 97 0.40 6.61 -1.91
N ALA A 98 0.06 6.35 -3.17
CA ALA A 98 -1.11 5.57 -3.50
C ALA A 98 -0.76 4.59 -4.62
N PHE A 99 -1.44 3.45 -4.60
CA PHE A 99 -1.22 2.43 -5.61
C PHE A 99 -2.52 1.69 -5.94
N ILE A 100 -2.67 1.37 -7.22
CA ILE A 100 -3.84 0.67 -7.67
C ILE A 100 -3.63 -0.84 -7.54
N MET A 101 -4.62 -1.50 -6.96
CA MET A 101 -4.55 -2.94 -6.77
C MET A 101 -5.75 -3.64 -7.40
N ASP A 102 -5.63 -4.95 -7.55
CA ASP A 102 -6.69 -5.74 -8.14
C ASP A 102 -7.10 -6.85 -7.16
N THR A 103 -8.34 -6.78 -6.71
CA THR A 103 -8.86 -7.75 -5.78
C THR A 103 -9.62 -8.85 -6.52
N GLY A 104 -9.99 -8.54 -7.75
CA GLY A 104 -10.73 -9.48 -8.58
C GLY A 104 -11.69 -8.76 -9.52
N ASN A 105 -11.83 -9.31 -10.71
CA ASN A 105 -12.71 -8.73 -11.71
C ASN A 105 -12.00 -7.55 -12.39
N GLN A 106 -12.81 -6.70 -13.02
CA GLN A 106 -12.27 -5.54 -13.70
C GLN A 106 -12.27 -4.33 -12.76
N ARG A 107 -12.36 -4.61 -11.48
CA ARG A 107 -12.37 -3.56 -10.47
C ARG A 107 -10.96 -3.34 -9.92
N PHE A 108 -10.71 -2.13 -9.46
CA PHE A 108 -9.42 -1.79 -8.89
C PHE A 108 -9.57 -0.90 -7.66
N GLU A 109 -8.61 -1.02 -6.76
CA GLU A 109 -8.62 -0.23 -5.54
C GLU A 109 -7.32 0.55 -5.39
N CYS A 110 -7.46 1.79 -4.94
CA CYS A 110 -6.31 2.65 -4.76
C CYS A 110 -6.22 3.03 -3.28
N HIS A 111 -5.21 2.49 -2.62
CA HIS A 111 -5.00 2.77 -1.21
C HIS A 111 -4.09 3.99 -1.05
N VAL A 112 -4.65 5.03 -0.46
CA VAL A 112 -3.91 6.25 -0.24
C VAL A 112 -3.26 6.21 1.14
N PHE A 113 -2.05 6.73 1.21
CA PHE A 113 -1.31 6.75 2.46
C PHE A 113 -0.42 8.00 2.55
N TRP A 114 0.01 8.29 3.77
CA TRP A 114 0.86 9.45 4.01
C TRP A 114 2.21 8.94 4.53
N CYS A 115 3.19 8.94 3.64
CA CYS A 115 4.53 8.49 3.99
C CYS A 115 5.36 9.71 4.39
N GLU A 116 6.32 9.46 5.26
CA GLU A 116 7.20 10.54 5.72
C GLU A 116 8.64 10.03 5.84
N PRO A 117 9.60 10.97 5.65
CA PRO A 117 9.24 12.35 5.34
C PRO A 117 8.76 12.49 3.90
N ASN A 118 8.94 11.41 3.14
CA ASN A 118 8.53 11.40 1.74
C ASN A 118 8.19 9.97 1.33
N ALA A 119 7.42 9.87 0.25
CA ALA A 119 7.03 8.57 -0.26
C ALA A 119 8.04 8.09 -1.29
N ALA A 120 9.29 8.46 -1.06
CA ALA A 120 10.36 8.08 -1.96
C ALA A 120 10.91 6.71 -1.54
N ASN A 121 11.14 6.58 -0.24
CA ASN A 121 11.67 5.34 0.31
C ASN A 121 10.58 4.25 0.24
N VAL A 122 9.38 4.66 0.61
CA VAL A 122 8.25 3.74 0.59
C VAL A 122 8.01 3.24 -0.83
N SER A 123 7.63 4.17 -1.69
CA SER A 123 7.37 3.86 -3.08
C SER A 123 8.53 3.03 -3.66
N GLU A 124 9.72 3.34 -3.17
CA GLU A 124 10.92 2.64 -3.62
C GLU A 124 10.91 1.20 -3.11
N ALA A 125 10.83 1.08 -1.79
CA ALA A 125 10.83 -0.23 -1.16
C ALA A 125 9.70 -1.08 -1.76
N VAL A 126 8.70 -0.37 -2.29
CA VAL A 126 7.57 -1.05 -2.90
C VAL A 126 7.87 -1.33 -4.37
N GLN A 127 8.26 -0.27 -5.08
CA GLN A 127 8.58 -0.38 -6.49
C GLN A 127 9.60 -1.50 -6.71
N ALA A 128 10.72 -1.39 -6.01
CA ALA A 128 11.78 -2.37 -6.12
C ALA A 128 11.17 -3.78 -6.09
N ALA A 129 10.08 -3.89 -5.35
CA ALA A 129 9.38 -5.17 -5.23
C ALA A 129 8.73 -5.52 -6.57
N CYS A 130 7.75 -4.71 -6.95
CA CYS A 130 7.05 -4.93 -8.19
C CYS A 130 8.07 -5.24 -9.28
N SER A 131 8.97 -4.30 -9.49
CA SER A 131 10.01 -4.46 -10.49
C SER A 131 10.61 -5.86 -10.40
N GLY A 132 11.21 -6.16 -9.26
CA GLY A 132 11.82 -7.46 -9.04
C GLY A 132 13.10 -7.32 -8.21
N PRO A 133 13.94 -8.39 -8.28
CA PRO A 133 15.20 -8.40 -7.56
C PRO A 133 16.23 -7.49 -8.22
N SER A 134 16.14 -6.21 -7.89
CA SER A 134 17.06 -5.23 -8.45
C SER A 134 17.18 -4.03 -7.50
N SER A 135 18.41 -3.59 -7.30
CA SER A 135 18.68 -2.47 -6.43
C SER A 135 19.99 -1.78 -6.83
N GLY A 136 19.91 -0.98 -7.88
CA GLY A 136 21.07 -0.27 -8.38
C GLY A 136 21.07 -0.20 -9.91
N GLY A 1 -15.32 -38.50 12.85
CA GLY A 1 -14.88 -37.43 11.98
C GLY A 1 -13.44 -37.01 12.31
N SER A 2 -13.29 -36.40 13.47
CA SER A 2 -11.98 -35.94 13.91
C SER A 2 -11.39 -34.99 12.87
N SER A 3 -10.34 -34.30 13.28
CA SER A 3 -9.66 -33.36 12.40
C SER A 3 -8.16 -33.38 12.66
N GLY A 4 -7.43 -32.71 11.79
CA GLY A 4 -5.98 -32.63 11.91
C GLY A 4 -5.49 -31.19 11.81
N SER A 5 -4.23 -31.05 11.41
CA SER A 5 -3.64 -29.73 11.27
C SER A 5 -2.22 -29.86 10.69
N SER A 6 -1.70 -28.73 10.26
CA SER A 6 -0.36 -28.69 9.68
C SER A 6 0.04 -27.25 9.37
N GLY A 7 1.33 -27.07 9.11
CA GLY A 7 1.86 -25.76 8.81
C GLY A 7 3.24 -25.85 8.15
N PRO A 8 3.30 -25.40 6.87
CA PRO A 8 4.55 -25.43 6.13
C PRO A 8 5.50 -24.33 6.61
N THR A 9 6.69 -24.34 6.03
CA THR A 9 7.70 -23.35 6.38
C THR A 9 7.75 -22.23 5.33
N PRO A 10 7.24 -21.03 5.74
CA PRO A 10 7.22 -19.89 4.84
C PRO A 10 8.63 -19.29 4.69
N LYS A 11 8.74 -18.35 3.78
CA LYS A 11 10.01 -17.68 3.53
C LYS A 11 9.83 -16.17 3.68
N THR A 12 10.94 -15.49 3.90
CA THR A 12 10.92 -14.05 4.07
C THR A 12 12.35 -13.49 4.07
N GLU A 13 12.50 -12.35 3.42
CA GLU A 13 13.80 -11.71 3.33
C GLU A 13 13.71 -10.25 3.81
N LEU A 14 13.79 -10.10 5.13
CA LEU A 14 13.71 -8.78 5.73
C LEU A 14 12.38 -8.13 5.37
N VAL A 15 11.95 -7.21 6.23
CA VAL A 15 10.69 -6.52 6.01
C VAL A 15 10.90 -5.02 6.23
N GLN A 16 10.03 -4.23 5.61
CA GLN A 16 10.11 -2.78 5.74
C GLN A 16 8.78 -2.22 6.21
N LYS A 17 8.77 -1.75 7.45
CA LYS A 17 7.57 -1.18 8.03
C LYS A 17 7.72 0.34 8.13
N PHE A 18 6.74 1.04 7.57
CA PHE A 18 6.75 2.49 7.58
C PHE A 18 5.45 3.04 8.14
N ARG A 19 5.56 3.72 9.28
CA ARG A 19 4.40 4.29 9.94
C ARG A 19 3.81 5.40 9.07
N VAL A 20 2.75 5.05 8.36
CA VAL A 20 2.09 6.00 7.48
C VAL A 20 0.62 6.10 7.89
N GLN A 21 0.00 7.21 7.50
CA GLN A 21 -1.40 7.45 7.81
C GLN A 21 -2.29 6.89 6.71
N TYR A 22 -3.42 6.32 7.13
CA TYR A 22 -4.36 5.75 6.19
C TYR A 22 -5.45 6.76 5.81
N LEU A 23 -5.44 7.17 4.56
CA LEU A 23 -6.40 8.12 4.06
C LEU A 23 -7.72 7.40 3.77
N GLY A 24 -7.59 6.26 3.09
CA GLY A 24 -8.75 5.47 2.75
C GLY A 24 -8.60 4.85 1.35
N MET A 25 -9.42 3.84 1.08
CA MET A 25 -9.38 3.17 -0.20
C MET A 25 -10.36 3.82 -1.19
N LEU A 26 -9.86 4.04 -2.40
CA LEU A 26 -10.67 4.66 -3.43
C LEU A 26 -10.54 3.85 -4.72
N PRO A 27 -11.72 3.48 -5.30
CA PRO A 27 -11.74 2.70 -6.53
C PRO A 27 -11.39 3.58 -7.73
N VAL A 28 -10.95 2.92 -8.80
CA VAL A 28 -10.59 3.61 -10.02
C VAL A 28 -11.02 2.79 -11.22
N ASP A 29 -11.26 3.49 -12.32
CA ASP A 29 -11.68 2.83 -13.55
C ASP A 29 -10.45 2.29 -14.27
N ARG A 30 -9.46 3.14 -14.42
CA ARG A 30 -8.22 2.76 -15.08
C ARG A 30 -7.21 2.21 -14.06
N PRO A 31 -6.56 1.08 -14.46
CA PRO A 31 -5.57 0.46 -13.58
C PRO A 31 -4.26 1.26 -13.57
N VAL A 32 -4.14 2.14 -14.56
CA VAL A 32 -2.96 2.97 -14.67
C VAL A 32 -3.37 4.41 -14.95
N GLY A 33 -2.40 5.31 -14.81
CA GLY A 33 -2.65 6.72 -15.04
C GLY A 33 -2.41 7.54 -13.77
N MET A 34 -1.57 8.55 -13.90
CA MET A 34 -1.24 9.40 -12.77
C MET A 34 -2.43 10.30 -12.40
N ASP A 35 -3.02 10.89 -13.43
CA ASP A 35 -4.17 11.77 -13.24
C ASP A 35 -5.15 11.10 -12.27
N THR A 36 -5.65 9.95 -12.69
CA THR A 36 -6.60 9.21 -11.87
C THR A 36 -6.03 8.96 -10.48
N LEU A 37 -4.72 8.69 -10.44
CA LEU A 37 -4.04 8.43 -9.18
C LEU A 37 -4.16 9.67 -8.29
N ASN A 38 -3.52 10.74 -8.72
CA ASN A 38 -3.54 11.99 -7.97
C ASN A 38 -4.99 12.33 -7.62
N SER A 39 -5.82 12.43 -8.65
CA SER A 39 -7.22 12.75 -8.45
C SER A 39 -7.78 11.99 -7.25
N ALA A 40 -7.43 10.70 -7.21
CA ALA A 40 -7.90 9.85 -6.12
C ALA A 40 -7.43 10.45 -4.79
N ILE A 41 -6.12 10.53 -4.64
CA ILE A 41 -5.53 11.07 -3.43
C ILE A 41 -6.25 12.37 -3.05
N GLU A 42 -6.05 13.38 -3.90
CA GLU A 42 -6.67 14.67 -3.67
C GLU A 42 -8.08 14.49 -3.11
N ASN A 43 -8.81 13.57 -3.72
CA ASN A 43 -10.18 13.29 -3.29
C ASN A 43 -10.17 12.88 -1.82
N LEU A 44 -9.42 11.82 -1.53
CA LEU A 44 -9.32 11.31 -0.18
C LEU A 44 -8.77 12.41 0.73
N MET A 45 -7.72 13.06 0.25
CA MET A 45 -7.11 14.13 1.01
C MET A 45 -8.16 14.99 1.72
N THR A 46 -8.97 15.65 0.91
CA THR A 46 -10.01 16.50 1.44
C THR A 46 -10.82 15.77 2.51
N SER A 47 -11.26 14.56 2.14
CA SER A 47 -12.04 13.75 3.06
C SER A 47 -11.18 13.35 4.26
N SER A 48 -11.74 13.58 5.44
CA SER A 48 -11.04 13.24 6.68
C SER A 48 -9.74 14.06 6.78
N SER A 49 -9.58 14.71 7.93
CA SER A 49 -8.40 15.52 8.17
C SER A 49 -7.15 14.65 8.12
N LYS A 50 -6.01 15.29 8.34
CA LYS A 50 -4.75 14.59 8.32
C LYS A 50 -4.63 13.70 9.57
N GLU A 51 -4.89 14.32 10.71
CA GLU A 51 -4.83 13.61 11.98
C GLU A 51 -5.88 12.49 12.01
N ASP A 52 -7.04 12.80 11.44
CA ASP A 52 -8.13 11.84 11.41
C ASP A 52 -7.60 10.50 10.88
N TRP A 53 -6.63 10.59 9.99
CA TRP A 53 -6.03 9.40 9.41
C TRP A 53 -5.31 8.64 10.51
N PRO A 54 -5.64 7.32 10.62
CA PRO A 54 -5.02 6.48 11.63
C PRO A 54 -3.59 6.13 11.25
N SER A 55 -2.72 6.17 12.25
CA SER A 55 -1.31 5.85 12.04
C SER A 55 -1.13 4.34 11.88
N VAL A 56 -0.96 3.92 10.64
CA VAL A 56 -0.78 2.52 10.34
C VAL A 56 0.65 2.28 9.86
N ASN A 57 0.98 1.01 9.71
CA ASN A 57 2.32 0.64 9.25
C ASN A 57 2.22 -0.06 7.90
N MET A 58 3.21 0.20 7.06
CA MET A 58 3.24 -0.39 5.73
C MET A 58 4.32 -1.47 5.64
N ASN A 59 3.86 -2.72 5.67
CA ASN A 59 4.78 -3.85 5.59
C ASN A 59 5.17 -4.09 4.13
N VAL A 60 6.45 -4.33 3.93
CA VAL A 60 6.97 -4.58 2.60
C VAL A 60 7.92 -5.77 2.64
N ALA A 61 7.39 -6.93 2.28
CA ALA A 61 8.18 -8.15 2.26
C ALA A 61 7.58 -9.13 1.25
N ASP A 62 8.35 -10.17 0.95
CA ASP A 62 7.91 -11.18 0.01
C ASP A 62 7.21 -10.50 -1.17
N ALA A 63 7.74 -9.35 -1.55
CA ALA A 63 7.17 -8.59 -2.66
C ALA A 63 5.67 -8.41 -2.43
N THR A 64 5.33 -7.90 -1.25
CA THR A 64 3.95 -7.67 -0.90
C THR A 64 3.80 -6.39 -0.08
N VAL A 65 2.63 -5.79 -0.17
CA VAL A 65 2.36 -4.56 0.56
C VAL A 65 1.16 -4.79 1.50
N THR A 66 1.49 -5.01 2.76
CA THR A 66 0.46 -5.24 3.77
C THR A 66 0.47 -4.11 4.80
N VAL A 67 -0.69 -3.48 4.94
CA VAL A 67 -0.83 -2.38 5.89
C VAL A 67 -1.16 -2.94 7.27
N ILE A 68 -0.14 -3.00 8.10
CA ILE A 68 -0.30 -3.51 9.46
C ILE A 68 -0.56 -2.36 10.41
N SER A 69 -1.34 -2.63 11.44
CA SER A 69 -1.68 -1.63 12.43
C SER A 69 -0.45 -1.29 13.27
N GLU A 70 -0.51 -0.12 13.90
CA GLU A 70 0.59 0.33 14.73
C GLU A 70 0.59 -0.41 16.07
N LYS A 71 -0.57 -0.42 16.70
CA LYS A 71 -0.74 -1.08 17.97
C LYS A 71 -1.14 -2.55 17.74
N ASN A 72 -0.43 -3.18 16.82
CA ASN A 72 -0.70 -4.57 16.49
C ASN A 72 0.30 -5.04 15.42
N GLU A 73 0.40 -6.35 15.28
CA GLU A 73 1.30 -6.94 14.32
C GLU A 73 0.55 -7.89 13.40
N GLU A 74 -0.19 -8.81 14.02
CA GLU A 74 -0.96 -9.78 13.27
C GLU A 74 -2.16 -9.11 12.58
N GLU A 75 -2.41 -7.88 13.00
CA GLU A 75 -3.52 -7.11 12.44
C GLU A 75 -3.11 -6.49 11.11
N VAL A 76 -3.70 -7.00 10.04
CA VAL A 76 -3.41 -6.50 8.71
C VAL A 76 -4.62 -5.76 8.16
N LEU A 77 -4.62 -4.45 8.39
CA LEU A 77 -5.71 -3.61 7.94
C LEU A 77 -5.98 -3.89 6.46
N VAL A 78 -4.95 -3.69 5.65
CA VAL A 78 -5.07 -3.93 4.23
C VAL A 78 -3.92 -4.83 3.76
N GLU A 79 -4.26 -5.69 2.80
CA GLU A 79 -3.26 -6.62 2.27
C GLU A 79 -3.20 -6.49 0.75
N CYS A 80 -2.14 -5.84 0.28
CA CYS A 80 -1.94 -5.65 -1.13
C CYS A 80 -0.65 -6.36 -1.55
N ARG A 81 -0.66 -6.90 -2.76
CA ARG A 81 0.49 -7.60 -3.29
C ARG A 81 1.03 -6.91 -4.53
N VAL A 82 2.33 -7.01 -4.71
CA VAL A 82 2.98 -6.39 -5.86
C VAL A 82 2.61 -7.16 -7.13
N ARG A 83 2.25 -8.42 -6.93
CA ARG A 83 1.87 -9.28 -8.05
C ARG A 83 0.47 -8.90 -8.54
N PHE A 84 -0.26 -8.22 -7.67
CA PHE A 84 -1.62 -7.80 -8.00
C PHE A 84 -1.68 -6.30 -8.30
N LEU A 85 -0.55 -5.64 -8.05
CA LEU A 85 -0.46 -4.22 -8.28
C LEU A 85 -0.55 -3.94 -9.78
N SER A 86 -1.13 -2.79 -10.11
CA SER A 86 -1.29 -2.40 -11.49
C SER A 86 -0.46 -1.14 -11.78
N PHE A 87 -0.39 -0.28 -10.77
CA PHE A 87 0.36 0.95 -10.89
C PHE A 87 0.33 1.75 -9.59
N MET A 88 1.15 2.80 -9.56
CA MET A 88 1.22 3.65 -8.38
C MET A 88 1.90 4.97 -8.70
N GLY A 89 2.59 5.52 -7.70
CA GLY A 89 3.28 6.78 -7.87
C GLY A 89 2.97 7.74 -6.71
N VAL A 90 3.94 8.58 -6.41
CA VAL A 90 3.78 9.55 -5.34
C VAL A 90 2.82 10.65 -5.78
N GLY A 91 1.99 11.09 -4.83
CA GLY A 91 1.03 12.13 -5.11
C GLY A 91 1.71 13.48 -5.26
N LYS A 92 0.88 14.50 -5.48
CA LYS A 92 1.40 15.85 -5.65
C LYS A 92 2.50 16.10 -4.63
N ASP A 93 2.21 15.79 -3.38
CA ASP A 93 3.17 15.98 -2.31
C ASP A 93 4.05 14.73 -2.20
N VAL A 94 5.22 14.92 -1.60
CA VAL A 94 6.16 13.83 -1.43
C VAL A 94 5.78 13.03 -0.18
N HIS A 95 4.80 13.54 0.53
CA HIS A 95 4.33 12.89 1.74
C HIS A 95 3.03 12.13 1.46
N THR A 96 2.78 11.91 0.17
CA THR A 96 1.59 11.21 -0.24
C THR A 96 1.96 10.02 -1.15
N PHE A 97 1.38 8.88 -0.82
CA PHE A 97 1.64 7.68 -1.59
C PHE A 97 0.34 6.90 -1.86
N ALA A 98 0.20 6.45 -3.10
CA ALA A 98 -0.98 5.70 -3.50
C ALA A 98 -0.60 4.71 -4.60
N PHE A 99 -1.25 3.56 -4.55
CA PHE A 99 -1.00 2.51 -5.54
C PHE A 99 -2.29 1.77 -5.89
N ILE A 100 -2.36 1.34 -7.14
CA ILE A 100 -3.52 0.62 -7.63
C ILE A 100 -3.27 -0.88 -7.52
N MET A 101 -4.21 -1.57 -6.89
CA MET A 101 -4.10 -3.00 -6.71
C MET A 101 -5.27 -3.73 -7.39
N ASP A 102 -5.11 -5.04 -7.53
CA ASP A 102 -6.14 -5.86 -8.15
C ASP A 102 -6.63 -6.88 -7.14
N THR A 103 -7.85 -6.66 -6.64
CA THR A 103 -8.44 -7.56 -5.67
C THR A 103 -8.98 -8.80 -6.37
N GLY A 104 -9.89 -8.57 -7.31
CA GLY A 104 -10.50 -9.67 -8.06
C GLY A 104 -11.43 -9.14 -9.15
N ASN A 105 -11.35 -9.77 -10.31
CA ASN A 105 -12.17 -9.37 -11.43
C ASN A 105 -11.61 -8.09 -12.04
N GLN A 106 -12.44 -7.46 -12.87
CA GLN A 106 -12.03 -6.23 -13.53
C GLN A 106 -12.21 -5.04 -12.58
N ARG A 107 -11.64 -5.19 -11.38
CA ARG A 107 -11.72 -4.15 -10.38
C ARG A 107 -10.34 -3.82 -9.84
N PHE A 108 -10.14 -2.56 -9.50
CA PHE A 108 -8.87 -2.11 -8.96
C PHE A 108 -9.07 -1.11 -7.81
N GLU A 109 -8.27 -1.30 -6.77
CA GLU A 109 -8.35 -0.44 -5.61
C GLU A 109 -7.12 0.46 -5.53
N CYS A 110 -7.37 1.72 -5.19
CA CYS A 110 -6.30 2.70 -5.08
C CYS A 110 -6.24 3.19 -3.64
N HIS A 111 -5.28 2.65 -2.90
CA HIS A 111 -5.12 3.03 -1.50
C HIS A 111 -4.28 4.31 -1.41
N VAL A 112 -4.57 5.10 -0.40
CA VAL A 112 -3.87 6.35 -0.19
C VAL A 112 -3.25 6.35 1.21
N PHE A 113 -2.02 6.84 1.27
CA PHE A 113 -1.30 6.91 2.54
C PHE A 113 -0.38 8.12 2.59
N TRP A 114 0.08 8.44 3.79
CA TRP A 114 0.96 9.57 3.99
C TRP A 114 2.28 9.05 4.56
N CYS A 115 3.33 9.19 3.77
CA CYS A 115 4.65 8.74 4.18
C CYS A 115 5.50 9.97 4.50
N GLU A 116 6.45 9.78 5.40
CA GLU A 116 7.34 10.86 5.81
C GLU A 116 8.77 10.34 5.97
N PRO A 117 9.74 11.26 5.73
CA PRO A 117 9.41 12.62 5.35
C PRO A 117 8.96 12.68 3.89
N ASN A 118 9.13 11.55 3.20
CA ASN A 118 8.74 11.47 1.80
C ASN A 118 8.43 10.01 1.46
N ALA A 119 7.60 9.84 0.44
CA ALA A 119 7.21 8.51 0.00
C ALA A 119 8.16 8.04 -1.09
N ALA A 120 9.43 8.39 -0.91
CA ALA A 120 10.44 8.02 -1.88
C ALA A 120 10.99 6.63 -1.53
N ASN A 121 11.16 6.42 -0.23
CA ASN A 121 11.67 5.14 0.26
C ASN A 121 10.54 4.10 0.22
N VAL A 122 9.35 4.55 0.60
CA VAL A 122 8.19 3.67 0.61
C VAL A 122 7.89 3.21 -0.81
N SER A 123 7.54 4.17 -1.65
CA SER A 123 7.23 3.87 -3.04
C SER A 123 8.31 3.00 -3.65
N GLU A 124 9.55 3.31 -3.29
CA GLU A 124 10.69 2.56 -3.80
C GLU A 124 10.65 1.12 -3.28
N ALA A 125 10.61 1.00 -1.96
CA ALA A 125 10.57 -0.31 -1.33
C ALA A 125 9.44 -1.13 -1.95
N VAL A 126 8.37 -0.43 -2.30
CA VAL A 126 7.22 -1.09 -2.90
C VAL A 126 7.54 -1.43 -4.35
N GLN A 127 8.04 -0.45 -5.07
CA GLN A 127 8.39 -0.63 -6.47
C GLN A 127 9.45 -1.73 -6.61
N ALA A 128 10.55 -1.54 -5.89
CA ALA A 128 11.64 -2.50 -5.93
C ALA A 128 11.06 -3.92 -5.88
N ALA A 129 9.91 -4.04 -5.24
CA ALA A 129 9.25 -5.33 -5.12
C ALA A 129 8.54 -5.65 -6.43
N CYS A 130 7.69 -4.75 -6.86
CA CYS A 130 6.94 -4.92 -8.10
C CYS A 130 7.94 -5.27 -9.21
N SER A 131 8.85 -4.35 -9.45
CA SER A 131 9.86 -4.55 -10.47
C SER A 131 9.25 -5.22 -11.70
N GLY A 132 8.66 -4.39 -12.55
CA GLY A 132 8.04 -4.89 -13.76
C GLY A 132 7.02 -5.99 -13.44
N PRO A 133 6.52 -6.64 -14.53
CA PRO A 133 5.55 -7.72 -14.37
C PRO A 133 6.23 -8.99 -13.88
N SER A 134 7.36 -9.30 -14.50
CA SER A 134 8.11 -10.49 -14.13
C SER A 134 8.93 -10.23 -12.87
N SER A 135 9.22 -11.31 -12.16
CA SER A 135 9.99 -11.21 -10.94
C SER A 135 11.45 -10.85 -11.25
N GLY A 136 12.08 -11.71 -12.06
CA GLY A 136 13.46 -11.49 -12.44
C GLY A 136 14.38 -12.55 -11.83
N GLY A 1 -9.52 -39.94 6.48
CA GLY A 1 -8.95 -39.26 7.63
C GLY A 1 -7.93 -38.21 7.19
N SER A 2 -6.67 -38.60 7.22
CA SER A 2 -5.59 -37.71 6.83
C SER A 2 -5.64 -36.43 7.68
N SER A 3 -4.55 -35.68 7.61
CA SER A 3 -4.46 -34.44 8.35
C SER A 3 -3.76 -33.37 7.51
N GLY A 4 -2.55 -33.69 7.09
CA GLY A 4 -1.77 -32.76 6.28
C GLY A 4 -1.52 -31.45 7.03
N SER A 5 -1.81 -30.35 6.35
CA SER A 5 -1.62 -29.03 6.93
C SER A 5 -0.12 -28.77 7.15
N SER A 6 0.45 -28.01 6.23
CA SER A 6 1.86 -27.68 6.30
C SER A 6 2.11 -26.30 5.67
N GLY A 7 3.04 -25.58 6.27
CA GLY A 7 3.39 -24.25 5.77
C GLY A 7 4.88 -23.97 5.97
N PRO A 8 5.55 -23.67 4.82
CA PRO A 8 6.98 -23.38 4.85
C PRO A 8 7.24 -21.98 5.41
N THR A 9 8.51 -21.63 5.47
CA THR A 9 8.91 -20.32 5.98
C THR A 9 9.89 -19.65 5.01
N PRO A 10 9.44 -18.51 4.44
CA PRO A 10 10.28 -17.76 3.51
C PRO A 10 11.38 -17.01 4.24
N LYS A 11 12.20 -16.32 3.46
CA LYS A 11 13.30 -15.55 4.02
C LYS A 11 13.19 -14.10 3.55
N THR A 12 13.68 -13.20 4.40
CA THR A 12 13.64 -11.78 4.07
C THR A 12 14.52 -10.99 5.05
N GLU A 13 15.38 -10.16 4.48
CA GLU A 13 16.28 -9.35 5.27
C GLU A 13 15.50 -8.25 6.01
N LEU A 14 14.62 -8.69 6.90
CA LEU A 14 13.80 -7.76 7.66
C LEU A 14 12.92 -6.96 6.71
N VAL A 15 11.63 -6.94 7.02
CA VAL A 15 10.68 -6.23 6.20
C VAL A 15 10.80 -4.72 6.48
N GLN A 16 10.25 -3.94 5.56
CA GLN A 16 10.29 -2.49 5.69
C GLN A 16 8.94 -1.96 6.15
N LYS A 17 8.91 -1.50 7.40
CA LYS A 17 7.69 -0.97 7.98
C LYS A 17 7.80 0.56 8.06
N PHE A 18 6.81 1.21 7.47
CA PHE A 18 6.78 2.67 7.48
C PHE A 18 5.46 3.19 8.06
N ARG A 19 5.58 3.88 9.19
CA ARG A 19 4.43 4.44 9.86
C ARG A 19 3.78 5.52 8.99
N VAL A 20 2.72 5.12 8.30
CA VAL A 20 2.01 6.05 7.43
C VAL A 20 0.54 6.10 7.85
N GLN A 21 -0.11 7.20 7.49
CA GLN A 21 -1.52 7.38 7.82
C GLN A 21 -2.40 6.80 6.71
N TYR A 22 -3.49 6.18 7.14
CA TYR A 22 -4.42 5.58 6.19
C TYR A 22 -5.51 6.57 5.80
N LEU A 23 -5.45 7.00 4.54
CA LEU A 23 -6.43 7.95 4.02
C LEU A 23 -7.71 7.20 3.69
N GLY A 24 -7.56 6.07 3.00
CA GLY A 24 -8.70 5.28 2.62
C GLY A 24 -8.55 4.74 1.20
N MET A 25 -9.38 3.77 0.86
CA MET A 25 -9.35 3.17 -0.46
C MET A 25 -10.35 3.85 -1.40
N LEU A 26 -9.87 4.19 -2.59
CA LEU A 26 -10.70 4.83 -3.58
C LEU A 26 -10.63 4.05 -4.89
N PRO A 27 -11.84 3.70 -5.41
CA PRO A 27 -11.93 2.95 -6.65
C PRO A 27 -11.62 3.85 -7.86
N VAL A 28 -11.08 3.23 -8.90
CA VAL A 28 -10.73 3.96 -10.11
C VAL A 28 -11.16 3.13 -11.32
N ASP A 29 -11.07 3.75 -12.48
CA ASP A 29 -11.43 3.09 -13.73
C ASP A 29 -10.17 2.52 -14.38
N ARG A 30 -9.16 3.37 -14.50
CA ARG A 30 -7.91 2.95 -15.10
C ARG A 30 -7.00 2.31 -14.05
N PRO A 31 -6.35 1.20 -14.46
CA PRO A 31 -5.45 0.49 -13.57
C PRO A 31 -4.13 1.24 -13.38
N VAL A 32 -3.80 2.05 -14.39
CA VAL A 32 -2.57 2.82 -14.35
C VAL A 32 -2.90 4.29 -14.65
N GLY A 33 -1.87 5.12 -14.59
CA GLY A 33 -2.04 6.54 -14.85
C GLY A 33 -1.87 7.36 -13.57
N MET A 34 -1.16 8.47 -13.69
CA MET A 34 -0.92 9.34 -12.56
C MET A 34 -2.11 10.27 -12.32
N ASP A 35 -2.71 10.71 -13.42
CA ASP A 35 -3.85 11.59 -13.35
C ASP A 35 -4.87 11.05 -12.34
N THR A 36 -5.41 9.88 -12.68
CA THR A 36 -6.38 9.24 -11.81
C THR A 36 -5.79 9.00 -10.43
N LEU A 37 -4.52 8.62 -10.42
CA LEU A 37 -3.82 8.35 -9.18
C LEU A 37 -3.97 9.56 -8.24
N ASN A 38 -3.31 10.64 -8.62
CA ASN A 38 -3.36 11.86 -7.83
C ASN A 38 -4.83 12.20 -7.53
N SER A 39 -5.60 12.35 -8.59
CA SER A 39 -7.00 12.68 -8.45
C SER A 39 -7.61 11.90 -7.29
N ALA A 40 -7.30 10.62 -7.24
CA ALA A 40 -7.81 9.75 -6.19
C ALA A 40 -7.39 10.32 -4.83
N ILE A 41 -6.10 10.56 -4.69
CA ILE A 41 -5.56 11.10 -3.45
C ILE A 41 -6.28 12.41 -3.12
N GLU A 42 -6.05 13.41 -3.95
CA GLU A 42 -6.67 14.71 -3.76
C GLU A 42 -8.11 14.55 -3.27
N ASN A 43 -8.79 13.55 -3.84
CA ASN A 43 -10.16 13.28 -3.47
C ASN A 43 -10.23 12.90 -1.99
N LEU A 44 -9.51 11.82 -1.66
CA LEU A 44 -9.47 11.35 -0.29
C LEU A 44 -8.92 12.44 0.62
N MET A 45 -7.85 13.07 0.15
CA MET A 45 -7.22 14.14 0.91
C MET A 45 -8.27 15.03 1.60
N THR A 46 -9.14 15.61 0.77
CA THR A 46 -10.18 16.47 1.28
C THR A 46 -11.07 15.71 2.27
N SER A 47 -11.24 14.42 1.99
CA SER A 47 -12.05 13.57 2.84
C SER A 47 -11.26 13.18 4.10
N SER A 48 -11.90 13.40 5.25
CA SER A 48 -11.27 13.08 6.52
C SER A 48 -9.99 13.91 6.70
N SER A 49 -9.91 14.57 7.83
CA SER A 49 -8.76 15.40 8.14
C SER A 49 -7.48 14.54 8.14
N LYS A 50 -6.37 15.19 8.42
CA LYS A 50 -5.09 14.51 8.45
C LYS A 50 -5.02 13.61 9.69
N GLU A 51 -5.34 14.21 10.82
CA GLU A 51 -5.32 13.49 12.08
C GLU A 51 -6.31 12.33 12.04
N ASP A 52 -7.42 12.57 11.35
CA ASP A 52 -8.46 11.55 11.23
C ASP A 52 -7.83 10.25 10.72
N TRP A 53 -6.86 10.41 9.86
CA TRP A 53 -6.16 9.25 9.28
C TRP A 53 -5.43 8.54 10.41
N PRO A 54 -5.73 7.22 10.56
CA PRO A 54 -5.11 6.41 11.59
C PRO A 54 -3.66 6.08 11.23
N SER A 55 -2.80 6.14 12.24
CA SER A 55 -1.39 5.85 12.04
C SER A 55 -1.18 4.34 11.89
N VAL A 56 -1.00 3.91 10.65
CA VAL A 56 -0.80 2.51 10.36
C VAL A 56 0.64 2.29 9.90
N ASN A 57 1.00 1.02 9.72
CA ASN A 57 2.34 0.67 9.30
C ASN A 57 2.25 -0.08 7.96
N MET A 58 3.21 0.21 7.09
CA MET A 58 3.25 -0.43 5.78
C MET A 58 4.39 -1.44 5.71
N ASN A 59 4.04 -2.71 5.84
CA ASN A 59 5.02 -3.77 5.78
C ASN A 59 5.35 -4.08 4.32
N VAL A 60 6.63 -4.31 4.08
CA VAL A 60 7.09 -4.63 2.73
C VAL A 60 8.02 -5.83 2.78
N ALA A 61 7.49 -6.97 2.41
CA ALA A 61 8.26 -8.20 2.41
C ALA A 61 7.70 -9.16 1.36
N ASP A 62 8.49 -10.18 1.03
CA ASP A 62 8.08 -11.16 0.05
C ASP A 62 7.39 -10.45 -1.11
N ALA A 63 7.99 -9.34 -1.53
CA ALA A 63 7.44 -8.56 -2.62
C ALA A 63 5.94 -8.37 -2.41
N THR A 64 5.60 -7.87 -1.23
CA THR A 64 4.20 -7.64 -0.89
C THR A 64 4.07 -6.38 -0.01
N VAL A 65 2.88 -5.80 -0.06
CA VAL A 65 2.62 -4.60 0.72
C VAL A 65 1.45 -4.87 1.68
N THR A 66 1.80 -5.05 2.95
CA THR A 66 0.81 -5.32 3.97
C THR A 66 0.75 -4.16 4.97
N VAL A 67 -0.42 -3.55 5.04
CA VAL A 67 -0.62 -2.43 5.94
C VAL A 67 -1.05 -2.97 7.31
N ILE A 68 -0.08 -3.00 8.22
CA ILE A 68 -0.34 -3.48 9.57
C ILE A 68 -0.72 -2.30 10.46
N SER A 69 -1.41 -2.63 11.54
CA SER A 69 -1.85 -1.61 12.48
C SER A 69 -0.68 -1.16 13.36
N GLU A 70 -0.91 -0.10 14.11
CA GLU A 70 0.11 0.43 15.00
C GLU A 70 0.04 -0.25 16.37
N LYS A 71 -1.18 -0.40 16.86
CA LYS A 71 -1.40 -1.02 18.14
C LYS A 71 -0.92 -2.47 18.09
N ASN A 72 -1.58 -3.24 17.24
CA ASN A 72 -1.22 -4.65 17.08
C ASN A 72 -0.23 -4.80 15.93
N GLU A 73 0.45 -5.93 15.92
CA GLU A 73 1.43 -6.20 14.88
C GLU A 73 0.96 -7.37 14.01
N GLU A 74 0.25 -8.29 14.64
CA GLU A 74 -0.27 -9.46 13.94
C GLU A 74 -1.43 -9.06 13.03
N GLU A 75 -2.05 -7.94 13.38
CA GLU A 75 -3.18 -7.45 12.60
C GLU A 75 -2.73 -7.09 11.19
N VAL A 76 -3.71 -7.05 10.29
CA VAL A 76 -3.44 -6.72 8.90
C VAL A 76 -4.59 -5.89 8.33
N LEU A 77 -4.43 -4.58 8.43
CA LEU A 77 -5.45 -3.67 7.94
C LEU A 77 -5.70 -3.95 6.46
N VAL A 78 -4.62 -4.00 5.71
CA VAL A 78 -4.72 -4.26 4.27
C VAL A 78 -3.52 -5.10 3.83
N GLU A 79 -3.78 -6.02 2.92
CA GLU A 79 -2.73 -6.89 2.41
C GLU A 79 -2.70 -6.84 0.88
N CYS A 80 -1.73 -6.09 0.37
CA CYS A 80 -1.57 -5.94 -1.07
C CYS A 80 -0.28 -6.65 -1.48
N ARG A 81 -0.28 -7.15 -2.71
CA ARG A 81 0.87 -7.84 -3.25
C ARG A 81 1.32 -7.20 -4.56
N VAL A 82 2.64 -7.10 -4.72
CA VAL A 82 3.20 -6.51 -5.92
C VAL A 82 2.75 -7.30 -7.14
N ARG A 83 2.30 -8.53 -6.87
CA ARG A 83 1.84 -9.40 -7.93
C ARG A 83 0.40 -9.04 -8.33
N PHE A 84 -0.32 -8.49 -7.36
CA PHE A 84 -1.70 -8.09 -7.59
C PHE A 84 -1.81 -6.58 -7.82
N LEU A 85 -0.66 -5.93 -7.78
CA LEU A 85 -0.60 -4.49 -7.99
C LEU A 85 -0.71 -4.18 -9.48
N SER A 86 -1.21 -2.99 -9.77
CA SER A 86 -1.38 -2.56 -11.15
C SER A 86 -0.48 -1.36 -11.43
N PHE A 87 -0.42 -0.47 -10.45
CA PHE A 87 0.40 0.72 -10.58
C PHE A 87 0.35 1.57 -9.31
N MET A 88 1.16 2.62 -9.28
CA MET A 88 1.22 3.50 -8.14
C MET A 88 2.03 4.75 -8.45
N GLY A 89 2.47 5.42 -7.39
CA GLY A 89 3.26 6.63 -7.54
C GLY A 89 3.02 7.58 -6.38
N VAL A 90 3.80 8.66 -6.35
CA VAL A 90 3.69 9.65 -5.30
C VAL A 90 2.75 10.77 -5.76
N GLY A 91 1.78 11.08 -4.93
CA GLY A 91 0.83 12.12 -5.23
C GLY A 91 1.52 13.47 -5.41
N LYS A 92 0.72 14.50 -5.67
CA LYS A 92 1.24 15.83 -5.86
C LYS A 92 2.32 16.10 -4.81
N ASP A 93 2.01 15.73 -3.58
CA ASP A 93 2.95 15.93 -2.48
C ASP A 93 3.86 14.70 -2.37
N VAL A 94 5.02 14.92 -1.76
CA VAL A 94 5.98 13.84 -1.58
C VAL A 94 5.61 13.04 -0.33
N HIS A 95 4.58 13.50 0.34
CA HIS A 95 4.13 12.84 1.56
C HIS A 95 2.84 12.07 1.27
N THR A 96 2.60 11.85 -0.01
CA THR A 96 1.41 11.12 -0.44
C THR A 96 1.79 9.93 -1.32
N PHE A 97 1.33 8.77 -0.93
CA PHE A 97 1.62 7.55 -1.67
C PHE A 97 0.35 6.71 -1.86
N ALA A 98 0.10 6.35 -3.11
CA ALA A 98 -1.06 5.55 -3.44
C ALA A 98 -0.70 4.56 -4.54
N PHE A 99 -1.41 3.44 -4.54
CA PHE A 99 -1.17 2.39 -5.54
C PHE A 99 -2.47 1.66 -5.89
N ILE A 100 -2.61 1.36 -7.17
CA ILE A 100 -3.79 0.66 -7.65
C ILE A 100 -3.57 -0.85 -7.53
N MET A 101 -4.54 -1.51 -6.91
CA MET A 101 -4.47 -2.94 -6.73
C MET A 101 -5.66 -3.64 -7.39
N ASP A 102 -5.51 -4.96 -7.55
CA ASP A 102 -6.56 -5.75 -8.18
C ASP A 102 -7.03 -6.83 -7.20
N THR A 103 -8.31 -6.78 -6.88
CA THR A 103 -8.89 -7.75 -5.96
C THR A 103 -9.63 -8.84 -6.73
N GLY A 104 -10.42 -8.40 -7.69
CA GLY A 104 -11.20 -9.32 -8.51
C GLY A 104 -12.16 -8.58 -9.44
N ASN A 105 -12.38 -9.15 -10.60
CA ASN A 105 -13.27 -8.55 -11.58
C ASN A 105 -12.58 -7.33 -12.21
N GLN A 106 -13.37 -6.59 -12.97
CA GLN A 106 -12.85 -5.40 -13.63
C GLN A 106 -12.90 -4.20 -12.67
N ARG A 107 -12.44 -4.44 -11.46
CA ARG A 107 -12.42 -3.39 -10.45
C ARG A 107 -11.03 -3.28 -9.82
N PHE A 108 -10.59 -2.04 -9.64
CA PHE A 108 -9.29 -1.78 -9.06
C PHE A 108 -9.40 -0.81 -7.88
N GLU A 109 -8.69 -1.14 -6.82
CA GLU A 109 -8.69 -0.32 -5.62
C GLU A 109 -7.41 0.50 -5.54
N CYS A 110 -7.57 1.76 -5.14
CA CYS A 110 -6.44 2.65 -5.01
C CYS A 110 -6.35 3.13 -3.56
N HIS A 111 -5.39 2.57 -2.84
CA HIS A 111 -5.20 2.93 -1.45
C HIS A 111 -4.34 4.18 -1.35
N VAL A 112 -4.67 5.02 -0.38
CA VAL A 112 -3.95 6.26 -0.17
C VAL A 112 -3.30 6.24 1.21
N PHE A 113 -2.07 6.74 1.26
CA PHE A 113 -1.32 6.79 2.51
C PHE A 113 -0.43 8.03 2.58
N TRP A 114 -0.03 8.36 3.79
CA TRP A 114 0.82 9.52 4.01
C TRP A 114 2.18 9.02 4.51
N CYS A 115 3.18 9.17 3.65
CA CYS A 115 4.53 8.74 3.99
C CYS A 115 5.36 9.99 4.31
N GLU A 116 6.30 9.81 5.22
CA GLU A 116 7.17 10.90 5.63
C GLU A 116 8.60 10.40 5.81
N PRO A 117 9.57 11.33 5.56
CA PRO A 117 9.22 12.67 5.14
C PRO A 117 8.76 12.70 3.69
N ASN A 118 9.09 11.63 2.97
CA ASN A 118 8.72 11.52 1.58
C ASN A 118 8.30 10.08 1.28
N ALA A 119 7.56 9.92 0.19
CA ALA A 119 7.09 8.61 -0.21
C ALA A 119 8.06 8.03 -1.25
N ALA A 120 9.29 8.49 -1.19
CA ALA A 120 10.32 8.03 -2.10
C ALA A 120 10.83 6.66 -1.64
N ASN A 121 11.09 6.57 -0.35
CA ASN A 121 11.57 5.33 0.24
C ASN A 121 10.47 4.27 0.17
N VAL A 122 9.26 4.69 0.53
CA VAL A 122 8.12 3.79 0.51
C VAL A 122 7.89 3.29 -0.92
N SER A 123 7.51 4.22 -1.78
CA SER A 123 7.26 3.89 -3.17
C SER A 123 8.38 3.01 -3.72
N GLU A 124 9.59 3.32 -3.30
CA GLU A 124 10.76 2.57 -3.73
C GLU A 124 10.72 1.16 -3.13
N ALA A 125 10.58 1.10 -1.82
CA ALA A 125 10.54 -0.17 -1.12
C ALA A 125 9.42 -1.03 -1.73
N VAL A 126 8.41 -0.36 -2.24
CA VAL A 126 7.28 -1.04 -2.85
C VAL A 126 7.62 -1.42 -4.29
N GLN A 127 8.04 -0.41 -5.04
CA GLN A 127 8.40 -0.62 -6.44
C GLN A 127 9.51 -1.67 -6.55
N ALA A 128 10.51 -1.51 -5.70
CA ALA A 128 11.63 -2.44 -5.69
C ALA A 128 11.11 -3.86 -5.84
N ALA A 129 9.93 -4.08 -5.27
CA ALA A 129 9.31 -5.40 -5.34
C ALA A 129 8.64 -5.59 -6.69
N CYS A 130 7.87 -4.58 -7.08
CA CYS A 130 7.17 -4.62 -8.36
C CYS A 130 8.19 -4.90 -9.46
N SER A 131 9.30 -4.18 -9.38
CA SER A 131 10.36 -4.35 -10.36
C SER A 131 10.95 -5.75 -10.28
N GLY A 132 11.29 -6.14 -9.06
CA GLY A 132 11.86 -7.45 -8.82
C GLY A 132 13.39 -7.39 -8.77
N PRO A 133 14.03 -8.49 -9.25
CA PRO A 133 15.48 -8.56 -9.26
C PRO A 133 16.07 -7.69 -10.37
N SER A 134 16.53 -6.52 -9.97
CA SER A 134 17.11 -5.58 -10.92
C SER A 134 18.64 -5.69 -10.88
N SER A 135 19.25 -5.20 -11.95
CA SER A 135 20.71 -5.23 -12.05
C SER A 135 21.30 -3.86 -11.72
N GLY A 136 22.28 -3.87 -10.84
CA GLY A 136 22.93 -2.64 -10.43
C GLY A 136 24.35 -2.55 -10.98
N GLY A 1 -20.87 -30.99 17.66
CA GLY A 1 -19.53 -31.54 17.73
C GLY A 1 -18.71 -31.16 16.49
N SER A 2 -17.50 -30.68 16.75
CA SER A 2 -16.61 -30.29 15.67
C SER A 2 -15.17 -30.20 16.17
N SER A 3 -14.24 -30.23 15.24
CA SER A 3 -12.83 -30.15 15.57
C SER A 3 -12.01 -29.79 14.33
N GLY A 4 -11.45 -28.59 14.37
CA GLY A 4 -10.64 -28.11 13.25
C GLY A 4 -9.67 -27.02 13.72
N SER A 5 -8.64 -26.82 12.92
CA SER A 5 -7.63 -25.82 13.22
C SER A 5 -6.84 -25.46 11.97
N SER A 6 -6.09 -24.37 12.07
CA SER A 6 -5.28 -23.92 10.95
C SER A 6 -4.40 -22.75 11.39
N GLY A 7 -3.13 -22.82 11.00
CA GLY A 7 -2.18 -21.78 11.35
C GLY A 7 -1.14 -21.60 10.24
N PRO A 8 -0.58 -20.36 10.16
CA PRO A 8 0.43 -20.05 9.16
C PRO A 8 1.77 -20.67 9.53
N THR A 9 2.81 -20.16 8.90
CA THR A 9 4.16 -20.65 9.15
C THR A 9 5.07 -19.51 9.57
N PRO A 10 5.86 -19.78 10.65
CA PRO A 10 6.78 -18.78 11.17
C PRO A 10 8.01 -18.65 10.27
N LYS A 11 7.79 -18.07 9.10
CA LYS A 11 8.86 -17.87 8.15
C LYS A 11 9.47 -16.48 8.36
N THR A 12 10.80 -16.47 8.44
CA THR A 12 11.52 -15.22 8.65
C THR A 12 11.94 -14.62 7.30
N GLU A 13 12.24 -13.33 7.33
CA GLU A 13 12.65 -12.64 6.12
C GLU A 13 12.71 -11.13 6.38
N LEU A 14 13.52 -10.45 5.58
CA LEU A 14 13.67 -9.01 5.71
C LEU A 14 12.35 -8.33 5.33
N VAL A 15 11.89 -7.47 6.21
CA VAL A 15 10.65 -6.76 5.98
C VAL A 15 10.88 -5.26 6.23
N GLN A 16 10.10 -4.45 5.52
CA GLN A 16 10.21 -3.01 5.65
C GLN A 16 8.88 -2.42 6.12
N LYS A 17 8.88 -1.95 7.36
CA LYS A 17 7.68 -1.36 7.94
C LYS A 17 7.83 0.16 7.98
N PHE A 18 6.85 0.83 7.38
CA PHE A 18 6.87 2.28 7.34
C PHE A 18 5.58 2.86 7.93
N ARG A 19 5.75 3.51 9.08
CA ARG A 19 4.61 4.11 9.76
C ARG A 19 4.03 5.25 8.93
N VAL A 20 2.89 4.96 8.30
CA VAL A 20 2.23 5.94 7.47
C VAL A 20 0.75 6.00 7.84
N GLN A 21 0.11 7.10 7.46
CA GLN A 21 -1.29 7.29 7.74
C GLN A 21 -2.16 6.70 6.62
N TYR A 22 -3.36 6.31 7.00
CA TYR A 22 -4.29 5.73 6.04
C TYR A 22 -5.37 6.73 5.64
N LEU A 23 -5.19 7.32 4.46
CA LEU A 23 -6.14 8.29 3.96
C LEU A 23 -7.48 7.61 3.69
N GLY A 24 -7.40 6.45 3.05
CA GLY A 24 -8.59 5.68 2.73
C GLY A 24 -8.43 4.96 1.39
N MET A 25 -9.27 3.95 1.21
CA MET A 25 -9.23 3.16 -0.02
C MET A 25 -10.28 3.66 -1.01
N LEU A 26 -9.79 4.32 -2.05
CA LEU A 26 -10.68 4.85 -3.08
C LEU A 26 -10.51 4.03 -4.36
N PRO A 27 -11.66 3.55 -4.90
CA PRO A 27 -11.65 2.76 -6.11
C PRO A 27 -11.41 3.64 -7.34
N VAL A 28 -11.05 2.98 -8.44
CA VAL A 28 -10.79 3.69 -9.67
C VAL A 28 -11.05 2.75 -10.86
N ASP A 29 -11.59 3.32 -11.92
CA ASP A 29 -11.89 2.55 -13.12
C ASP A 29 -10.60 2.30 -13.89
N ARG A 30 -9.77 3.33 -13.95
CA ARG A 30 -8.50 3.23 -14.65
C ARG A 30 -7.45 2.57 -13.76
N PRO A 31 -7.00 1.36 -14.19
CA PRO A 31 -6.01 0.61 -13.45
C PRO A 31 -4.61 1.23 -13.63
N VAL A 32 -4.57 2.27 -14.45
CA VAL A 32 -3.31 2.95 -14.71
C VAL A 32 -3.60 4.41 -15.12
N GLY A 33 -2.64 5.27 -14.82
CA GLY A 33 -2.78 6.67 -15.16
C GLY A 33 -2.53 7.56 -13.93
N MET A 34 -1.53 8.41 -14.05
CA MET A 34 -1.17 9.31 -12.96
C MET A 34 -2.35 10.22 -12.60
N ASP A 35 -3.02 10.71 -13.63
CA ASP A 35 -4.16 11.59 -13.44
C ASP A 35 -5.09 11.00 -12.37
N THR A 36 -5.69 9.87 -12.72
CA THR A 36 -6.59 9.19 -11.81
C THR A 36 -5.94 9.03 -10.44
N LEU A 37 -4.71 8.55 -10.44
CA LEU A 37 -3.97 8.35 -9.21
C LEU A 37 -4.13 9.60 -8.32
N ASN A 38 -3.68 10.73 -8.86
CA ASN A 38 -3.78 11.98 -8.14
C ASN A 38 -5.23 12.26 -7.78
N SER A 39 -6.07 12.28 -8.80
CA SER A 39 -7.49 12.53 -8.62
C SER A 39 -7.99 11.78 -7.39
N ALA A 40 -7.50 10.56 -7.23
CA ALA A 40 -7.90 9.73 -6.09
C ALA A 40 -7.46 10.41 -4.80
N ILE A 41 -6.16 10.54 -4.64
CA ILE A 41 -5.60 11.16 -3.45
C ILE A 41 -6.33 12.49 -3.20
N GLU A 42 -6.28 13.35 -4.19
CA GLU A 42 -6.93 14.65 -4.09
C GLU A 42 -8.34 14.50 -3.52
N ASN A 43 -8.99 13.41 -3.91
CA ASN A 43 -10.33 13.13 -3.45
C ASN A 43 -10.31 12.90 -1.94
N LEU A 44 -9.56 11.89 -1.53
CA LEU A 44 -9.44 11.55 -0.12
C LEU A 44 -9.02 12.80 0.66
N MET A 45 -8.00 13.47 0.14
CA MET A 45 -7.49 14.68 0.77
C MET A 45 -8.63 15.61 1.18
N THR A 46 -9.34 16.10 0.17
CA THR A 46 -10.45 17.00 0.41
C THR A 46 -11.67 16.22 0.94
N SER A 47 -11.43 15.52 2.05
CA SER A 47 -12.50 14.75 2.66
C SER A 47 -12.18 14.53 4.15
N SER A 48 -11.22 13.66 4.40
CA SER A 48 -10.82 13.36 5.76
C SER A 48 -9.61 14.21 6.16
N SER A 49 -9.62 14.65 7.40
CA SER A 49 -8.53 15.47 7.91
C SER A 49 -7.21 14.70 7.86
N LYS A 50 -6.13 15.43 7.97
CA LYS A 50 -4.80 14.83 7.94
C LYS A 50 -4.64 13.92 9.16
N GLU A 51 -5.00 14.45 10.30
CA GLU A 51 -4.89 13.70 11.54
C GLU A 51 -5.96 12.60 11.59
N ASP A 52 -7.08 12.87 10.93
CA ASP A 52 -8.17 11.91 10.90
C ASP A 52 -7.64 10.56 10.37
N TRP A 53 -6.51 10.63 9.68
CA TRP A 53 -5.90 9.44 9.13
C TRP A 53 -5.21 8.69 10.27
N PRO A 54 -5.56 7.38 10.39
CA PRO A 54 -4.97 6.55 11.43
C PRO A 54 -3.53 6.17 11.09
N SER A 55 -2.69 6.21 12.11
CA SER A 55 -1.28 5.88 11.93
C SER A 55 -1.12 4.37 11.77
N VAL A 56 -0.93 3.96 10.52
CA VAL A 56 -0.76 2.55 10.21
C VAL A 56 0.68 2.30 9.76
N ASN A 57 1.01 1.02 9.59
CA ASN A 57 2.34 0.65 9.17
C ASN A 57 2.25 -0.09 7.83
N MET A 58 3.23 0.17 6.97
CA MET A 58 3.27 -0.45 5.66
C MET A 58 4.33 -1.56 5.63
N ASN A 59 3.85 -2.79 5.66
CA ASN A 59 4.74 -3.94 5.62
C ASN A 59 5.15 -4.22 4.18
N VAL A 60 6.44 -4.50 4.00
CA VAL A 60 6.97 -4.78 2.69
C VAL A 60 7.90 -6.00 2.76
N ALA A 61 7.42 -7.10 2.21
CA ALA A 61 8.19 -8.33 2.20
C ALA A 61 7.57 -9.31 1.21
N ASP A 62 8.30 -10.38 0.95
CA ASP A 62 7.84 -11.40 0.03
C ASP A 62 7.17 -10.73 -1.17
N ALA A 63 7.68 -9.55 -1.52
CA ALA A 63 7.14 -8.81 -2.65
C ALA A 63 5.64 -8.60 -2.44
N THR A 64 5.30 -8.05 -1.29
CA THR A 64 3.91 -7.80 -0.95
C THR A 64 3.78 -6.52 -0.11
N VAL A 65 2.62 -5.89 -0.23
CA VAL A 65 2.36 -4.67 0.51
C VAL A 65 1.18 -4.89 1.46
N THR A 66 1.52 -5.06 2.73
CA THR A 66 0.51 -5.28 3.76
C THR A 66 0.51 -4.13 4.77
N VAL A 67 -0.66 -3.52 4.92
CA VAL A 67 -0.81 -2.41 5.85
C VAL A 67 -1.19 -2.95 7.22
N ILE A 68 -0.22 -2.92 8.13
CA ILE A 68 -0.45 -3.40 9.48
C ILE A 68 -0.71 -2.21 10.41
N SER A 69 -1.58 -2.44 11.38
CA SER A 69 -1.93 -1.40 12.33
C SER A 69 -0.67 -0.93 13.07
N GLU A 70 -0.84 0.13 13.85
CA GLU A 70 0.26 0.69 14.61
C GLU A 70 0.42 -0.06 15.94
N LYS A 71 -0.72 -0.27 16.60
CA LYS A 71 -0.71 -0.98 17.86
C LYS A 71 -1.11 -2.44 17.64
N ASN A 72 -0.28 -3.14 16.89
CA ASN A 72 -0.53 -4.54 16.60
C ASN A 72 0.46 -5.02 15.53
N GLU A 73 0.44 -6.32 15.30
CA GLU A 73 1.33 -6.92 14.31
C GLU A 73 0.55 -7.90 13.43
N GLU A 74 -0.26 -8.71 14.07
CA GLU A 74 -1.06 -9.69 13.35
C GLU A 74 -2.26 -9.01 12.68
N GLU A 75 -2.45 -7.75 13.02
CA GLU A 75 -3.55 -6.98 12.46
C GLU A 75 -3.13 -6.37 11.12
N VAL A 76 -3.74 -6.90 10.06
CA VAL A 76 -3.44 -6.42 8.72
C VAL A 76 -4.66 -5.69 8.16
N LEU A 77 -4.61 -4.37 8.25
CA LEU A 77 -5.70 -3.54 7.76
C LEU A 77 -5.95 -3.84 6.29
N VAL A 78 -4.88 -3.75 5.51
CA VAL A 78 -4.96 -4.02 4.08
C VAL A 78 -3.83 -4.98 3.68
N GLU A 79 -4.13 -5.79 2.67
CA GLU A 79 -3.15 -6.75 2.19
C GLU A 79 -3.08 -6.70 0.66
N CYS A 80 -2.05 -6.04 0.17
CA CYS A 80 -1.85 -5.91 -1.27
C CYS A 80 -0.57 -6.65 -1.65
N ARG A 81 -0.54 -7.15 -2.87
CA ARG A 81 0.61 -7.88 -3.36
C ARG A 81 1.17 -7.20 -4.63
N VAL A 82 2.49 -7.08 -4.66
CA VAL A 82 3.15 -6.45 -5.80
C VAL A 82 2.84 -7.26 -7.06
N ARG A 83 2.41 -8.50 -6.86
CA ARG A 83 2.09 -9.37 -7.97
C ARG A 83 0.69 -9.05 -8.50
N PHE A 84 -0.10 -8.42 -7.65
CA PHE A 84 -1.46 -8.04 -8.01
C PHE A 84 -1.55 -6.56 -8.34
N LEU A 85 -0.57 -5.81 -7.85
CA LEU A 85 -0.52 -4.38 -8.08
C LEU A 85 -0.74 -4.09 -9.57
N SER A 86 -0.83 -2.81 -9.89
CA SER A 86 -1.03 -2.40 -11.27
C SER A 86 -0.24 -1.12 -11.55
N PHE A 87 -0.35 -0.18 -10.63
CA PHE A 87 0.35 1.09 -10.76
C PHE A 87 0.31 1.88 -9.45
N MET A 88 1.14 2.92 -9.40
CA MET A 88 1.21 3.75 -8.22
C MET A 88 1.98 5.05 -8.52
N GLY A 89 2.40 5.70 -7.44
CA GLY A 89 3.15 6.94 -7.56
C GLY A 89 2.89 7.86 -6.37
N VAL A 90 3.74 8.86 -6.23
CA VAL A 90 3.61 9.81 -5.15
C VAL A 90 2.70 10.96 -5.58
N GLY A 91 1.61 11.13 -4.84
CA GLY A 91 0.66 12.18 -5.14
C GLY A 91 1.35 13.53 -5.30
N LYS A 92 0.55 14.56 -5.51
CA LYS A 92 1.08 15.90 -5.67
C LYS A 92 2.22 16.12 -4.67
N ASP A 93 1.89 15.98 -3.40
CA ASP A 93 2.88 16.16 -2.35
C ASP A 93 3.78 14.94 -2.30
N VAL A 94 4.94 15.12 -1.67
CA VAL A 94 5.91 14.04 -1.55
C VAL A 94 5.58 13.21 -0.32
N HIS A 95 4.65 13.72 0.48
CA HIS A 95 4.23 13.03 1.69
C HIS A 95 2.95 12.26 1.41
N THR A 96 2.70 12.00 0.13
CA THR A 96 1.52 11.26 -0.27
C THR A 96 1.91 10.07 -1.15
N PHE A 97 1.24 8.96 -0.92
CA PHE A 97 1.50 7.75 -1.68
C PHE A 97 0.22 6.95 -1.88
N ALA A 98 0.14 6.30 -3.04
CA ALA A 98 -1.03 5.49 -3.37
C ALA A 98 -0.69 4.59 -4.55
N PHE A 99 -1.33 3.42 -4.57
CA PHE A 99 -1.11 2.46 -5.63
C PHE A 99 -2.40 1.71 -5.96
N ILE A 100 -2.57 1.41 -7.24
CA ILE A 100 -3.75 0.70 -7.70
C ILE A 100 -3.47 -0.81 -7.65
N MET A 101 -4.38 -1.52 -6.98
CA MET A 101 -4.24 -2.96 -6.85
C MET A 101 -5.33 -3.68 -7.66
N ASP A 102 -5.12 -4.98 -7.84
CA ASP A 102 -6.06 -5.79 -8.58
C ASP A 102 -6.57 -6.93 -7.68
N THR A 103 -7.77 -6.76 -7.18
CA THR A 103 -8.37 -7.76 -6.31
C THR A 103 -8.72 -9.01 -7.11
N GLY A 104 -9.46 -8.81 -8.18
CA GLY A 104 -9.86 -9.92 -9.04
C GLY A 104 -10.65 -9.41 -10.24
N ASN A 105 -11.96 -9.26 -10.04
CA ASN A 105 -12.83 -8.79 -11.10
C ASN A 105 -12.32 -7.45 -11.62
N GLN A 106 -13.19 -6.76 -12.34
CA GLN A 106 -12.84 -5.47 -12.91
C GLN A 106 -12.94 -4.38 -11.84
N ARG A 107 -12.26 -4.63 -10.72
CA ARG A 107 -12.27 -3.69 -9.61
C ARG A 107 -10.84 -3.38 -9.17
N PHE A 108 -10.61 -2.11 -8.86
CA PHE A 108 -9.29 -1.67 -8.43
C PHE A 108 -9.41 -0.74 -7.22
N GLU A 109 -8.54 -0.99 -6.24
CA GLU A 109 -8.53 -0.18 -5.03
C GLU A 109 -7.20 0.56 -4.91
N CYS A 110 -7.31 1.86 -4.71
CA CYS A 110 -6.13 2.70 -4.58
C CYS A 110 -6.00 3.12 -3.12
N HIS A 111 -5.08 2.47 -2.42
CA HIS A 111 -4.85 2.76 -1.02
C HIS A 111 -3.90 3.95 -0.89
N VAL A 112 -4.47 5.06 -0.44
CA VAL A 112 -3.69 6.28 -0.27
C VAL A 112 -3.08 6.30 1.14
N PHE A 113 -1.85 6.81 1.21
CA PHE A 113 -1.17 6.89 2.49
C PHE A 113 -0.26 8.13 2.54
N TRP A 114 0.11 8.49 3.76
CA TRP A 114 0.96 9.65 3.97
C TRP A 114 2.29 9.17 4.56
N CYS A 115 3.35 9.33 3.76
CA CYS A 115 4.67 8.93 4.19
C CYS A 115 5.51 10.17 4.45
N GLU A 116 6.41 10.05 5.41
CA GLU A 116 7.28 11.17 5.76
C GLU A 116 8.74 10.71 5.81
N PRO A 117 9.65 11.63 5.40
CA PRO A 117 9.23 12.94 4.95
C PRO A 117 8.62 12.87 3.55
N ASN A 118 9.21 12.01 2.72
CA ASN A 118 8.72 11.84 1.36
C ASN A 118 8.45 10.36 1.11
N ALA A 119 7.56 10.11 0.17
CA ALA A 119 7.20 8.74 -0.19
C ALA A 119 8.16 8.22 -1.26
N ALA A 120 9.44 8.50 -1.05
CA ALA A 120 10.47 8.08 -1.98
C ALA A 120 11.00 6.71 -1.55
N ASN A 121 11.17 6.55 -0.25
CA ASN A 121 11.68 5.31 0.29
C ASN A 121 10.55 4.28 0.32
N VAL A 122 9.36 4.76 0.64
CA VAL A 122 8.19 3.91 0.72
C VAL A 122 7.85 3.40 -0.68
N SER A 123 7.51 4.35 -1.55
CA SER A 123 7.16 4.01 -2.92
C SER A 123 8.22 3.10 -3.53
N GLU A 124 9.46 3.35 -3.14
CA GLU A 124 10.57 2.55 -3.64
C GLU A 124 10.50 1.13 -3.07
N ALA A 125 10.52 1.05 -1.74
CA ALA A 125 10.46 -0.23 -1.08
C ALA A 125 9.34 -1.08 -1.69
N VAL A 126 8.33 -0.38 -2.19
CA VAL A 126 7.20 -1.05 -2.81
C VAL A 126 7.55 -1.41 -4.26
N GLN A 127 8.11 -0.44 -4.96
CA GLN A 127 8.50 -0.64 -6.34
C GLN A 127 9.54 -1.76 -6.44
N ALA A 128 10.64 -1.56 -5.74
CA ALA A 128 11.71 -2.55 -5.75
C ALA A 128 11.11 -3.94 -5.55
N ALA A 129 9.97 -3.98 -4.89
CA ALA A 129 9.29 -5.23 -4.63
C ALA A 129 8.62 -5.72 -5.92
N CYS A 130 7.89 -4.81 -6.55
CA CYS A 130 7.19 -5.12 -7.78
C CYS A 130 8.24 -5.41 -8.86
N SER A 131 9.09 -4.42 -9.07
CA SER A 131 10.15 -4.54 -10.08
C SER A 131 10.81 -5.92 -9.97
N GLY A 132 11.42 -6.15 -8.82
CA GLY A 132 12.09 -7.42 -8.59
C GLY A 132 12.80 -7.41 -7.23
N PRO A 133 12.45 -8.41 -6.39
CA PRO A 133 13.04 -8.53 -5.07
C PRO A 133 14.47 -9.07 -5.15
N SER A 134 15.36 -8.24 -5.67
CA SER A 134 16.75 -8.62 -5.81
C SER A 134 17.66 -7.44 -5.46
N SER A 135 18.92 -7.75 -5.23
CA SER A 135 19.89 -6.72 -4.89
C SER A 135 20.24 -5.90 -6.12
N GLY A 136 20.78 -4.72 -5.88
CA GLY A 136 21.17 -3.82 -6.96
C GLY A 136 22.00 -2.66 -6.44
N GLY A 1 -11.23 -38.42 16.88
CA GLY A 1 -10.87 -37.59 15.74
C GLY A 1 -10.82 -36.11 16.14
N SER A 2 -11.47 -35.29 15.32
CA SER A 2 -11.51 -33.86 15.57
C SER A 2 -10.10 -33.28 15.48
N SER A 3 -9.95 -32.29 14.61
CA SER A 3 -8.66 -31.65 14.42
C SER A 3 -8.79 -30.15 14.68
N GLY A 4 -9.66 -29.51 13.90
CA GLY A 4 -9.88 -28.08 14.04
C GLY A 4 -9.10 -27.30 12.98
N SER A 5 -9.36 -26.00 12.92
CA SER A 5 -8.69 -25.14 11.97
C SER A 5 -7.61 -24.32 12.67
N SER A 6 -6.69 -23.81 11.88
CA SER A 6 -5.60 -23.01 12.41
C SER A 6 -4.70 -22.52 11.27
N GLY A 7 -3.85 -21.56 11.60
CA GLY A 7 -2.94 -21.00 10.62
C GLY A 7 -1.63 -20.56 11.27
N PRO A 8 -0.52 -20.64 10.49
CA PRO A 8 0.78 -20.24 10.98
C PRO A 8 0.91 -18.72 11.05
N THR A 9 2.10 -18.28 11.41
CA THR A 9 2.37 -16.85 11.52
C THR A 9 3.63 -16.49 10.75
N PRO A 10 3.73 -15.18 10.38
CA PRO A 10 4.89 -14.70 9.64
C PRO A 10 6.11 -14.56 10.56
N LYS A 11 7.28 -14.70 9.97
CA LYS A 11 8.51 -14.58 10.72
C LYS A 11 9.69 -14.44 9.74
N THR A 12 10.87 -14.24 10.31
CA THR A 12 12.07 -14.09 9.51
C THR A 12 11.78 -13.25 8.27
N GLU A 13 12.65 -13.38 7.28
CA GLU A 13 12.50 -12.64 6.05
C GLU A 13 12.56 -11.13 6.31
N LEU A 14 13.33 -10.45 5.48
CA LEU A 14 13.48 -9.01 5.61
C LEU A 14 12.13 -8.34 5.35
N VAL A 15 11.78 -7.42 6.24
CA VAL A 15 10.52 -6.70 6.11
C VAL A 15 10.77 -5.21 6.36
N GLN A 16 9.93 -4.39 5.73
CA GLN A 16 10.05 -2.95 5.88
C GLN A 16 8.72 -2.36 6.34
N LYS A 17 8.72 -1.88 7.58
CA LYS A 17 7.52 -1.28 8.14
C LYS A 17 7.69 0.23 8.19
N PHE A 18 6.73 0.92 7.58
CA PHE A 18 6.76 2.37 7.54
C PHE A 18 5.47 2.96 8.12
N ARG A 19 5.63 3.66 9.23
CA ARG A 19 4.49 4.28 9.88
C ARG A 19 3.89 5.37 9.00
N VAL A 20 2.81 5.00 8.31
CA VAL A 20 2.14 5.94 7.43
C VAL A 20 0.66 6.02 7.81
N GLN A 21 0.04 7.13 7.44
CA GLN A 21 -1.37 7.34 7.74
C GLN A 21 -2.23 6.77 6.62
N TYR A 22 -3.38 6.24 7.02
CA TYR A 22 -4.31 5.66 6.07
C TYR A 22 -5.38 6.67 5.65
N LEU A 23 -5.19 7.23 4.47
CA LEU A 23 -6.13 8.22 3.97
C LEU A 23 -7.48 7.54 3.71
N GLY A 24 -7.42 6.41 3.03
CA GLY A 24 -8.62 5.65 2.71
C GLY A 24 -8.47 4.90 1.39
N MET A 25 -9.49 4.13 1.07
CA MET A 25 -9.49 3.36 -0.17
C MET A 25 -10.51 3.91 -1.17
N LEU A 26 -9.99 4.50 -2.23
CA LEU A 26 -10.84 5.07 -3.26
C LEU A 26 -10.72 4.24 -4.53
N PRO A 27 -11.90 3.81 -5.06
CA PRO A 27 -11.94 3.01 -6.27
C PRO A 27 -11.66 3.86 -7.50
N VAL A 28 -11.07 3.23 -8.50
CA VAL A 28 -10.74 3.92 -9.74
C VAL A 28 -11.03 2.99 -10.92
N ASP A 29 -11.54 3.59 -11.99
CA ASP A 29 -11.87 2.84 -13.18
C ASP A 29 -10.58 2.50 -13.93
N ARG A 30 -9.73 3.51 -14.06
CA ARG A 30 -8.47 3.33 -14.75
C ARG A 30 -7.47 2.60 -13.86
N PRO A 31 -7.09 1.36 -14.30
CA PRO A 31 -6.15 0.56 -13.55
C PRO A 31 -4.73 1.09 -13.71
N VAL A 32 -4.59 2.10 -14.54
CA VAL A 32 -3.29 2.71 -14.78
C VAL A 32 -3.48 4.20 -15.12
N GLY A 33 -2.52 4.99 -14.68
CA GLY A 33 -2.58 6.42 -14.93
C GLY A 33 -2.28 7.21 -13.65
N MET A 34 -1.55 8.30 -13.83
CA MET A 34 -1.19 9.15 -12.70
C MET A 34 -2.32 10.12 -12.35
N ASP A 35 -2.94 10.64 -13.39
CA ASP A 35 -4.04 11.58 -13.22
C ASP A 35 -5.04 11.01 -12.20
N THR A 36 -5.66 9.90 -12.60
CA THR A 36 -6.63 9.25 -11.75
C THR A 36 -6.04 8.99 -10.36
N LEU A 37 -4.82 8.48 -10.36
CA LEU A 37 -4.14 8.19 -9.11
C LEU A 37 -4.20 9.41 -8.20
N ASN A 38 -3.55 10.47 -8.64
CA ASN A 38 -3.53 11.71 -7.87
C ASN A 38 -4.96 12.12 -7.54
N SER A 39 -5.78 12.18 -8.58
CA SER A 39 -7.17 12.56 -8.41
C SER A 39 -7.77 11.88 -7.17
N ALA A 40 -7.45 10.60 -7.04
CA ALA A 40 -7.93 9.83 -5.91
C ALA A 40 -7.42 10.44 -4.61
N ILE A 41 -6.12 10.70 -4.59
CA ILE A 41 -5.49 11.30 -3.43
C ILE A 41 -6.21 12.59 -3.07
N GLU A 42 -6.15 13.55 -3.99
CA GLU A 42 -6.80 14.83 -3.77
C GLU A 42 -8.22 14.63 -3.26
N ASN A 43 -8.87 13.60 -3.79
CA ASN A 43 -10.23 13.29 -3.39
C ASN A 43 -10.25 12.90 -1.91
N LEU A 44 -9.45 11.90 -1.58
CA LEU A 44 -9.37 11.42 -0.21
C LEU A 44 -8.88 12.56 0.69
N MET A 45 -7.95 13.34 0.16
CA MET A 45 -7.40 14.45 0.91
C MET A 45 -8.51 15.28 1.58
N THR A 46 -9.47 15.70 0.76
CA THR A 46 -10.59 16.48 1.26
C THR A 46 -11.51 15.61 2.10
N SER A 47 -11.76 14.42 1.60
CA SER A 47 -12.63 13.48 2.30
C SER A 47 -12.37 13.54 3.81
N SER A 48 -11.37 12.79 4.23
CA SER A 48 -11.01 12.76 5.64
C SER A 48 -9.88 13.75 5.91
N SER A 49 -9.81 14.19 7.16
CA SER A 49 -8.78 15.15 7.56
C SER A 49 -7.42 14.46 7.61
N LYS A 50 -6.39 15.26 7.85
CA LYS A 50 -5.04 14.73 7.92
C LYS A 50 -4.91 13.83 9.15
N GLU A 51 -5.28 14.37 10.30
CA GLU A 51 -5.21 13.63 11.53
C GLU A 51 -6.20 12.48 11.52
N ASP A 52 -7.34 12.72 10.88
CA ASP A 52 -8.39 11.72 10.78
C ASP A 52 -7.78 10.41 10.29
N TRP A 53 -6.67 10.54 9.58
CA TRP A 53 -5.97 9.38 9.05
C TRP A 53 -5.27 8.67 10.21
N PRO A 54 -5.60 7.36 10.37
CA PRO A 54 -5.01 6.57 11.43
C PRO A 54 -3.56 6.19 11.09
N SER A 55 -2.71 6.27 12.11
CA SER A 55 -1.31 5.94 11.94
C SER A 55 -1.13 4.43 11.81
N VAL A 56 -0.93 4.00 10.57
CA VAL A 56 -0.75 2.58 10.29
C VAL A 56 0.70 2.34 9.82
N ASN A 57 1.03 1.07 9.67
CA ASN A 57 2.36 0.70 9.24
C ASN A 57 2.27 -0.03 7.89
N MET A 58 3.26 0.23 7.05
CA MET A 58 3.29 -0.38 5.73
C MET A 58 4.36 -1.48 5.67
N ASN A 59 3.89 -2.72 5.72
CA ASN A 59 4.78 -3.86 5.67
C ASN A 59 5.18 -4.14 4.22
N VAL A 60 6.47 -4.37 4.02
CA VAL A 60 6.98 -4.65 2.70
C VAL A 60 7.95 -5.85 2.76
N ALA A 61 7.45 -6.99 2.31
CA ALA A 61 8.24 -8.21 2.31
C ALA A 61 7.66 -9.19 1.28
N ASP A 62 8.47 -10.18 0.94
CA ASP A 62 8.07 -11.18 -0.02
C ASP A 62 7.32 -10.50 -1.17
N ALA A 63 7.86 -9.36 -1.58
CA ALA A 63 7.26 -8.60 -2.68
C ALA A 63 5.77 -8.43 -2.41
N THR A 64 5.45 -7.92 -1.23
CA THR A 64 4.07 -7.71 -0.84
C THR A 64 3.94 -6.41 -0.04
N VAL A 65 2.75 -5.84 -0.10
CA VAL A 65 2.48 -4.61 0.61
C VAL A 65 1.28 -4.81 1.56
N THR A 66 1.59 -5.04 2.82
CA THR A 66 0.57 -5.26 3.82
C THR A 66 0.54 -4.10 4.83
N VAL A 67 -0.64 -3.52 4.99
CA VAL A 67 -0.81 -2.41 5.91
C VAL A 67 -1.14 -2.96 7.30
N ILE A 68 -0.12 -2.96 8.15
CA ILE A 68 -0.28 -3.45 9.51
C ILE A 68 -0.54 -2.27 10.45
N SER A 69 -1.31 -2.55 11.50
CA SER A 69 -1.63 -1.52 12.47
C SER A 69 -0.40 -1.18 13.31
N GLU A 70 -0.50 -0.07 14.01
CA GLU A 70 0.60 0.40 14.85
C GLU A 70 0.58 -0.33 16.20
N LYS A 71 -0.60 -0.34 16.81
CA LYS A 71 -0.77 -1.00 18.09
C LYS A 71 -1.11 -2.47 17.87
N ASN A 72 -0.33 -3.10 17.00
CA ASN A 72 -0.54 -4.50 16.69
C ASN A 72 0.45 -4.93 15.59
N GLU A 73 0.53 -6.24 15.40
CA GLU A 73 1.42 -6.78 14.39
C GLU A 73 0.67 -7.74 13.47
N GLU A 74 -0.08 -8.64 14.10
CA GLU A 74 -0.86 -9.63 13.36
C GLU A 74 -2.06 -8.95 12.68
N GLU A 75 -2.34 -7.75 13.14
CA GLU A 75 -3.46 -6.98 12.59
C GLU A 75 -3.07 -6.36 11.25
N VAL A 76 -3.63 -6.90 10.19
CA VAL A 76 -3.35 -6.41 8.85
C VAL A 76 -4.58 -5.66 8.32
N LEU A 77 -4.56 -4.34 8.52
CA LEU A 77 -5.65 -3.50 8.07
C LEU A 77 -5.95 -3.80 6.60
N VAL A 78 -4.89 -3.80 5.80
CA VAL A 78 -5.02 -4.07 4.39
C VAL A 78 -3.88 -4.99 3.93
N GLU A 79 -4.19 -5.83 2.95
CA GLU A 79 -3.21 -6.74 2.42
C GLU A 79 -3.13 -6.64 0.89
N CYS A 80 -2.07 -6.00 0.43
CA CYS A 80 -1.88 -5.82 -1.00
C CYS A 80 -0.56 -6.49 -1.39
N ARG A 81 -0.57 -7.07 -2.59
CA ARG A 81 0.62 -7.75 -3.09
C ARG A 81 1.09 -7.11 -4.40
N VAL A 82 2.40 -7.08 -4.57
CA VAL A 82 2.98 -6.51 -5.77
C VAL A 82 2.54 -7.31 -6.99
N ARG A 83 2.21 -8.57 -6.74
CA ARG A 83 1.77 -9.45 -7.81
C ARG A 83 0.35 -9.09 -8.24
N PHE A 84 -0.31 -8.31 -7.41
CA PHE A 84 -1.67 -7.88 -7.69
C PHE A 84 -1.73 -6.39 -8.00
N LEU A 85 -0.58 -5.75 -7.88
CA LEU A 85 -0.48 -4.32 -8.13
C LEU A 85 -0.59 -4.08 -9.64
N SER A 86 -1.24 -2.97 -9.99
CA SER A 86 -1.43 -2.61 -11.38
C SER A 86 -0.66 -1.33 -11.69
N PHE A 87 -0.53 -0.48 -10.68
CA PHE A 87 0.16 0.78 -10.84
C PHE A 87 0.21 1.55 -9.53
N MET A 88 1.03 2.59 -9.51
CA MET A 88 1.18 3.42 -8.32
C MET A 88 1.89 4.73 -8.65
N GLY A 89 2.61 5.24 -7.65
CA GLY A 89 3.34 6.48 -7.82
C GLY A 89 2.95 7.50 -6.73
N VAL A 90 3.85 8.45 -6.53
CA VAL A 90 3.62 9.47 -5.53
C VAL A 90 2.65 10.52 -6.08
N GLY A 91 1.73 10.93 -5.23
CA GLY A 91 0.73 11.92 -5.62
C GLY A 91 1.34 13.32 -5.67
N LYS A 92 0.47 14.31 -5.76
CA LYS A 92 0.90 15.69 -5.81
C LYS A 92 2.03 15.90 -4.81
N ASP A 93 1.68 15.82 -3.53
CA ASP A 93 2.66 16.01 -2.47
C ASP A 93 3.54 14.76 -2.38
N VAL A 94 4.76 14.97 -1.94
CA VAL A 94 5.72 13.88 -1.80
C VAL A 94 5.43 13.13 -0.50
N HIS A 95 4.45 13.62 0.23
CA HIS A 95 4.07 13.02 1.50
C HIS A 95 2.82 12.16 1.30
N THR A 96 2.60 11.77 0.06
CA THR A 96 1.44 10.95 -0.29
C THR A 96 1.86 9.79 -1.20
N PHE A 97 1.30 8.62 -0.90
CA PHE A 97 1.60 7.43 -1.69
C PHE A 97 0.34 6.59 -1.91
N ALA A 98 -0.01 6.44 -3.18
CA ALA A 98 -1.18 5.65 -3.54
C ALA A 98 -0.80 4.65 -4.63
N PHE A 99 -1.37 3.45 -4.49
CA PHE A 99 -1.10 2.39 -5.45
C PHE A 99 -2.38 1.67 -5.84
N ILE A 100 -2.49 1.38 -7.13
CA ILE A 100 -3.67 0.69 -7.65
C ILE A 100 -3.45 -0.82 -7.54
N MET A 101 -4.41 -1.49 -6.93
CA MET A 101 -4.35 -2.93 -6.77
C MET A 101 -5.38 -3.63 -7.63
N ASP A 102 -5.11 -4.89 -7.94
CA ASP A 102 -6.01 -5.68 -8.75
C ASP A 102 -6.42 -6.94 -7.98
N THR A 103 -7.62 -6.90 -7.43
CA THR A 103 -8.13 -8.03 -6.67
C THR A 103 -8.43 -9.21 -7.60
N GLY A 104 -9.02 -8.89 -8.74
CA GLY A 104 -9.36 -9.91 -9.72
C GLY A 104 -10.36 -9.37 -10.75
N ASN A 105 -11.61 -9.27 -10.32
CA ASN A 105 -12.66 -8.77 -11.20
C ASN A 105 -12.26 -7.40 -11.73
N GLN A 106 -13.22 -6.75 -12.37
CA GLN A 106 -12.97 -5.43 -12.95
C GLN A 106 -13.06 -4.37 -11.86
N ARG A 107 -12.30 -4.58 -10.80
CA ARG A 107 -12.27 -3.64 -9.69
C ARG A 107 -10.83 -3.26 -9.34
N PHE A 108 -10.64 -1.98 -9.03
CA PHE A 108 -9.33 -1.49 -8.69
C PHE A 108 -9.40 -0.51 -7.52
N GLU A 109 -8.72 -0.87 -6.44
CA GLU A 109 -8.70 -0.04 -5.25
C GLU A 109 -7.36 0.68 -5.13
N CYS A 110 -7.44 1.98 -4.88
CA CYS A 110 -6.24 2.79 -4.73
C CYS A 110 -6.11 3.18 -3.25
N HIS A 111 -5.18 2.52 -2.59
CA HIS A 111 -4.94 2.78 -1.17
C HIS A 111 -3.99 3.98 -1.04
N VAL A 112 -4.53 5.07 -0.53
CA VAL A 112 -3.74 6.28 -0.34
C VAL A 112 -3.13 6.27 1.06
N PHE A 113 -1.91 6.78 1.15
CA PHE A 113 -1.20 6.85 2.41
C PHE A 113 -0.32 8.09 2.49
N TRP A 114 0.12 8.39 3.70
CA TRP A 114 0.96 9.55 3.93
C TRP A 114 2.31 9.05 4.47
N CYS A 115 3.35 9.26 3.66
CA CYS A 115 4.69 8.85 4.04
C CYS A 115 5.55 10.10 4.25
N GLU A 116 6.38 10.05 5.27
CA GLU A 116 7.26 11.16 5.58
C GLU A 116 8.71 10.69 5.66
N PRO A 117 9.64 11.61 5.30
CA PRO A 117 9.25 12.93 4.87
C PRO A 117 8.67 12.90 3.45
N ASN A 118 9.05 11.86 2.72
CA ASN A 118 8.59 11.70 1.35
C ASN A 118 8.21 10.23 1.12
N ALA A 119 7.37 10.02 0.12
CA ALA A 119 6.93 8.67 -0.22
C ALA A 119 7.86 8.09 -1.28
N ALA A 120 9.14 8.44 -1.16
CA ALA A 120 10.13 7.96 -2.10
C ALA A 120 10.64 6.58 -1.65
N ASN A 121 11.04 6.53 -0.38
CA ASN A 121 11.54 5.29 0.18
C ASN A 121 10.45 4.22 0.13
N VAL A 122 9.27 4.61 0.57
CA VAL A 122 8.13 3.70 0.58
C VAL A 122 7.83 3.28 -0.87
N SER A 123 7.50 4.27 -1.68
CA SER A 123 7.18 4.02 -3.08
C SER A 123 8.32 3.24 -3.75
N GLU A 124 9.51 3.42 -3.20
CA GLU A 124 10.68 2.73 -3.73
C GLU A 124 10.73 1.29 -3.21
N ALA A 125 10.37 1.12 -1.95
CA ALA A 125 10.36 -0.19 -1.33
C ALA A 125 9.23 -1.03 -1.94
N VAL A 126 8.35 -0.35 -2.66
CA VAL A 126 7.23 -1.02 -3.30
C VAL A 126 7.61 -1.40 -4.73
N GLN A 127 8.00 -0.38 -5.50
CA GLN A 127 8.39 -0.59 -6.87
C GLN A 127 9.49 -1.64 -6.97
N ALA A 128 10.51 -1.46 -6.14
CA ALA A 128 11.64 -2.37 -6.11
C ALA A 128 11.16 -3.74 -5.59
N ALA A 129 9.94 -3.75 -5.08
CA ALA A 129 9.36 -4.97 -4.55
C ALA A 129 8.70 -5.75 -5.69
N CYS A 130 7.87 -5.05 -6.45
CA CYS A 130 7.18 -5.66 -7.57
C CYS A 130 8.22 -6.13 -8.58
N SER A 131 9.09 -5.20 -8.97
CA SER A 131 10.14 -5.51 -9.93
C SER A 131 11.02 -6.65 -9.41
N GLY A 132 11.67 -6.37 -8.28
CA GLY A 132 12.54 -7.35 -7.66
C GLY A 132 11.87 -8.73 -7.64
N PRO A 133 12.73 -9.79 -7.61
CA PRO A 133 12.25 -11.15 -7.58
C PRO A 133 11.70 -11.52 -6.20
N SER A 134 12.59 -11.45 -5.22
CA SER A 134 12.21 -11.77 -3.85
C SER A 134 13.18 -11.11 -2.87
N SER A 135 12.62 -10.32 -1.96
CA SER A 135 13.42 -9.64 -0.97
C SER A 135 14.54 -8.84 -1.65
N GLY A 136 14.18 -7.65 -2.12
CA GLY A 136 15.14 -6.80 -2.79
C GLY A 136 16.14 -6.20 -1.81
N GLY A 1 -8.82 -31.34 23.19
CA GLY A 1 -7.99 -31.42 21.99
C GLY A 1 -7.60 -30.02 21.51
N SER A 2 -8.56 -29.37 20.85
CA SER A 2 -8.32 -28.03 20.33
C SER A 2 -7.28 -28.07 19.22
N SER A 3 -7.54 -27.32 18.16
CA SER A 3 -6.63 -27.26 17.03
C SER A 3 -5.82 -25.96 17.09
N GLY A 4 -4.64 -26.02 16.47
CA GLY A 4 -3.75 -24.87 16.45
C GLY A 4 -4.29 -23.79 15.50
N SER A 5 -4.30 -22.56 15.99
CA SER A 5 -4.77 -21.44 15.20
C SER A 5 -3.65 -20.89 14.34
N SER A 6 -2.57 -20.49 15.01
CA SER A 6 -1.42 -19.95 14.31
C SER A 6 -0.33 -19.57 15.32
N GLY A 7 0.91 -19.55 14.83
CA GLY A 7 2.03 -19.21 15.68
C GLY A 7 3.00 -18.29 14.95
N PRO A 8 3.90 -17.64 15.75
CA PRO A 8 4.88 -16.73 15.19
C PRO A 8 6.01 -17.50 14.48
N THR A 9 6.01 -17.41 13.16
CA THR A 9 7.01 -18.08 12.36
C THR A 9 7.80 -17.07 11.53
N PRO A 10 8.93 -16.59 12.10
CA PRO A 10 9.78 -15.63 11.43
C PRO A 10 10.59 -16.29 10.32
N LYS A 11 10.16 -16.06 9.08
CA LYS A 11 10.85 -16.63 7.94
C LYS A 11 10.19 -16.12 6.65
N THR A 12 10.39 -14.83 6.41
CA THR A 12 9.82 -14.21 5.22
C THR A 12 10.77 -13.13 4.68
N GLU A 13 12.04 -13.29 5.03
CA GLU A 13 13.05 -12.33 4.59
C GLU A 13 12.86 -10.99 5.28
N LEU A 14 13.84 -10.13 5.12
CA LEU A 14 13.80 -8.81 5.73
C LEU A 14 12.47 -8.13 5.36
N VAL A 15 11.99 -7.31 6.27
CA VAL A 15 10.74 -6.60 6.07
C VAL A 15 10.94 -5.11 6.33
N GLN A 16 10.12 -4.31 5.69
CA GLN A 16 10.20 -2.86 5.84
C GLN A 16 8.85 -2.30 6.29
N LYS A 17 8.82 -1.85 7.53
CA LYS A 17 7.60 -1.29 8.09
C LYS A 17 7.73 0.24 8.17
N PHE A 18 6.79 0.91 7.55
CA PHE A 18 6.80 2.37 7.55
C PHE A 18 5.48 2.93 8.09
N ARG A 19 5.59 3.65 9.19
CA ARG A 19 4.43 4.24 9.82
C ARG A 19 3.81 5.33 8.92
N VAL A 20 2.68 4.99 8.35
CA VAL A 20 1.98 5.92 7.46
C VAL A 20 0.50 5.96 7.83
N GLN A 21 -0.14 7.05 7.45
CA GLN A 21 -1.56 7.23 7.73
C GLN A 21 -2.40 6.63 6.61
N TYR A 22 -3.58 6.17 6.98
CA TYR A 22 -4.50 5.58 6.00
C TYR A 22 -5.58 6.57 5.59
N LEU A 23 -5.39 7.15 4.42
CA LEU A 23 -6.36 8.11 3.91
C LEU A 23 -7.68 7.41 3.60
N GLY A 24 -7.56 6.22 3.02
CA GLY A 24 -8.73 5.44 2.68
C GLY A 24 -8.62 4.88 1.26
N MET A 25 -9.44 3.87 0.99
CA MET A 25 -9.45 3.24 -0.31
C MET A 25 -10.41 3.95 -1.26
N LEU A 26 -9.92 4.21 -2.47
CA LEU A 26 -10.72 4.88 -3.47
C LEU A 26 -10.64 4.10 -4.79
N PRO A 27 -11.84 3.78 -5.35
CA PRO A 27 -11.90 3.05 -6.60
C PRO A 27 -11.56 3.95 -7.79
N VAL A 28 -11.02 3.33 -8.82
CA VAL A 28 -10.64 4.07 -10.02
C VAL A 28 -11.04 3.26 -11.25
N ASP A 29 -10.96 3.91 -12.41
CA ASP A 29 -11.31 3.27 -13.66
C ASP A 29 -10.06 2.61 -14.25
N ARG A 30 -9.03 3.41 -14.43
CA ARG A 30 -7.78 2.91 -14.98
C ARG A 30 -6.86 2.41 -13.87
N PRO A 31 -6.27 1.22 -14.10
CA PRO A 31 -5.36 0.62 -13.13
C PRO A 31 -4.01 1.33 -13.12
N VAL A 32 -3.84 2.22 -14.09
CA VAL A 32 -2.61 2.98 -14.21
C VAL A 32 -2.93 4.45 -14.49
N GLY A 33 -1.88 5.23 -14.63
CA GLY A 33 -2.04 6.65 -14.91
C GLY A 33 -1.95 7.47 -13.62
N MET A 34 -1.28 8.62 -13.73
CA MET A 34 -1.12 9.50 -12.59
C MET A 34 -2.39 10.32 -12.34
N ASP A 35 -2.93 10.86 -13.42
CA ASP A 35 -4.13 11.66 -13.34
C ASP A 35 -5.10 11.01 -12.36
N THR A 36 -5.44 9.76 -12.65
CA THR A 36 -6.36 9.01 -11.81
C THR A 36 -5.76 8.81 -10.41
N LEU A 37 -4.44 8.68 -10.38
CA LEU A 37 -3.73 8.48 -9.13
C LEU A 37 -3.95 9.69 -8.23
N ASN A 38 -3.33 10.80 -8.62
CA ASN A 38 -3.45 12.03 -7.86
C ASN A 38 -4.93 12.34 -7.62
N SER A 39 -5.69 12.34 -8.71
CA SER A 39 -7.11 12.61 -8.63
C SER A 39 -7.72 11.90 -7.42
N ALA A 40 -7.41 10.61 -7.33
CA ALA A 40 -7.92 9.80 -6.23
C ALA A 40 -7.49 10.43 -4.90
N ILE A 41 -6.18 10.57 -4.74
CA ILE A 41 -5.63 11.14 -3.52
C ILE A 41 -6.33 12.48 -3.24
N GLU A 42 -6.11 13.42 -4.15
CA GLU A 42 -6.71 14.74 -4.01
C GLU A 42 -8.13 14.62 -3.46
N ASN A 43 -8.82 13.58 -3.90
CA ASN A 43 -10.19 13.34 -3.47
C ASN A 43 -10.20 13.12 -1.96
N LEU A 44 -9.58 12.03 -1.55
CA LEU A 44 -9.52 11.69 -0.13
C LEU A 44 -9.05 12.91 0.66
N MET A 45 -8.09 13.62 0.08
CA MET A 45 -7.55 14.81 0.72
C MET A 45 -8.65 15.81 1.05
N THR A 46 -9.34 16.26 0.01
CA THR A 46 -10.41 17.22 0.17
C THR A 46 -11.69 16.51 0.60
N SER A 47 -11.65 15.93 1.78
CA SER A 47 -12.79 15.21 2.32
C SER A 47 -12.53 14.83 3.78
N SER A 48 -11.50 14.04 3.99
CA SER A 48 -11.13 13.60 5.32
C SER A 48 -9.95 14.41 5.84
N SER A 49 -9.94 14.62 7.15
CA SER A 49 -8.87 15.37 7.78
C SER A 49 -7.59 14.54 7.81
N LYS A 50 -6.48 15.23 8.03
CA LYS A 50 -5.19 14.57 8.09
C LYS A 50 -5.16 13.63 9.30
N GLU A 51 -5.50 14.20 10.45
CA GLU A 51 -5.51 13.42 11.68
C GLU A 51 -6.56 12.31 11.61
N ASP A 52 -7.61 12.59 10.84
CA ASP A 52 -8.68 11.61 10.68
C ASP A 52 -8.09 10.30 10.15
N TRP A 53 -6.90 10.40 9.59
CA TRP A 53 -6.22 9.24 9.05
C TRP A 53 -5.53 8.51 10.20
N PRO A 54 -5.84 7.20 10.33
CA PRO A 54 -5.25 6.39 11.38
C PRO A 54 -3.79 6.05 11.07
N SER A 55 -2.96 6.15 12.08
CA SER A 55 -1.54 5.86 11.92
C SER A 55 -1.33 4.35 11.77
N VAL A 56 -1.10 3.95 10.53
CA VAL A 56 -0.88 2.54 10.23
C VAL A 56 0.56 2.33 9.80
N ASN A 57 0.91 1.07 9.58
CA ASN A 57 2.27 0.72 9.17
C ASN A 57 2.20 -0.02 7.84
N MET A 58 3.20 0.26 7.00
CA MET A 58 3.27 -0.37 5.69
C MET A 58 4.36 -1.45 5.66
N ASN A 59 3.91 -2.69 5.71
CA ASN A 59 4.83 -3.82 5.68
C ASN A 59 5.22 -4.11 4.24
N VAL A 60 6.52 -4.33 4.05
CA VAL A 60 7.04 -4.62 2.72
C VAL A 60 7.99 -5.82 2.81
N ALA A 61 7.55 -6.93 2.22
CA ALA A 61 8.35 -8.14 2.22
C ALA A 61 7.74 -9.14 1.24
N ASP A 62 8.49 -10.21 0.99
CA ASP A 62 8.06 -11.23 0.06
C ASP A 62 7.36 -10.58 -1.14
N ALA A 63 7.87 -9.41 -1.51
CA ALA A 63 7.32 -8.68 -2.63
C ALA A 63 5.82 -8.49 -2.42
N THR A 64 5.47 -7.90 -1.28
CA THR A 64 4.08 -7.66 -0.95
C THR A 64 3.94 -6.39 -0.10
N VAL A 65 2.77 -5.79 -0.18
CA VAL A 65 2.49 -4.58 0.56
C VAL A 65 1.33 -4.82 1.52
N THR A 66 1.68 -5.06 2.78
CA THR A 66 0.67 -5.31 3.79
C THR A 66 0.63 -4.15 4.79
N VAL A 67 -0.53 -3.54 4.89
CA VAL A 67 -0.72 -2.42 5.80
C VAL A 67 -1.08 -2.95 7.18
N ILE A 68 -0.09 -2.96 8.05
CA ILE A 68 -0.28 -3.44 9.41
C ILE A 68 -0.60 -2.26 10.33
N SER A 69 -1.34 -2.54 11.38
CA SER A 69 -1.72 -1.51 12.34
C SER A 69 -0.48 -1.00 13.07
N GLU A 70 -0.66 0.10 13.78
CA GLU A 70 0.44 0.70 14.52
C GLU A 70 0.53 0.09 15.91
N LYS A 71 -0.61 0.02 16.58
CA LYS A 71 -0.68 -0.54 17.91
C LYS A 71 -0.94 -2.04 17.82
N ASN A 72 -0.13 -2.70 17.01
CA ASN A 72 -0.26 -4.14 16.82
C ASN A 72 0.52 -4.56 15.58
N GLU A 73 1.06 -5.77 15.65
CA GLU A 73 1.84 -6.30 14.54
C GLU A 73 1.26 -7.64 14.07
N GLU A 74 0.09 -7.55 13.45
CA GLU A 74 -0.58 -8.74 12.95
C GLU A 74 -1.92 -8.35 12.32
N GLU A 75 -2.56 -7.35 12.91
CA GLU A 75 -3.84 -6.88 12.42
C GLU A 75 -3.68 -6.25 11.04
N VAL A 76 -3.38 -7.09 10.07
CA VAL A 76 -3.19 -6.62 8.70
C VAL A 76 -4.45 -5.90 8.25
N LEU A 77 -4.32 -4.59 8.10
CA LEU A 77 -5.44 -3.77 7.67
C LEU A 77 -5.73 -4.04 6.20
N VAL A 78 -4.66 -4.01 5.41
CA VAL A 78 -4.79 -4.24 3.97
C VAL A 78 -3.57 -5.04 3.49
N GLU A 79 -3.84 -5.96 2.57
CA GLU A 79 -2.79 -6.79 2.02
C GLU A 79 -2.75 -6.66 0.50
N CYS A 80 -1.64 -6.11 0.02
CA CYS A 80 -1.46 -5.92 -1.42
C CYS A 80 -0.23 -6.72 -1.85
N ARG A 81 -0.28 -7.20 -3.08
CA ARG A 81 0.81 -7.97 -3.64
C ARG A 81 1.35 -7.30 -4.90
N VAL A 82 2.67 -7.19 -4.95
CA VAL A 82 3.33 -6.57 -6.09
C VAL A 82 2.95 -7.33 -7.36
N ARG A 83 2.51 -8.56 -7.17
CA ARG A 83 2.11 -9.41 -8.29
C ARG A 83 0.70 -9.02 -8.77
N PHE A 84 -0.08 -8.50 -7.83
CA PHE A 84 -1.44 -8.09 -8.14
C PHE A 84 -1.51 -6.59 -8.41
N LEU A 85 -0.53 -5.87 -7.88
CA LEU A 85 -0.47 -4.43 -8.06
C LEU A 85 -0.68 -4.09 -9.54
N SER A 86 -1.02 -2.83 -9.77
CA SER A 86 -1.25 -2.38 -11.14
C SER A 86 -0.38 -1.15 -11.42
N PHE A 87 -0.33 -0.25 -10.45
CA PHE A 87 0.45 0.96 -10.59
C PHE A 87 0.40 1.80 -9.31
N MET A 88 1.19 2.86 -9.31
CA MET A 88 1.25 3.74 -8.15
C MET A 88 2.01 5.03 -8.49
N GLY A 89 2.47 5.69 -7.43
CA GLY A 89 3.21 6.93 -7.60
C GLY A 89 3.01 7.86 -6.40
N VAL A 90 3.98 8.74 -6.20
CA VAL A 90 3.91 9.68 -5.09
C VAL A 90 3.06 10.88 -5.49
N GLY A 91 1.98 11.05 -4.75
CA GLY A 91 1.07 12.16 -5.02
C GLY A 91 1.82 13.48 -5.14
N LYS A 92 1.07 14.53 -5.42
CA LYS A 92 1.66 15.86 -5.56
C LYS A 92 2.74 16.05 -4.51
N ASP A 93 2.37 15.79 -3.27
CA ASP A 93 3.29 15.93 -2.15
C ASP A 93 4.14 14.66 -2.05
N VAL A 94 5.29 14.81 -1.39
CA VAL A 94 6.20 13.69 -1.21
C VAL A 94 5.76 12.88 0.02
N HIS A 95 4.84 13.47 0.78
CA HIS A 95 4.34 12.81 1.98
C HIS A 95 3.05 12.05 1.63
N THR A 96 2.83 11.87 0.34
CA THR A 96 1.65 11.16 -0.12
C THR A 96 2.04 9.98 -1.00
N PHE A 97 1.27 8.91 -0.89
CA PHE A 97 1.54 7.71 -1.66
C PHE A 97 0.26 6.89 -1.85
N ALA A 98 0.16 6.26 -3.01
CA ALA A 98 -0.99 5.44 -3.33
C ALA A 98 -0.67 4.54 -4.52
N PHE A 99 -1.33 3.39 -4.55
CA PHE A 99 -1.12 2.44 -5.62
C PHE A 99 -2.42 1.70 -5.96
N ILE A 100 -2.58 1.41 -7.24
CA ILE A 100 -3.76 0.71 -7.72
C ILE A 100 -3.53 -0.80 -7.64
N MET A 101 -4.45 -1.48 -6.97
CA MET A 101 -4.35 -2.92 -6.81
C MET A 101 -5.68 -3.58 -7.16
N ASP A 102 -5.61 -4.89 -7.38
CA ASP A 102 -6.79 -5.67 -7.72
C ASP A 102 -7.26 -6.43 -6.49
N THR A 103 -8.58 -6.53 -6.36
CA THR A 103 -9.16 -7.24 -5.24
C THR A 103 -10.36 -8.06 -5.69
N GLY A 104 -10.42 -8.29 -7.00
CA GLY A 104 -11.51 -9.06 -7.58
C GLY A 104 -11.34 -9.21 -9.08
N ASN A 105 -12.47 -9.22 -9.78
CA ASN A 105 -12.45 -9.35 -11.23
C ASN A 105 -12.65 -7.96 -11.87
N GLN A 106 -11.68 -7.58 -12.68
CA GLN A 106 -11.74 -6.30 -13.36
C GLN A 106 -11.93 -5.17 -12.34
N ARG A 107 -11.62 -5.48 -11.09
CA ARG A 107 -11.76 -4.52 -10.01
C ARG A 107 -10.37 -3.99 -9.61
N PHE A 108 -10.34 -2.70 -9.29
CA PHE A 108 -9.10 -2.07 -8.88
C PHE A 108 -9.34 -1.11 -7.70
N GLU A 109 -8.46 -1.21 -6.72
CA GLU A 109 -8.55 -0.37 -5.54
C GLU A 109 -7.25 0.41 -5.33
N CYS A 110 -7.39 1.68 -4.99
CA CYS A 110 -6.24 2.53 -4.76
C CYS A 110 -6.20 2.88 -3.27
N HIS A 111 -5.12 2.48 -2.63
CA HIS A 111 -4.94 2.74 -1.22
C HIS A 111 -4.03 3.95 -1.03
N VAL A 112 -4.63 5.03 -0.56
CA VAL A 112 -3.89 6.27 -0.33
C VAL A 112 -3.28 6.24 1.07
N PHE A 113 -2.06 6.77 1.16
CA PHE A 113 -1.37 6.82 2.43
C PHE A 113 -0.49 8.07 2.55
N TRP A 114 -0.03 8.33 3.76
CA TRP A 114 0.82 9.48 4.00
C TRP A 114 2.11 9.00 4.67
N CYS A 115 3.21 9.18 3.96
CA CYS A 115 4.50 8.77 4.48
C CYS A 115 5.30 10.02 4.82
N GLU A 116 6.30 9.83 5.68
CA GLU A 116 7.14 10.93 6.10
C GLU A 116 8.58 10.46 6.29
N PRO A 117 9.54 11.38 5.98
CA PRO A 117 9.17 12.71 5.51
C PRO A 117 8.69 12.67 4.06
N ASN A 118 8.94 11.53 3.42
CA ASN A 118 8.54 11.36 2.03
C ASN A 118 8.26 9.88 1.77
N ALA A 119 7.43 9.63 0.77
CA ALA A 119 7.08 8.28 0.41
C ALA A 119 8.04 7.77 -0.67
N ALA A 120 9.23 8.35 -0.67
CA ALA A 120 10.24 7.96 -1.65
C ALA A 120 10.64 6.50 -1.41
N ASN A 121 11.15 6.23 -0.22
CA ASN A 121 11.56 4.89 0.14
C ASN A 121 10.33 3.99 0.22
N VAL A 122 9.28 4.53 0.81
CA VAL A 122 8.04 3.78 0.96
C VAL A 122 7.54 3.34 -0.42
N SER A 123 7.82 4.19 -1.41
CA SER A 123 7.41 3.89 -2.77
C SER A 123 8.48 3.04 -3.47
N GLU A 124 9.73 3.32 -3.13
CA GLU A 124 10.84 2.60 -3.72
C GLU A 124 10.86 1.16 -3.20
N ALA A 125 10.71 1.03 -1.90
CA ALA A 125 10.72 -0.29 -1.28
C ALA A 125 9.62 -1.15 -1.90
N VAL A 126 8.51 -0.50 -2.22
CA VAL A 126 7.39 -1.18 -2.83
C VAL A 126 7.70 -1.47 -4.30
N GLN A 127 8.17 -0.44 -4.98
CA GLN A 127 8.51 -0.56 -6.39
C GLN A 127 9.59 -1.62 -6.58
N ALA A 128 10.68 -1.46 -5.84
CA ALA A 128 11.78 -2.39 -5.92
C ALA A 128 11.24 -3.82 -5.98
N ALA A 129 10.12 -4.03 -5.30
CA ALA A 129 9.50 -5.33 -5.27
C ALA A 129 8.78 -5.58 -6.60
N CYS A 130 7.98 -4.60 -7.00
CA CYS A 130 7.24 -4.69 -8.24
C CYS A 130 8.23 -5.02 -9.37
N SER A 131 9.21 -4.14 -9.53
CA SER A 131 10.22 -4.33 -10.55
C SER A 131 9.57 -4.82 -11.85
N GLY A 132 9.19 -3.88 -12.69
CA GLY A 132 8.55 -4.20 -13.95
C GLY A 132 8.66 -3.04 -14.93
N PRO A 133 7.73 -2.06 -14.78
CA PRO A 133 7.70 -0.90 -15.64
C PRO A 133 8.83 0.07 -15.28
N SER A 134 10.05 -0.42 -15.36
CA SER A 134 11.21 0.39 -15.04
C SER A 134 11.67 1.15 -16.29
N SER A 135 12.04 0.38 -17.30
CA SER A 135 12.51 0.96 -18.55
C SER A 135 11.32 1.48 -19.36
N GLY A 136 11.50 2.65 -19.96
CA GLY A 136 10.45 3.25 -20.76
C GLY A 136 10.93 3.47 -22.19
N GLY A 1 -19.73 -21.76 12.87
CA GLY A 1 -18.68 -22.69 13.25
C GLY A 1 -17.58 -21.99 14.02
N SER A 2 -16.44 -22.67 14.12
CA SER A 2 -15.30 -22.12 14.83
C SER A 2 -14.00 -22.66 14.23
N SER A 3 -13.02 -21.77 14.09
CA SER A 3 -11.73 -22.14 13.53
C SER A 3 -10.63 -21.90 14.56
N GLY A 4 -9.55 -22.65 14.40
CA GLY A 4 -8.42 -22.53 15.30
C GLY A 4 -7.91 -21.09 15.36
N SER A 5 -6.70 -20.94 15.88
CA SER A 5 -6.08 -19.63 15.99
C SER A 5 -4.90 -19.53 15.04
N SER A 6 -5.08 -18.73 14.00
CA SER A 6 -4.04 -18.52 13.01
C SER A 6 -2.69 -18.25 13.71
N GLY A 7 -1.66 -18.90 13.21
CA GLY A 7 -0.33 -18.73 13.77
C GLY A 7 0.20 -17.32 13.53
N PRO A 8 1.35 -17.02 14.18
CA PRO A 8 1.96 -15.71 14.05
C PRO A 8 2.65 -15.56 12.68
N THR A 9 3.33 -14.44 12.51
CA THR A 9 4.04 -14.17 11.27
C THR A 9 5.43 -14.80 11.30
N PRO A 10 5.92 -15.18 10.08
CA PRO A 10 7.23 -15.79 9.97
C PRO A 10 8.34 -14.75 10.14
N LYS A 11 9.57 -15.24 10.09
CA LYS A 11 10.72 -14.37 10.25
C LYS A 11 11.72 -14.65 9.11
N THR A 12 11.22 -14.53 7.89
CA THR A 12 12.05 -14.76 6.71
C THR A 12 12.24 -13.45 5.92
N GLU A 13 13.46 -13.25 5.47
CA GLU A 13 13.77 -12.06 4.70
C GLU A 13 13.49 -10.80 5.52
N LEU A 14 14.20 -9.74 5.18
CA LEU A 14 14.02 -8.47 5.89
C LEU A 14 12.68 -7.86 5.50
N VAL A 15 12.16 -7.04 6.40
CA VAL A 15 10.88 -6.40 6.18
C VAL A 15 11.04 -4.88 6.40
N GLN A 16 10.31 -4.12 5.60
CA GLN A 16 10.35 -2.67 5.71
C GLN A 16 9.01 -2.13 6.20
N LYS A 17 9.00 -1.66 7.43
CA LYS A 17 7.79 -1.11 8.03
C LYS A 17 7.94 0.40 8.15
N PHE A 18 6.95 1.10 7.60
CA PHE A 18 6.95 2.56 7.65
C PHE A 18 5.61 3.08 8.17
N ARG A 19 5.69 3.79 9.29
CA ARG A 19 4.50 4.36 9.90
C ARG A 19 3.89 5.42 8.99
N VAL A 20 2.83 5.02 8.30
CA VAL A 20 2.14 5.93 7.39
C VAL A 20 0.66 6.02 7.79
N GLN A 21 0.05 7.12 7.40
CA GLN A 21 -1.35 7.35 7.70
C GLN A 21 -2.23 6.79 6.58
N TYR A 22 -3.40 6.30 6.97
CA TYR A 22 -4.34 5.74 6.02
C TYR A 22 -5.44 6.75 5.66
N LEU A 23 -5.40 7.19 4.41
CA LEU A 23 -6.38 8.16 3.94
C LEU A 23 -7.70 7.44 3.66
N GLY A 24 -7.59 6.28 3.01
CA GLY A 24 -8.76 5.49 2.68
C GLY A 24 -8.67 4.93 1.26
N MET A 25 -9.45 3.90 1.00
CA MET A 25 -9.46 3.27 -0.31
C MET A 25 -10.46 3.95 -1.24
N LEU A 26 -10.00 4.26 -2.44
CA LEU A 26 -10.84 4.92 -3.42
C LEU A 26 -10.81 4.12 -4.72
N PRO A 27 -12.02 3.78 -5.24
CA PRO A 27 -12.14 3.02 -6.47
C PRO A 27 -11.84 3.91 -7.68
N VAL A 28 -11.28 3.29 -8.71
CA VAL A 28 -10.94 4.00 -9.92
C VAL A 28 -11.33 3.15 -11.14
N ASP A 29 -11.23 3.77 -12.31
CA ASP A 29 -11.56 3.08 -13.54
C ASP A 29 -10.29 2.45 -14.14
N ARG A 30 -9.34 3.32 -14.45
CA ARG A 30 -8.08 2.87 -15.01
C ARG A 30 -7.22 2.21 -13.94
N PRO A 31 -6.65 1.03 -14.31
CA PRO A 31 -5.80 0.29 -13.39
C PRO A 31 -4.43 0.94 -13.26
N VAL A 32 -4.16 1.88 -14.15
CA VAL A 32 -2.90 2.60 -14.14
C VAL A 32 -3.16 4.08 -14.39
N GLY A 33 -2.06 4.81 -14.57
CA GLY A 33 -2.15 6.24 -14.82
C GLY A 33 -1.86 7.04 -13.54
N MET A 34 -1.44 8.29 -13.74
CA MET A 34 -1.11 9.15 -12.63
C MET A 34 -2.28 10.08 -12.30
N ASP A 35 -2.83 10.67 -13.35
CA ASP A 35 -3.95 11.59 -13.19
C ASP A 35 -4.98 10.98 -12.23
N THR A 36 -5.48 9.82 -12.62
CA THR A 36 -6.46 9.13 -11.81
C THR A 36 -5.93 8.91 -10.39
N LEU A 37 -4.66 8.53 -10.32
CA LEU A 37 -4.03 8.29 -9.03
C LEU A 37 -4.21 9.52 -8.14
N ASN A 38 -3.55 10.60 -8.53
CA ASN A 38 -3.63 11.84 -7.79
C ASN A 38 -5.10 12.21 -7.57
N SER A 39 -5.87 12.10 -8.66
CA SER A 39 -7.29 12.42 -8.60
C SER A 39 -7.92 11.77 -7.37
N ALA A 40 -7.53 10.53 -7.13
CA ALA A 40 -8.05 9.80 -5.98
C ALA A 40 -7.61 10.49 -4.69
N ILE A 41 -6.29 10.60 -4.53
CA ILE A 41 -5.74 11.23 -3.35
C ILE A 41 -6.46 12.56 -3.09
N GLU A 42 -6.43 13.41 -4.09
CA GLU A 42 -7.08 14.71 -4.00
C GLU A 42 -8.48 14.56 -3.39
N ASN A 43 -9.20 13.56 -3.87
CA ASN A 43 -10.53 13.29 -3.39
C ASN A 43 -10.49 13.03 -1.88
N LEU A 44 -9.73 12.01 -1.52
CA LEU A 44 -9.59 11.64 -0.12
C LEU A 44 -9.13 12.86 0.68
N MET A 45 -8.17 13.57 0.12
CA MET A 45 -7.64 14.76 0.76
C MET A 45 -8.76 15.73 1.14
N THR A 46 -9.48 16.18 0.11
CA THR A 46 -10.58 17.11 0.32
C THR A 46 -11.81 16.37 0.83
N SER A 47 -11.65 15.74 1.99
CA SER A 47 -12.74 15.00 2.59
C SER A 47 -12.44 14.76 4.07
N SER A 48 -11.43 13.95 4.32
CA SER A 48 -11.04 13.62 5.68
C SER A 48 -9.82 14.46 6.08
N SER A 49 -9.70 14.68 7.39
CA SER A 49 -8.60 15.46 7.92
C SER A 49 -7.31 14.64 7.85
N LYS A 50 -6.21 15.30 8.18
CA LYS A 50 -4.90 14.66 8.17
C LYS A 50 -4.79 13.71 9.37
N GLU A 51 -5.11 14.25 10.54
CA GLU A 51 -5.04 13.46 11.76
C GLU A 51 -6.07 12.33 11.71
N ASP A 52 -7.22 12.64 11.12
CA ASP A 52 -8.28 11.66 11.00
C ASP A 52 -7.71 10.35 10.45
N TRP A 53 -6.59 10.47 9.76
CA TRP A 53 -5.93 9.31 9.19
C TRP A 53 -5.20 8.57 10.31
N PRO A 54 -5.54 7.25 10.43
CA PRO A 54 -4.94 6.42 11.46
C PRO A 54 -3.50 6.07 11.10
N SER A 55 -2.62 6.16 12.09
CA SER A 55 -1.22 5.86 11.89
C SER A 55 -1.02 4.34 11.77
N VAL A 56 -0.85 3.91 10.53
CA VAL A 56 -0.66 2.49 10.25
C VAL A 56 0.77 2.26 9.77
N ASN A 57 1.16 0.99 9.74
CA ASN A 57 2.49 0.62 9.30
C ASN A 57 2.40 -0.13 7.97
N MET A 58 3.33 0.20 7.08
CA MET A 58 3.37 -0.43 5.77
C MET A 58 4.44 -1.51 5.72
N ASN A 59 3.99 -2.76 5.79
CA ASN A 59 4.91 -3.89 5.75
C ASN A 59 5.29 -4.18 4.29
N VAL A 60 6.57 -4.45 4.09
CA VAL A 60 7.08 -4.75 2.77
C VAL A 60 8.01 -5.96 2.84
N ALA A 61 7.58 -7.03 2.20
CA ALA A 61 8.35 -8.26 2.17
C ALA A 61 7.71 -9.25 1.21
N ASP A 62 8.43 -10.33 0.95
CA ASP A 62 7.94 -11.36 0.05
C ASP A 62 7.23 -10.70 -1.14
N ALA A 63 7.79 -9.60 -1.58
CA ALA A 63 7.23 -8.86 -2.70
C ALA A 63 5.73 -8.63 -2.45
N THR A 64 5.43 -8.10 -1.27
CA THR A 64 4.05 -7.83 -0.91
C THR A 64 3.96 -6.57 -0.05
N VAL A 65 2.80 -5.94 -0.09
CA VAL A 65 2.57 -4.73 0.66
C VAL A 65 1.38 -4.93 1.61
N THR A 66 1.72 -5.15 2.87
CA THR A 66 0.70 -5.36 3.89
C THR A 66 0.65 -4.18 4.86
N VAL A 67 -0.56 -3.68 5.06
CA VAL A 67 -0.75 -2.55 5.96
C VAL A 67 -1.08 -3.06 7.36
N ILE A 68 -0.09 -2.98 8.23
CA ILE A 68 -0.25 -3.44 9.60
C ILE A 68 -0.52 -2.23 10.51
N SER A 69 -1.21 -2.50 11.60
CA SER A 69 -1.54 -1.44 12.55
C SER A 69 -0.26 -0.96 13.25
N GLU A 70 -0.42 0.10 14.04
CA GLU A 70 0.70 0.66 14.76
C GLU A 70 0.99 -0.16 16.02
N LYS A 71 -0.07 -0.54 16.70
CA LYS A 71 0.05 -1.33 17.92
C LYS A 71 0.28 -2.80 17.54
N ASN A 72 -0.84 -3.50 17.36
CA ASN A 72 -0.78 -4.91 17.02
C ASN A 72 0.15 -5.10 15.81
N GLU A 73 0.77 -6.26 15.75
CA GLU A 73 1.69 -6.57 14.67
C GLU A 73 1.07 -7.63 13.74
N GLU A 74 0.08 -8.33 14.27
CA GLU A 74 -0.60 -9.37 13.52
C GLU A 74 -1.82 -8.79 12.80
N GLU A 75 -2.24 -7.62 13.26
CA GLU A 75 -3.39 -6.95 12.67
C GLU A 75 -3.02 -6.37 11.31
N VAL A 76 -3.49 -7.03 10.27
CA VAL A 76 -3.22 -6.58 8.91
C VAL A 76 -4.47 -5.90 8.34
N LEU A 77 -4.47 -4.58 8.41
CA LEU A 77 -5.59 -3.80 7.90
C LEU A 77 -5.81 -4.13 6.43
N VAL A 78 -4.73 -4.02 5.66
CA VAL A 78 -4.79 -4.30 4.24
C VAL A 78 -3.60 -5.17 3.84
N GLU A 79 -3.82 -6.01 2.84
CA GLU A 79 -2.78 -6.90 2.37
C GLU A 79 -2.73 -6.88 0.83
N CYS A 80 -1.82 -6.07 0.32
CA CYS A 80 -1.66 -5.96 -1.13
C CYS A 80 -0.39 -6.71 -1.53
N ARG A 81 -0.41 -7.21 -2.75
CA ARG A 81 0.73 -7.96 -3.27
C ARG A 81 1.24 -7.31 -4.57
N VAL A 82 2.55 -7.17 -4.63
CA VAL A 82 3.18 -6.57 -5.80
C VAL A 82 2.84 -7.40 -7.04
N ARG A 83 2.37 -8.61 -6.79
CA ARG A 83 2.01 -9.51 -7.86
C ARG A 83 0.60 -9.20 -8.36
N PHE A 84 -0.17 -8.54 -7.49
CA PHE A 84 -1.54 -8.18 -7.83
C PHE A 84 -1.65 -6.68 -8.11
N LEU A 85 -0.58 -5.97 -7.81
CA LEU A 85 -0.55 -4.54 -8.02
C LEU A 85 -0.69 -4.24 -9.52
N SER A 86 -0.98 -2.98 -9.82
CA SER A 86 -1.13 -2.57 -11.20
C SER A 86 -0.25 -1.34 -11.48
N PHE A 87 -0.27 -0.41 -10.54
CA PHE A 87 0.52 0.80 -10.66
C PHE A 87 0.45 1.64 -9.39
N MET A 88 1.26 2.69 -9.36
CA MET A 88 1.30 3.57 -8.21
C MET A 88 2.11 4.83 -8.52
N GLY A 89 2.57 5.47 -7.45
CA GLY A 89 3.36 6.69 -7.60
C GLY A 89 3.07 7.66 -6.45
N VAL A 90 3.95 8.65 -6.33
CA VAL A 90 3.80 9.65 -5.29
C VAL A 90 2.87 10.76 -5.78
N GLY A 91 1.82 10.99 -5.00
CA GLY A 91 0.85 12.02 -5.34
C GLY A 91 1.53 13.37 -5.54
N LYS A 92 0.71 14.40 -5.76
CA LYS A 92 1.21 15.74 -5.96
C LYS A 92 2.32 16.02 -4.95
N ASP A 93 2.00 15.78 -3.69
CA ASP A 93 2.94 16.00 -2.61
C ASP A 93 3.89 14.81 -2.51
N VAL A 94 5.02 15.03 -1.86
CA VAL A 94 6.00 13.98 -1.68
C VAL A 94 5.65 13.14 -0.45
N HIS A 95 4.72 13.67 0.33
CA HIS A 95 4.27 12.99 1.53
C HIS A 95 2.99 12.20 1.23
N THR A 96 2.78 11.94 -0.05
CA THR A 96 1.60 11.21 -0.48
C THR A 96 2.00 10.00 -1.33
N PHE A 97 1.37 8.88 -1.04
CA PHE A 97 1.64 7.65 -1.78
C PHE A 97 0.38 6.81 -1.94
N ALA A 98 0.18 6.32 -3.15
CA ALA A 98 -0.98 5.51 -3.45
C ALA A 98 -0.65 4.55 -4.60
N PHE A 99 -1.39 3.45 -4.65
CA PHE A 99 -1.17 2.46 -5.69
C PHE A 99 -2.50 1.76 -6.06
N ILE A 100 -2.58 1.36 -7.31
CA ILE A 100 -3.77 0.68 -7.80
C ILE A 100 -3.59 -0.83 -7.65
N MET A 101 -4.56 -1.45 -7.00
CA MET A 101 -4.51 -2.89 -6.79
C MET A 101 -5.67 -3.58 -7.51
N ASP A 102 -5.55 -4.90 -7.63
CA ASP A 102 -6.57 -5.69 -8.30
C ASP A 102 -7.05 -6.80 -7.36
N THR A 103 -8.34 -6.76 -7.07
CA THR A 103 -8.94 -7.75 -6.19
C THR A 103 -9.79 -8.75 -6.99
N GLY A 104 -9.86 -8.50 -8.29
CA GLY A 104 -10.62 -9.36 -9.18
C GLY A 104 -11.63 -8.54 -9.99
N ASN A 105 -12.06 -9.13 -11.10
CA ASN A 105 -13.02 -8.47 -11.97
C ASN A 105 -12.41 -7.16 -12.49
N GLN A 106 -13.23 -6.42 -13.22
CA GLN A 106 -12.80 -5.15 -13.78
C GLN A 106 -12.88 -4.05 -12.73
N ARG A 107 -12.33 -4.34 -11.56
CA ARG A 107 -12.34 -3.39 -10.46
C ARG A 107 -10.94 -3.21 -9.90
N PHE A 108 -10.62 -1.98 -9.54
CA PHE A 108 -9.32 -1.66 -8.99
C PHE A 108 -9.43 -0.69 -7.81
N GLU A 109 -8.73 -1.02 -6.74
CA GLU A 109 -8.74 -0.19 -5.55
C GLU A 109 -7.43 0.58 -5.42
N CYS A 110 -7.56 1.85 -5.07
CA CYS A 110 -6.40 2.70 -4.90
C CYS A 110 -6.30 3.11 -3.43
N HIS A 111 -5.29 2.57 -2.77
CA HIS A 111 -5.07 2.86 -1.36
C HIS A 111 -4.13 4.07 -1.23
N VAL A 112 -4.65 5.11 -0.61
CA VAL A 112 -3.87 6.33 -0.41
C VAL A 112 -3.25 6.30 0.98
N PHE A 113 -2.03 6.83 1.06
CA PHE A 113 -1.31 6.86 2.33
C PHE A 113 -0.43 8.12 2.41
N TRP A 114 0.07 8.37 3.61
CA TRP A 114 0.92 9.52 3.84
C TRP A 114 2.25 9.02 4.40
N CYS A 115 3.31 9.25 3.63
CA CYS A 115 4.64 8.83 4.04
C CYS A 115 5.47 10.08 4.32
N GLU A 116 6.26 10.01 5.39
CA GLU A 116 7.11 11.12 5.78
C GLU A 116 8.57 10.66 5.87
N PRO A 117 9.48 11.57 5.44
CA PRO A 117 9.06 12.88 4.94
C PRO A 117 8.48 12.77 3.54
N ASN A 118 9.13 11.97 2.72
CA ASN A 118 8.69 11.76 1.35
C ASN A 118 8.38 10.27 1.13
N ALA A 119 7.54 10.02 0.13
CA ALA A 119 7.17 8.65 -0.19
C ALA A 119 8.17 8.08 -1.20
N ALA A 120 9.43 8.44 -1.01
CA ALA A 120 10.48 7.96 -1.90
C ALA A 120 10.94 6.57 -1.45
N ASN A 121 11.35 6.49 -0.19
CA ASN A 121 11.81 5.24 0.37
C ASN A 121 10.69 4.20 0.27
N VAL A 122 9.51 4.60 0.72
CA VAL A 122 8.36 3.71 0.69
C VAL A 122 8.09 3.29 -0.75
N SER A 123 7.64 4.25 -1.54
CA SER A 123 7.33 4.00 -2.94
C SER A 123 8.47 3.20 -3.58
N GLU A 124 9.65 3.34 -3.00
CA GLU A 124 10.82 2.64 -3.51
C GLU A 124 10.84 1.21 -2.98
N ALA A 125 10.54 1.07 -1.70
CA ALA A 125 10.52 -0.24 -1.08
C ALA A 125 9.38 -1.07 -1.67
N VAL A 126 8.50 -0.39 -2.39
CA VAL A 126 7.36 -1.04 -3.00
C VAL A 126 7.71 -1.38 -4.45
N GLN A 127 8.12 -0.36 -5.19
CA GLN A 127 8.49 -0.55 -6.59
C GLN A 127 9.54 -1.64 -6.72
N ALA A 128 10.58 -1.53 -5.91
CA ALA A 128 11.65 -2.50 -5.92
C ALA A 128 11.12 -3.86 -5.48
N ALA A 129 9.92 -3.83 -4.92
CA ALA A 129 9.29 -5.05 -4.44
C ALA A 129 8.53 -5.72 -5.59
N CYS A 130 8.14 -4.91 -6.55
CA CYS A 130 7.42 -5.40 -7.71
C CYS A 130 8.43 -5.99 -8.70
N SER A 131 9.46 -5.19 -8.98
CA SER A 131 10.50 -5.62 -9.91
C SER A 131 11.26 -6.80 -9.32
N GLY A 132 11.70 -6.63 -8.08
CA GLY A 132 12.45 -7.67 -7.39
C GLY A 132 13.90 -7.26 -7.16
N PRO A 133 14.77 -8.28 -6.98
CA PRO A 133 16.19 -8.02 -6.75
C PRO A 133 16.89 -7.61 -8.05
N SER A 134 17.93 -6.80 -7.88
CA SER A 134 18.68 -6.33 -9.03
C SER A 134 17.78 -5.53 -9.96
N SER A 135 17.71 -4.23 -9.70
CA SER A 135 16.88 -3.35 -10.51
C SER A 135 17.71 -2.16 -11.01
N GLY A 136 17.39 -1.72 -12.21
CA GLY A 136 18.10 -0.59 -12.80
C GLY A 136 17.48 -0.21 -14.16
N GLY A 1 -15.98 -16.40 5.08
CA GLY A 1 -15.80 -16.41 6.52
C GLY A 1 -14.31 -16.45 6.89
N SER A 2 -14.03 -16.04 8.12
CA SER A 2 -12.66 -16.03 8.60
C SER A 2 -12.64 -16.32 10.11
N SER A 3 -12.39 -17.57 10.44
CA SER A 3 -12.34 -17.98 11.83
C SER A 3 -10.95 -18.51 12.17
N GLY A 4 -10.52 -19.51 11.41
CA GLY A 4 -9.22 -20.11 11.62
C GLY A 4 -8.62 -20.59 10.29
N SER A 5 -7.34 -20.29 10.11
CA SER A 5 -6.64 -20.68 8.90
C SER A 5 -5.13 -20.73 9.16
N SER A 6 -4.53 -21.83 8.74
CA SER A 6 -3.10 -22.02 8.91
C SER A 6 -2.39 -21.96 7.56
N GLY A 7 -1.15 -21.49 7.60
CA GLY A 7 -0.36 -21.36 6.40
C GLY A 7 1.12 -21.14 6.72
N PRO A 8 1.77 -22.21 7.26
CA PRO A 8 3.17 -22.13 7.62
C PRO A 8 4.06 -22.16 6.38
N THR A 9 4.77 -21.07 6.17
CA THR A 9 5.66 -20.95 5.04
C THR A 9 6.96 -20.26 5.44
N PRO A 10 8.08 -20.71 4.80
CA PRO A 10 9.39 -20.14 5.08
C PRO A 10 9.54 -18.75 4.44
N LYS A 11 10.26 -17.89 5.14
CA LYS A 11 10.48 -16.54 4.66
C LYS A 11 11.93 -16.15 4.92
N THR A 12 12.52 -15.48 3.93
CA THR A 12 13.90 -15.04 4.03
C THR A 12 14.14 -13.82 3.14
N GLU A 13 13.48 -12.73 3.47
CA GLU A 13 13.62 -11.51 2.70
C GLU A 13 13.44 -10.28 3.61
N LEU A 14 14.47 -9.44 3.63
CA LEU A 14 14.44 -8.24 4.45
C LEU A 14 13.24 -7.38 4.03
N VAL A 15 12.46 -6.99 5.02
CA VAL A 15 11.29 -6.17 4.78
C VAL A 15 11.49 -4.80 5.43
N GLN A 16 10.67 -3.85 5.00
CA GLN A 16 10.74 -2.50 5.53
C GLN A 16 9.36 -2.04 6.00
N LYS A 17 9.26 -1.84 7.32
CA LYS A 17 8.01 -1.41 7.90
C LYS A 17 8.02 0.11 8.03
N PHE A 18 7.04 0.73 7.39
CA PHE A 18 6.92 2.19 7.42
C PHE A 18 5.59 2.62 8.03
N ARG A 19 5.68 3.49 9.03
CA ARG A 19 4.49 3.99 9.70
C ARG A 19 3.89 5.16 8.92
N VAL A 20 2.82 4.85 8.20
CA VAL A 20 2.15 5.86 7.40
C VAL A 20 0.66 5.91 7.80
N GLN A 21 0.01 6.99 7.41
CA GLN A 21 -1.39 7.17 7.71
C GLN A 21 -2.26 6.64 6.57
N TYR A 22 -3.40 6.08 6.95
CA TYR A 22 -4.32 5.52 5.97
C TYR A 22 -5.41 6.53 5.60
N LEU A 23 -5.22 7.17 4.46
CA LEU A 23 -6.18 8.15 3.98
C LEU A 23 -7.53 7.47 3.74
N GLY A 24 -7.47 6.35 3.03
CA GLY A 24 -8.68 5.60 2.72
C GLY A 24 -8.56 4.91 1.36
N MET A 25 -9.43 3.92 1.15
CA MET A 25 -9.43 3.19 -0.09
C MET A 25 -10.45 3.77 -1.07
N LEU A 26 -9.92 4.28 -2.19
CA LEU A 26 -10.77 4.87 -3.21
C LEU A 26 -10.64 4.06 -4.49
N PRO A 27 -11.82 3.64 -5.03
CA PRO A 27 -11.86 2.86 -6.25
C PRO A 27 -11.57 3.74 -7.48
N VAL A 28 -11.12 3.10 -8.54
CA VAL A 28 -10.81 3.81 -9.77
C VAL A 28 -11.31 2.99 -10.96
N ASP A 29 -11.02 3.51 -12.15
CA ASP A 29 -11.42 2.84 -13.38
C ASP A 29 -10.20 2.23 -14.05
N ARG A 30 -9.25 3.10 -14.38
CA ARG A 30 -8.03 2.67 -15.03
C ARG A 30 -7.04 2.14 -13.99
N PRO A 31 -6.39 1.00 -14.35
CA PRO A 31 -5.43 0.37 -13.46
C PRO A 31 -4.11 1.14 -13.46
N VAL A 32 -3.93 1.95 -14.50
CA VAL A 32 -2.73 2.74 -14.63
C VAL A 32 -3.11 4.20 -14.94
N GLY A 33 -2.12 5.08 -14.80
CA GLY A 33 -2.34 6.49 -15.05
C GLY A 33 -2.10 7.31 -13.79
N MET A 34 -1.46 8.46 -13.99
CA MET A 34 -1.16 9.35 -12.88
C MET A 34 -2.35 10.25 -12.56
N ASP A 35 -2.94 10.79 -13.61
CA ASP A 35 -4.09 11.67 -13.45
C ASP A 35 -5.09 11.03 -12.49
N THR A 36 -5.61 9.88 -12.89
CA THR A 36 -6.57 9.16 -12.08
C THR A 36 -6.03 8.98 -10.65
N LEU A 37 -4.75 8.63 -10.58
CA LEU A 37 -4.10 8.43 -9.30
C LEU A 37 -4.27 9.67 -8.44
N ASN A 38 -3.67 10.77 -8.90
CA ASN A 38 -3.75 12.02 -8.18
C ASN A 38 -5.21 12.32 -7.84
N SER A 39 -6.04 12.35 -8.88
CA SER A 39 -7.46 12.63 -8.69
C SER A 39 -7.97 11.90 -7.44
N ALA A 40 -7.64 10.62 -7.36
CA ALA A 40 -8.05 9.80 -6.24
C ALA A 40 -7.54 10.43 -4.94
N ILE A 41 -6.23 10.58 -4.86
CA ILE A 41 -5.61 11.16 -3.69
C ILE A 41 -6.34 12.46 -3.32
N GLU A 42 -6.17 13.46 -4.17
CA GLU A 42 -6.80 14.75 -3.94
C GLU A 42 -8.24 14.55 -3.42
N ASN A 43 -8.91 13.56 -4.00
CA ASN A 43 -10.27 13.27 -3.61
C ASN A 43 -10.33 13.04 -2.10
N LEU A 44 -9.59 12.03 -1.65
CA LEU A 44 -9.55 11.70 -0.24
C LEU A 44 -9.20 12.96 0.56
N MET A 45 -8.02 13.51 0.27
CA MET A 45 -7.56 14.69 0.94
C MET A 45 -8.71 15.68 1.17
N THR A 46 -9.25 16.17 0.07
CA THR A 46 -10.35 17.12 0.13
C THR A 46 -11.64 16.41 0.54
N SER A 47 -11.60 15.80 1.71
CA SER A 47 -12.75 15.07 2.24
C SER A 47 -12.53 14.73 3.71
N SER A 48 -11.54 13.88 3.94
CA SER A 48 -11.21 13.46 5.29
C SER A 48 -10.05 14.30 5.84
N SER A 49 -10.02 14.42 7.16
CA SER A 49 -8.99 15.19 7.82
C SER A 49 -7.66 14.43 7.77
N LYS A 50 -6.61 15.12 8.20
CA LYS A 50 -5.28 14.52 8.20
C LYS A 50 -5.18 13.55 9.38
N GLU A 51 -5.48 14.07 10.56
CA GLU A 51 -5.42 13.27 11.77
C GLU A 51 -6.42 12.11 11.69
N ASP A 52 -7.51 12.37 11.00
CA ASP A 52 -8.55 11.35 10.83
C ASP A 52 -7.92 10.07 10.28
N TRP A 53 -6.77 10.24 9.65
CA TRP A 53 -6.06 9.10 9.07
C TRP A 53 -5.34 8.37 10.21
N PRO A 54 -5.65 7.06 10.32
CA PRO A 54 -5.05 6.24 11.36
C PRO A 54 -3.59 5.89 11.01
N SER A 55 -2.74 5.97 12.02
CA SER A 55 -1.33 5.68 11.82
C SER A 55 -1.13 4.17 11.64
N VAL A 56 -0.94 3.78 10.38
CA VAL A 56 -0.74 2.39 10.05
C VAL A 56 0.70 2.17 9.60
N ASN A 57 1.07 0.90 9.49
CA ASN A 57 2.42 0.55 9.07
C ASN A 57 2.35 -0.20 7.74
N MET A 58 3.32 0.10 6.88
CA MET A 58 3.38 -0.54 5.58
C MET A 58 4.49 -1.59 5.53
N ASN A 59 4.08 -2.84 5.63
CA ASN A 59 5.03 -3.94 5.61
C ASN A 59 5.31 -4.34 4.17
N VAL A 60 6.59 -4.33 3.81
CA VAL A 60 6.99 -4.69 2.46
C VAL A 60 7.91 -5.92 2.51
N ALA A 61 7.29 -7.08 2.33
CA ALA A 61 8.03 -8.33 2.35
C ALA A 61 7.47 -9.28 1.29
N ASP A 62 8.22 -10.33 1.02
CA ASP A 62 7.81 -11.31 0.03
C ASP A 62 7.14 -10.60 -1.14
N ALA A 63 7.77 -9.51 -1.56
CA ALA A 63 7.24 -8.74 -2.67
C ALA A 63 5.74 -8.52 -2.47
N THR A 64 5.39 -8.03 -1.29
CA THR A 64 4.00 -7.77 -0.96
C THR A 64 3.89 -6.52 -0.08
N VAL A 65 2.71 -5.91 -0.14
CA VAL A 65 2.46 -4.71 0.64
C VAL A 65 1.31 -4.98 1.62
N THR A 66 1.68 -5.19 2.87
CA THR A 66 0.70 -5.45 3.91
C THR A 66 0.66 -4.31 4.92
N VAL A 67 -0.50 -3.66 4.99
CA VAL A 67 -0.68 -2.54 5.91
C VAL A 67 -1.06 -3.09 7.29
N ILE A 68 -0.11 -2.99 8.21
CA ILE A 68 -0.33 -3.46 9.56
C ILE A 68 -0.60 -2.26 10.48
N SER A 69 -1.34 -2.53 11.54
CA SER A 69 -1.68 -1.48 12.50
C SER A 69 -0.41 -1.00 13.21
N GLU A 70 -0.56 0.09 13.95
CA GLU A 70 0.55 0.65 14.69
C GLU A 70 0.83 -0.17 15.95
N LYS A 71 -0.23 -0.71 16.51
CA LYS A 71 -0.11 -1.52 17.72
C LYS A 71 0.13 -2.97 17.32
N ASN A 72 -0.95 -3.72 17.23
CA ASN A 72 -0.87 -5.13 16.86
C ASN A 72 0.09 -5.28 15.68
N GLU A 73 0.72 -6.45 15.62
CA GLU A 73 1.66 -6.74 14.55
C GLU A 73 1.06 -7.76 13.59
N GLU A 74 0.00 -8.39 14.03
CA GLU A 74 -0.68 -9.39 13.22
C GLU A 74 -1.88 -8.79 12.51
N GLU A 75 -2.35 -7.67 13.05
CA GLU A 75 -3.49 -6.98 12.47
C GLU A 75 -3.11 -6.36 11.12
N VAL A 76 -3.52 -7.05 10.06
CA VAL A 76 -3.24 -6.58 8.71
C VAL A 76 -4.47 -5.87 8.15
N LEU A 77 -4.48 -4.56 8.32
CA LEU A 77 -5.59 -3.75 7.84
C LEU A 77 -5.83 -4.05 6.36
N VAL A 78 -4.76 -4.01 5.60
CA VAL A 78 -4.83 -4.28 4.17
C VAL A 78 -3.65 -5.17 3.76
N GLU A 79 -3.92 -6.02 2.78
CA GLU A 79 -2.90 -6.94 2.29
C GLU A 79 -2.82 -6.87 0.77
N CYS A 80 -1.90 -6.04 0.28
CA CYS A 80 -1.72 -5.88 -1.15
C CYS A 80 -0.46 -6.65 -1.56
N ARG A 81 -0.47 -7.12 -2.79
CA ARG A 81 0.65 -7.88 -3.32
C ARG A 81 1.16 -7.23 -4.61
N VAL A 82 2.48 -7.13 -4.71
CA VAL A 82 3.10 -6.54 -5.88
C VAL A 82 2.74 -7.36 -7.11
N ARG A 83 2.27 -8.58 -6.86
CA ARG A 83 1.89 -9.47 -7.93
C ARG A 83 0.47 -9.15 -8.42
N PHE A 84 -0.25 -8.42 -7.57
CA PHE A 84 -1.62 -8.04 -7.91
C PHE A 84 -1.72 -6.53 -8.13
N LEU A 85 -0.60 -5.86 -7.94
CA LEU A 85 -0.55 -4.42 -8.13
C LEU A 85 -0.76 -4.08 -9.61
N SER A 86 -1.10 -2.83 -9.85
CA SER A 86 -1.34 -2.38 -11.21
C SER A 86 -0.49 -1.14 -11.50
N PHE A 87 -0.44 -0.25 -10.52
CA PHE A 87 0.34 0.98 -10.66
C PHE A 87 0.32 1.78 -9.36
N MET A 88 1.13 2.83 -9.35
CA MET A 88 1.21 3.69 -8.18
C MET A 88 2.04 4.94 -8.47
N GLY A 89 2.50 5.58 -7.41
CA GLY A 89 3.30 6.78 -7.55
C GLY A 89 3.05 7.74 -6.38
N VAL A 90 3.58 8.95 -6.51
CA VAL A 90 3.42 9.96 -5.48
C VAL A 90 2.76 11.20 -6.08
N GLY A 91 1.55 11.48 -5.62
CA GLY A 91 0.81 12.63 -6.11
C GLY A 91 1.60 13.92 -5.89
N LYS A 92 0.88 15.03 -5.95
CA LYS A 92 1.49 16.33 -5.76
C LYS A 92 2.52 16.25 -4.62
N ASP A 93 2.02 16.47 -3.42
CA ASP A 93 2.88 16.42 -2.24
C ASP A 93 3.68 15.12 -2.25
N VAL A 94 4.91 15.22 -1.77
CA VAL A 94 5.79 14.06 -1.72
C VAL A 94 5.48 13.25 -0.45
N HIS A 95 4.47 13.71 0.27
CA HIS A 95 4.08 13.04 1.50
C HIS A 95 2.81 12.22 1.25
N THR A 96 2.57 11.93 -0.02
CA THR A 96 1.40 11.17 -0.40
C THR A 96 1.81 9.97 -1.26
N PHE A 97 1.21 8.83 -0.97
CA PHE A 97 1.51 7.62 -1.72
C PHE A 97 0.25 6.76 -1.90
N ALA A 98 0.01 6.35 -3.13
CA ALA A 98 -1.14 5.54 -3.45
C ALA A 98 -0.81 4.61 -4.63
N PHE A 99 -1.43 3.45 -4.62
CA PHE A 99 -1.22 2.47 -5.66
C PHE A 99 -2.51 1.74 -6.02
N ILE A 100 -2.65 1.46 -7.31
CA ILE A 100 -3.83 0.77 -7.80
C ILE A 100 -3.61 -0.74 -7.74
N MET A 101 -4.43 -1.40 -6.94
CA MET A 101 -4.33 -2.84 -6.77
C MET A 101 -5.50 -3.55 -7.47
N ASP A 102 -5.33 -4.85 -7.64
CA ASP A 102 -6.36 -5.65 -8.28
C ASP A 102 -6.93 -6.66 -7.27
N THR A 103 -8.25 -6.69 -7.20
CA THR A 103 -8.92 -7.60 -6.29
C THR A 103 -9.80 -8.58 -7.06
N GLY A 104 -10.69 -8.01 -7.86
CA GLY A 104 -11.60 -8.83 -8.66
C GLY A 104 -11.48 -8.49 -10.15
N ASN A 105 -12.57 -8.72 -10.86
CA ASN A 105 -12.60 -8.44 -12.29
C ASN A 105 -12.85 -6.95 -12.51
N GLN A 106 -11.98 -6.35 -13.31
CA GLN A 106 -12.11 -4.92 -13.61
C GLN A 106 -12.29 -4.13 -12.32
N ARG A 107 -11.85 -4.72 -11.23
CA ARG A 107 -11.96 -4.08 -9.93
C ARG A 107 -10.58 -3.64 -9.44
N PHE A 108 -10.50 -2.39 -9.01
CA PHE A 108 -9.26 -1.83 -8.52
C PHE A 108 -9.50 -0.95 -7.28
N GLU A 109 -8.48 -0.87 -6.44
CA GLU A 109 -8.56 -0.07 -5.24
C GLU A 109 -7.26 0.71 -5.02
N CYS A 110 -7.40 2.03 -4.96
CA CYS A 110 -6.24 2.88 -4.76
C CYS A 110 -6.14 3.20 -3.27
N HIS A 111 -5.13 2.61 -2.64
CA HIS A 111 -4.92 2.82 -1.21
C HIS A 111 -4.01 4.03 -1.01
N VAL A 112 -4.61 5.14 -0.61
CA VAL A 112 -3.87 6.36 -0.39
C VAL A 112 -3.24 6.32 1.01
N PHE A 113 -2.03 6.83 1.09
CA PHE A 113 -1.30 6.86 2.35
C PHE A 113 -0.43 8.12 2.47
N TRP A 114 0.05 8.36 3.67
CA TRP A 114 0.89 9.51 3.92
C TRP A 114 2.25 9.01 4.42
N CYS A 115 3.26 9.23 3.60
CA CYS A 115 4.61 8.81 3.94
C CYS A 115 5.42 10.05 4.31
N GLU A 116 6.31 9.87 5.27
CA GLU A 116 7.15 10.96 5.73
C GLU A 116 8.61 10.52 5.80
N PRO A 117 9.53 11.48 5.52
CA PRO A 117 9.12 12.83 5.18
C PRO A 117 8.56 12.90 3.75
N ASN A 118 8.81 11.82 3.02
CA ASN A 118 8.35 11.75 1.64
C ASN A 118 8.11 10.28 1.27
N ALA A 119 7.27 10.09 0.27
CA ALA A 119 6.94 8.75 -0.20
C ALA A 119 7.96 8.32 -1.26
N ALA A 120 9.21 8.64 -0.99
CA ALA A 120 10.28 8.28 -1.91
C ALA A 120 10.84 6.91 -1.54
N ASN A 121 11.06 6.73 -0.25
CA ASN A 121 11.58 5.47 0.26
C ASN A 121 10.48 4.42 0.26
N VAL A 122 9.31 4.84 0.71
CA VAL A 122 8.17 3.95 0.77
C VAL A 122 7.85 3.43 -0.64
N SER A 123 7.52 4.37 -1.52
CA SER A 123 7.19 4.03 -2.89
C SER A 123 8.28 3.12 -3.48
N GLU A 124 9.52 3.47 -3.14
CA GLU A 124 10.66 2.71 -3.63
C GLU A 124 10.66 1.30 -3.02
N ALA A 125 10.65 1.27 -1.69
CA ALA A 125 10.64 0.00 -0.97
C ALA A 125 9.58 -0.92 -1.58
N VAL A 126 8.46 -0.31 -1.95
CA VAL A 126 7.37 -1.07 -2.55
C VAL A 126 7.75 -1.48 -3.97
N GLN A 127 8.25 -0.51 -4.72
CA GLN A 127 8.65 -0.76 -6.10
C GLN A 127 9.71 -1.85 -6.15
N ALA A 128 10.75 -1.66 -5.35
CA ALA A 128 11.84 -2.62 -5.29
C ALA A 128 11.27 -4.03 -5.11
N ALA A 129 10.09 -4.08 -4.50
CA ALA A 129 9.43 -5.35 -4.25
C ALA A 129 8.82 -5.86 -5.56
N CYS A 130 8.10 -4.97 -6.22
CA CYS A 130 7.46 -5.32 -7.48
C CYS A 130 8.55 -5.72 -8.48
N SER A 131 9.44 -4.77 -8.74
CA SER A 131 10.54 -5.02 -9.67
C SER A 131 11.24 -6.33 -9.31
N GLY A 132 11.60 -6.45 -8.05
CA GLY A 132 12.28 -7.63 -7.57
C GLY A 132 13.78 -7.38 -7.40
N PRO A 133 14.39 -8.17 -6.47
CA PRO A 133 15.82 -8.04 -6.21
C PRO A 133 16.65 -8.65 -7.34
N SER A 134 17.44 -7.81 -7.97
CA SER A 134 18.29 -8.26 -9.07
C SER A 134 17.42 -8.78 -10.22
N SER A 135 17.50 -8.08 -11.34
CA SER A 135 16.74 -8.47 -12.51
C SER A 135 15.25 -8.54 -12.17
N GLY A 136 14.81 -9.73 -11.82
CA GLY A 136 13.42 -9.95 -11.47
C GLY A 136 13.25 -11.23 -10.65
N GLY A 1 -8.61 -22.42 24.87
CA GLY A 1 -8.18 -21.21 24.19
C GLY A 1 -7.59 -21.54 22.82
N SER A 2 -7.74 -20.61 21.89
CA SER A 2 -7.23 -20.79 20.54
C SER A 2 -6.97 -19.43 19.90
N SER A 3 -5.89 -19.36 19.13
CA SER A 3 -5.53 -18.13 18.45
C SER A 3 -5.67 -18.30 16.94
N GLY A 4 -5.01 -19.32 16.43
CA GLY A 4 -5.07 -19.61 15.00
C GLY A 4 -4.35 -18.52 14.20
N SER A 5 -4.88 -18.26 13.02
CA SER A 5 -4.30 -17.25 12.15
C SER A 5 -3.02 -17.77 11.51
N SER A 6 -2.05 -18.06 12.36
CA SER A 6 -0.77 -18.57 11.90
C SER A 6 -0.02 -17.50 11.12
N GLY A 7 1.28 -17.43 11.36
CA GLY A 7 2.11 -16.44 10.69
C GLY A 7 3.55 -16.96 10.54
N PRO A 8 3.79 -17.67 9.41
CA PRO A 8 5.11 -18.22 9.14
C PRO A 8 6.07 -17.12 8.68
N THR A 9 5.77 -16.54 7.53
CA THR A 9 6.61 -15.48 7.00
C THR A 9 8.08 -15.85 7.10
N PRO A 10 8.58 -16.55 6.04
CA PRO A 10 9.97 -16.97 6.01
C PRO A 10 10.89 -15.78 5.71
N LYS A 11 10.31 -14.75 5.12
CA LYS A 11 11.07 -13.56 4.78
C LYS A 11 12.16 -13.92 3.77
N THR A 12 12.21 -13.14 2.70
CA THR A 12 13.20 -13.36 1.65
C THR A 12 14.19 -12.20 1.60
N GLU A 13 13.82 -11.11 2.26
CA GLU A 13 14.67 -9.94 2.30
C GLU A 13 14.21 -8.98 3.40
N LEU A 14 13.99 -9.56 4.58
CA LEU A 14 13.54 -8.77 5.72
C LEU A 14 12.19 -8.14 5.40
N VAL A 15 11.76 -7.26 6.29
CA VAL A 15 10.48 -6.57 6.12
C VAL A 15 10.67 -5.09 6.39
N GLN A 16 10.00 -4.27 5.58
CA GLN A 16 10.08 -2.83 5.72
C GLN A 16 8.73 -2.26 6.18
N LYS A 17 8.71 -1.82 7.42
CA LYS A 17 7.50 -1.26 7.99
C LYS A 17 7.67 0.25 8.16
N PHE A 18 6.78 1.00 7.54
CA PHE A 18 6.82 2.45 7.61
C PHE A 18 5.51 3.01 8.16
N ARG A 19 5.62 3.67 9.31
CA ARG A 19 4.45 4.25 9.95
C ARG A 19 3.89 5.38 9.09
N VAL A 20 2.76 5.09 8.45
CA VAL A 20 2.11 6.06 7.60
C VAL A 20 0.62 6.14 7.96
N GLN A 21 0.01 7.25 7.58
CA GLN A 21 -1.40 7.46 7.85
C GLN A 21 -2.25 6.90 6.70
N TYR A 22 -3.40 6.33 7.08
CA TYR A 22 -4.30 5.76 6.10
C TYR A 22 -5.39 6.75 5.70
N LEU A 23 -5.26 7.27 4.49
CA LEU A 23 -6.24 8.23 3.98
C LEU A 23 -7.56 7.52 3.68
N GLY A 24 -7.43 6.35 3.06
CA GLY A 24 -8.59 5.56 2.72
C GLY A 24 -8.42 4.87 1.36
N MET A 25 -9.15 3.79 1.18
CA MET A 25 -9.07 3.04 -0.06
C MET A 25 -10.15 3.50 -1.04
N LEU A 26 -9.69 4.18 -2.09
CA LEU A 26 -10.60 4.69 -3.10
C LEU A 26 -10.39 3.90 -4.40
N PRO A 27 -11.53 3.58 -5.07
CA PRO A 27 -11.47 2.85 -6.32
C PRO A 27 -11.01 3.74 -7.47
N VAL A 28 -10.65 3.10 -8.57
CA VAL A 28 -10.20 3.82 -9.75
C VAL A 28 -10.55 3.03 -11.01
N ASP A 29 -11.17 3.72 -11.95
CA ASP A 29 -11.57 3.10 -13.20
C ASP A 29 -10.32 2.65 -13.96
N ARG A 30 -9.37 3.57 -14.09
CA ARG A 30 -8.13 3.28 -14.79
C ARG A 30 -7.11 2.69 -13.83
N PRO A 31 -6.65 1.45 -14.14
CA PRO A 31 -5.68 0.77 -13.32
C PRO A 31 -4.28 1.37 -13.51
N VAL A 32 -4.18 2.22 -14.51
CA VAL A 32 -2.91 2.88 -14.81
C VAL A 32 -3.16 4.34 -15.18
N GLY A 33 -2.28 5.19 -14.69
CA GLY A 33 -2.39 6.62 -14.96
C GLY A 33 -2.13 7.43 -13.69
N MET A 34 -1.41 8.53 -13.87
CA MET A 34 -1.09 9.40 -12.75
C MET A 34 -2.26 10.31 -12.40
N ASP A 35 -2.87 10.87 -13.43
CA ASP A 35 -4.01 11.76 -13.24
C ASP A 35 -5.00 11.11 -12.28
N THR A 36 -5.48 9.95 -12.66
CA THR A 36 -6.42 9.21 -11.84
C THR A 36 -5.84 8.96 -10.45
N LEU A 37 -4.59 8.54 -10.43
CA LEU A 37 -3.91 8.28 -9.18
C LEU A 37 -4.11 9.46 -8.22
N ASN A 38 -3.62 10.62 -8.67
CA ASN A 38 -3.74 11.82 -7.86
C ASN A 38 -5.22 12.10 -7.58
N SER A 39 -6.01 12.04 -8.63
CA SER A 39 -7.44 12.28 -8.50
C SER A 39 -7.98 11.55 -7.28
N ALA A 40 -7.55 10.31 -7.11
CA ALA A 40 -7.99 9.51 -5.98
C ALA A 40 -7.56 10.19 -4.68
N ILE A 41 -6.28 10.51 -4.61
CA ILE A 41 -5.73 11.18 -3.43
C ILE A 41 -6.52 12.45 -3.15
N GLU A 42 -6.46 13.36 -4.10
CA GLU A 42 -7.17 14.63 -3.97
C GLU A 42 -8.57 14.40 -3.41
N ASN A 43 -9.21 13.37 -3.94
CA ASN A 43 -10.56 13.03 -3.50
C ASN A 43 -10.56 12.82 -1.98
N LEU A 44 -9.77 11.86 -1.54
CA LEU A 44 -9.67 11.55 -0.13
C LEU A 44 -9.30 12.82 0.64
N MET A 45 -8.28 13.49 0.15
CA MET A 45 -7.81 14.72 0.78
C MET A 45 -9.00 15.63 1.13
N THR A 46 -9.68 16.08 0.09
CA THR A 46 -10.84 16.95 0.27
C THR A 46 -12.05 16.15 0.75
N SER A 47 -11.89 15.54 1.93
CA SER A 47 -12.96 14.75 2.50
C SER A 47 -12.69 14.51 4.00
N SER A 48 -11.65 13.73 4.26
CA SER A 48 -11.27 13.41 5.62
C SER A 48 -10.08 14.29 6.05
N SER A 49 -10.02 14.54 7.35
CA SER A 49 -8.95 15.36 7.90
C SER A 49 -7.62 14.58 7.86
N LYS A 50 -6.55 15.31 8.09
CA LYS A 50 -5.22 14.70 8.08
C LYS A 50 -5.08 13.78 9.29
N GLU A 51 -5.44 14.31 10.45
CA GLU A 51 -5.35 13.55 11.68
C GLU A 51 -6.33 12.37 11.65
N ASP A 52 -7.49 12.63 11.07
CA ASP A 52 -8.51 11.59 10.96
C ASP A 52 -7.87 10.30 10.44
N TRP A 53 -6.77 10.47 9.73
CA TRP A 53 -6.05 9.33 9.17
C TRP A 53 -5.35 8.61 10.32
N PRO A 54 -5.68 7.30 10.46
CA PRO A 54 -5.08 6.49 11.51
C PRO A 54 -3.63 6.13 11.17
N SER A 55 -2.78 6.20 12.18
CA SER A 55 -1.37 5.88 12.00
C SER A 55 -1.20 4.37 11.84
N VAL A 56 -0.99 3.97 10.59
CA VAL A 56 -0.81 2.55 10.29
C VAL A 56 0.63 2.33 9.82
N ASN A 57 0.94 1.07 9.52
CA ASN A 57 2.27 0.71 9.06
C ASN A 57 2.15 0.01 7.70
N MET A 58 3.20 0.16 6.90
CA MET A 58 3.23 -0.45 5.59
C MET A 58 4.28 -1.56 5.52
N ASN A 59 3.79 -2.80 5.55
CA ASN A 59 4.68 -3.94 5.49
C ASN A 59 5.10 -4.20 4.04
N VAL A 60 6.37 -4.47 3.86
CA VAL A 60 6.91 -4.73 2.53
C VAL A 60 7.85 -5.95 2.59
N ALA A 61 7.35 -7.06 2.08
CA ALA A 61 8.14 -8.29 2.08
C ALA A 61 7.54 -9.26 1.06
N ASP A 62 8.30 -10.30 0.77
CA ASP A 62 7.87 -11.30 -0.19
C ASP A 62 7.17 -10.62 -1.36
N ALA A 63 7.68 -9.44 -1.69
CA ALA A 63 7.12 -8.67 -2.80
C ALA A 63 5.63 -8.47 -2.57
N THR A 64 5.30 -7.91 -1.41
CA THR A 64 3.91 -7.66 -1.05
C THR A 64 3.81 -6.37 -0.24
N VAL A 65 2.61 -5.79 -0.28
CA VAL A 65 2.36 -4.55 0.44
C VAL A 65 1.17 -4.75 1.38
N THR A 66 1.48 -4.98 2.64
CA THR A 66 0.45 -5.19 3.65
C THR A 66 0.45 -4.05 4.66
N VAL A 67 -0.72 -3.49 4.88
CA VAL A 67 -0.87 -2.39 5.82
C VAL A 67 -1.17 -2.95 7.21
N ILE A 68 -0.15 -2.95 8.06
CA ILE A 68 -0.29 -3.45 9.41
C ILE A 68 -0.52 -2.27 10.36
N SER A 69 -1.27 -2.54 11.42
CA SER A 69 -1.57 -1.52 12.41
C SER A 69 -0.28 -1.03 13.05
N GLU A 70 -0.42 0.04 13.83
CA GLU A 70 0.73 0.61 14.52
C GLU A 70 1.09 -0.22 15.75
N LYS A 71 0.06 -0.64 16.46
CA LYS A 71 0.24 -1.45 17.66
C LYS A 71 0.46 -2.90 17.26
N ASN A 72 -0.64 -3.63 17.16
CA ASN A 72 -0.59 -5.04 16.78
C ASN A 72 0.36 -5.20 15.58
N GLU A 73 0.89 -6.41 15.46
CA GLU A 73 1.80 -6.71 14.38
C GLU A 73 1.17 -7.73 13.43
N GLU A 74 0.14 -8.39 13.92
CA GLU A 74 -0.56 -9.39 13.13
C GLU A 74 -1.76 -8.77 12.42
N GLU A 75 -2.27 -7.70 13.01
CA GLU A 75 -3.41 -7.00 12.45
C GLU A 75 -3.05 -6.38 11.10
N VAL A 76 -3.61 -6.95 10.04
CA VAL A 76 -3.35 -6.47 8.70
C VAL A 76 -4.60 -5.76 8.17
N LEU A 77 -4.62 -4.45 8.34
CA LEU A 77 -5.74 -3.64 7.88
C LEU A 77 -6.01 -3.95 6.40
N VAL A 78 -4.97 -3.78 5.59
CA VAL A 78 -5.08 -4.04 4.17
C VAL A 78 -3.98 -5.00 3.74
N GLU A 79 -4.30 -5.81 2.73
CA GLU A 79 -3.36 -6.78 2.22
C GLU A 79 -3.23 -6.65 0.70
N CYS A 80 -2.21 -5.93 0.27
CA CYS A 80 -1.98 -5.73 -1.14
C CYS A 80 -0.65 -6.38 -1.51
N ARG A 81 -0.56 -6.84 -2.75
CA ARG A 81 0.64 -7.48 -3.24
C ARG A 81 1.19 -6.73 -4.45
N VAL A 82 2.24 -7.30 -5.05
CA VAL A 82 2.87 -6.70 -6.21
C VAL A 82 2.32 -7.37 -7.47
N ARG A 83 2.03 -8.66 -7.34
CA ARG A 83 1.50 -9.42 -8.46
C ARG A 83 0.10 -8.93 -8.83
N PHE A 84 -0.49 -8.19 -7.91
CA PHE A 84 -1.83 -7.66 -8.11
C PHE A 84 -1.78 -6.15 -8.38
N LEU A 85 -0.60 -5.58 -8.18
CA LEU A 85 -0.41 -4.15 -8.38
C LEU A 85 -0.51 -3.85 -9.88
N SER A 86 -1.12 -2.71 -10.17
CA SER A 86 -1.28 -2.28 -11.55
C SER A 86 -0.48 -1.00 -11.81
N PHE A 87 -0.39 -0.19 -10.77
CA PHE A 87 0.34 1.07 -10.87
C PHE A 87 0.36 1.79 -9.53
N MET A 88 1.19 2.83 -9.46
CA MET A 88 1.30 3.61 -8.25
C MET A 88 1.97 4.96 -8.53
N GLY A 89 2.67 5.46 -7.52
CA GLY A 89 3.36 6.74 -7.64
C GLY A 89 2.98 7.68 -6.50
N VAL A 90 3.85 8.66 -6.28
CA VAL A 90 3.61 9.64 -5.22
C VAL A 90 2.63 10.69 -5.71
N GLY A 91 1.71 11.06 -4.83
CA GLY A 91 0.70 12.04 -5.16
C GLY A 91 1.33 13.43 -5.34
N LYS A 92 0.47 14.43 -5.41
CA LYS A 92 0.93 15.80 -5.59
C LYS A 92 2.11 16.07 -4.65
N ASP A 93 1.83 15.96 -3.35
CA ASP A 93 2.84 16.19 -2.35
C ASP A 93 3.77 14.97 -2.28
N VAL A 94 4.93 15.17 -1.68
CA VAL A 94 5.90 14.11 -1.54
C VAL A 94 5.58 13.28 -0.30
N HIS A 95 4.65 13.79 0.49
CA HIS A 95 4.23 13.11 1.71
C HIS A 95 2.96 12.31 1.44
N THR A 96 2.69 12.11 0.15
CA THR A 96 1.51 11.36 -0.25
C THR A 96 1.90 10.19 -1.15
N PHE A 97 1.29 9.05 -0.89
CA PHE A 97 1.57 7.85 -1.67
C PHE A 97 0.32 6.99 -1.83
N ALA A 98 0.24 6.33 -2.97
CA ALA A 98 -0.91 5.47 -3.26
C ALA A 98 -0.57 4.54 -4.42
N PHE A 99 -1.09 3.33 -4.34
CA PHE A 99 -0.85 2.34 -5.38
C PHE A 99 -2.14 1.61 -5.75
N ILE A 100 -2.29 1.36 -7.04
CA ILE A 100 -3.47 0.67 -7.54
C ILE A 100 -3.22 -0.84 -7.51
N MET A 101 -4.13 -1.54 -6.84
CA MET A 101 -4.01 -2.98 -6.73
C MET A 101 -5.14 -3.69 -7.48
N ASP A 102 -4.97 -4.98 -7.69
CA ASP A 102 -5.97 -5.77 -8.39
C ASP A 102 -6.68 -6.68 -7.39
N THR A 103 -7.89 -6.28 -7.02
CA THR A 103 -8.69 -7.05 -6.09
C THR A 103 -9.34 -8.24 -6.80
N GLY A 104 -9.93 -7.97 -7.94
CA GLY A 104 -10.58 -9.00 -8.72
C GLY A 104 -11.84 -8.46 -9.39
N ASN A 105 -12.25 -9.15 -10.46
CA ASN A 105 -13.43 -8.75 -11.20
C ASN A 105 -13.20 -7.37 -11.81
N GLN A 106 -12.18 -7.30 -12.66
CA GLN A 106 -11.84 -6.04 -13.32
C GLN A 106 -12.07 -4.86 -12.37
N ARG A 107 -11.66 -5.08 -11.12
CA ARG A 107 -11.80 -4.04 -10.11
C ARG A 107 -10.47 -3.78 -9.41
N PHE A 108 -10.15 -2.51 -9.27
CA PHE A 108 -8.91 -2.11 -8.63
C PHE A 108 -9.17 -1.16 -7.46
N GLU A 109 -8.23 -1.16 -6.52
CA GLU A 109 -8.35 -0.31 -5.35
C GLU A 109 -7.03 0.43 -5.09
N CYS A 110 -7.16 1.72 -4.84
CA CYS A 110 -6.00 2.55 -4.58
C CYS A 110 -5.96 2.86 -3.08
N HIS A 111 -4.82 2.54 -2.47
CA HIS A 111 -4.64 2.78 -1.06
C HIS A 111 -3.75 4.00 -0.85
N VAL A 112 -4.39 5.12 -0.52
CA VAL A 112 -3.68 6.36 -0.29
C VAL A 112 -3.07 6.34 1.12
N PHE A 113 -1.86 6.89 1.21
CA PHE A 113 -1.17 6.96 2.48
C PHE A 113 -0.32 8.22 2.58
N TRP A 114 0.13 8.49 3.80
CA TRP A 114 0.95 9.67 4.04
C TRP A 114 2.29 9.19 4.61
N CYS A 115 3.34 9.40 3.83
CA CYS A 115 4.67 8.99 4.24
C CYS A 115 5.49 10.26 4.50
N GLU A 116 6.32 10.19 5.52
CA GLU A 116 7.17 11.31 5.89
C GLU A 116 8.63 10.88 5.99
N PRO A 117 9.53 11.79 5.55
CA PRO A 117 9.11 13.08 5.04
C PRO A 117 8.52 12.95 3.63
N ASN A 118 9.14 12.08 2.84
CA ASN A 118 8.69 11.85 1.48
C ASN A 118 8.44 10.35 1.29
N ALA A 119 7.51 10.06 0.39
CA ALA A 119 7.16 8.68 0.10
C ALA A 119 8.07 8.16 -1.02
N ALA A 120 9.35 8.48 -0.88
CA ALA A 120 10.34 8.04 -1.87
C ALA A 120 10.82 6.63 -1.51
N ASN A 121 11.17 6.46 -0.25
CA ASN A 121 11.65 5.18 0.23
C ASN A 121 10.54 4.13 0.06
N VAL A 122 9.35 4.51 0.49
CA VAL A 122 8.20 3.62 0.40
C VAL A 122 7.96 3.26 -1.07
N SER A 123 7.50 4.25 -1.82
CA SER A 123 7.23 4.06 -3.24
C SER A 123 8.33 3.20 -3.87
N GLU A 124 9.54 3.41 -3.40
CA GLU A 124 10.68 2.66 -3.90
C GLU A 124 10.64 1.22 -3.40
N ALA A 125 10.53 1.09 -2.08
CA ALA A 125 10.47 -0.23 -1.46
C ALA A 125 9.35 -1.04 -2.11
N VAL A 126 8.26 -0.36 -2.43
CA VAL A 126 7.12 -1.01 -3.04
C VAL A 126 7.51 -1.49 -4.44
N GLN A 127 8.05 -0.57 -5.22
CA GLN A 127 8.47 -0.88 -6.58
C GLN A 127 9.57 -1.95 -6.56
N ALA A 128 10.55 -1.72 -5.70
CA ALA A 128 11.67 -2.65 -5.57
C ALA A 128 11.12 -4.07 -5.40
N ALA A 129 9.90 -4.14 -4.91
CA ALA A 129 9.25 -5.43 -4.69
C ALA A 129 8.64 -5.92 -6.00
N CYS A 130 7.89 -5.03 -6.64
CA CYS A 130 7.25 -5.36 -7.90
C CYS A 130 8.34 -5.66 -8.93
N SER A 131 9.17 -4.66 -9.18
CA SER A 131 10.25 -4.81 -10.14
C SER A 131 9.78 -5.61 -11.35
N GLY A 132 9.13 -4.91 -12.27
CA GLY A 132 8.63 -5.55 -13.48
C GLY A 132 9.40 -5.07 -14.72
N PRO A 133 8.73 -5.25 -15.89
CA PRO A 133 9.34 -4.84 -17.15
C PRO A 133 9.31 -3.31 -17.30
N SER A 134 10.30 -2.67 -16.69
CA SER A 134 10.40 -1.22 -16.76
C SER A 134 10.37 -0.76 -18.21
N SER A 135 11.31 -1.29 -18.98
CA SER A 135 11.41 -0.95 -20.39
C SER A 135 11.65 0.57 -20.54
N GLY A 136 12.92 0.91 -20.69
CA GLY A 136 13.30 2.31 -20.84
C GLY A 136 14.71 2.44 -21.41
N GLY A 1 -14.65 -35.64 13.81
CA GLY A 1 -13.94 -34.86 12.82
C GLY A 1 -14.67 -34.86 11.48
N SER A 2 -14.43 -33.81 10.71
CA SER A 2 -15.05 -33.68 9.40
C SER A 2 -14.44 -32.50 8.64
N SER A 3 -13.57 -32.85 7.70
CA SER A 3 -12.91 -31.83 6.89
C SER A 3 -11.95 -31.02 7.75
N GLY A 4 -10.94 -30.47 7.10
CA GLY A 4 -9.95 -29.67 7.80
C GLY A 4 -8.53 -30.19 7.52
N SER A 5 -7.58 -29.26 7.52
CA SER A 5 -6.20 -29.61 7.27
C SER A 5 -5.28 -28.57 7.90
N SER A 6 -5.36 -27.35 7.38
CA SER A 6 -4.54 -26.27 7.88
C SER A 6 -3.06 -26.55 7.62
N GLY A 7 -2.25 -25.53 7.80
CA GLY A 7 -0.81 -25.66 7.59
C GLY A 7 -0.06 -24.47 8.19
N PRO A 8 1.21 -24.75 8.59
CA PRO A 8 2.04 -23.71 9.18
C PRO A 8 2.55 -22.75 8.12
N THR A 9 2.50 -21.46 8.46
CA THR A 9 2.95 -20.43 7.55
C THR A 9 4.06 -19.59 8.19
N PRO A 10 5.33 -19.99 7.91
CA PRO A 10 6.48 -19.30 8.45
C PRO A 10 6.71 -17.98 7.72
N LYS A 11 7.62 -17.18 8.27
CA LYS A 11 7.95 -15.89 7.68
C LYS A 11 9.44 -15.83 7.39
N THR A 12 9.77 -15.29 6.23
CA THR A 12 11.16 -15.17 5.83
C THR A 12 11.37 -13.85 5.07
N GLU A 13 12.63 -13.58 4.76
CA GLU A 13 12.99 -12.38 4.04
C GLU A 13 12.82 -11.15 4.94
N LEU A 14 13.59 -10.12 4.63
CA LEU A 14 13.54 -8.89 5.40
C LEU A 14 12.17 -8.22 5.21
N VAL A 15 11.84 -7.34 6.13
CA VAL A 15 10.57 -6.63 6.07
C VAL A 15 10.80 -5.14 6.32
N GLN A 16 10.06 -4.32 5.60
CA GLN A 16 10.18 -2.89 5.73
C GLN A 16 8.85 -2.28 6.21
N LYS A 17 8.86 -1.82 7.44
CA LYS A 17 7.67 -1.22 8.03
C LYS A 17 7.85 0.29 8.11
N PHE A 18 6.85 1.00 7.61
CA PHE A 18 6.87 2.45 7.60
C PHE A 18 5.58 3.03 8.16
N ARG A 19 5.71 3.80 9.22
CA ARG A 19 4.55 4.42 9.85
C ARG A 19 3.96 5.49 8.93
N VAL A 20 2.82 5.17 8.36
CA VAL A 20 2.13 6.09 7.47
C VAL A 20 0.65 6.18 7.85
N GLN A 21 0.03 7.27 7.43
CA GLN A 21 -1.38 7.48 7.72
C GLN A 21 -2.25 6.86 6.63
N TYR A 22 -3.41 6.37 7.05
CA TYR A 22 -4.34 5.75 6.13
C TYR A 22 -5.44 6.73 5.72
N LEU A 23 -5.33 7.22 4.50
CA LEU A 23 -6.32 8.15 3.97
C LEU A 23 -7.63 7.41 3.70
N GLY A 24 -7.51 6.27 3.04
CA GLY A 24 -8.68 5.47 2.72
C GLY A 24 -8.49 4.75 1.38
N MET A 25 -9.49 3.97 1.02
CA MET A 25 -9.46 3.23 -0.23
C MET A 25 -10.45 3.80 -1.24
N LEU A 26 -9.91 4.26 -2.36
CA LEU A 26 -10.74 4.83 -3.41
C LEU A 26 -10.61 3.98 -4.68
N PRO A 27 -11.79 3.59 -5.22
CA PRO A 27 -11.83 2.78 -6.42
C PRO A 27 -11.49 3.61 -7.66
N VAL A 28 -10.98 2.94 -8.67
CA VAL A 28 -10.62 3.61 -9.91
C VAL A 28 -10.90 2.67 -11.09
N ASP A 29 -11.14 3.28 -12.24
CA ASP A 29 -11.43 2.52 -13.44
C ASP A 29 -10.11 2.18 -14.15
N ARG A 30 -9.25 3.18 -14.26
CA ARG A 30 -7.97 3.00 -14.91
C ARG A 30 -6.98 2.35 -13.94
N PRO A 31 -6.50 1.14 -14.33
CA PRO A 31 -5.55 0.41 -13.51
C PRO A 31 -4.15 1.03 -13.60
N VAL A 32 -4.03 2.03 -14.47
CA VAL A 32 -2.77 2.71 -14.66
C VAL A 32 -3.03 4.19 -14.93
N GLY A 33 -2.01 5.00 -14.65
CA GLY A 33 -2.12 6.43 -14.84
C GLY A 33 -1.84 7.19 -13.55
N MET A 34 -1.27 8.37 -13.70
CA MET A 34 -0.95 9.21 -12.56
C MET A 34 -2.11 10.14 -12.20
N ASP A 35 -2.69 10.74 -13.24
CA ASP A 35 -3.80 11.65 -13.06
C ASP A 35 -4.78 11.04 -12.05
N THR A 36 -5.39 9.94 -12.45
CA THR A 36 -6.35 9.27 -11.60
C THR A 36 -5.74 9.00 -10.22
N LEU A 37 -4.52 8.50 -10.23
CA LEU A 37 -3.82 8.19 -9.00
C LEU A 37 -3.89 9.41 -8.07
N ASN A 38 -3.47 10.55 -8.61
CA ASN A 38 -3.47 11.78 -7.84
C ASN A 38 -4.92 12.20 -7.57
N SER A 39 -5.69 12.33 -8.63
CA SER A 39 -7.08 12.72 -8.52
C SER A 39 -7.74 11.95 -7.37
N ALA A 40 -7.39 10.68 -7.26
CA ALA A 40 -7.94 9.83 -6.22
C ALA A 40 -7.53 10.40 -4.86
N ILE A 41 -6.24 10.67 -4.73
CA ILE A 41 -5.71 11.21 -3.48
C ILE A 41 -6.46 12.49 -3.12
N GLU A 42 -6.34 13.49 -3.99
CA GLU A 42 -7.00 14.76 -3.78
C GLU A 42 -8.42 14.54 -3.23
N ASN A 43 -9.05 13.50 -3.75
CA ASN A 43 -10.40 13.17 -3.33
C ASN A 43 -10.39 12.81 -1.85
N LEU A 44 -9.69 11.73 -1.53
CA LEU A 44 -9.59 11.28 -0.16
C LEU A 44 -9.09 12.42 0.73
N MET A 45 -8.19 13.21 0.16
CA MET A 45 -7.62 14.34 0.88
C MET A 45 -8.74 15.21 1.49
N THR A 46 -9.56 15.76 0.60
CA THR A 46 -10.65 16.61 1.04
C THR A 46 -11.72 15.78 1.77
N SER A 47 -11.62 14.46 1.59
CA SER A 47 -12.57 13.56 2.22
C SER A 47 -12.40 13.60 3.74
N SER A 48 -11.26 13.09 4.19
CA SER A 48 -10.97 13.07 5.62
C SER A 48 -9.80 14.01 5.92
N SER A 49 -9.72 14.40 7.18
CA SER A 49 -8.66 15.29 7.62
C SER A 49 -7.33 14.54 7.69
N LYS A 50 -6.27 15.30 7.92
CA LYS A 50 -4.94 14.71 8.02
C LYS A 50 -4.85 13.85 9.27
N GLU A 51 -5.26 14.43 10.38
CA GLU A 51 -5.23 13.73 11.66
C GLU A 51 -6.26 12.59 11.65
N ASP A 52 -7.34 12.82 10.91
CA ASP A 52 -8.40 11.84 10.82
C ASP A 52 -7.82 10.51 10.31
N TRP A 53 -6.65 10.63 9.68
CA TRP A 53 -5.99 9.45 9.14
C TRP A 53 -5.26 8.75 10.29
N PRO A 54 -5.59 7.44 10.47
CA PRO A 54 -4.97 6.65 11.51
C PRO A 54 -3.54 6.27 11.16
N SER A 55 -2.68 6.34 12.16
CA SER A 55 -1.28 6.02 11.96
C SER A 55 -1.09 4.51 11.84
N VAL A 56 -0.93 4.06 10.60
CA VAL A 56 -0.74 2.64 10.34
C VAL A 56 0.69 2.39 9.88
N ASN A 57 1.00 1.12 9.69
CA ASN A 57 2.34 0.73 9.27
C ASN A 57 2.25 0.02 7.92
N MET A 58 3.26 0.26 7.09
CA MET A 58 3.29 -0.35 5.77
C MET A 58 4.37 -1.44 5.71
N ASN A 59 3.91 -2.68 5.78
CA ASN A 59 4.81 -3.82 5.72
C ASN A 59 5.19 -4.10 4.27
N VAL A 60 6.47 -4.36 4.06
CA VAL A 60 6.97 -4.66 2.73
C VAL A 60 7.91 -5.86 2.80
N ALA A 61 7.39 -7.00 2.36
CA ALA A 61 8.17 -8.23 2.36
C ALA A 61 7.59 -9.20 1.34
N ASP A 62 8.36 -10.23 1.04
CA ASP A 62 7.94 -11.23 0.07
C ASP A 62 7.24 -10.55 -1.09
N ALA A 63 7.74 -9.38 -1.45
CA ALA A 63 7.18 -8.61 -2.54
C ALA A 63 5.68 -8.43 -2.31
N THR A 64 5.35 -7.88 -1.16
CA THR A 64 3.96 -7.65 -0.81
C THR A 64 3.82 -6.37 0.03
N VAL A 65 2.63 -5.79 -0.04
CA VAL A 65 2.36 -4.56 0.70
C VAL A 65 1.19 -4.81 1.68
N THR A 66 1.57 -5.04 2.93
CA THR A 66 0.57 -5.29 3.97
C THR A 66 0.54 -4.13 4.96
N VAL A 67 -0.61 -3.50 5.05
CA VAL A 67 -0.79 -2.37 5.97
C VAL A 67 -1.16 -2.90 7.35
N ILE A 68 -0.15 -2.95 8.22
CA ILE A 68 -0.35 -3.42 9.58
C ILE A 68 -0.62 -2.23 10.49
N SER A 69 -1.49 -2.45 11.46
CA SER A 69 -1.84 -1.42 12.42
C SER A 69 -0.59 -0.96 13.17
N GLU A 70 -0.71 0.21 13.78
CA GLU A 70 0.40 0.77 14.54
C GLU A 70 0.55 0.04 15.88
N LYS A 71 -0.56 -0.06 16.59
CA LYS A 71 -0.56 -0.73 17.87
C LYS A 71 -0.26 -2.22 17.66
N ASN A 72 -1.31 -2.98 17.38
CA ASN A 72 -1.16 -4.41 17.15
C ASN A 72 -0.24 -4.65 15.97
N GLU A 73 0.45 -5.78 16.01
CA GLU A 73 1.36 -6.14 14.93
C GLU A 73 0.82 -7.31 14.13
N GLU A 74 -0.01 -8.11 14.79
CA GLU A 74 -0.61 -9.27 14.15
C GLU A 74 -1.84 -8.84 13.34
N GLU A 75 -2.23 -7.59 13.51
CA GLU A 75 -3.37 -7.05 12.80
C GLU A 75 -2.97 -6.62 11.39
N VAL A 76 -3.83 -6.94 10.43
CA VAL A 76 -3.59 -6.60 9.04
C VAL A 76 -4.72 -5.73 8.52
N LEU A 77 -4.48 -4.43 8.49
CA LEU A 77 -5.47 -3.48 8.01
C LEU A 77 -5.80 -3.79 6.55
N VAL A 78 -4.75 -3.87 5.74
CA VAL A 78 -4.91 -4.15 4.32
C VAL A 78 -3.73 -4.99 3.85
N GLU A 79 -4.03 -5.90 2.93
CA GLU A 79 -3.00 -6.78 2.38
C GLU A 79 -2.96 -6.65 0.85
N CYS A 80 -1.86 -6.11 0.36
CA CYS A 80 -1.70 -5.93 -1.07
C CYS A 80 -0.45 -6.71 -1.50
N ARG A 81 -0.50 -7.18 -2.75
CA ARG A 81 0.62 -7.94 -3.30
C ARG A 81 1.11 -7.30 -4.59
N VAL A 82 2.42 -7.17 -4.68
CA VAL A 82 3.04 -6.58 -5.86
C VAL A 82 2.63 -7.38 -7.10
N ARG A 83 2.20 -8.60 -6.86
CA ARG A 83 1.78 -9.48 -7.94
C ARG A 83 0.36 -9.13 -8.38
N PHE A 84 -0.33 -8.36 -7.55
CA PHE A 84 -1.68 -7.95 -7.84
C PHE A 84 -1.75 -6.45 -8.12
N LEU A 85 -0.61 -5.80 -7.97
CA LEU A 85 -0.52 -4.37 -8.20
C LEU A 85 -0.58 -4.09 -9.71
N SER A 86 -1.17 -2.95 -10.04
CA SER A 86 -1.29 -2.56 -11.44
C SER A 86 -0.45 -1.31 -11.71
N PHE A 87 -0.35 -0.47 -10.69
CA PHE A 87 0.42 0.77 -10.80
C PHE A 87 0.44 1.52 -9.47
N MET A 88 1.25 2.57 -9.44
CA MET A 88 1.37 3.38 -8.25
C MET A 88 2.01 4.73 -8.56
N GLY A 89 2.72 5.26 -7.57
CA GLY A 89 3.39 6.54 -7.74
C GLY A 89 3.00 7.51 -6.62
N VAL A 90 3.87 8.46 -6.36
CA VAL A 90 3.64 9.46 -5.32
C VAL A 90 2.65 10.50 -5.84
N GLY A 91 1.76 10.91 -4.95
CA GLY A 91 0.77 11.91 -5.30
C GLY A 91 1.41 13.29 -5.48
N LYS A 92 0.55 14.29 -5.59
CA LYS A 92 1.01 15.66 -5.76
C LYS A 92 2.19 15.91 -4.81
N ASP A 93 1.90 15.81 -3.53
CA ASP A 93 2.92 16.03 -2.52
C ASP A 93 3.82 14.80 -2.43
N VAL A 94 4.98 15.00 -1.82
CA VAL A 94 5.94 13.92 -1.68
C VAL A 94 5.59 13.11 -0.42
N HIS A 95 4.72 13.68 0.39
CA HIS A 95 4.30 13.03 1.62
C HIS A 95 3.02 12.23 1.37
N THR A 96 2.76 11.98 0.09
CA THR A 96 1.58 11.23 -0.30
C THR A 96 1.97 10.04 -1.18
N PHE A 97 1.40 8.89 -0.86
CA PHE A 97 1.67 7.68 -1.61
C PHE A 97 0.39 6.87 -1.86
N ALA A 98 0.28 6.34 -3.06
CA ALA A 98 -0.88 5.55 -3.43
C ALA A 98 -0.48 4.51 -4.48
N PHE A 99 -1.16 3.38 -4.42
CA PHE A 99 -0.88 2.30 -5.36
C PHE A 99 -2.17 1.60 -5.79
N ILE A 100 -2.25 1.33 -7.08
CA ILE A 100 -3.43 0.66 -7.63
C ILE A 100 -3.24 -0.85 -7.54
N MET A 101 -4.21 -1.50 -6.91
CA MET A 101 -4.16 -2.95 -6.76
C MET A 101 -5.33 -3.61 -7.47
N ASP A 102 -5.11 -4.85 -7.89
CA ASP A 102 -6.14 -5.60 -8.59
C ASP A 102 -6.69 -6.69 -7.66
N THR A 103 -7.89 -6.43 -7.17
CA THR A 103 -8.54 -7.38 -6.27
C THR A 103 -9.24 -8.48 -7.06
N GLY A 104 -9.46 -8.19 -8.34
CA GLY A 104 -10.11 -9.15 -9.22
C GLY A 104 -11.49 -8.64 -9.66
N ASN A 105 -11.98 -9.20 -10.75
CA ASN A 105 -13.28 -8.81 -11.28
C ASN A 105 -13.21 -7.35 -11.75
N GLN A 106 -12.33 -7.12 -12.72
CA GLN A 106 -12.16 -5.78 -13.26
C GLN A 106 -12.32 -4.74 -12.15
N ARG A 107 -11.84 -5.09 -10.98
CA ARG A 107 -11.92 -4.19 -9.84
C ARG A 107 -10.52 -3.80 -9.37
N PHE A 108 -10.32 -2.49 -9.26
CA PHE A 108 -9.03 -1.97 -8.83
C PHE A 108 -9.21 -0.99 -7.66
N GLU A 109 -8.43 -1.24 -6.61
CA GLU A 109 -8.49 -0.39 -5.43
C GLU A 109 -7.22 0.45 -5.32
N CYS A 110 -7.40 1.71 -4.96
CA CYS A 110 -6.27 2.63 -4.82
C CYS A 110 -6.21 3.07 -3.35
N HIS A 111 -5.21 2.55 -2.66
CA HIS A 111 -5.02 2.88 -1.25
C HIS A 111 -4.11 4.11 -1.14
N VAL A 112 -4.65 5.14 -0.50
CA VAL A 112 -3.91 6.38 -0.31
C VAL A 112 -3.29 6.39 1.09
N PHE A 113 -2.06 6.88 1.16
CA PHE A 113 -1.36 6.95 2.42
C PHE A 113 -0.45 8.18 2.48
N TRP A 114 -0.02 8.52 3.69
CA TRP A 114 0.85 9.66 3.89
C TRP A 114 2.11 9.18 4.60
N CYS A 115 3.24 9.36 3.93
CA CYS A 115 4.52 8.95 4.50
C CYS A 115 5.36 10.20 4.73
N GLU A 116 6.24 10.11 5.72
CA GLU A 116 7.12 11.22 6.05
C GLU A 116 8.57 10.75 6.14
N PRO A 117 9.49 11.63 5.66
CA PRO A 117 9.08 12.92 5.12
C PRO A 117 8.46 12.75 3.72
N ASN A 118 9.18 12.03 2.87
CA ASN A 118 8.72 11.79 1.52
C ASN A 118 8.41 10.30 1.34
N ALA A 119 7.44 10.03 0.48
CA ALA A 119 7.04 8.66 0.21
C ALA A 119 7.91 8.09 -0.92
N ALA A 120 9.20 8.39 -0.84
CA ALA A 120 10.13 7.91 -1.85
C ALA A 120 10.47 6.44 -1.57
N ASN A 121 10.97 6.21 -0.37
CA ASN A 121 11.33 4.86 0.03
C ASN A 121 10.09 3.97 0.01
N VAL A 122 9.08 4.41 0.74
CA VAL A 122 7.84 3.66 0.82
C VAL A 122 7.35 3.34 -0.60
N SER A 123 7.71 4.20 -1.53
CA SER A 123 7.32 4.01 -2.92
C SER A 123 8.40 3.20 -3.65
N GLU A 124 9.62 3.32 -3.18
CA GLU A 124 10.73 2.60 -3.77
C GLU A 124 10.70 1.13 -3.34
N ALA A 125 10.54 0.93 -2.04
CA ALA A 125 10.49 -0.42 -1.50
C ALA A 125 9.39 -1.22 -2.21
N VAL A 126 8.32 -0.51 -2.54
CA VAL A 126 7.20 -1.14 -3.22
C VAL A 126 7.59 -1.43 -4.67
N GLN A 127 8.07 -0.40 -5.34
CA GLN A 127 8.47 -0.53 -6.73
C GLN A 127 9.52 -1.64 -6.87
N ALA A 128 10.58 -1.51 -6.10
CA ALA A 128 11.66 -2.48 -6.12
C ALA A 128 11.06 -3.90 -6.14
N ALA A 129 9.87 -4.00 -5.57
CA ALA A 129 9.18 -5.28 -5.51
C ALA A 129 8.38 -5.48 -6.80
N CYS A 130 7.52 -4.51 -7.08
CA CYS A 130 6.69 -4.56 -8.27
C CYS A 130 7.59 -4.86 -9.47
N SER A 131 8.71 -4.15 -9.51
CA SER A 131 9.67 -4.32 -10.59
C SER A 131 10.18 -5.76 -10.63
N GLY A 132 10.74 -6.19 -9.50
CA GLY A 132 11.27 -7.54 -9.39
C GLY A 132 12.63 -7.54 -8.70
N PRO A 133 13.38 -8.66 -8.90
CA PRO A 133 14.69 -8.80 -8.30
C PRO A 133 15.72 -7.93 -9.03
N SER A 134 16.96 -7.98 -8.53
CA SER A 134 18.03 -7.21 -9.12
C SER A 134 19.36 -7.54 -8.42
N SER A 135 20.36 -7.83 -9.24
CA SER A 135 21.67 -8.17 -8.72
C SER A 135 22.43 -6.89 -8.34
N GLY A 136 22.81 -6.83 -7.07
CA GLY A 136 23.53 -5.67 -6.56
C GLY A 136 24.72 -6.12 -5.71
N GLY A 1 -9.16 -39.22 5.49
CA GLY A 1 -8.53 -38.20 4.67
C GLY A 1 -7.15 -37.84 5.22
N SER A 2 -6.17 -37.81 4.31
CA SER A 2 -4.81 -37.49 4.69
C SER A 2 -4.24 -36.44 3.74
N SER A 3 -3.67 -35.40 4.32
CA SER A 3 -3.10 -34.32 3.54
C SER A 3 -2.29 -33.39 4.45
N GLY A 4 -1.02 -33.23 4.11
CA GLY A 4 -0.14 -32.39 4.89
C GLY A 4 1.09 -31.97 4.07
N SER A 5 1.14 -30.68 3.73
CA SER A 5 2.24 -30.16 2.95
C SER A 5 2.49 -28.70 3.32
N SER A 6 3.76 -28.34 3.34
CA SER A 6 4.16 -26.98 3.68
C SER A 6 4.10 -26.09 2.44
N GLY A 7 3.82 -24.82 2.68
CA GLY A 7 3.74 -23.85 1.59
C GLY A 7 5.07 -23.14 1.38
N PRO A 8 5.11 -22.30 0.31
CA PRO A 8 6.31 -21.55 -0.01
C PRO A 8 6.51 -20.39 0.95
N THR A 9 6.89 -20.73 2.17
CA THR A 9 7.12 -19.72 3.19
C THR A 9 8.56 -19.20 3.12
N PRO A 10 8.72 -17.89 3.44
CA PRO A 10 10.02 -17.27 3.42
C PRO A 10 10.86 -17.69 4.63
N LYS A 11 12.12 -17.98 4.37
CA LYS A 11 13.02 -18.39 5.43
C LYS A 11 13.47 -17.17 6.23
N THR A 12 14.43 -16.45 5.65
CA THR A 12 14.96 -15.26 6.29
C THR A 12 14.89 -14.06 5.33
N GLU A 13 13.77 -13.35 5.41
CA GLU A 13 13.57 -12.19 4.55
C GLU A 13 13.44 -10.93 5.41
N LEU A 14 13.86 -9.82 4.81
CA LEU A 14 13.82 -8.54 5.51
C LEU A 14 12.45 -7.89 5.27
N VAL A 15 12.01 -7.13 6.26
CA VAL A 15 10.74 -6.45 6.17
C VAL A 15 10.94 -4.95 6.41
N GLN A 16 10.09 -4.16 5.77
CA GLN A 16 10.16 -2.72 5.90
C GLN A 16 8.83 -2.16 6.39
N LYS A 17 8.83 -1.69 7.62
CA LYS A 17 7.62 -1.13 8.22
C LYS A 17 7.75 0.39 8.29
N PHE A 18 6.75 1.07 7.75
CA PHE A 18 6.74 2.52 7.74
C PHE A 18 5.42 3.06 8.27
N ARG A 19 5.49 3.76 9.39
CA ARG A 19 4.31 4.33 10.00
C ARG A 19 3.72 5.41 9.10
N VAL A 20 2.67 5.01 8.37
CA VAL A 20 2.01 5.94 7.46
C VAL A 20 0.52 6.01 7.83
N GLN A 21 -0.09 7.12 7.44
CA GLN A 21 -1.50 7.33 7.72
C GLN A 21 -2.35 6.76 6.58
N TYR A 22 -3.45 6.13 6.97
CA TYR A 22 -4.36 5.53 6.01
C TYR A 22 -5.46 6.52 5.61
N LEU A 23 -5.30 7.09 4.42
CA LEU A 23 -6.26 8.05 3.92
C LEU A 23 -7.59 7.33 3.64
N GLY A 24 -7.49 6.20 2.96
CA GLY A 24 -8.66 5.42 2.63
C GLY A 24 -8.46 4.66 1.31
N MET A 25 -9.49 3.91 0.94
CA MET A 25 -9.44 3.13 -0.28
C MET A 25 -10.43 3.67 -1.32
N LEU A 26 -9.89 4.14 -2.43
CA LEU A 26 -10.72 4.69 -3.49
C LEU A 26 -10.52 3.86 -4.76
N PRO A 27 -11.67 3.40 -5.33
CA PRO A 27 -11.64 2.60 -6.54
C PRO A 27 -11.33 3.46 -7.76
N VAL A 28 -10.63 2.87 -8.71
CA VAL A 28 -10.28 3.56 -9.94
C VAL A 28 -10.51 2.65 -11.14
N ASP A 29 -10.90 3.26 -12.24
CA ASP A 29 -11.16 2.51 -13.46
C ASP A 29 -9.84 2.22 -14.17
N ARG A 30 -9.02 3.26 -14.27
CA ARG A 30 -7.72 3.14 -14.91
C ARG A 30 -6.74 2.39 -14.00
N PRO A 31 -6.31 1.20 -14.47
CA PRO A 31 -5.38 0.37 -13.72
C PRO A 31 -3.96 0.96 -13.79
N VAL A 32 -3.81 1.97 -14.64
CA VAL A 32 -2.52 2.62 -14.81
C VAL A 32 -2.74 4.10 -15.09
N GLY A 33 -1.72 4.89 -14.75
CA GLY A 33 -1.78 6.32 -14.96
C GLY A 33 -1.51 7.07 -13.65
N MET A 34 -1.03 8.29 -13.79
CA MET A 34 -0.72 9.12 -12.63
C MET A 34 -1.87 10.10 -12.35
N ASP A 35 -2.34 10.72 -13.41
CA ASP A 35 -3.43 11.68 -13.30
C ASP A 35 -4.48 11.14 -12.32
N THR A 36 -5.11 10.06 -12.73
CA THR A 36 -6.13 9.43 -11.90
C THR A 36 -5.58 9.14 -10.50
N LEU A 37 -4.41 8.53 -10.48
CA LEU A 37 -3.76 8.19 -9.23
C LEU A 37 -3.86 9.38 -8.27
N ASN A 38 -3.47 10.54 -8.78
CA ASN A 38 -3.51 11.76 -7.99
C ASN A 38 -4.97 12.10 -7.66
N SER A 39 -5.76 12.23 -8.70
CA SER A 39 -7.18 12.55 -8.53
C SER A 39 -7.76 11.76 -7.37
N ALA A 40 -7.42 10.48 -7.34
CA ALA A 40 -7.90 9.60 -6.29
C ALA A 40 -7.48 10.15 -4.93
N ILE A 41 -6.20 10.49 -4.83
CA ILE A 41 -5.67 11.03 -3.59
C ILE A 41 -6.41 12.32 -3.25
N GLU A 42 -6.28 13.30 -4.14
CA GLU A 42 -6.93 14.58 -3.94
C GLU A 42 -8.33 14.38 -3.35
N ASN A 43 -8.95 13.28 -3.73
CA ASN A 43 -10.28 12.96 -3.25
C ASN A 43 -10.21 12.58 -1.77
N LEU A 44 -9.55 11.45 -1.50
CA LEU A 44 -9.39 10.98 -0.15
C LEU A 44 -8.83 12.10 0.73
N MET A 45 -8.12 13.02 0.08
CA MET A 45 -7.52 14.14 0.79
C MET A 45 -8.60 15.05 1.37
N THR A 46 -9.60 15.33 0.55
CA THR A 46 -10.70 16.20 0.98
C THR A 46 -11.76 15.36 1.72
N SER A 47 -11.79 14.07 1.42
CA SER A 47 -12.74 13.18 2.03
C SER A 47 -12.59 13.23 3.56
N SER A 48 -11.45 12.76 4.02
CA SER A 48 -11.16 12.74 5.45
C SER A 48 -10.02 13.70 5.77
N SER A 49 -9.96 14.11 7.03
CA SER A 49 -8.92 15.02 7.47
C SER A 49 -7.58 14.28 7.56
N LYS A 50 -6.54 15.05 7.86
CA LYS A 50 -5.20 14.49 7.98
C LYS A 50 -5.15 13.57 9.20
N GLU A 51 -5.56 14.11 10.33
CA GLU A 51 -5.56 13.36 11.58
C GLU A 51 -6.53 12.17 11.47
N ASP A 52 -7.67 12.44 10.87
CA ASP A 52 -8.69 11.41 10.69
C ASP A 52 -8.02 10.12 10.21
N TRP A 53 -6.90 10.30 9.53
CA TRP A 53 -6.16 9.16 9.00
C TRP A 53 -5.46 8.46 10.17
N PRO A 54 -5.79 7.15 10.33
CA PRO A 54 -5.21 6.36 11.40
C PRO A 54 -3.75 5.99 11.09
N SER A 55 -2.91 6.22 12.08
CA SER A 55 -1.49 5.92 11.93
C SER A 55 -1.28 4.41 11.80
N VAL A 56 -1.05 3.98 10.57
CA VAL A 56 -0.83 2.56 10.32
C VAL A 56 0.60 2.34 9.84
N ASN A 57 0.98 1.08 9.73
CA ASN A 57 2.31 0.73 9.30
C ASN A 57 2.23 -0.01 7.96
N MET A 58 3.26 0.19 7.15
CA MET A 58 3.31 -0.44 5.84
C MET A 58 4.40 -1.53 5.80
N ASN A 59 3.96 -2.76 5.93
CA ASN A 59 4.87 -3.90 5.91
C ASN A 59 5.22 -4.24 4.46
N VAL A 60 6.51 -4.38 4.22
CA VAL A 60 6.99 -4.72 2.88
C VAL A 60 8.05 -5.81 2.98
N ALA A 61 7.66 -7.01 2.59
CA ALA A 61 8.55 -8.16 2.62
C ALA A 61 8.37 -8.99 1.34
N ASP A 62 9.47 -9.58 0.92
CA ASP A 62 9.44 -10.40 -0.28
C ASP A 62 9.10 -9.54 -1.49
N ALA A 63 7.84 -9.15 -1.56
CA ALA A 63 7.37 -8.31 -2.67
C ALA A 63 5.89 -8.01 -2.47
N THR A 64 5.50 -7.86 -1.22
CA THR A 64 4.11 -7.57 -0.88
C THR A 64 4.02 -6.36 0.04
N VAL A 65 2.87 -5.70 -0.01
CA VAL A 65 2.65 -4.53 0.81
C VAL A 65 1.46 -4.78 1.75
N THR A 66 1.79 -5.09 3.00
CA THR A 66 0.76 -5.36 4.00
C THR A 66 0.69 -4.21 5.00
N VAL A 67 -0.49 -3.59 5.05
CA VAL A 67 -0.72 -2.48 5.96
C VAL A 67 -1.09 -3.02 7.34
N ILE A 68 -0.15 -2.93 8.25
CA ILE A 68 -0.36 -3.41 9.61
C ILE A 68 -0.73 -2.22 10.51
N SER A 69 -1.41 -2.53 11.61
CA SER A 69 -1.82 -1.51 12.55
C SER A 69 -0.67 -1.18 13.50
N GLU A 70 -0.85 -0.12 14.27
CA GLU A 70 0.17 0.30 15.23
C GLU A 70 0.02 -0.48 16.53
N LYS A 71 -1.23 -0.72 16.90
CA LYS A 71 -1.52 -1.44 18.12
C LYS A 71 -0.81 -2.80 18.09
N ASN A 72 -1.35 -3.69 17.27
CA ASN A 72 -0.78 -5.02 17.12
C ASN A 72 -0.08 -5.13 15.76
N GLU A 73 0.42 -6.32 15.49
CA GLU A 73 1.12 -6.57 14.24
C GLU A 73 0.28 -7.48 13.34
N GLU A 74 -0.20 -8.58 13.93
CA GLU A 74 -1.01 -9.52 13.18
C GLU A 74 -2.25 -8.83 12.62
N GLU A 75 -2.56 -7.69 13.19
CA GLU A 75 -3.72 -6.91 12.76
C GLU A 75 -3.44 -6.27 11.40
N VAL A 76 -3.40 -7.11 10.37
CA VAL A 76 -3.14 -6.65 9.02
C VAL A 76 -4.37 -5.89 8.51
N LEU A 77 -4.25 -4.57 8.49
CA LEU A 77 -5.34 -3.73 8.03
C LEU A 77 -5.64 -4.05 6.56
N VAL A 78 -4.59 -3.99 5.75
CA VAL A 78 -4.73 -4.27 4.33
C VAL A 78 -3.53 -5.10 3.86
N GLU A 79 -3.76 -5.86 2.81
CA GLU A 79 -2.71 -6.71 2.26
C GLU A 79 -2.66 -6.57 0.73
N CYS A 80 -1.63 -5.88 0.26
CA CYS A 80 -1.46 -5.68 -1.17
C CYS A 80 -0.24 -6.47 -1.62
N ARG A 81 -0.32 -6.96 -2.85
CA ARG A 81 0.77 -7.74 -3.42
C ARG A 81 1.24 -7.11 -4.73
N VAL A 82 2.55 -7.04 -4.89
CA VAL A 82 3.13 -6.48 -6.10
C VAL A 82 2.66 -7.27 -7.31
N ARG A 83 2.27 -8.52 -7.05
CA ARG A 83 1.80 -9.39 -8.11
C ARG A 83 0.36 -9.03 -8.50
N PHE A 84 -0.34 -8.43 -7.54
CA PHE A 84 -1.72 -8.03 -7.77
C PHE A 84 -1.81 -6.52 -8.00
N LEU A 85 -0.66 -5.88 -8.03
CA LEU A 85 -0.60 -4.44 -8.25
C LEU A 85 -0.71 -4.15 -9.74
N SER A 86 -1.24 -2.98 -10.06
CA SER A 86 -1.39 -2.57 -11.44
C SER A 86 -0.53 -1.33 -11.71
N PHE A 87 -0.42 -0.49 -10.71
CA PHE A 87 0.37 0.73 -10.83
C PHE A 87 0.38 1.51 -9.51
N MET A 88 1.19 2.55 -9.49
CA MET A 88 1.29 3.40 -8.32
C MET A 88 1.94 4.74 -8.65
N GLY A 89 2.65 5.29 -7.67
CA GLY A 89 3.31 6.57 -7.86
C GLY A 89 2.91 7.55 -6.75
N VAL A 90 3.82 8.49 -6.49
CA VAL A 90 3.58 9.49 -5.46
C VAL A 90 2.64 10.56 -6.01
N GLY A 91 1.82 11.10 -5.11
CA GLY A 91 0.88 12.14 -5.49
C GLY A 91 1.55 13.51 -5.53
N LYS A 92 0.72 14.54 -5.58
CA LYS A 92 1.22 15.90 -5.61
C LYS A 92 2.42 16.03 -4.67
N ASP A 93 2.12 15.98 -3.39
CA ASP A 93 3.17 16.09 -2.37
C ASP A 93 3.91 14.75 -2.27
N VAL A 94 5.10 14.82 -1.70
CA VAL A 94 5.91 13.63 -1.53
C VAL A 94 5.49 12.90 -0.25
N HIS A 95 4.65 13.58 0.53
CA HIS A 95 4.15 13.01 1.77
C HIS A 95 2.88 12.21 1.50
N THR A 96 2.62 11.99 0.22
CA THR A 96 1.43 11.24 -0.19
C THR A 96 1.82 10.07 -1.09
N PHE A 97 1.23 8.92 -0.79
CA PHE A 97 1.51 7.72 -1.57
C PHE A 97 0.23 6.93 -1.83
N ALA A 98 0.17 6.33 -3.01
CA ALA A 98 -0.98 5.55 -3.40
C ALA A 98 -0.58 4.54 -4.47
N PHE A 99 -1.30 3.42 -4.50
CA PHE A 99 -1.02 2.38 -5.46
C PHE A 99 -2.31 1.68 -5.91
N ILE A 100 -2.37 1.38 -7.19
CA ILE A 100 -3.54 0.73 -7.75
C ILE A 100 -3.36 -0.79 -7.64
N MET A 101 -4.38 -1.43 -7.08
CA MET A 101 -4.35 -2.87 -6.91
C MET A 101 -5.62 -3.52 -7.47
N ASP A 102 -5.56 -4.83 -7.63
CA ASP A 102 -6.69 -5.58 -8.17
C ASP A 102 -7.26 -6.47 -7.06
N THR A 103 -8.54 -6.31 -6.81
CA THR A 103 -9.22 -7.09 -5.79
C THR A 103 -10.27 -7.99 -6.43
N GLY A 104 -11.13 -7.37 -7.22
CA GLY A 104 -12.20 -8.10 -7.89
C GLY A 104 -11.70 -8.70 -9.22
N ASN A 105 -12.61 -8.77 -10.17
CA ASN A 105 -12.28 -9.31 -11.47
C ASN A 105 -11.56 -8.24 -12.31
N GLN A 106 -12.31 -7.21 -12.65
CA GLN A 106 -11.76 -6.11 -13.43
C GLN A 106 -11.78 -4.81 -12.62
N ARG A 107 -11.99 -4.97 -11.33
CA ARG A 107 -12.03 -3.82 -10.43
C ARG A 107 -10.63 -3.51 -9.91
N PHE A 108 -10.44 -2.25 -9.53
CA PHE A 108 -9.17 -1.80 -9.02
C PHE A 108 -9.34 -0.84 -7.84
N GLU A 109 -8.47 -0.98 -6.86
CA GLU A 109 -8.53 -0.14 -5.68
C GLU A 109 -7.21 0.62 -5.51
N CYS A 110 -7.33 1.83 -5.00
CA CYS A 110 -6.16 2.68 -4.78
C CYS A 110 -6.11 3.04 -3.29
N HIS A 111 -5.09 2.53 -2.63
CA HIS A 111 -4.91 2.79 -1.21
C HIS A 111 -4.00 4.01 -1.02
N VAL A 112 -4.61 5.09 -0.56
CA VAL A 112 -3.87 6.32 -0.33
C VAL A 112 -3.24 6.29 1.07
N PHE A 113 -2.03 6.82 1.15
CA PHE A 113 -1.32 6.85 2.42
C PHE A 113 -0.44 8.09 2.51
N TRP A 114 0.04 8.35 3.72
CA TRP A 114 0.90 9.50 3.96
C TRP A 114 2.22 8.99 4.56
N CYS A 115 3.30 9.27 3.84
CA CYS A 115 4.62 8.86 4.29
C CYS A 115 5.44 10.11 4.58
N GLU A 116 6.34 9.98 5.55
CA GLU A 116 7.19 11.08 5.94
C GLU A 116 8.64 10.62 6.05
N PRO A 117 9.58 11.53 5.67
CA PRO A 117 9.19 12.85 5.20
C PRO A 117 8.62 12.78 3.77
N ASN A 118 9.18 11.87 3.00
CA ASN A 118 8.76 11.69 1.63
C ASN A 118 8.45 10.21 1.37
N ALA A 119 7.57 9.98 0.42
CA ALA A 119 7.18 8.61 0.07
C ALA A 119 8.11 8.08 -1.02
N ALA A 120 9.39 8.42 -0.88
CA ALA A 120 10.38 7.98 -1.85
C ALA A 120 10.95 6.64 -1.41
N ASN A 121 10.97 6.43 -0.10
CA ASN A 121 11.49 5.20 0.45
C ASN A 121 10.39 4.14 0.45
N VAL A 122 9.16 4.60 0.65
CA VAL A 122 8.02 3.70 0.68
C VAL A 122 7.72 3.23 -0.76
N SER A 123 7.39 4.18 -1.60
CA SER A 123 7.07 3.88 -2.98
C SER A 123 8.19 3.02 -3.59
N GLU A 124 9.41 3.32 -3.19
CA GLU A 124 10.57 2.58 -3.69
C GLU A 124 10.49 1.13 -3.22
N ALA A 125 10.47 0.95 -1.92
CA ALA A 125 10.40 -0.38 -1.34
C ALA A 125 9.29 -1.18 -2.02
N VAL A 126 8.27 -0.46 -2.48
CA VAL A 126 7.15 -1.08 -3.14
C VAL A 126 7.51 -1.30 -4.62
N GLN A 127 7.95 -0.23 -5.26
CA GLN A 127 8.33 -0.29 -6.66
C GLN A 127 9.41 -1.35 -6.86
N ALA A 128 10.47 -1.22 -6.10
CA ALA A 128 11.59 -2.16 -6.19
C ALA A 128 11.04 -3.58 -6.27
N ALA A 129 9.91 -3.79 -5.62
CA ALA A 129 9.27 -5.09 -5.61
C ALA A 129 8.58 -5.33 -6.96
N CYS A 130 7.64 -4.44 -7.27
CA CYS A 130 6.91 -4.54 -8.51
C CYS A 130 7.89 -4.87 -9.64
N SER A 131 8.99 -4.13 -9.64
CA SER A 131 10.02 -4.33 -10.64
C SER A 131 10.63 -5.73 -10.51
N GLY A 132 11.19 -5.98 -9.33
CA GLY A 132 11.81 -7.27 -9.07
C GLY A 132 13.00 -7.12 -8.11
N PRO A 133 14.21 -6.94 -8.71
CA PRO A 133 15.41 -6.79 -7.93
C PRO A 133 15.48 -5.40 -7.29
N SER A 134 16.27 -5.30 -6.23
CA SER A 134 16.44 -4.04 -5.53
C SER A 134 17.80 -3.43 -5.87
N SER A 135 18.76 -4.30 -6.15
CA SER A 135 20.10 -3.86 -6.49
C SER A 135 20.96 -5.06 -6.87
N GLY A 136 21.02 -5.32 -8.16
CA GLY A 136 21.81 -6.44 -8.67
C GLY A 136 23.27 -6.31 -8.26
N GLY A 1 -13.86 -35.31 23.42
CA GLY A 1 -13.39 -34.01 22.96
C GLY A 1 -12.30 -34.18 21.91
N SER A 2 -12.06 -33.10 21.16
CA SER A 2 -11.04 -33.12 20.13
C SER A 2 -10.71 -31.68 19.71
N SER A 3 -9.43 -31.43 19.52
CA SER A 3 -8.97 -30.11 19.13
C SER A 3 -7.73 -30.24 18.23
N GLY A 4 -7.34 -29.11 17.65
CA GLY A 4 -6.19 -29.08 16.78
C GLY A 4 -5.01 -28.37 17.45
N SER A 5 -3.87 -28.42 16.78
CA SER A 5 -2.66 -27.79 17.31
C SER A 5 -2.00 -26.96 16.21
N SER A 6 -1.15 -26.04 16.65
CA SER A 6 -0.44 -25.17 15.72
C SER A 6 1.04 -25.12 16.09
N GLY A 7 1.83 -24.56 15.17
CA GLY A 7 3.26 -24.45 15.38
C GLY A 7 3.74 -23.02 15.09
N PRO A 8 5.08 -22.83 15.21
CA PRO A 8 5.68 -21.53 14.97
C PRO A 8 5.75 -21.22 13.48
N THR A 9 6.33 -20.08 13.16
CA THR A 9 6.47 -19.67 11.77
C THR A 9 7.95 -19.54 11.40
N PRO A 10 8.51 -20.67 10.92
CA PRO A 10 9.92 -20.70 10.51
C PRO A 10 10.12 -19.98 9.18
N LYS A 11 11.37 -19.62 8.92
CA LYS A 11 11.71 -18.94 7.69
C LYS A 11 11.22 -17.48 7.77
N THR A 12 12.14 -16.58 7.49
CA THR A 12 11.82 -15.15 7.52
C THR A 12 12.72 -14.38 6.56
N GLU A 13 12.22 -13.23 6.13
CA GLU A 13 12.96 -12.39 5.20
C GLU A 13 12.91 -10.93 5.66
N LEU A 14 13.82 -10.14 5.11
CA LEU A 14 13.88 -8.73 5.45
C LEU A 14 12.54 -8.07 5.14
N VAL A 15 12.13 -7.20 6.05
CA VAL A 15 10.87 -6.50 5.89
C VAL A 15 11.08 -5.00 6.12
N GLN A 16 10.25 -4.21 5.46
CA GLN A 16 10.34 -2.76 5.59
C GLN A 16 8.99 -2.18 6.03
N LYS A 17 8.98 -1.68 7.26
CA LYS A 17 7.77 -1.09 7.82
C LYS A 17 7.88 0.43 7.77
N PHE A 18 6.83 1.05 7.27
CA PHE A 18 6.79 2.50 7.17
C PHE A 18 5.50 3.07 7.76
N ARG A 19 5.65 3.80 8.85
CA ARG A 19 4.51 4.41 9.51
C ARG A 19 3.85 5.45 8.61
N VAL A 20 2.67 5.10 8.11
CA VAL A 20 1.94 6.00 7.24
C VAL A 20 0.48 6.04 7.67
N GLN A 21 -0.17 7.15 7.34
CA GLN A 21 -1.57 7.34 7.68
C GLN A 21 -2.47 6.77 6.59
N TYR A 22 -3.58 6.18 7.02
CA TYR A 22 -4.53 5.59 6.08
C TYR A 22 -5.64 6.59 5.73
N LEU A 23 -5.54 7.10 4.52
CA LEU A 23 -6.53 8.07 4.04
C LEU A 23 -7.83 7.34 3.73
N GLY A 24 -7.69 6.22 3.05
CA GLY A 24 -8.86 5.42 2.68
C GLY A 24 -8.69 4.84 1.27
N MET A 25 -9.50 3.83 0.99
CA MET A 25 -9.47 3.18 -0.31
C MET A 25 -10.43 3.86 -1.29
N LEU A 26 -9.92 4.14 -2.48
CA LEU A 26 -10.72 4.78 -3.50
C LEU A 26 -10.59 4.00 -4.81
N PRO A 27 -11.76 3.64 -5.39
CA PRO A 27 -11.79 2.89 -6.64
C PRO A 27 -11.45 3.80 -7.82
N VAL A 28 -10.86 3.19 -8.84
CA VAL A 28 -10.47 3.92 -10.03
C VAL A 28 -10.70 3.04 -11.26
N ASP A 29 -11.05 3.69 -12.36
CA ASP A 29 -11.31 2.98 -13.61
C ASP A 29 -9.97 2.58 -14.23
N ARG A 30 -9.09 3.56 -14.34
CA ARG A 30 -7.78 3.32 -14.92
C ARG A 30 -6.84 2.70 -13.88
N PRO A 31 -6.43 1.45 -14.16
CA PRO A 31 -5.53 0.73 -13.25
C PRO A 31 -4.10 1.27 -13.37
N VAL A 32 -3.90 2.13 -14.35
CA VAL A 32 -2.59 2.72 -14.58
C VAL A 32 -2.75 4.21 -14.91
N GLY A 33 -1.76 4.98 -14.49
CA GLY A 33 -1.78 6.42 -14.74
C GLY A 33 -1.48 7.20 -13.47
N MET A 34 -1.17 8.47 -13.64
CA MET A 34 -0.86 9.33 -12.52
C MET A 34 -2.01 10.30 -12.23
N ASP A 35 -2.59 10.82 -13.30
CA ASP A 35 -3.69 11.75 -13.18
C ASP A 35 -4.72 11.20 -12.19
N THR A 36 -5.30 10.07 -12.56
CA THR A 36 -6.30 9.44 -11.71
C THR A 36 -5.74 9.24 -10.30
N LEU A 37 -4.54 8.69 -10.24
CA LEU A 37 -3.89 8.44 -8.96
C LEU A 37 -4.03 9.68 -8.08
N ASN A 38 -3.33 10.73 -8.47
CA ASN A 38 -3.38 11.98 -7.72
C ASN A 38 -4.84 12.35 -7.43
N SER A 39 -5.62 12.40 -8.50
CA SER A 39 -7.03 12.73 -8.38
C SER A 39 -7.64 12.02 -7.16
N ALA A 40 -7.46 10.70 -7.14
CA ALA A 40 -7.99 9.90 -6.05
C ALA A 40 -7.49 10.48 -4.72
N ILE A 41 -6.19 10.63 -4.62
CA ILE A 41 -5.58 11.16 -3.41
C ILE A 41 -6.27 12.47 -3.04
N GLU A 42 -6.27 13.40 -3.97
CA GLU A 42 -6.90 14.69 -3.76
C GLU A 42 -8.33 14.51 -3.25
N ASN A 43 -9.06 13.66 -3.95
CA ASN A 43 -10.44 13.39 -3.59
C ASN A 43 -10.51 12.95 -2.12
N LEU A 44 -9.64 12.00 -1.79
CA LEU A 44 -9.58 11.48 -0.44
C LEU A 44 -9.14 12.59 0.51
N MET A 45 -8.04 13.24 0.14
CA MET A 45 -7.50 14.33 0.95
C MET A 45 -8.62 15.15 1.57
N THR A 46 -9.38 15.81 0.70
CA THR A 46 -10.48 16.65 1.15
C THR A 46 -11.20 15.99 2.33
N SER A 47 -11.79 14.84 2.04
CA SER A 47 -12.51 14.09 3.06
C SER A 47 -11.54 13.57 4.12
N SER A 48 -12.02 13.56 5.36
CA SER A 48 -11.21 13.09 6.47
C SER A 48 -9.98 13.98 6.63
N SER A 49 -9.77 14.43 7.85
CA SER A 49 -8.64 15.30 8.15
C SER A 49 -7.36 14.46 8.24
N LYS A 50 -6.25 15.16 8.45
CA LYS A 50 -4.96 14.50 8.56
C LYS A 50 -4.98 13.56 9.77
N GLU A 51 -5.43 14.09 10.90
CA GLU A 51 -5.51 13.31 12.12
C GLU A 51 -6.51 12.18 11.97
N ASP A 52 -7.61 12.50 11.30
CA ASP A 52 -8.66 11.52 11.07
C ASP A 52 -8.06 10.24 10.50
N TRP A 53 -6.90 10.41 9.88
CA TRP A 53 -6.20 9.28 9.28
C TRP A 53 -5.45 8.54 10.40
N PRO A 54 -5.75 7.22 10.51
CA PRO A 54 -5.11 6.40 11.53
C PRO A 54 -3.67 6.07 11.13
N SER A 55 -2.77 6.30 12.09
CA SER A 55 -1.36 6.04 11.85
C SER A 55 -1.12 4.53 11.74
N VAL A 56 -0.96 4.07 10.51
CA VAL A 56 -0.74 2.67 10.24
C VAL A 56 0.69 2.47 9.73
N ASN A 57 1.05 1.21 9.53
CA ASN A 57 2.38 0.88 9.04
C ASN A 57 2.26 0.12 7.72
N MET A 58 3.29 0.27 6.90
CA MET A 58 3.31 -0.39 5.61
C MET A 58 4.41 -1.45 5.55
N ASN A 59 3.99 -2.70 5.62
CA ASN A 59 4.93 -3.82 5.59
C ASN A 59 5.29 -4.12 4.13
N VAL A 60 6.57 -4.38 3.90
CA VAL A 60 7.05 -4.69 2.57
C VAL A 60 8.01 -5.87 2.65
N ALA A 61 7.55 -7.00 2.13
CA ALA A 61 8.36 -8.20 2.13
C ALA A 61 7.77 -9.22 1.14
N ASP A 62 8.54 -10.26 0.87
CA ASP A 62 8.10 -11.30 -0.05
C ASP A 62 7.37 -10.65 -1.22
N ALA A 63 7.88 -9.50 -1.62
CA ALA A 63 7.28 -8.77 -2.74
C ALA A 63 5.79 -8.58 -2.49
N THR A 64 5.48 -8.00 -1.34
CA THR A 64 4.10 -7.76 -0.96
C THR A 64 3.98 -6.45 -0.18
N VAL A 65 2.76 -5.92 -0.15
CA VAL A 65 2.49 -4.68 0.56
C VAL A 65 1.31 -4.87 1.50
N THR A 66 1.63 -5.09 2.77
CA THR A 66 0.61 -5.29 3.79
C THR A 66 0.62 -4.13 4.79
N VAL A 67 -0.55 -3.53 4.95
CA VAL A 67 -0.70 -2.42 5.87
C VAL A 67 -0.99 -2.95 7.27
N ILE A 68 0.03 -2.89 8.12
CA ILE A 68 -0.11 -3.36 9.49
C ILE A 68 -0.42 -2.17 10.40
N SER A 69 -1.25 -2.45 11.40
CA SER A 69 -1.63 -1.42 12.35
C SER A 69 -0.40 -0.88 13.07
N GLU A 70 -0.61 0.20 13.82
CA GLU A 70 0.47 0.82 14.56
C GLU A 70 0.53 0.25 15.98
N LYS A 71 -0.62 0.21 16.61
CA LYS A 71 -0.71 -0.31 17.97
C LYS A 71 -1.00 -1.81 17.92
N ASN A 72 -0.19 -2.50 17.13
CA ASN A 72 -0.35 -3.95 16.99
C ASN A 72 0.49 -4.43 15.80
N GLU A 73 1.67 -4.95 16.11
CA GLU A 73 2.56 -5.44 15.08
C GLU A 73 2.14 -6.85 14.66
N GLU A 74 0.89 -6.96 14.22
CA GLU A 74 0.36 -8.25 13.78
C GLU A 74 -0.94 -8.04 13.00
N GLU A 75 -1.76 -7.14 13.50
CA GLU A 75 -3.03 -6.84 12.85
C GLU A 75 -2.79 -6.33 11.44
N VAL A 76 -3.28 -7.10 10.47
CA VAL A 76 -3.13 -6.73 9.07
C VAL A 76 -4.38 -5.99 8.60
N LEU A 77 -4.25 -4.68 8.49
CA LEU A 77 -5.36 -3.85 8.06
C LEU A 77 -5.69 -4.19 6.60
N VAL A 78 -4.72 -3.98 5.74
CA VAL A 78 -4.91 -4.26 4.32
C VAL A 78 -3.80 -5.20 3.84
N GLU A 79 -4.17 -6.09 2.93
CA GLU A 79 -3.21 -7.04 2.38
C GLU A 79 -3.09 -6.86 0.87
N CYS A 80 -2.06 -6.12 0.48
CA CYS A 80 -1.81 -5.86 -0.93
C CYS A 80 -0.48 -6.52 -1.31
N ARG A 81 -0.40 -6.91 -2.57
CA ARG A 81 0.81 -7.55 -3.07
C ARG A 81 1.35 -6.77 -4.29
N VAL A 82 2.39 -7.34 -4.89
CA VAL A 82 3.00 -6.72 -6.05
C VAL A 82 2.47 -7.40 -7.32
N ARG A 83 2.17 -8.68 -7.18
CA ARG A 83 1.66 -9.46 -8.30
C ARG A 83 0.23 -9.04 -8.63
N PHE A 84 -0.38 -8.35 -7.68
CA PHE A 84 -1.75 -7.89 -7.86
C PHE A 84 -1.79 -6.36 -8.07
N LEU A 85 -0.62 -5.76 -7.97
CA LEU A 85 -0.50 -4.32 -8.15
C LEU A 85 -0.63 -3.98 -9.63
N SER A 86 -1.20 -2.82 -9.89
CA SER A 86 -1.40 -2.37 -11.26
C SER A 86 -0.54 -1.12 -11.52
N PHE A 87 -0.47 -0.27 -10.52
CA PHE A 87 0.31 0.96 -10.63
C PHE A 87 0.27 1.75 -9.32
N MET A 88 1.08 2.80 -9.27
CA MET A 88 1.15 3.64 -8.10
C MET A 88 1.99 4.89 -8.37
N GLY A 89 2.50 5.47 -7.28
CA GLY A 89 3.32 6.67 -7.40
C GLY A 89 3.12 7.58 -6.18
N VAL A 90 3.75 8.74 -6.24
CA VAL A 90 3.66 9.70 -5.16
C VAL A 90 2.70 10.82 -5.55
N GLY A 91 1.65 10.96 -4.76
CA GLY A 91 0.65 11.98 -5.01
C GLY A 91 1.31 13.35 -5.23
N LYS A 92 0.47 14.34 -5.49
CA LYS A 92 0.96 15.70 -5.72
C LYS A 92 2.09 16.00 -4.73
N ASP A 93 1.81 15.75 -3.46
CA ASP A 93 2.78 15.99 -2.41
C ASP A 93 3.73 14.80 -2.33
N VAL A 94 4.87 15.04 -1.70
CA VAL A 94 5.88 14.00 -1.55
C VAL A 94 5.53 13.13 -0.33
N HIS A 95 4.54 13.60 0.41
CA HIS A 95 4.11 12.88 1.61
C HIS A 95 2.81 12.13 1.30
N THR A 96 2.64 11.81 0.03
CA THR A 96 1.45 11.09 -0.41
C THR A 96 1.84 9.90 -1.29
N PHE A 97 1.33 8.74 -0.92
CA PHE A 97 1.62 7.53 -1.66
C PHE A 97 0.36 6.68 -1.83
N ALA A 98 0.08 6.33 -3.08
CA ALA A 98 -1.08 5.52 -3.39
C ALA A 98 -0.75 4.56 -4.54
N PHE A 99 -1.44 3.42 -4.54
CA PHE A 99 -1.22 2.42 -5.56
C PHE A 99 -2.53 1.70 -5.92
N ILE A 100 -2.65 1.36 -7.18
CA ILE A 100 -3.84 0.67 -7.66
C ILE A 100 -3.63 -0.84 -7.56
N MET A 101 -4.56 -1.50 -6.87
CA MET A 101 -4.48 -2.93 -6.70
C MET A 101 -5.58 -3.65 -7.49
N ASP A 102 -5.40 -4.95 -7.66
CA ASP A 102 -6.36 -5.75 -8.39
C ASP A 102 -6.83 -6.90 -7.51
N THR A 103 -8.08 -6.79 -7.05
CA THR A 103 -8.66 -7.81 -6.20
C THR A 103 -9.30 -8.91 -7.05
N GLY A 104 -10.22 -8.50 -7.91
CA GLY A 104 -10.90 -9.44 -8.78
C GLY A 104 -11.92 -8.72 -9.67
N ASN A 105 -12.08 -9.24 -10.88
CA ASN A 105 -13.00 -8.66 -11.83
C ASN A 105 -12.42 -7.33 -12.36
N GLN A 106 -13.27 -6.60 -13.06
CA GLN A 106 -12.86 -5.31 -13.61
C GLN A 106 -12.94 -4.22 -12.55
N ARG A 107 -12.35 -4.51 -11.39
CA ARG A 107 -12.35 -3.57 -10.30
C ARG A 107 -10.92 -3.36 -9.78
N PHE A 108 -10.65 -2.12 -9.41
CA PHE A 108 -9.32 -1.77 -8.90
C PHE A 108 -9.44 -0.81 -7.71
N GLU A 109 -8.76 -1.18 -6.63
CA GLU A 109 -8.77 -0.37 -5.42
C GLU A 109 -7.45 0.40 -5.28
N CYS A 110 -7.58 1.69 -4.98
CA CYS A 110 -6.41 2.53 -4.82
C CYS A 110 -6.31 2.94 -3.35
N HIS A 111 -5.29 2.41 -2.69
CA HIS A 111 -5.07 2.71 -1.28
C HIS A 111 -4.13 3.91 -1.16
N VAL A 112 -4.65 4.96 -0.57
CA VAL A 112 -3.87 6.18 -0.37
C VAL A 112 -3.25 6.17 1.03
N PHE A 113 -2.04 6.69 1.11
CA PHE A 113 -1.34 6.74 2.39
C PHE A 113 -0.45 8.00 2.47
N TRP A 114 -0.02 8.29 3.69
CA TRP A 114 0.83 9.45 3.91
C TRP A 114 2.17 8.95 4.45
N CYS A 115 3.20 9.14 3.64
CA CYS A 115 4.54 8.70 4.02
C CYS A 115 5.35 9.96 4.38
N GLU A 116 6.25 9.79 5.34
CA GLU A 116 7.09 10.89 5.77
C GLU A 116 8.55 10.43 5.85
N PRO A 117 9.46 11.37 5.47
CA PRO A 117 9.04 12.68 5.02
C PRO A 117 8.45 12.62 3.62
N ASN A 118 9.15 11.89 2.75
CA ASN A 118 8.71 11.75 1.37
C ASN A 118 8.39 10.27 1.10
N ALA A 119 7.55 10.07 0.09
CA ALA A 119 7.15 8.72 -0.28
C ALA A 119 8.11 8.18 -1.33
N ALA A 120 9.39 8.51 -1.14
CA ALA A 120 10.42 8.06 -2.06
C ALA A 120 10.95 6.69 -1.60
N ASN A 121 11.12 6.58 -0.29
CA ASN A 121 11.61 5.34 0.29
C ASN A 121 10.52 4.27 0.22
N VAL A 122 9.30 4.70 0.50
CA VAL A 122 8.15 3.80 0.48
C VAL A 122 7.94 3.30 -0.94
N SER A 123 7.59 4.22 -1.83
CA SER A 123 7.35 3.89 -3.22
C SER A 123 8.48 3.00 -3.73
N GLU A 124 9.70 3.34 -3.32
CA GLU A 124 10.87 2.59 -3.73
C GLU A 124 10.83 1.18 -3.15
N ALA A 125 10.78 1.11 -1.82
CA ALA A 125 10.74 -0.16 -1.13
C ALA A 125 9.60 -1.01 -1.69
N VAL A 126 8.54 -0.32 -2.10
CA VAL A 126 7.37 -0.99 -2.65
C VAL A 126 7.67 -1.39 -4.10
N GLN A 127 8.19 -0.43 -4.85
CA GLN A 127 8.53 -0.68 -6.24
C GLN A 127 9.53 -1.82 -6.36
N ALA A 128 10.64 -1.68 -5.65
CA ALA A 128 11.68 -2.69 -5.66
C ALA A 128 11.06 -4.07 -5.43
N ALA A 129 9.90 -4.05 -4.80
CA ALA A 129 9.18 -5.29 -4.52
C ALA A 129 8.60 -5.85 -5.82
N CYS A 130 7.91 -4.98 -6.54
CA CYS A 130 7.30 -5.37 -7.80
C CYS A 130 8.42 -5.64 -8.81
N SER A 131 9.15 -4.58 -9.13
CA SER A 131 10.25 -4.68 -10.08
C SER A 131 9.74 -5.27 -11.40
N GLY A 132 9.23 -4.40 -12.25
CA GLY A 132 8.71 -4.83 -13.55
C GLY A 132 9.39 -4.06 -14.68
N PRO A 133 8.55 -3.53 -15.60
CA PRO A 133 9.05 -2.77 -16.73
C PRO A 133 9.53 -1.38 -16.30
N SER A 134 8.79 -0.80 -15.38
CA SER A 134 9.12 0.52 -14.87
C SER A 134 10.41 0.46 -14.05
N SER A 135 11.38 1.26 -14.46
CA SER A 135 12.67 1.30 -13.78
C SER A 135 13.31 2.67 -13.98
N GLY A 136 14.11 3.06 -13.00
CA GLY A 136 14.79 4.34 -13.05
C GLY A 136 14.24 5.30 -11.99
N GLY A 1 -15.11 -24.90 25.31
CA GLY A 1 -14.29 -24.30 24.27
C GLY A 1 -12.81 -24.38 24.63
N SER A 2 -11.98 -24.10 23.63
CA SER A 2 -10.55 -24.14 23.83
C SER A 2 -9.87 -23.09 22.94
N SER A 3 -10.09 -23.22 21.64
CA SER A 3 -9.52 -22.29 20.68
C SER A 3 -7.99 -22.36 20.74
N GLY A 4 -7.38 -22.01 19.62
CA GLY A 4 -5.92 -22.03 19.53
C GLY A 4 -5.46 -21.84 18.09
N SER A 5 -5.70 -22.87 17.29
CA SER A 5 -5.31 -22.83 15.89
C SER A 5 -3.79 -22.78 15.76
N SER A 6 -3.32 -22.99 14.54
CA SER A 6 -1.89 -22.97 14.28
C SER A 6 -1.51 -21.68 13.54
N GLY A 7 -0.27 -21.27 13.76
CA GLY A 7 0.23 -20.06 13.12
C GLY A 7 1.46 -20.35 12.27
N PRO A 8 1.19 -20.59 10.95
CA PRO A 8 2.27 -20.88 10.01
C PRO A 8 3.05 -19.62 9.67
N THR A 9 4.19 -19.47 10.34
CA THR A 9 5.04 -18.32 10.11
C THR A 9 5.88 -18.50 8.85
N PRO A 10 6.04 -17.39 8.09
CA PRO A 10 6.82 -17.43 6.86
C PRO A 10 8.32 -17.49 7.17
N LYS A 11 9.11 -17.33 6.11
CA LYS A 11 10.56 -17.37 6.25
C LYS A 11 11.03 -16.12 6.98
N THR A 12 12.32 -16.08 7.26
CA THR A 12 12.91 -14.94 7.96
C THR A 12 13.58 -14.00 6.97
N GLU A 13 12.74 -13.23 6.27
CA GLU A 13 13.25 -12.28 5.30
C GLU A 13 13.18 -10.86 5.86
N LEU A 14 13.93 -9.97 5.22
CA LEU A 14 13.96 -8.59 5.64
C LEU A 14 12.63 -7.91 5.29
N VAL A 15 12.13 -7.13 6.22
CA VAL A 15 10.87 -6.43 6.03
C VAL A 15 11.06 -4.94 6.31
N GLN A 16 10.25 -4.12 5.66
CA GLN A 16 10.32 -2.68 5.82
C GLN A 16 8.98 -2.13 6.29
N LYS A 17 8.94 -1.69 7.53
CA LYS A 17 7.73 -1.15 8.10
C LYS A 17 7.83 0.38 8.14
N PHE A 18 6.83 1.02 7.55
CA PHE A 18 6.80 2.48 7.51
C PHE A 18 5.49 3.01 8.08
N ARG A 19 5.60 3.68 9.21
CA ARG A 19 4.44 4.25 9.87
C ARG A 19 3.82 5.35 8.99
N VAL A 20 2.75 4.98 8.31
CA VAL A 20 2.06 5.92 7.44
C VAL A 20 0.58 5.98 7.82
N GLN A 21 -0.05 7.07 7.45
CA GLN A 21 -1.46 7.26 7.75
C GLN A 21 -2.33 6.68 6.63
N TYR A 22 -3.47 6.14 7.02
CA TYR A 22 -4.39 5.54 6.08
C TYR A 22 -5.49 6.53 5.67
N LEU A 23 -5.32 7.10 4.48
CA LEU A 23 -6.28 8.06 3.97
C LEU A 23 -7.61 7.36 3.70
N GLY A 24 -7.51 6.22 3.03
CA GLY A 24 -8.70 5.44 2.70
C GLY A 24 -8.59 4.83 1.31
N MET A 25 -9.46 3.87 1.05
CA MET A 25 -9.47 3.19 -0.24
C MET A 25 -10.46 3.87 -1.20
N LEU A 26 -10.00 4.09 -2.42
CA LEU A 26 -10.81 4.72 -3.43
C LEU A 26 -10.67 3.96 -4.75
N PRO A 27 -11.84 3.57 -5.32
CA PRO A 27 -11.85 2.84 -6.57
C PRO A 27 -11.55 3.76 -7.76
N VAL A 28 -10.93 3.18 -8.77
CA VAL A 28 -10.58 3.93 -9.96
C VAL A 28 -11.01 3.16 -11.20
N ASP A 29 -11.06 3.88 -12.31
CA ASP A 29 -11.46 3.27 -13.57
C ASP A 29 -10.23 2.72 -14.29
N ARG A 30 -9.16 3.52 -14.26
CA ARG A 30 -7.92 3.13 -14.90
C ARG A 30 -6.99 2.46 -13.89
N PRO A 31 -6.48 1.26 -14.27
CA PRO A 31 -5.58 0.52 -13.41
C PRO A 31 -4.18 1.15 -13.39
N VAL A 32 -3.99 2.10 -14.28
CA VAL A 32 -2.72 2.78 -14.38
C VAL A 32 -2.96 4.28 -14.62
N GLY A 33 -1.87 5.02 -14.70
CA GLY A 33 -1.95 6.46 -14.93
C GLY A 33 -1.78 7.23 -13.61
N MET A 34 -1.14 8.38 -13.72
CA MET A 34 -0.91 9.22 -12.55
C MET A 34 -2.11 10.13 -12.28
N ASP A 35 -2.60 10.74 -13.35
CA ASP A 35 -3.74 11.64 -13.25
C ASP A 35 -4.79 11.01 -12.34
N THR A 36 -5.29 9.85 -12.78
CA THR A 36 -6.30 9.14 -12.02
C THR A 36 -5.82 8.89 -10.58
N LEU A 37 -4.55 8.56 -10.48
CA LEU A 37 -3.95 8.29 -9.18
C LEU A 37 -4.10 9.52 -8.29
N ASN A 38 -3.51 10.61 -8.74
CA ASN A 38 -3.57 11.86 -8.00
C ASN A 38 -5.03 12.20 -7.70
N SER A 39 -5.82 12.21 -8.76
CA SER A 39 -7.24 12.53 -8.63
C SER A 39 -7.82 11.79 -7.42
N ALA A 40 -7.50 10.50 -7.33
CA ALA A 40 -7.97 9.69 -6.23
C ALA A 40 -7.52 10.30 -4.91
N ILE A 41 -6.20 10.40 -4.76
CA ILE A 41 -5.61 10.95 -3.55
C ILE A 41 -6.33 12.27 -3.21
N GLU A 42 -6.14 13.24 -4.09
CA GLU A 42 -6.75 14.55 -3.89
C GLU A 42 -8.18 14.39 -3.37
N ASN A 43 -8.89 13.46 -3.98
CA ASN A 43 -10.28 13.20 -3.59
C ASN A 43 -10.34 12.95 -2.08
N LEU A 44 -9.63 11.92 -1.64
CA LEU A 44 -9.59 11.58 -0.24
C LEU A 44 -9.21 12.80 0.58
N MET A 45 -8.04 13.35 0.26
CA MET A 45 -7.56 14.53 0.95
C MET A 45 -8.68 15.53 1.19
N THR A 46 -9.23 16.02 0.09
CA THR A 46 -10.32 16.99 0.17
C THR A 46 -11.61 16.30 0.62
N SER A 47 -11.56 15.70 1.79
CA SER A 47 -12.72 15.01 2.33
C SER A 47 -12.51 14.75 3.83
N SER A 48 -11.44 14.04 4.13
CA SER A 48 -11.11 13.72 5.52
C SER A 48 -9.91 14.54 5.97
N SER A 49 -9.81 14.70 7.29
CA SER A 49 -8.71 15.45 7.88
C SER A 49 -7.41 14.65 7.78
N LYS A 50 -6.32 15.31 8.08
CA LYS A 50 -5.02 14.68 8.04
C LYS A 50 -4.85 13.77 9.25
N GLU A 51 -5.12 14.34 10.42
CA GLU A 51 -5.01 13.59 11.66
C GLU A 51 -6.06 12.48 11.70
N ASP A 52 -7.19 12.76 11.07
CA ASP A 52 -8.28 11.79 11.04
C ASP A 52 -7.74 10.45 10.55
N TRP A 53 -6.73 10.52 9.71
CA TRP A 53 -6.11 9.32 9.17
C TRP A 53 -5.39 8.59 10.30
N PRO A 54 -5.71 7.28 10.43
CA PRO A 54 -5.10 6.47 11.48
C PRO A 54 -3.65 6.13 11.12
N SER A 55 -2.79 6.22 12.14
CA SER A 55 -1.38 5.91 11.95
C SER A 55 -1.18 4.40 11.83
N VAL A 56 -0.99 3.97 10.58
CA VAL A 56 -0.78 2.56 10.33
C VAL A 56 0.65 2.34 9.84
N ASN A 57 1.05 1.08 9.78
CA ASN A 57 2.39 0.72 9.34
C ASN A 57 2.30 -0.03 8.00
N MET A 58 3.26 0.26 7.14
CA MET A 58 3.30 -0.37 5.83
C MET A 58 4.40 -1.43 5.77
N ASN A 59 3.97 -2.68 5.77
CA ASN A 59 4.91 -3.80 5.71
C ASN A 59 5.31 -4.04 4.26
N VAL A 60 6.60 -4.27 4.07
CA VAL A 60 7.12 -4.53 2.74
C VAL A 60 8.10 -5.70 2.79
N ALA A 61 7.66 -6.82 2.21
CA ALA A 61 8.48 -8.02 2.19
C ALA A 61 7.88 -9.02 1.20
N ASP A 62 8.64 -10.07 0.94
CA ASP A 62 8.20 -11.10 0.02
C ASP A 62 7.49 -10.46 -1.17
N ALA A 63 7.95 -9.27 -1.52
CA ALA A 63 7.38 -8.54 -2.63
C ALA A 63 5.87 -8.39 -2.42
N THR A 64 5.52 -7.86 -1.25
CA THR A 64 4.13 -7.66 -0.90
C THR A 64 3.97 -6.39 -0.04
N VAL A 65 2.78 -5.82 -0.12
CA VAL A 65 2.48 -4.62 0.64
C VAL A 65 1.33 -4.90 1.60
N THR A 66 1.68 -5.04 2.87
CA THR A 66 0.70 -5.32 3.90
C THR A 66 0.64 -4.16 4.91
N VAL A 67 -0.53 -3.56 5.01
CA VAL A 67 -0.72 -2.45 5.93
C VAL A 67 -1.07 -3.00 7.32
N ILE A 68 -0.12 -2.88 8.22
CA ILE A 68 -0.30 -3.36 9.57
C ILE A 68 -0.59 -2.16 10.49
N SER A 69 -1.26 -2.46 11.60
CA SER A 69 -1.60 -1.44 12.57
C SER A 69 -0.37 -1.06 13.39
N GLU A 70 -0.50 0.05 14.12
CA GLU A 70 0.58 0.53 14.96
C GLU A 70 0.58 -0.21 16.30
N LYS A 71 -0.60 -0.25 16.91
CA LYS A 71 -0.75 -0.92 18.20
C LYS A 71 -1.05 -2.40 17.97
N ASN A 72 -0.28 -3.00 17.07
CA ASN A 72 -0.44 -4.40 16.76
C ASN A 72 0.36 -4.74 15.50
N GLU A 73 0.80 -5.99 15.43
CA GLU A 73 1.57 -6.44 14.29
C GLU A 73 0.79 -7.48 13.49
N GLU A 74 -0.07 -8.20 14.20
CA GLU A 74 -0.89 -9.23 13.58
C GLU A 74 -2.23 -8.63 13.10
N GLU A 75 -2.24 -7.31 13.01
CA GLU A 75 -3.43 -6.61 12.57
C GLU A 75 -3.23 -6.05 11.16
N VAL A 76 -3.33 -6.93 10.19
CA VAL A 76 -3.16 -6.54 8.80
C VAL A 76 -4.42 -5.83 8.31
N LEU A 77 -4.37 -4.50 8.36
CA LEU A 77 -5.50 -3.70 7.93
C LEU A 77 -5.77 -3.96 6.46
N VAL A 78 -4.70 -4.01 5.69
CA VAL A 78 -4.81 -4.26 4.25
C VAL A 78 -3.62 -5.10 3.79
N GLU A 79 -3.89 -6.00 2.85
CA GLU A 79 -2.86 -6.86 2.31
C GLU A 79 -2.85 -6.79 0.79
N CYS A 80 -1.75 -6.27 0.26
CA CYS A 80 -1.61 -6.14 -1.18
C CYS A 80 -0.31 -6.83 -1.60
N ARG A 81 -0.31 -7.35 -2.82
CA ARG A 81 0.86 -8.03 -3.34
C ARG A 81 1.31 -7.38 -4.65
N VAL A 82 2.63 -7.24 -4.77
CA VAL A 82 3.21 -6.64 -5.97
C VAL A 82 2.84 -7.48 -7.19
N ARG A 83 2.37 -8.69 -6.92
CA ARG A 83 1.98 -9.59 -7.99
C ARG A 83 0.56 -9.29 -8.45
N PHE A 84 -0.15 -8.53 -7.62
CA PHE A 84 -1.52 -8.16 -7.94
C PHE A 84 -1.62 -6.65 -8.23
N LEU A 85 -0.58 -5.94 -7.85
CA LEU A 85 -0.55 -4.50 -8.06
C LEU A 85 -0.68 -4.21 -9.55
N SER A 86 -1.20 -3.02 -9.85
CA SER A 86 -1.40 -2.61 -11.23
C SER A 86 -0.55 -1.36 -11.52
N PHE A 87 -0.45 -0.50 -10.52
CA PHE A 87 0.31 0.72 -10.66
C PHE A 87 0.31 1.52 -9.35
N MET A 88 1.08 2.59 -9.35
CA MET A 88 1.17 3.46 -8.17
C MET A 88 1.81 4.80 -8.53
N GLY A 89 2.51 5.36 -7.56
CA GLY A 89 3.17 6.64 -7.75
C GLY A 89 2.92 7.57 -6.57
N VAL A 90 3.85 8.50 -6.38
CA VAL A 90 3.74 9.45 -5.29
C VAL A 90 2.77 10.56 -5.67
N GLY A 91 1.79 10.77 -4.82
CA GLY A 91 0.78 11.79 -5.05
C GLY A 91 1.44 13.16 -5.24
N LYS A 92 0.59 14.17 -5.41
CA LYS A 92 1.06 15.53 -5.61
C LYS A 92 2.24 15.79 -4.66
N ASP A 93 1.92 15.86 -3.37
CA ASP A 93 2.93 16.10 -2.37
C ASP A 93 3.87 14.89 -2.29
N VAL A 94 4.99 15.10 -1.60
CA VAL A 94 5.98 14.05 -1.45
C VAL A 94 5.61 13.19 -0.23
N HIS A 95 4.67 13.70 0.55
CA HIS A 95 4.23 13.00 1.74
C HIS A 95 2.93 12.25 1.44
N THR A 96 2.78 11.89 0.17
CA THR A 96 1.61 11.16 -0.27
C THR A 96 2.00 9.94 -1.08
N PHE A 97 1.23 8.86 -0.90
CA PHE A 97 1.50 7.63 -1.61
C PHE A 97 0.21 6.84 -1.83
N ALA A 98 0.09 6.29 -3.03
CA ALA A 98 -1.09 5.51 -3.39
C ALA A 98 -0.73 4.51 -4.48
N PHE A 99 -1.32 3.33 -4.37
CA PHE A 99 -1.07 2.27 -5.34
C PHE A 99 -2.36 1.58 -5.75
N ILE A 100 -2.47 1.30 -7.04
CA ILE A 100 -3.65 0.64 -7.58
C ILE A 100 -3.46 -0.87 -7.49
N MET A 101 -4.48 -1.53 -6.97
CA MET A 101 -4.45 -2.98 -6.82
C MET A 101 -5.67 -3.62 -7.47
N ASP A 102 -5.59 -4.93 -7.66
CA ASP A 102 -6.68 -5.68 -8.27
C ASP A 102 -7.22 -6.68 -7.24
N THR A 103 -8.52 -6.55 -6.97
CA THR A 103 -9.17 -7.43 -6.03
C THR A 103 -10.05 -8.45 -6.76
N GLY A 104 -10.30 -8.16 -8.02
CA GLY A 104 -11.12 -9.03 -8.85
C GLY A 104 -11.92 -8.23 -9.88
N ASN A 105 -12.17 -8.87 -11.01
CA ASN A 105 -12.92 -8.23 -12.08
C ASN A 105 -12.13 -7.03 -12.60
N GLN A 106 -12.86 -6.10 -13.21
CA GLN A 106 -12.24 -4.90 -13.75
C GLN A 106 -12.19 -3.80 -12.69
N ARG A 107 -12.39 -4.22 -11.44
CA ARG A 107 -12.37 -3.28 -10.34
C ARG A 107 -10.94 -3.12 -9.79
N PHE A 108 -10.61 -1.90 -9.44
CA PHE A 108 -9.29 -1.60 -8.90
C PHE A 108 -9.38 -0.67 -7.69
N GLU A 109 -8.60 -1.00 -6.67
CA GLU A 109 -8.58 -0.21 -5.45
C GLU A 109 -7.26 0.57 -5.34
N CYS A 110 -7.38 1.79 -4.87
CA CYS A 110 -6.21 2.65 -4.71
C CYS A 110 -6.11 3.04 -3.24
N HIS A 111 -5.18 2.41 -2.55
CA HIS A 111 -4.96 2.69 -1.14
C HIS A 111 -4.04 3.90 -1.00
N VAL A 112 -4.63 4.99 -0.51
CA VAL A 112 -3.88 6.22 -0.32
C VAL A 112 -3.27 6.22 1.10
N PHE A 113 -2.06 6.74 1.18
CA PHE A 113 -1.36 6.81 2.46
C PHE A 113 -0.48 8.07 2.53
N TRP A 114 -0.02 8.34 3.74
CA TRP A 114 0.83 9.51 3.97
C TRP A 114 2.16 9.02 4.54
N CYS A 115 3.21 9.23 3.78
CA CYS A 115 4.54 8.81 4.21
C CYS A 115 5.38 10.07 4.47
N GLU A 116 6.29 9.95 5.42
CA GLU A 116 7.16 11.06 5.78
C GLU A 116 8.61 10.58 5.93
N PRO A 117 9.55 11.51 5.65
CA PRO A 117 9.18 12.86 5.24
C PRO A 117 8.69 12.88 3.80
N ASN A 118 8.88 11.75 3.12
CA ASN A 118 8.46 11.63 1.74
C ASN A 118 8.23 10.15 1.42
N ALA A 119 7.37 9.93 0.43
CA ALA A 119 7.04 8.57 0.01
C ALA A 119 8.02 8.13 -1.07
N ALA A 120 9.29 8.45 -0.85
CA ALA A 120 10.34 8.10 -1.79
C ALA A 120 10.91 6.73 -1.42
N ASN A 121 11.07 6.53 -0.12
CA ASN A 121 11.61 5.28 0.38
C ASN A 121 10.54 4.20 0.31
N VAL A 122 9.32 4.60 0.66
CA VAL A 122 8.20 3.68 0.65
C VAL A 122 7.94 3.22 -0.79
N SER A 123 7.53 4.16 -1.62
CA SER A 123 7.25 3.88 -3.02
C SER A 123 8.39 3.05 -3.62
N GLU A 124 9.60 3.37 -3.20
CA GLU A 124 10.77 2.68 -3.69
C GLU A 124 10.77 1.23 -3.21
N ALA A 125 10.68 1.06 -1.90
CA ALA A 125 10.65 -0.26 -1.30
C ALA A 125 9.54 -1.08 -1.95
N VAL A 126 8.46 -0.39 -2.26
CA VAL A 126 7.30 -1.05 -2.87
C VAL A 126 7.63 -1.38 -4.34
N GLN A 127 8.13 -0.37 -5.04
CA GLN A 127 8.49 -0.54 -6.44
C GLN A 127 9.55 -1.62 -6.59
N ALA A 128 10.64 -1.45 -5.84
CA ALA A 128 11.74 -2.40 -5.87
C ALA A 128 11.18 -3.81 -5.80
N ALA A 129 10.01 -3.93 -5.18
CA ALA A 129 9.36 -5.22 -5.03
C ALA A 129 8.68 -5.59 -6.35
N CYS A 130 7.98 -4.62 -6.92
CA CYS A 130 7.29 -4.84 -8.18
C CYS A 130 8.32 -5.14 -9.25
N SER A 131 9.28 -4.23 -9.40
CA SER A 131 10.33 -4.39 -10.40
C SER A 131 11.56 -5.04 -9.74
N GLY A 132 11.48 -6.34 -9.58
CA GLY A 132 12.58 -7.09 -8.97
C GLY A 132 13.84 -6.97 -9.82
N PRO A 133 14.76 -7.95 -9.61
CA PRO A 133 16.01 -7.97 -10.34
C PRO A 133 15.79 -8.43 -11.79
N SER A 134 15.94 -7.48 -12.70
CA SER A 134 15.75 -7.78 -14.11
C SER A 134 17.06 -7.53 -14.86
N SER A 135 17.58 -8.61 -15.46
CA SER A 135 18.82 -8.53 -16.21
C SER A 135 19.99 -8.22 -15.26
N GLY A 136 21.19 -8.35 -15.80
CA GLY A 136 22.38 -8.08 -15.02
C GLY A 136 23.60 -7.87 -15.93
N GLY A 1 -8.97 -31.28 10.08
CA GLY A 1 -7.93 -32.08 9.45
C GLY A 1 -6.55 -31.48 9.68
N SER A 2 -5.63 -32.33 10.10
CA SER A 2 -4.27 -31.90 10.37
C SER A 2 -3.30 -33.07 10.20
N SER A 3 -2.55 -33.03 9.10
CA SER A 3 -1.59 -34.08 8.81
C SER A 3 -0.66 -33.63 7.67
N GLY A 4 0.50 -34.26 7.63
CA GLY A 4 1.48 -33.94 6.60
C GLY A 4 2.33 -32.73 7.00
N SER A 5 3.08 -32.92 8.09
CA SER A 5 3.94 -31.85 8.59
C SER A 5 4.92 -31.42 7.50
N SER A 6 4.93 -30.12 7.24
CA SER A 6 5.81 -29.57 6.22
C SER A 6 5.96 -28.06 6.44
N GLY A 7 7.17 -27.67 6.84
CA GLY A 7 7.46 -26.26 7.08
C GLY A 7 8.76 -25.85 6.38
N PRO A 8 8.63 -24.84 5.48
CA PRO A 8 9.77 -24.33 4.74
C PRO A 8 10.66 -23.47 5.64
N THR A 9 11.77 -23.03 5.06
CA THR A 9 12.70 -22.20 5.79
C THR A 9 12.04 -20.88 6.20
N PRO A 10 12.63 -20.25 7.25
CA PRO A 10 12.11 -18.98 7.74
C PRO A 10 12.47 -17.83 6.80
N LYS A 11 13.47 -18.09 5.96
CA LYS A 11 13.92 -17.08 5.01
C LYS A 11 14.39 -15.84 5.77
N THR A 12 15.70 -15.78 5.98
CA THR A 12 16.29 -14.66 6.69
C THR A 12 16.11 -13.37 5.89
N GLU A 13 15.21 -12.52 6.39
CA GLU A 13 14.94 -11.26 5.72
C GLU A 13 13.99 -10.40 6.58
N LEU A 14 14.33 -9.13 6.69
CA LEU A 14 13.53 -8.20 7.48
C LEU A 14 12.63 -7.40 6.53
N VAL A 15 11.36 -7.35 6.88
CA VAL A 15 10.39 -6.61 6.07
C VAL A 15 10.57 -5.11 6.33
N GLN A 16 10.02 -4.32 5.42
CA GLN A 16 10.10 -2.88 5.53
C GLN A 16 8.77 -2.30 6.01
N LYS A 17 8.77 -1.82 7.25
CA LYS A 17 7.57 -1.25 7.83
C LYS A 17 7.74 0.26 7.94
N PHE A 18 6.77 0.98 7.40
CA PHE A 18 6.80 2.44 7.44
C PHE A 18 5.51 3.01 8.02
N ARG A 19 5.64 3.67 9.16
CA ARG A 19 4.49 4.26 9.82
C ARG A 19 3.89 5.37 8.96
N VAL A 20 2.81 5.03 8.29
CA VAL A 20 2.12 5.99 7.42
C VAL A 20 0.64 6.06 7.81
N GLN A 21 0.04 7.19 7.48
CA GLN A 21 -1.37 7.40 7.79
C GLN A 21 -2.24 6.87 6.65
N TYR A 22 -3.35 6.25 7.04
CA TYR A 22 -4.27 5.69 6.06
C TYR A 22 -5.36 6.70 5.68
N LEU A 23 -5.17 7.33 4.54
CA LEU A 23 -6.11 8.32 4.05
C LEU A 23 -7.46 7.66 3.80
N GLY A 24 -7.39 6.51 3.13
CA GLY A 24 -8.60 5.77 2.82
C GLY A 24 -8.49 5.10 1.44
N MET A 25 -9.31 4.07 1.25
CA MET A 25 -9.31 3.35 -0.02
C MET A 25 -10.33 3.96 -0.99
N LEU A 26 -9.84 4.23 -2.20
CA LEU A 26 -10.69 4.80 -3.23
C LEU A 26 -10.55 3.98 -4.52
N PRO A 27 -11.72 3.56 -5.06
CA PRO A 27 -11.73 2.79 -6.29
C PRO A 27 -11.44 3.67 -7.51
N VAL A 28 -11.04 3.01 -8.59
CA VAL A 28 -10.74 3.72 -9.82
C VAL A 28 -11.22 2.90 -11.01
N ASP A 29 -11.27 3.56 -12.16
CA ASP A 29 -11.71 2.91 -13.38
C ASP A 29 -10.51 2.27 -14.08
N ARG A 30 -9.49 3.07 -14.29
CA ARG A 30 -8.27 2.59 -14.94
C ARG A 30 -7.33 1.97 -13.91
N PRO A 31 -6.63 0.89 -14.36
CA PRO A 31 -5.70 0.20 -13.49
C PRO A 31 -4.41 1.00 -13.31
N VAL A 32 -4.18 1.91 -14.25
CA VAL A 32 -2.99 2.74 -14.21
C VAL A 32 -3.38 4.18 -14.58
N GLY A 33 -2.37 5.04 -14.63
CA GLY A 33 -2.58 6.43 -14.95
C GLY A 33 -2.34 7.32 -13.73
N MET A 34 -1.55 8.37 -13.97
CA MET A 34 -1.22 9.30 -12.90
C MET A 34 -2.40 10.22 -12.59
N ASP A 35 -3.01 10.73 -13.65
CA ASP A 35 -4.15 11.62 -13.51
C ASP A 35 -5.12 11.03 -12.48
N THR A 36 -5.63 9.85 -12.80
CA THR A 36 -6.56 9.17 -11.91
C THR A 36 -5.95 9.01 -10.52
N LEU A 37 -4.73 8.51 -10.49
CA LEU A 37 -4.03 8.31 -9.24
C LEU A 37 -4.18 9.55 -8.36
N ASN A 38 -3.64 10.65 -8.86
CA ASN A 38 -3.70 11.91 -8.13
C ASN A 38 -5.15 12.22 -7.78
N SER A 39 -5.99 12.22 -8.81
CA SER A 39 -7.40 12.50 -8.63
C SER A 39 -7.93 11.77 -7.38
N ALA A 40 -7.47 10.53 -7.24
CA ALA A 40 -7.88 9.72 -6.11
C ALA A 40 -7.42 10.38 -4.81
N ILE A 41 -6.10 10.58 -4.71
CA ILE A 41 -5.52 11.21 -3.53
C ILE A 41 -6.28 12.49 -3.22
N GLU A 42 -6.15 13.45 -4.12
CA GLU A 42 -6.82 14.74 -3.95
C GLU A 42 -8.24 14.52 -3.42
N ASN A 43 -8.90 13.52 -3.96
CA ASN A 43 -10.26 13.21 -3.56
C ASN A 43 -10.31 13.05 -2.04
N LEU A 44 -9.56 12.07 -1.56
CA LEU A 44 -9.51 11.81 -0.13
C LEU A 44 -9.14 13.08 0.62
N MET A 45 -7.99 13.64 0.24
CA MET A 45 -7.51 14.86 0.86
C MET A 45 -8.67 15.82 1.15
N THR A 46 -9.29 16.28 0.07
CA THR A 46 -10.41 17.21 0.18
C THR A 46 -11.66 16.47 0.66
N SER A 47 -11.54 15.88 1.84
CA SER A 47 -12.64 15.14 2.43
C SER A 47 -12.31 14.72 3.87
N SER A 48 -11.37 13.79 3.97
CA SER A 48 -10.94 13.30 5.27
C SER A 48 -9.83 14.20 5.83
N SER A 49 -9.85 14.37 7.14
CA SER A 49 -8.85 15.19 7.81
C SER A 49 -7.51 14.46 7.84
N LYS A 50 -6.47 15.23 8.14
CA LYS A 50 -5.13 14.67 8.21
C LYS A 50 -5.04 13.73 9.41
N GLU A 51 -5.41 14.25 10.57
CA GLU A 51 -5.37 13.48 11.79
C GLU A 51 -6.37 12.32 11.72
N ASP A 52 -7.47 12.57 11.01
CA ASP A 52 -8.50 11.57 10.86
C ASP A 52 -7.88 10.28 10.32
N TRP A 53 -6.71 10.43 9.71
CA TRP A 53 -6.01 9.30 9.14
C TRP A 53 -5.31 8.55 10.29
N PRO A 54 -5.65 7.24 10.41
CA PRO A 54 -5.07 6.41 11.45
C PRO A 54 -3.62 6.05 11.12
N SER A 55 -2.79 6.05 12.16
CA SER A 55 -1.39 5.72 11.98
C SER A 55 -1.22 4.20 11.81
N VAL A 56 -1.03 3.80 10.57
CA VAL A 56 -0.86 2.39 10.25
C VAL A 56 0.59 2.14 9.84
N ASN A 57 0.87 0.87 9.53
CA ASN A 57 2.22 0.49 9.12
C ASN A 57 2.13 -0.24 7.78
N MET A 58 3.11 0.05 6.92
CA MET A 58 3.16 -0.58 5.61
C MET A 58 4.30 -1.60 5.54
N ASN A 59 3.90 -2.87 5.65
CA ASN A 59 4.86 -3.95 5.60
C ASN A 59 5.21 -4.25 4.14
N VAL A 60 6.48 -4.57 3.92
CA VAL A 60 6.94 -4.88 2.57
C VAL A 60 7.83 -6.12 2.62
N ALA A 61 7.26 -7.24 2.24
CA ALA A 61 8.00 -8.50 2.24
C ALA A 61 7.42 -9.42 1.16
N ASP A 62 8.18 -10.46 0.85
CA ASP A 62 7.76 -11.42 -0.16
C ASP A 62 7.13 -10.67 -1.34
N ALA A 63 7.73 -9.53 -1.67
CA ALA A 63 7.23 -8.72 -2.77
C ALA A 63 5.74 -8.48 -2.58
N THR A 64 5.38 -8.00 -1.40
CA THR A 64 3.99 -7.73 -1.09
C THR A 64 3.86 -6.47 -0.23
N VAL A 65 2.68 -5.89 -0.25
CA VAL A 65 2.43 -4.69 0.53
C VAL A 65 1.24 -4.93 1.46
N THR A 66 1.57 -5.16 2.73
CA THR A 66 0.55 -5.41 3.74
C THR A 66 0.52 -4.28 4.76
N VAL A 67 -0.62 -3.63 4.85
CA VAL A 67 -0.79 -2.53 5.78
C VAL A 67 -1.19 -3.09 7.15
N ILE A 68 -0.21 -3.11 8.05
CA ILE A 68 -0.45 -3.61 9.39
C ILE A 68 -0.72 -2.44 10.32
N SER A 69 -1.62 -2.68 11.28
CA SER A 69 -1.98 -1.65 12.24
C SER A 69 -0.80 -1.35 13.16
N GLU A 70 -0.74 -0.11 13.62
CA GLU A 70 0.32 0.32 14.50
C GLU A 70 0.22 -0.38 15.85
N LYS A 71 -0.93 -0.19 16.48
CA LYS A 71 -1.18 -0.79 17.78
C LYS A 71 -1.60 -2.26 17.59
N ASN A 72 -0.75 -2.99 16.88
CA ASN A 72 -1.01 -4.39 16.63
C ASN A 72 -0.03 -4.91 15.58
N GLU A 73 0.04 -6.23 15.47
CA GLU A 73 0.95 -6.86 14.52
C GLU A 73 0.19 -7.88 13.68
N GLU A 74 -0.65 -8.67 14.36
CA GLU A 74 -1.43 -9.68 13.69
C GLU A 74 -2.62 -9.05 12.98
N GLU A 75 -2.83 -7.77 13.25
CA GLU A 75 -3.92 -7.05 12.64
C GLU A 75 -3.51 -6.51 11.27
N VAL A 76 -4.02 -7.16 10.23
CA VAL A 76 -3.72 -6.76 8.87
C VAL A 76 -4.86 -5.89 8.32
N LEU A 77 -4.60 -4.60 8.27
CA LEU A 77 -5.59 -3.66 7.78
C LEU A 77 -5.87 -3.95 6.29
N VAL A 78 -4.82 -3.82 5.50
CA VAL A 78 -4.94 -4.06 4.07
C VAL A 78 -3.80 -4.98 3.62
N GLU A 79 -4.16 -5.91 2.74
CA GLU A 79 -3.17 -6.85 2.22
C GLU A 79 -3.07 -6.73 0.70
N CYS A 80 -2.07 -5.96 0.27
CA CYS A 80 -1.85 -5.76 -1.15
C CYS A 80 -0.57 -6.49 -1.55
N ARG A 81 -0.55 -6.95 -2.79
CA ARG A 81 0.60 -7.66 -3.31
C ARG A 81 1.09 -7.01 -4.60
N VAL A 82 2.38 -7.21 -4.87
CA VAL A 82 2.98 -6.64 -6.07
C VAL A 82 2.51 -7.43 -7.30
N ARG A 83 2.08 -8.66 -7.03
CA ARG A 83 1.60 -9.53 -8.10
C ARG A 83 0.18 -9.13 -8.50
N PHE A 84 -0.45 -8.33 -7.65
CA PHE A 84 -1.80 -7.88 -7.91
C PHE A 84 -1.83 -6.38 -8.20
N LEU A 85 -0.78 -5.70 -7.77
CA LEU A 85 -0.66 -4.27 -7.97
C LEU A 85 -0.88 -3.96 -9.46
N SER A 86 -1.10 -2.68 -9.74
CA SER A 86 -1.32 -2.24 -11.10
C SER A 86 -0.46 -1.02 -11.40
N PHE A 87 -0.45 -0.09 -10.46
CA PHE A 87 0.33 1.13 -10.61
C PHE A 87 0.29 1.96 -9.32
N MET A 88 1.12 3.00 -9.32
CA MET A 88 1.19 3.88 -8.17
C MET A 88 1.94 5.17 -8.51
N GLY A 89 2.40 5.85 -7.46
CA GLY A 89 3.14 7.08 -7.64
C GLY A 89 2.93 8.03 -6.45
N VAL A 90 3.88 8.92 -6.27
CA VAL A 90 3.80 9.88 -5.18
C VAL A 90 2.95 11.08 -5.61
N GLY A 91 1.86 11.29 -4.88
CA GLY A 91 0.96 12.39 -5.17
C GLY A 91 1.72 13.71 -5.23
N LYS A 92 0.95 14.79 -5.39
CA LYS A 92 1.54 16.11 -5.46
C LYS A 92 2.67 16.23 -4.45
N ASP A 93 2.30 16.13 -3.18
CA ASP A 93 3.28 16.22 -2.11
C ASP A 93 4.12 14.94 -2.08
N VAL A 94 5.27 15.04 -1.43
CA VAL A 94 6.17 13.90 -1.32
C VAL A 94 5.77 13.04 -0.12
N HIS A 95 4.85 13.59 0.67
CA HIS A 95 4.38 12.89 1.85
C HIS A 95 3.08 12.15 1.53
N THR A 96 2.86 11.95 0.23
CA THR A 96 1.67 11.26 -0.23
C THR A 96 2.05 10.07 -1.11
N PHE A 97 1.37 8.96 -0.89
CA PHE A 97 1.62 7.75 -1.65
C PHE A 97 0.35 6.92 -1.80
N ALA A 98 0.13 6.43 -3.02
CA ALA A 98 -1.04 5.63 -3.31
C ALA A 98 -0.75 4.73 -4.50
N PHE A 99 -1.29 3.52 -4.44
CA PHE A 99 -1.10 2.55 -5.52
C PHE A 99 -2.40 1.82 -5.84
N ILE A 100 -2.59 1.53 -7.11
CA ILE A 100 -3.79 0.83 -7.55
C ILE A 100 -3.53 -0.67 -7.52
N MET A 101 -4.37 -1.36 -6.77
CA MET A 101 -4.26 -2.80 -6.63
C MET A 101 -5.47 -3.51 -7.23
N ASP A 102 -5.33 -4.82 -7.42
CA ASP A 102 -6.40 -5.62 -7.97
C ASP A 102 -6.85 -6.65 -6.94
N THR A 103 -8.06 -6.46 -6.44
CA THR A 103 -8.62 -7.36 -5.46
C THR A 103 -9.27 -8.57 -6.14
N GLY A 104 -9.07 -8.64 -7.44
CA GLY A 104 -9.63 -9.73 -8.22
C GLY A 104 -10.66 -9.22 -9.24
N ASN A 105 -10.76 -9.94 -10.34
CA ASN A 105 -11.70 -9.57 -11.39
C ASN A 105 -11.34 -8.17 -11.92
N GLN A 106 -12.20 -7.66 -12.79
CA GLN A 106 -11.99 -6.35 -13.36
C GLN A 106 -12.26 -5.26 -12.32
N ARG A 107 -11.56 -5.38 -11.20
CA ARG A 107 -11.70 -4.41 -10.12
C ARG A 107 -10.33 -3.90 -9.67
N PHE A 108 -10.30 -2.63 -9.29
CA PHE A 108 -9.07 -2.01 -8.84
C PHE A 108 -9.33 -1.09 -7.64
N GLU A 109 -8.43 -1.18 -6.67
CA GLU A 109 -8.54 -0.37 -5.47
C GLU A 109 -7.25 0.41 -5.24
N CYS A 110 -7.42 1.68 -4.89
CA CYS A 110 -6.28 2.54 -4.63
C CYS A 110 -6.21 2.83 -3.13
N HIS A 111 -5.04 2.64 -2.56
CA HIS A 111 -4.83 2.87 -1.14
C HIS A 111 -3.90 4.07 -0.95
N VAL A 112 -4.49 5.18 -0.54
CA VAL A 112 -3.72 6.39 -0.31
C VAL A 112 -3.11 6.35 1.09
N PHE A 113 -1.90 6.86 1.19
CA PHE A 113 -1.20 6.88 2.47
C PHE A 113 -0.30 8.12 2.57
N TRP A 114 0.18 8.37 3.78
CA TRP A 114 1.04 9.50 4.03
C TRP A 114 2.38 8.98 4.55
N CYS A 115 3.40 9.13 3.72
CA CYS A 115 4.73 8.67 4.08
C CYS A 115 5.57 9.89 4.46
N GLU A 116 6.51 9.67 5.38
CA GLU A 116 7.38 10.74 5.83
C GLU A 116 8.82 10.24 5.94
N PRO A 117 9.78 11.17 5.68
CA PRO A 117 9.41 12.53 5.33
C PRO A 117 8.89 12.62 3.89
N ASN A 118 9.05 11.51 3.18
CA ASN A 118 8.60 11.44 1.80
C ASN A 118 8.31 9.98 1.43
N ALA A 119 7.55 9.82 0.36
CA ALA A 119 7.19 8.49 -0.11
C ALA A 119 8.22 8.01 -1.13
N ALA A 120 9.44 8.51 -0.97
CA ALA A 120 10.52 8.15 -1.88
C ALA A 120 11.04 6.76 -1.51
N ASN A 121 11.19 6.55 -0.20
CA ASN A 121 11.67 5.27 0.29
C ASN A 121 10.56 4.24 0.20
N VAL A 122 9.37 4.65 0.60
CA VAL A 122 8.21 3.78 0.58
C VAL A 122 7.97 3.31 -0.87
N SER A 123 7.57 4.27 -1.70
CA SER A 123 7.31 3.98 -3.10
C SER A 123 8.40 3.06 -3.67
N GLU A 124 9.64 3.40 -3.33
CA GLU A 124 10.78 2.61 -3.79
C GLU A 124 10.71 1.20 -3.22
N ALA A 125 10.62 1.13 -1.90
CA ALA A 125 10.55 -0.15 -1.21
C ALA A 125 9.45 -1.00 -1.84
N VAL A 126 8.37 -0.34 -2.23
CA VAL A 126 7.25 -1.02 -2.85
C VAL A 126 7.61 -1.39 -4.29
N GLN A 127 8.16 -0.42 -4.99
CA GLN A 127 8.56 -0.63 -6.37
C GLN A 127 9.60 -1.74 -6.46
N ALA A 128 10.67 -1.57 -5.70
CA ALA A 128 11.74 -2.55 -5.69
C ALA A 128 11.14 -3.96 -5.62
N ALA A 129 9.97 -4.04 -5.00
CA ALA A 129 9.29 -5.32 -4.86
C ALA A 129 8.68 -5.71 -6.22
N CYS A 130 7.96 -4.76 -6.80
CA CYS A 130 7.32 -4.99 -8.08
C CYS A 130 8.42 -5.23 -9.12
N SER A 131 9.20 -4.19 -9.37
CA SER A 131 10.28 -4.28 -10.34
C SER A 131 9.77 -4.89 -11.64
N GLY A 132 9.30 -4.02 -12.52
CA GLY A 132 8.78 -4.46 -13.81
C GLY A 132 7.99 -3.36 -14.49
N PRO A 133 6.65 -3.53 -14.50
CA PRO A 133 5.76 -2.55 -15.12
C PRO A 133 5.63 -1.30 -14.25
N SER A 134 6.38 -0.27 -14.62
CA SER A 134 6.35 0.98 -13.87
C SER A 134 5.90 2.12 -14.79
N SER A 135 6.66 2.32 -15.86
CA SER A 135 6.35 3.37 -16.82
C SER A 135 5.65 2.76 -18.04
N GLY A 136 4.76 3.56 -18.62
CA GLY A 136 4.02 3.13 -19.78
C GLY A 136 3.83 4.28 -20.77
N GLY A 1 2.45 -39.39 13.69
CA GLY A 1 3.79 -39.44 14.25
C GLY A 1 4.09 -38.17 15.06
N SER A 2 5.19 -37.53 14.71
CA SER A 2 5.60 -36.32 15.40
C SER A 2 6.35 -35.40 14.43
N SER A 3 5.84 -34.18 14.31
CA SER A 3 6.44 -33.20 13.42
C SER A 3 6.08 -31.79 13.88
N GLY A 4 6.82 -30.82 13.37
CA GLY A 4 6.59 -29.43 13.72
C GLY A 4 7.00 -28.50 12.58
N SER A 5 6.02 -27.74 12.11
CA SER A 5 6.27 -26.80 11.01
C SER A 5 5.03 -25.93 10.78
N SER A 6 5.29 -24.67 10.49
CA SER A 6 4.21 -23.72 10.25
C SER A 6 4.78 -22.40 9.74
N GLY A 7 4.05 -21.80 8.81
CA GLY A 7 4.47 -20.52 8.22
C GLY A 7 5.23 -20.74 6.91
N PRO A 8 4.43 -21.00 5.83
CA PRO A 8 5.01 -21.23 4.52
C PRO A 8 5.50 -19.91 3.90
N THR A 9 6.80 -19.76 3.88
CA THR A 9 7.41 -18.55 3.31
C THR A 9 8.75 -18.89 2.67
N PRO A 10 8.98 -18.29 1.47
CA PRO A 10 10.22 -18.50 0.75
C PRO A 10 11.37 -17.73 1.40
N LYS A 11 11.58 -17.99 2.68
CA LYS A 11 12.63 -17.32 3.42
C LYS A 11 12.40 -15.81 3.39
N THR A 12 12.17 -15.26 4.57
CA THR A 12 11.93 -13.84 4.70
C THR A 12 13.24 -13.06 4.56
N GLU A 13 13.21 -12.08 3.67
CA GLU A 13 14.39 -11.26 3.42
C GLU A 13 14.17 -9.85 3.98
N LEU A 14 14.16 -9.78 5.30
CA LEU A 14 13.97 -8.49 5.97
C LEU A 14 12.61 -7.92 5.58
N VAL A 15 12.09 -7.06 6.44
CA VAL A 15 10.81 -6.43 6.20
C VAL A 15 10.95 -4.91 6.37
N GLN A 16 10.17 -4.18 5.58
CA GLN A 16 10.20 -2.73 5.63
C GLN A 16 8.85 -2.19 6.12
N LYS A 17 8.87 -1.68 7.34
CA LYS A 17 7.66 -1.12 7.94
C LYS A 17 7.81 0.40 8.06
N PHE A 18 6.84 1.09 7.49
CA PHE A 18 6.84 2.55 7.52
C PHE A 18 5.52 3.08 8.07
N ARG A 19 5.61 3.75 9.22
CA ARG A 19 4.44 4.31 9.85
C ARG A 19 3.84 5.41 8.98
N VAL A 20 2.79 5.07 8.26
CA VAL A 20 2.12 6.02 7.39
C VAL A 20 0.63 6.08 7.75
N GLN A 21 0.01 7.19 7.36
CA GLN A 21 -1.41 7.39 7.63
C GLN A 21 -2.25 6.79 6.51
N TYR A 22 -3.36 6.17 6.90
CA TYR A 22 -4.25 5.57 5.93
C TYR A 22 -5.37 6.54 5.53
N LEU A 23 -5.20 7.15 4.38
CA LEU A 23 -6.18 8.10 3.88
C LEU A 23 -7.50 7.37 3.62
N GLY A 24 -7.39 6.23 2.93
CA GLY A 24 -8.56 5.44 2.62
C GLY A 24 -8.37 4.68 1.30
N MET A 25 -9.44 4.03 0.88
CA MET A 25 -9.40 3.27 -0.36
C MET A 25 -10.43 3.80 -1.37
N LEU A 26 -9.93 4.45 -2.40
CA LEU A 26 -10.78 5.00 -3.43
C LEU A 26 -10.66 4.16 -4.70
N PRO A 27 -11.84 3.79 -5.27
CA PRO A 27 -11.86 2.99 -6.48
C PRO A 27 -11.51 3.84 -7.70
N VAL A 28 -11.01 3.15 -8.73
CA VAL A 28 -10.63 3.82 -9.96
C VAL A 28 -11.04 2.96 -11.16
N ASP A 29 -11.52 3.63 -12.19
CA ASP A 29 -11.94 2.94 -13.40
C ASP A 29 -10.71 2.44 -14.15
N ARG A 30 -9.72 3.32 -14.27
CA ARG A 30 -8.50 2.98 -14.96
C ARG A 30 -7.51 2.30 -14.00
N PRO A 31 -6.93 1.17 -14.47
CA PRO A 31 -5.98 0.42 -13.66
C PRO A 31 -4.63 1.12 -13.62
N VAL A 32 -4.42 2.02 -14.59
CA VAL A 32 -3.19 2.76 -14.67
C VAL A 32 -3.50 4.24 -14.89
N GLY A 33 -2.45 5.05 -14.83
CA GLY A 33 -2.60 6.48 -15.01
C GLY A 33 -2.28 7.24 -13.73
N MET A 34 -1.51 8.31 -13.89
CA MET A 34 -1.12 9.13 -12.75
C MET A 34 -2.23 10.11 -12.37
N ASP A 35 -2.88 10.65 -13.39
CA ASP A 35 -3.96 11.60 -13.17
C ASP A 35 -4.93 11.02 -12.14
N THR A 36 -5.53 9.89 -12.49
CA THR A 36 -6.48 9.25 -11.60
C THR A 36 -5.84 9.00 -10.23
N LEU A 37 -4.60 8.54 -10.27
CA LEU A 37 -3.88 8.25 -9.04
C LEU A 37 -3.98 9.45 -8.10
N ASN A 38 -3.50 10.59 -8.59
CA ASN A 38 -3.54 11.81 -7.82
C ASN A 38 -4.99 12.20 -7.54
N SER A 39 -5.77 12.31 -8.61
CA SER A 39 -7.17 12.66 -8.51
C SER A 39 -7.79 11.95 -7.31
N ALA A 40 -7.55 10.65 -7.24
CA ALA A 40 -8.09 9.84 -6.16
C ALA A 40 -7.61 10.42 -4.82
N ILE A 41 -6.31 10.59 -4.72
CA ILE A 41 -5.71 11.14 -3.50
C ILE A 41 -6.44 12.42 -3.11
N GLU A 42 -6.31 13.42 -3.96
CA GLU A 42 -6.95 14.71 -3.71
C GLU A 42 -8.35 14.50 -3.13
N ASN A 43 -9.04 13.50 -3.67
CA ASN A 43 -10.38 13.19 -3.22
C ASN A 43 -10.34 12.80 -1.74
N LEU A 44 -9.62 11.72 -1.47
CA LEU A 44 -9.49 11.23 -0.10
C LEU A 44 -8.98 12.36 0.79
N MET A 45 -7.96 13.06 0.29
CA MET A 45 -7.36 14.16 1.02
C MET A 45 -8.43 14.99 1.74
N THR A 46 -9.36 15.49 0.93
CA THR A 46 -10.45 16.30 1.47
C THR A 46 -11.44 15.42 2.23
N SER A 47 -11.66 14.23 1.69
CA SER A 47 -12.59 13.28 2.30
C SER A 47 -12.41 13.29 3.82
N SER A 48 -11.31 12.69 4.26
CA SER A 48 -11.02 12.62 5.68
C SER A 48 -9.88 13.59 6.03
N SER A 49 -9.91 14.08 7.26
CA SER A 49 -8.89 14.99 7.73
C SER A 49 -7.53 14.30 7.75
N LYS A 50 -6.50 15.09 8.04
CA LYS A 50 -5.16 14.56 8.10
C LYS A 50 -5.02 13.62 9.30
N GLU A 51 -5.39 14.13 10.46
CA GLU A 51 -5.33 13.35 11.68
C GLU A 51 -6.32 12.18 11.62
N ASP A 52 -7.45 12.44 10.98
CA ASP A 52 -8.48 11.42 10.85
C ASP A 52 -7.85 10.13 10.31
N TRP A 53 -6.75 10.31 9.59
CA TRP A 53 -6.04 9.17 9.02
C TRP A 53 -5.32 8.45 10.15
N PRO A 54 -5.61 7.13 10.27
CA PRO A 54 -5.01 6.31 11.30
C PRO A 54 -3.55 5.98 10.95
N SER A 55 -2.72 5.92 11.98
CA SER A 55 -1.31 5.62 11.80
C SER A 55 -1.12 4.13 11.57
N VAL A 56 -0.90 3.79 10.31
CA VAL A 56 -0.70 2.39 9.93
C VAL A 56 0.75 2.20 9.48
N ASN A 57 1.17 0.93 9.48
CA ASN A 57 2.52 0.60 9.07
C ASN A 57 2.47 -0.21 7.77
N MET A 58 3.33 0.18 6.84
CA MET A 58 3.39 -0.51 5.56
C MET A 58 4.44 -1.62 5.57
N ASN A 59 3.96 -2.83 5.74
CA ASN A 59 4.84 -4.00 5.78
C ASN A 59 5.20 -4.40 4.35
N VAL A 60 6.49 -4.61 4.14
CA VAL A 60 6.98 -5.02 2.84
C VAL A 60 8.00 -6.14 3.00
N ALA A 61 7.60 -7.33 2.55
CA ALA A 61 8.45 -8.49 2.65
C ALA A 61 8.26 -9.37 1.40
N ASP A 62 9.36 -9.91 0.92
CA ASP A 62 9.32 -10.76 -0.26
C ASP A 62 8.93 -9.93 -1.47
N ALA A 63 7.67 -9.53 -1.50
CA ALA A 63 7.16 -8.71 -2.59
C ALA A 63 5.67 -8.44 -2.36
N THR A 64 5.32 -8.24 -1.09
CA THR A 64 3.95 -7.97 -0.72
C THR A 64 3.86 -6.70 0.11
N VAL A 65 2.73 -6.01 0.00
CA VAL A 65 2.51 -4.79 0.73
C VAL A 65 1.31 -4.96 1.67
N THR A 66 1.62 -5.21 2.93
CA THR A 66 0.59 -5.41 3.94
C THR A 66 0.56 -4.23 4.90
N VAL A 67 -0.62 -3.62 5.04
CA VAL A 67 -0.79 -2.49 5.92
C VAL A 67 -1.14 -3.00 7.33
N ILE A 68 -0.14 -2.91 8.21
CA ILE A 68 -0.33 -3.35 9.58
C ILE A 68 -0.66 -2.14 10.47
N SER A 69 -1.38 -2.41 11.53
CA SER A 69 -1.77 -1.36 12.46
C SER A 69 -0.56 -0.95 13.31
N GLU A 70 -0.64 0.26 13.85
CA GLU A 70 0.44 0.79 14.68
C GLU A 70 0.57 -0.04 15.95
N LYS A 71 -0.55 -0.29 16.59
CA LYS A 71 -0.57 -1.07 17.82
C LYS A 71 -1.02 -2.49 17.51
N ASN A 72 -0.17 -3.20 16.79
CA ASN A 72 -0.46 -4.58 16.42
C ASN A 72 0.48 -5.02 15.31
N GLU A 73 1.01 -6.23 15.46
CA GLU A 73 1.93 -6.77 14.48
C GLU A 73 1.24 -7.88 13.66
N GLU A 74 0.08 -8.29 14.15
CA GLU A 74 -0.69 -9.32 13.47
C GLU A 74 -1.89 -8.71 12.75
N GLU A 75 -2.32 -7.55 13.23
CA GLU A 75 -3.44 -6.87 12.64
C GLU A 75 -3.05 -6.28 11.28
N VAL A 76 -3.57 -6.90 10.23
CA VAL A 76 -3.28 -6.45 8.88
C VAL A 76 -4.50 -5.72 8.31
N LEU A 77 -4.50 -4.40 8.50
CA LEU A 77 -5.59 -3.58 8.02
C LEU A 77 -5.88 -3.92 6.55
N VAL A 78 -4.84 -3.83 5.75
CA VAL A 78 -4.96 -4.11 4.33
C VAL A 78 -3.81 -5.03 3.90
N GLU A 79 -4.08 -5.84 2.89
CA GLU A 79 -3.09 -6.77 2.38
C GLU A 79 -3.02 -6.68 0.85
N CYS A 80 -2.04 -5.92 0.38
CA CYS A 80 -1.85 -5.75 -1.06
C CYS A 80 -0.56 -6.46 -1.46
N ARG A 81 -0.60 -7.05 -2.65
CA ARG A 81 0.56 -7.77 -3.16
C ARG A 81 1.06 -7.10 -4.45
N VAL A 82 2.36 -7.20 -4.67
CA VAL A 82 2.97 -6.62 -5.85
C VAL A 82 2.39 -7.28 -7.10
N ARG A 83 2.07 -8.55 -6.96
CA ARG A 83 1.49 -9.31 -8.06
C ARG A 83 0.11 -8.77 -8.41
N PHE A 84 -0.59 -8.32 -7.39
CA PHE A 84 -1.93 -7.78 -7.57
C PHE A 84 -1.87 -6.30 -7.95
N LEU A 85 -0.73 -5.69 -7.66
CA LEU A 85 -0.53 -4.28 -7.96
C LEU A 85 -0.60 -4.08 -9.47
N SER A 86 -1.18 -2.95 -9.87
CA SER A 86 -1.31 -2.63 -11.28
C SER A 86 -0.50 -1.37 -11.60
N PHE A 87 -0.43 -0.48 -10.62
CA PHE A 87 0.31 0.76 -10.79
C PHE A 87 0.29 1.58 -9.50
N MET A 88 1.10 2.63 -9.50
CA MET A 88 1.19 3.51 -8.34
C MET A 88 1.86 4.84 -8.71
N GLY A 89 2.55 5.40 -7.73
CA GLY A 89 3.24 6.66 -7.93
C GLY A 89 2.92 7.65 -6.81
N VAL A 90 3.86 8.56 -6.58
CA VAL A 90 3.69 9.56 -5.54
C VAL A 90 2.68 10.61 -6.01
N GLY A 91 1.96 11.17 -5.04
CA GLY A 91 0.96 12.18 -5.34
C GLY A 91 1.60 13.57 -5.46
N LYS A 92 0.74 14.56 -5.62
CA LYS A 92 1.21 15.93 -5.75
C LYS A 92 2.31 16.19 -4.72
N ASP A 93 2.01 15.85 -3.48
CA ASP A 93 2.96 16.04 -2.39
C ASP A 93 3.86 14.81 -2.29
N VAL A 94 5.04 15.02 -1.73
CA VAL A 94 6.01 13.95 -1.57
C VAL A 94 5.65 13.14 -0.32
N HIS A 95 4.68 13.66 0.42
CA HIS A 95 4.24 12.99 1.64
C HIS A 95 2.94 12.24 1.38
N THR A 96 2.68 11.99 0.10
CA THR A 96 1.48 11.28 -0.30
C THR A 96 1.84 10.11 -1.22
N PHE A 97 1.28 8.96 -0.90
CA PHE A 97 1.52 7.76 -1.69
C PHE A 97 0.22 6.98 -1.93
N ALA A 98 0.10 6.47 -3.14
CA ALA A 98 -1.09 5.70 -3.50
C ALA A 98 -0.72 4.71 -4.61
N PHE A 99 -1.30 3.52 -4.50
CA PHE A 99 -1.04 2.47 -5.48
C PHE A 99 -2.34 1.75 -5.86
N ILE A 100 -2.45 1.43 -7.14
CA ILE A 100 -3.63 0.75 -7.64
C ILE A 100 -3.42 -0.77 -7.51
N MET A 101 -4.45 -1.43 -7.00
CA MET A 101 -4.40 -2.86 -6.81
C MET A 101 -5.49 -3.57 -7.63
N ASP A 102 -5.33 -4.87 -7.77
CA ASP A 102 -6.29 -5.66 -8.53
C ASP A 102 -6.88 -6.74 -7.62
N THR A 103 -8.10 -6.49 -7.17
CA THR A 103 -8.79 -7.42 -6.30
C THR A 103 -9.55 -8.47 -7.12
N GLY A 104 -9.53 -8.27 -8.44
CA GLY A 104 -10.20 -9.18 -9.33
C GLY A 104 -11.59 -8.65 -9.71
N ASN A 105 -12.12 -9.17 -10.81
CA ASN A 105 -13.42 -8.75 -11.29
C ASN A 105 -13.36 -7.29 -11.73
N GLN A 106 -12.49 -7.03 -12.69
CA GLN A 106 -12.33 -5.68 -13.20
C GLN A 106 -12.50 -4.65 -12.08
N ARG A 107 -11.92 -4.99 -10.93
CA ARG A 107 -12.01 -4.10 -9.77
C ARG A 107 -10.61 -3.64 -9.37
N PHE A 108 -10.48 -2.32 -9.24
CA PHE A 108 -9.21 -1.73 -8.86
C PHE A 108 -9.38 -0.76 -7.68
N GLU A 109 -8.52 -0.94 -6.69
CA GLU A 109 -8.57 -0.10 -5.50
C GLU A 109 -7.26 0.68 -5.35
N CYS A 110 -7.40 1.95 -4.98
CA CYS A 110 -6.24 2.81 -4.80
C CYS A 110 -6.16 3.20 -3.32
N HIS A 111 -5.17 2.63 -2.65
CA HIS A 111 -4.97 2.91 -1.24
C HIS A 111 -4.06 4.12 -1.08
N VAL A 112 -4.65 5.20 -0.57
CA VAL A 112 -3.90 6.43 -0.37
C VAL A 112 -3.25 6.40 1.02
N PHE A 113 -2.03 6.91 1.08
CA PHE A 113 -1.30 6.95 2.33
C PHE A 113 -0.42 8.20 2.41
N TRP A 114 0.04 8.48 3.63
CA TRP A 114 0.89 9.64 3.85
C TRP A 114 2.21 9.15 4.46
N CYS A 115 3.28 9.30 3.70
CA CYS A 115 4.59 8.87 4.14
C CYS A 115 5.42 10.12 4.43
N GLU A 116 6.37 9.96 5.34
CA GLU A 116 7.24 11.06 5.72
C GLU A 116 8.68 10.57 5.88
N PRO A 117 9.64 11.50 5.61
CA PRO A 117 9.28 12.85 5.21
C PRO A 117 8.79 12.88 3.76
N ASN A 118 8.97 11.76 3.09
CA ASN A 118 8.56 11.64 1.70
C ASN A 118 8.30 10.18 1.36
N ALA A 119 7.47 9.97 0.35
CA ALA A 119 7.13 8.62 -0.08
C ALA A 119 8.12 8.17 -1.15
N ALA A 120 9.37 8.57 -0.97
CA ALA A 120 10.41 8.21 -1.92
C ALA A 120 10.98 6.84 -1.55
N ASN A 121 11.07 6.61 -0.26
CA ASN A 121 11.60 5.34 0.24
C ASN A 121 10.49 4.28 0.20
N VAL A 122 9.29 4.72 0.52
CA VAL A 122 8.14 3.83 0.53
C VAL A 122 7.86 3.37 -0.89
N SER A 123 7.48 4.32 -1.72
CA SER A 123 7.18 4.02 -3.12
C SER A 123 8.28 3.14 -3.73
N GLU A 124 9.51 3.47 -3.36
CA GLU A 124 10.66 2.72 -3.86
C GLU A 124 10.64 1.29 -3.30
N ALA A 125 10.59 1.21 -1.98
CA ALA A 125 10.57 -0.08 -1.31
C ALA A 125 9.48 -0.95 -1.93
N VAL A 126 8.33 -0.33 -2.18
CA VAL A 126 7.21 -1.04 -2.77
C VAL A 126 7.56 -1.42 -4.20
N GLN A 127 7.99 -0.43 -4.97
CA GLN A 127 8.36 -0.64 -6.35
C GLN A 127 9.43 -1.73 -6.45
N ALA A 128 10.54 -1.48 -5.77
CA ALA A 128 11.65 -2.41 -5.78
C ALA A 128 11.11 -3.84 -5.58
N ALA A 129 9.96 -3.92 -4.92
CA ALA A 129 9.33 -5.20 -4.67
C ALA A 129 8.74 -5.74 -5.97
N CYS A 130 7.90 -4.92 -6.59
CA CYS A 130 7.26 -5.30 -7.83
C CYS A 130 8.35 -5.64 -8.85
N SER A 131 9.24 -4.68 -9.05
CA SER A 131 10.34 -4.87 -9.99
C SER A 131 9.83 -5.58 -11.26
N GLY A 132 9.37 -4.78 -12.20
CA GLY A 132 8.87 -5.33 -13.45
C GLY A 132 8.98 -4.31 -14.58
N PRO A 133 8.24 -4.57 -15.68
CA PRO A 133 8.25 -3.69 -16.84
C PRO A 133 7.45 -2.42 -16.57
N SER A 134 8.17 -1.35 -16.26
CA SER A 134 7.53 -0.07 -15.98
C SER A 134 8.31 1.06 -16.66
N SER A 135 9.58 1.15 -16.29
CA SER A 135 10.45 2.18 -16.85
C SER A 135 9.70 3.52 -16.89
N GLY A 136 9.67 4.16 -15.74
CA GLY A 136 8.99 5.45 -15.62
C GLY A 136 9.97 6.60 -15.84
N GLY A 1 -17.69 -28.24 -6.45
CA GLY A 1 -17.08 -28.39 -5.14
C GLY A 1 -15.84 -27.49 -5.02
N SER A 2 -15.35 -27.40 -3.79
CA SER A 2 -14.17 -26.60 -3.52
C SER A 2 -13.47 -27.11 -2.26
N SER A 3 -12.27 -26.57 -2.03
CA SER A 3 -11.48 -26.96 -0.88
C SER A 3 -10.21 -26.11 -0.79
N GLY A 4 -9.54 -26.22 0.34
CA GLY A 4 -8.32 -25.46 0.56
C GLY A 4 -7.27 -26.32 1.28
N SER A 5 -6.17 -25.67 1.64
CA SER A 5 -5.10 -26.36 2.34
C SER A 5 -4.13 -25.34 2.94
N SER A 6 -3.24 -25.84 3.78
CA SER A 6 -2.27 -24.99 4.43
C SER A 6 -1.21 -25.84 5.14
N GLY A 7 -0.14 -25.19 5.56
CA GLY A 7 0.94 -25.87 6.25
C GLY A 7 1.72 -24.91 7.14
N PRO A 8 2.97 -25.33 7.49
CA PRO A 8 3.82 -24.51 8.34
C PRO A 8 4.40 -23.33 7.56
N THR A 9 5.05 -22.45 8.30
CA THR A 9 5.66 -21.27 7.69
C THR A 9 7.09 -21.09 8.18
N PRO A 10 8.05 -21.26 7.23
CA PRO A 10 9.46 -21.12 7.56
C PRO A 10 9.83 -19.65 7.73
N LYS A 11 11.14 -19.42 7.86
CA LYS A 11 11.63 -18.06 8.03
C LYS A 11 11.23 -17.21 6.82
N THR A 12 11.35 -15.90 6.99
CA THR A 12 11.00 -14.97 5.93
C THR A 12 12.17 -14.02 5.65
N GLU A 13 11.97 -13.18 4.63
CA GLU A 13 12.99 -12.22 4.26
C GLU A 13 12.80 -10.91 5.02
N LEU A 14 13.76 -10.02 4.86
CA LEU A 14 13.71 -8.73 5.52
C LEU A 14 12.34 -8.10 5.27
N VAL A 15 11.98 -7.20 6.18
CA VAL A 15 10.69 -6.52 6.08
C VAL A 15 10.90 -5.02 6.36
N GLN A 16 10.19 -4.21 5.60
CA GLN A 16 10.28 -2.77 5.74
C GLN A 16 8.93 -2.19 6.16
N LYS A 17 8.87 -1.74 7.40
CA LYS A 17 7.64 -1.17 7.94
C LYS A 17 7.77 0.36 7.96
N PHE A 18 6.77 1.02 7.41
CA PHE A 18 6.77 2.47 7.36
C PHE A 18 5.48 3.03 7.99
N ARG A 19 5.66 3.68 9.13
CA ARG A 19 4.53 4.26 9.84
C ARG A 19 3.91 5.39 9.01
N VAL A 20 2.80 5.07 8.36
CA VAL A 20 2.11 6.03 7.52
C VAL A 20 0.63 6.05 7.91
N GLN A 21 -0.04 7.13 7.53
CA GLN A 21 -1.45 7.28 7.81
C GLN A 21 -2.29 6.68 6.69
N TYR A 22 -3.50 6.28 7.04
CA TYR A 22 -4.42 5.70 6.07
C TYR A 22 -5.54 6.66 5.70
N LEU A 23 -5.38 7.29 4.56
CA LEU A 23 -6.38 8.24 4.08
C LEU A 23 -7.69 7.51 3.80
N GLY A 24 -7.57 6.35 3.17
CA GLY A 24 -8.73 5.54 2.86
C GLY A 24 -8.60 4.94 1.45
N MET A 25 -9.50 4.01 1.17
CA MET A 25 -9.50 3.34 -0.13
C MET A 25 -10.46 4.04 -1.10
N LEU A 26 -10.00 4.20 -2.33
CA LEU A 26 -10.80 4.84 -3.35
C LEU A 26 -10.70 4.03 -4.66
N PRO A 27 -11.90 3.71 -5.22
CA PRO A 27 -11.96 2.94 -6.46
C PRO A 27 -11.60 3.82 -7.65
N VAL A 28 -11.14 3.15 -8.71
CA VAL A 28 -10.75 3.85 -9.92
C VAL A 28 -11.01 2.95 -11.13
N ASP A 29 -11.63 3.54 -12.14
CA ASP A 29 -11.93 2.81 -13.36
C ASP A 29 -10.63 2.41 -14.06
N ARG A 30 -9.73 3.37 -14.14
CA ARG A 30 -8.44 3.14 -14.77
C ARG A 30 -7.49 2.45 -13.81
N PRO A 31 -7.05 1.21 -14.21
CA PRO A 31 -6.14 0.44 -13.38
C PRO A 31 -4.72 1.00 -13.46
N VAL A 32 -4.54 1.94 -14.39
CA VAL A 32 -3.24 2.57 -14.58
C VAL A 32 -3.43 4.02 -14.99
N GLY A 33 -2.50 4.86 -14.56
CA GLY A 33 -2.55 6.28 -14.87
C GLY A 33 -2.15 7.12 -13.66
N MET A 34 -1.49 8.23 -13.95
CA MET A 34 -1.05 9.13 -12.90
C MET A 34 -2.15 10.12 -12.53
N ASP A 35 -2.80 10.66 -13.56
CA ASP A 35 -3.87 11.62 -13.35
C ASP A 35 -4.85 11.06 -12.33
N THR A 36 -5.52 9.97 -12.72
CA THR A 36 -6.48 9.34 -11.85
C THR A 36 -5.89 9.10 -10.45
N LEU A 37 -4.65 8.62 -10.46
CA LEU A 37 -3.96 8.35 -9.21
C LEU A 37 -4.06 9.58 -8.30
N ASN A 38 -3.38 10.64 -8.72
CA ASN A 38 -3.39 11.88 -7.96
C ASN A 38 -4.82 12.28 -7.63
N SER A 39 -5.66 12.26 -8.67
CA SER A 39 -7.06 12.61 -8.50
C SER A 39 -7.62 11.96 -7.23
N ALA A 40 -7.39 10.65 -7.13
CA ALA A 40 -7.86 9.90 -5.98
C ALA A 40 -7.34 10.55 -4.70
N ILE A 41 -6.02 10.59 -4.58
CA ILE A 41 -5.39 11.19 -3.41
C ILE A 41 -6.08 12.52 -3.10
N GLU A 42 -5.96 13.45 -4.03
CA GLU A 42 -6.55 14.77 -3.86
C GLU A 42 -8.02 14.63 -3.45
N ASN A 43 -8.66 13.59 -3.97
CA ASN A 43 -10.06 13.35 -3.66
C ASN A 43 -10.21 13.11 -2.16
N LEU A 44 -9.45 12.15 -1.66
CA LEU A 44 -9.50 11.82 -0.25
C LEU A 44 -9.17 13.06 0.57
N MET A 45 -7.99 13.62 0.30
CA MET A 45 -7.55 14.81 1.01
C MET A 45 -8.70 15.79 1.20
N THR A 46 -9.20 16.28 0.07
CA THR A 46 -10.30 17.23 0.09
C THR A 46 -11.60 16.55 0.55
N SER A 47 -11.54 16.02 1.77
CA SER A 47 -12.69 15.33 2.33
C SER A 47 -12.47 15.09 3.83
N SER A 48 -11.60 14.13 4.12
CA SER A 48 -11.29 13.81 5.50
C SER A 48 -10.12 14.66 5.99
N SER A 49 -9.95 14.64 7.31
CA SER A 49 -8.88 15.41 7.93
C SER A 49 -7.55 14.63 7.83
N LYS A 50 -6.50 15.26 8.32
CA LYS A 50 -5.18 14.64 8.29
C LYS A 50 -5.03 13.71 9.50
N GLU A 51 -5.36 14.25 10.66
CA GLU A 51 -5.27 13.48 11.89
C GLU A 51 -6.31 12.36 11.90
N ASP A 52 -7.38 12.59 11.15
CA ASP A 52 -8.45 11.62 11.06
C ASP A 52 -7.89 10.30 10.53
N TRP A 53 -6.78 10.42 9.82
CA TRP A 53 -6.14 9.24 9.25
C TRP A 53 -5.42 8.50 10.37
N PRO A 54 -5.71 7.17 10.46
CA PRO A 54 -5.09 6.34 11.49
C PRO A 54 -3.63 6.03 11.14
N SER A 55 -2.80 6.06 12.17
CA SER A 55 -1.39 5.78 11.99
C SER A 55 -1.16 4.27 11.81
N VAL A 56 -0.96 3.88 10.57
CA VAL A 56 -0.73 2.49 10.24
C VAL A 56 0.72 2.30 9.78
N ASN A 57 1.09 1.04 9.59
CA ASN A 57 2.43 0.72 9.15
C ASN A 57 2.36 -0.02 7.81
N MET A 58 3.32 0.30 6.94
CA MET A 58 3.37 -0.32 5.63
C MET A 58 4.45 -1.41 5.58
N ASN A 59 3.99 -2.65 5.67
CA ASN A 59 4.89 -3.79 5.64
C ASN A 59 5.26 -4.09 4.19
N VAL A 60 6.54 -4.35 3.97
CA VAL A 60 7.04 -4.66 2.65
C VAL A 60 8.00 -5.84 2.73
N ALA A 61 7.51 -6.99 2.26
CA ALA A 61 8.31 -8.20 2.29
C ALA A 61 7.74 -9.20 1.27
N ASP A 62 8.53 -10.22 0.99
CA ASP A 62 8.11 -11.25 0.05
C ASP A 62 7.43 -10.59 -1.15
N ALA A 63 7.92 -9.40 -1.49
CA ALA A 63 7.37 -8.66 -2.61
C ALA A 63 5.87 -8.47 -2.40
N THR A 64 5.52 -7.90 -1.25
CA THR A 64 4.13 -7.67 -0.92
C THR A 64 3.99 -6.37 -0.12
N VAL A 65 2.78 -5.82 -0.14
CA VAL A 65 2.51 -4.59 0.58
C VAL A 65 1.32 -4.81 1.53
N THR A 66 1.66 -5.01 2.79
CA THR A 66 0.64 -5.23 3.81
C THR A 66 0.61 -4.07 4.81
N VAL A 67 -0.60 -3.56 5.02
CA VAL A 67 -0.78 -2.45 5.94
C VAL A 67 -1.09 -2.99 7.34
N ILE A 68 -0.07 -2.97 8.18
CA ILE A 68 -0.22 -3.45 9.54
C ILE A 68 -0.51 -2.26 10.47
N SER A 69 -1.29 -2.54 11.51
CA SER A 69 -1.65 -1.52 12.46
C SER A 69 -0.46 -1.19 13.36
N GLU A 70 -0.57 -0.07 14.07
CA GLU A 70 0.49 0.36 14.97
C GLU A 70 0.39 -0.38 16.31
N LYS A 71 -0.85 -0.62 16.71
CA LYS A 71 -1.10 -1.31 17.97
C LYS A 71 -0.45 -2.70 17.92
N ASN A 72 -1.10 -3.59 17.18
CA ASN A 72 -0.58 -4.95 17.05
C ASN A 72 0.30 -5.04 15.81
N GLU A 73 0.96 -6.17 15.68
CA GLU A 73 1.85 -6.40 14.55
C GLU A 73 1.26 -7.46 13.61
N GLU A 74 0.32 -8.22 14.15
CA GLU A 74 -0.33 -9.27 13.39
C GLU A 74 -1.56 -8.71 12.66
N GLU A 75 -2.07 -7.61 13.18
CA GLU A 75 -3.23 -6.96 12.60
C GLU A 75 -2.87 -6.37 11.24
N VAL A 76 -3.39 -7.00 10.19
CA VAL A 76 -3.13 -6.55 8.84
C VAL A 76 -4.41 -5.89 8.28
N LEU A 77 -4.48 -4.59 8.46
CA LEU A 77 -5.63 -3.83 7.98
C LEU A 77 -5.88 -4.18 6.50
N VAL A 78 -4.84 -3.98 5.69
CA VAL A 78 -4.95 -4.27 4.27
C VAL A 78 -3.81 -5.20 3.87
N GLU A 79 -4.08 -6.03 2.86
CA GLU A 79 -3.09 -6.97 2.37
C GLU A 79 -2.97 -6.87 0.85
N CYS A 80 -2.01 -6.08 0.41
CA CYS A 80 -1.79 -5.89 -1.02
C CYS A 80 -0.44 -6.52 -1.37
N ARG A 81 -0.35 -6.98 -2.62
CA ARG A 81 0.86 -7.61 -3.10
C ARG A 81 1.39 -6.86 -4.33
N VAL A 82 2.44 -7.41 -4.92
CA VAL A 82 3.04 -6.83 -6.10
C VAL A 82 2.53 -7.55 -7.35
N ARG A 83 2.16 -8.81 -7.15
CA ARG A 83 1.66 -9.63 -8.24
C ARG A 83 0.23 -9.22 -8.58
N PHE A 84 -0.39 -8.51 -7.65
CA PHE A 84 -1.76 -8.05 -7.84
C PHE A 84 -1.82 -6.53 -8.04
N LEU A 85 -0.64 -5.92 -7.99
CA LEU A 85 -0.53 -4.48 -8.16
C LEU A 85 -0.76 -4.13 -9.63
N SER A 86 -1.25 -2.91 -9.84
CA SER A 86 -1.50 -2.44 -11.19
C SER A 86 -0.66 -1.19 -11.48
N PHE A 87 -0.57 -0.33 -10.48
CA PHE A 87 0.20 0.89 -10.61
C PHE A 87 0.20 1.68 -9.30
N MET A 88 1.06 2.70 -9.26
CA MET A 88 1.17 3.53 -8.07
C MET A 88 2.01 4.77 -8.37
N GLY A 89 2.51 5.38 -7.29
CA GLY A 89 3.32 6.57 -7.41
C GLY A 89 3.13 7.50 -6.21
N VAL A 90 3.57 8.74 -6.38
CA VAL A 90 3.44 9.72 -5.32
C VAL A 90 2.52 10.85 -5.79
N GLY A 91 1.45 11.05 -5.03
CA GLY A 91 0.49 12.09 -5.36
C GLY A 91 1.18 13.46 -5.49
N LYS A 92 0.36 14.47 -5.72
CA LYS A 92 0.88 15.82 -5.87
C LYS A 92 1.99 16.05 -4.85
N ASP A 93 1.61 15.97 -3.58
CA ASP A 93 2.57 16.16 -2.50
C ASP A 93 3.47 14.95 -2.40
N VAL A 94 4.67 15.17 -1.89
CA VAL A 94 5.64 14.10 -1.74
C VAL A 94 5.29 13.29 -0.49
N HIS A 95 4.29 13.76 0.23
CA HIS A 95 3.85 13.09 1.45
C HIS A 95 2.56 12.32 1.16
N THR A 96 2.53 11.66 0.02
CA THR A 96 1.37 10.88 -0.38
C THR A 96 1.79 9.71 -1.27
N PHE A 97 1.27 8.53 -0.93
CA PHE A 97 1.58 7.34 -1.68
C PHE A 97 0.34 6.44 -1.82
N ALA A 98 0.01 6.13 -3.06
CA ALA A 98 -1.14 5.30 -3.34
C ALA A 98 -0.83 4.38 -4.53
N PHE A 99 -1.48 3.23 -4.55
CA PHE A 99 -1.29 2.28 -5.62
C PHE A 99 -2.60 1.57 -5.97
N ILE A 100 -2.78 1.35 -7.27
CA ILE A 100 -3.99 0.70 -7.75
C ILE A 100 -3.76 -0.82 -7.77
N MET A 101 -4.53 -1.50 -6.93
CA MET A 101 -4.43 -2.94 -6.82
C MET A 101 -5.53 -3.63 -7.66
N ASP A 102 -5.29 -4.90 -7.94
CA ASP A 102 -6.24 -5.68 -8.73
C ASP A 102 -6.76 -6.84 -7.89
N THR A 103 -7.97 -6.66 -7.38
CA THR A 103 -8.60 -7.69 -6.56
C THR A 103 -8.98 -8.89 -7.41
N GLY A 104 -9.87 -8.65 -8.37
CA GLY A 104 -10.32 -9.70 -9.25
C GLY A 104 -11.67 -9.33 -9.90
N ASN A 105 -11.95 -10.00 -11.01
CA ASN A 105 -13.19 -9.76 -11.73
C ASN A 105 -13.03 -8.52 -12.61
N GLN A 106 -12.75 -7.39 -11.96
CA GLN A 106 -12.57 -6.14 -12.67
C GLN A 106 -12.72 -4.96 -11.71
N ARG A 107 -12.03 -5.06 -10.59
CA ARG A 107 -12.08 -4.02 -9.57
C ARG A 107 -10.68 -3.53 -9.24
N PHE A 108 -10.56 -2.24 -9.01
CA PHE A 108 -9.28 -1.63 -8.68
C PHE A 108 -9.41 -0.67 -7.50
N GLU A 109 -8.73 -1.02 -6.42
CA GLU A 109 -8.76 -0.20 -5.21
C GLU A 109 -7.44 0.55 -5.05
N CYS A 110 -7.55 1.85 -4.85
CA CYS A 110 -6.38 2.69 -4.67
C CYS A 110 -6.26 3.04 -3.19
N HIS A 111 -5.24 2.46 -2.56
CA HIS A 111 -5.00 2.69 -1.15
C HIS A 111 -4.06 3.89 -0.99
N VAL A 112 -4.65 5.02 -0.63
CA VAL A 112 -3.88 6.24 -0.44
C VAL A 112 -3.27 6.23 0.97
N PHE A 113 -2.07 6.78 1.06
CA PHE A 113 -1.38 6.85 2.34
C PHE A 113 -0.51 8.12 2.43
N TRP A 114 -0.14 8.45 3.65
CA TRP A 114 0.68 9.62 3.89
C TRP A 114 2.03 9.15 4.43
N CYS A 115 3.05 9.34 3.60
CA CYS A 115 4.41 8.94 3.98
C CYS A 115 5.23 10.21 4.22
N GLU A 116 6.13 10.13 5.18
CA GLU A 116 6.98 11.24 5.52
C GLU A 116 8.44 10.80 5.62
N PRO A 117 9.36 11.72 5.24
CA PRO A 117 8.95 13.04 4.77
C PRO A 117 8.38 12.97 3.34
N ASN A 118 8.97 12.08 2.56
CA ASN A 118 8.53 11.90 1.19
C ASN A 118 8.16 10.43 0.95
N ALA A 119 7.33 10.21 -0.05
CA ALA A 119 6.89 8.87 -0.38
C ALA A 119 7.86 8.26 -1.38
N ALA A 120 9.14 8.50 -1.15
CA ALA A 120 10.18 7.98 -2.03
C ALA A 120 10.63 6.61 -1.50
N ASN A 121 10.97 6.58 -0.22
CA ASN A 121 11.42 5.36 0.40
C ASN A 121 10.34 4.28 0.26
N VAL A 122 9.12 4.68 0.63
CA VAL A 122 7.99 3.76 0.54
C VAL A 122 7.81 3.30 -0.91
N SER A 123 7.45 4.25 -1.75
CA SER A 123 7.23 3.96 -3.16
C SER A 123 8.38 3.09 -3.69
N GLU A 124 9.59 3.39 -3.21
CA GLU A 124 10.76 2.65 -3.62
C GLU A 124 10.71 1.22 -3.06
N ALA A 125 10.62 1.14 -1.74
CA ALA A 125 10.56 -0.15 -1.08
C ALA A 125 9.47 -1.00 -1.72
N VAL A 126 8.45 -0.32 -2.22
CA VAL A 126 7.32 -1.00 -2.85
C VAL A 126 7.74 -1.43 -4.26
N GLN A 127 8.16 -0.46 -5.04
CA GLN A 127 8.58 -0.72 -6.41
C GLN A 127 9.66 -1.81 -6.43
N ALA A 128 10.63 -1.64 -5.54
CA ALA A 128 11.73 -2.60 -5.45
C ALA A 128 11.18 -4.02 -5.61
N ALA A 129 9.95 -4.21 -5.14
CA ALA A 129 9.30 -5.50 -5.23
C ALA A 129 8.72 -5.68 -6.63
N CYS A 130 7.89 -4.72 -7.02
CA CYS A 130 7.26 -4.77 -8.33
C CYS A 130 8.33 -5.09 -9.37
N SER A 131 9.43 -4.35 -9.28
CA SER A 131 10.54 -4.54 -10.21
C SER A 131 11.14 -5.94 -10.02
N GLY A 132 11.40 -6.27 -8.76
CA GLY A 132 11.97 -7.57 -8.43
C GLY A 132 13.49 -7.54 -8.57
N PRO A 133 14.17 -8.39 -7.74
CA PRO A 133 15.62 -8.47 -7.76
C PRO A 133 16.11 -9.24 -8.98
N SER A 134 15.88 -8.64 -10.15
CA SER A 134 16.29 -9.26 -11.39
C SER A 134 16.63 -8.18 -12.42
N SER A 135 17.43 -8.57 -13.41
CA SER A 135 17.83 -7.65 -14.46
C SER A 135 16.88 -7.78 -15.65
N GLY A 136 16.40 -6.63 -16.10
CA GLY A 136 15.49 -6.59 -17.23
C GLY A 136 14.03 -6.63 -16.76
N GLY A 1 -21.07 -28.54 19.13
CA GLY A 1 -19.90 -27.68 19.07
C GLY A 1 -19.38 -27.56 17.64
N SER A 2 -18.15 -27.06 17.53
CA SER A 2 -17.52 -26.90 16.23
C SER A 2 -16.11 -26.34 16.39
N SER A 3 -15.16 -27.03 15.81
CA SER A 3 -13.77 -26.63 15.88
C SER A 3 -13.41 -25.76 14.67
N GLY A 4 -12.22 -25.17 14.74
CA GLY A 4 -11.75 -24.32 13.65
C GLY A 4 -10.29 -24.62 13.31
N SER A 5 -9.56 -23.57 12.99
CA SER A 5 -8.15 -23.71 12.65
C SER A 5 -7.55 -22.33 12.35
N SER A 6 -6.23 -22.31 12.24
CA SER A 6 -5.52 -21.08 11.97
C SER A 6 -4.02 -21.36 11.80
N GLY A 7 -3.38 -20.54 10.98
CA GLY A 7 -1.96 -20.69 10.74
C GLY A 7 -1.29 -19.32 10.52
N PRO A 8 -0.28 -19.03 11.37
CA PRO A 8 0.44 -17.77 11.28
C PRO A 8 1.40 -17.78 10.08
N THR A 9 2.02 -16.63 9.86
CA THR A 9 2.95 -16.49 8.76
C THR A 9 4.34 -16.10 9.28
N PRO A 10 5.37 -16.76 8.71
CA PRO A 10 6.75 -16.50 9.12
C PRO A 10 7.24 -15.16 8.55
N LYS A 11 8.45 -14.80 8.94
CA LYS A 11 9.04 -13.56 8.48
C LYS A 11 9.54 -13.73 7.04
N THR A 12 10.72 -14.35 6.93
CA THR A 12 11.32 -14.59 5.63
C THR A 12 11.68 -13.26 4.96
N GLU A 13 12.97 -13.12 4.66
CA GLU A 13 13.46 -11.92 4.03
C GLU A 13 13.18 -10.69 4.91
N LEU A 14 14.08 -9.72 4.83
CA LEU A 14 13.94 -8.51 5.61
C LEU A 14 12.62 -7.83 5.25
N VAL A 15 12.04 -7.16 6.24
CA VAL A 15 10.78 -6.47 6.04
C VAL A 15 10.98 -4.97 6.31
N GLN A 16 10.18 -4.17 5.63
CA GLN A 16 10.26 -2.72 5.79
C GLN A 16 8.90 -2.16 6.22
N LYS A 17 8.86 -1.71 7.46
CA LYS A 17 7.63 -1.14 8.00
C LYS A 17 7.77 0.37 8.09
N PHE A 18 6.76 1.06 7.55
CA PHE A 18 6.75 2.51 7.56
C PHE A 18 5.43 3.05 8.12
N ARG A 19 5.55 3.74 9.25
CA ARG A 19 4.38 4.31 9.89
C ARG A 19 3.76 5.39 9.01
N VAL A 20 2.70 5.00 8.32
CA VAL A 20 2.00 5.92 7.43
C VAL A 20 0.52 5.97 7.81
N GLN A 21 -0.10 7.09 7.47
CA GLN A 21 -1.51 7.28 7.78
C GLN A 21 -2.38 6.73 6.65
N TYR A 22 -3.51 6.16 7.03
CA TYR A 22 -4.43 5.60 6.05
C TYR A 22 -5.52 6.62 5.67
N LEU A 23 -5.35 7.21 4.49
CA LEU A 23 -6.30 8.19 4.01
C LEU A 23 -7.63 7.50 3.69
N GLY A 24 -7.51 6.34 3.05
CA GLY A 24 -8.70 5.57 2.70
C GLY A 24 -8.52 4.91 1.33
N MET A 25 -9.27 3.83 1.13
CA MET A 25 -9.21 3.10 -0.12
C MET A 25 -10.29 3.57 -1.09
N LEU A 26 -9.85 4.30 -2.11
CA LEU A 26 -10.77 4.81 -3.11
C LEU A 26 -10.62 4.01 -4.40
N PRO A 27 -11.78 3.76 -5.06
CA PRO A 27 -11.79 3.00 -6.30
C PRO A 27 -11.27 3.84 -7.47
N VAL A 28 -11.03 3.17 -8.59
CA VAL A 28 -10.52 3.84 -9.77
C VAL A 28 -10.98 3.07 -11.02
N ASP A 29 -10.85 3.73 -12.16
CA ASP A 29 -11.23 3.12 -13.42
C ASP A 29 -9.97 2.80 -14.23
N ARG A 30 -9.04 3.74 -14.22
CA ARG A 30 -7.80 3.58 -14.95
C ARG A 30 -6.69 3.09 -14.00
N PRO A 31 -6.16 1.88 -14.32
CA PRO A 31 -5.10 1.30 -13.52
C PRO A 31 -3.76 1.99 -13.78
N VAL A 32 -3.78 2.89 -14.75
CA VAL A 32 -2.58 3.63 -15.10
C VAL A 32 -2.98 4.99 -15.68
N GLY A 33 -2.07 5.94 -15.56
CA GLY A 33 -2.31 7.28 -16.06
C GLY A 33 -1.82 8.33 -15.06
N MET A 34 -1.61 7.88 -13.83
CA MET A 34 -1.15 8.77 -12.77
C MET A 34 -2.24 9.78 -12.40
N ASP A 35 -2.65 10.56 -13.39
CA ASP A 35 -3.67 11.56 -13.18
C ASP A 35 -4.75 11.00 -12.26
N THR A 36 -5.30 9.87 -12.67
CA THR A 36 -6.34 9.21 -11.90
C THR A 36 -5.81 8.84 -10.51
N LEU A 37 -4.58 8.38 -10.48
CA LEU A 37 -3.95 7.98 -9.23
C LEU A 37 -4.01 9.15 -8.25
N ASN A 38 -3.50 10.28 -8.70
CA ASN A 38 -3.49 11.47 -7.88
C ASN A 38 -4.93 11.89 -7.56
N SER A 39 -5.72 12.00 -8.60
CA SER A 39 -7.12 12.38 -8.45
C SER A 39 -7.72 11.69 -7.23
N ALA A 40 -7.44 10.40 -7.12
CA ALA A 40 -7.94 9.61 -6.00
C ALA A 40 -7.49 10.26 -4.69
N ILE A 41 -6.19 10.47 -4.59
CA ILE A 41 -5.62 11.08 -3.40
C ILE A 41 -6.34 12.40 -3.11
N GLU A 42 -6.16 13.34 -4.02
CA GLU A 42 -6.79 14.65 -3.88
C GLU A 42 -8.23 14.50 -3.39
N ASN A 43 -8.92 13.52 -3.95
CA ASN A 43 -10.30 13.25 -3.57
C ASN A 43 -10.37 13.02 -2.07
N LEU A 44 -9.65 11.98 -1.63
CA LEU A 44 -9.64 11.64 -0.22
C LEU A 44 -9.29 12.87 0.61
N MET A 45 -8.20 13.53 0.22
CA MET A 45 -7.76 14.72 0.92
C MET A 45 -8.95 15.62 1.27
N THR A 46 -9.60 16.12 0.22
CA THR A 46 -10.74 17.00 0.41
C THR A 46 -11.95 16.20 0.91
N SER A 47 -11.76 15.54 2.04
CA SER A 47 -12.83 14.74 2.63
C SER A 47 -12.55 14.52 4.12
N SER A 48 -11.55 13.70 4.39
CA SER A 48 -11.18 13.41 5.77
C SER A 48 -9.98 14.26 6.18
N SER A 49 -9.91 14.55 7.47
CA SER A 49 -8.83 15.35 8.01
C SER A 49 -7.52 14.55 7.97
N LYS A 50 -6.44 15.22 8.35
CA LYS A 50 -5.13 14.59 8.36
C LYS A 50 -5.06 13.62 9.55
N GLU A 51 -5.44 14.13 10.72
CA GLU A 51 -5.42 13.33 11.92
C GLU A 51 -6.43 12.18 11.82
N ASP A 52 -7.55 12.48 11.18
CA ASP A 52 -8.60 11.49 11.00
C ASP A 52 -7.99 10.19 10.47
N TRP A 53 -6.89 10.35 9.74
CA TRP A 53 -6.19 9.20 9.18
C TRP A 53 -5.49 8.47 10.31
N PRO A 54 -5.78 7.14 10.42
CA PRO A 54 -5.18 6.32 11.46
C PRO A 54 -3.72 6.00 11.12
N SER A 55 -2.88 6.08 12.14
CA SER A 55 -1.46 5.81 11.96
C SER A 55 -1.25 4.30 11.79
N VAL A 56 -1.02 3.90 10.56
CA VAL A 56 -0.80 2.50 10.24
C VAL A 56 0.64 2.31 9.77
N ASN A 57 1.04 1.06 9.68
CA ASN A 57 2.39 0.73 9.24
C ASN A 57 2.32 -0.02 7.91
N MET A 58 3.23 0.35 7.02
CA MET A 58 3.28 -0.27 5.71
C MET A 58 4.38 -1.33 5.64
N ASN A 59 3.97 -2.59 5.69
CA ASN A 59 4.90 -3.70 5.63
C ASN A 59 5.31 -3.95 4.18
N VAL A 60 6.60 -4.16 3.99
CA VAL A 60 7.14 -4.41 2.66
C VAL A 60 8.09 -5.60 2.72
N ALA A 61 7.64 -6.70 2.13
CA ALA A 61 8.44 -7.91 2.11
C ALA A 61 7.88 -8.88 1.06
N ASP A 62 8.67 -9.89 0.73
CA ASP A 62 8.26 -10.87 -0.25
C ASP A 62 7.54 -10.17 -1.40
N ALA A 63 8.01 -8.98 -1.71
CA ALA A 63 7.42 -8.20 -2.79
C ALA A 63 5.93 -8.07 -2.56
N THR A 64 5.57 -7.56 -1.38
CA THR A 64 4.17 -7.39 -1.03
C THR A 64 3.99 -6.13 -0.19
N VAL A 65 2.77 -5.61 -0.20
CA VAL A 65 2.45 -4.41 0.55
C VAL A 65 1.31 -4.71 1.52
N THR A 66 1.68 -4.95 2.77
CA THR A 66 0.70 -5.26 3.80
C THR A 66 0.63 -4.12 4.82
N VAL A 67 -0.57 -3.53 4.92
CA VAL A 67 -0.78 -2.44 5.85
C VAL A 67 -1.12 -3.00 7.24
N ILE A 68 -0.15 -2.89 8.13
CA ILE A 68 -0.34 -3.38 9.48
C ILE A 68 -0.68 -2.22 10.41
N SER A 69 -1.28 -2.56 11.54
CA SER A 69 -1.66 -1.54 12.51
C SER A 69 -0.47 -1.21 13.42
N GLU A 70 -0.62 -0.11 14.15
CA GLU A 70 0.44 0.33 15.06
C GLU A 70 0.25 -0.33 16.43
N LYS A 71 -1.00 -0.51 16.80
CA LYS A 71 -1.33 -1.11 18.09
C LYS A 71 -0.85 -2.57 18.08
N ASN A 72 -1.25 -3.30 17.06
CA ASN A 72 -0.87 -4.69 16.93
C ASN A 72 0.01 -4.87 15.69
N GLU A 73 0.63 -6.03 15.61
CA GLU A 73 1.50 -6.34 14.49
C GLU A 73 0.86 -7.39 13.59
N GLU A 74 -0.12 -8.08 14.15
CA GLU A 74 -0.82 -9.12 13.42
C GLU A 74 -2.16 -8.59 12.88
N GLU A 75 -2.32 -7.28 12.98
CA GLU A 75 -3.53 -6.63 12.51
C GLU A 75 -3.32 -6.07 11.11
N VAL A 76 -3.29 -6.97 10.14
CA VAL A 76 -3.10 -6.56 8.75
C VAL A 76 -4.38 -5.90 8.23
N LEU A 77 -4.36 -4.58 8.26
CA LEU A 77 -5.52 -3.82 7.80
C LEU A 77 -5.77 -4.13 6.32
N VAL A 78 -4.70 -4.12 5.56
CA VAL A 78 -4.79 -4.40 4.13
C VAL A 78 -3.61 -5.28 3.72
N GLU A 79 -3.86 -6.09 2.69
CA GLU A 79 -2.82 -6.99 2.19
C GLU A 79 -2.76 -6.92 0.67
N CYS A 80 -1.82 -6.11 0.18
CA CYS A 80 -1.65 -5.94 -1.25
C CYS A 80 -0.32 -6.57 -1.66
N ARG A 81 -0.27 -7.05 -2.89
CA ARG A 81 0.94 -7.67 -3.41
C ARG A 81 1.40 -6.97 -4.68
N VAL A 82 2.61 -7.30 -5.11
CA VAL A 82 3.18 -6.71 -6.30
C VAL A 82 2.67 -7.47 -7.53
N ARG A 83 2.37 -8.75 -7.32
CA ARG A 83 1.88 -9.59 -8.39
C ARG A 83 0.42 -9.26 -8.69
N PHE A 84 -0.21 -8.56 -7.75
CA PHE A 84 -1.60 -8.18 -7.90
C PHE A 84 -1.73 -6.67 -8.09
N LEU A 85 -0.60 -6.00 -8.06
CA LEU A 85 -0.57 -4.55 -8.23
C LEU A 85 -0.77 -4.22 -9.71
N SER A 86 -1.29 -3.03 -9.95
CA SER A 86 -1.52 -2.58 -11.31
C SER A 86 -0.68 -1.32 -11.60
N PHE A 87 -0.55 -0.49 -10.58
CA PHE A 87 0.22 0.73 -10.72
C PHE A 87 0.26 1.50 -9.40
N MET A 88 1.05 2.57 -9.39
CA MET A 88 1.18 3.39 -8.21
C MET A 88 1.79 4.75 -8.55
N GLY A 89 2.50 5.31 -7.58
CA GLY A 89 3.13 6.60 -7.76
C GLY A 89 2.82 7.55 -6.60
N VAL A 90 3.70 8.51 -6.41
CA VAL A 90 3.53 9.48 -5.33
C VAL A 90 2.53 10.56 -5.78
N GLY A 91 1.60 10.85 -4.89
CA GLY A 91 0.59 11.85 -5.17
C GLY A 91 1.22 13.24 -5.35
N LYS A 92 0.36 14.24 -5.45
CA LYS A 92 0.82 15.61 -5.61
C LYS A 92 1.99 15.86 -4.67
N ASP A 93 1.70 15.79 -3.38
CA ASP A 93 2.72 16.02 -2.38
C ASP A 93 3.67 14.82 -2.34
N VAL A 94 4.82 15.03 -1.72
CA VAL A 94 5.83 13.99 -1.62
C VAL A 94 5.52 13.12 -0.39
N HIS A 95 4.56 13.59 0.40
CA HIS A 95 4.16 12.88 1.60
C HIS A 95 2.90 12.06 1.32
N THR A 96 2.62 11.88 0.03
CA THR A 96 1.45 11.14 -0.38
C THR A 96 1.85 9.96 -1.26
N PHE A 97 1.34 8.79 -0.90
CA PHE A 97 1.63 7.58 -1.65
C PHE A 97 0.38 6.70 -1.79
N ALA A 98 0.10 6.34 -3.03
CA ALA A 98 -1.06 5.50 -3.31
C ALA A 98 -0.72 4.52 -4.44
N PHE A 99 -1.29 3.33 -4.34
CA PHE A 99 -1.05 2.30 -5.33
C PHE A 99 -2.37 1.65 -5.77
N ILE A 100 -2.46 1.40 -7.07
CA ILE A 100 -3.64 0.78 -7.63
C ILE A 100 -3.50 -0.73 -7.60
N MET A 101 -4.49 -1.39 -7.01
CA MET A 101 -4.48 -2.84 -6.91
C MET A 101 -5.69 -3.44 -7.62
N ASP A 102 -5.61 -4.75 -7.85
CA ASP A 102 -6.69 -5.47 -8.51
C ASP A 102 -7.17 -6.60 -7.61
N THR A 103 -8.37 -6.42 -7.08
CA THR A 103 -8.95 -7.42 -6.19
C THR A 103 -9.98 -8.27 -6.95
N GLY A 104 -10.99 -7.58 -7.46
CA GLY A 104 -12.04 -8.25 -8.21
C GLY A 104 -11.55 -8.65 -9.61
N ASN A 105 -12.47 -8.57 -10.57
CA ASN A 105 -12.14 -8.92 -11.94
C ASN A 105 -11.53 -7.71 -12.64
N GLN A 106 -12.39 -6.79 -13.02
CA GLN A 106 -11.94 -5.58 -13.71
C GLN A 106 -12.00 -4.39 -12.75
N ARG A 107 -12.07 -4.69 -11.46
CA ARG A 107 -12.13 -3.66 -10.45
C ARG A 107 -10.73 -3.36 -9.92
N PHE A 108 -10.55 -2.13 -9.45
CA PHE A 108 -9.28 -1.70 -8.91
C PHE A 108 -9.47 -0.84 -7.67
N GLU A 109 -8.50 -0.91 -6.77
CA GLU A 109 -8.54 -0.15 -5.54
C GLU A 109 -7.23 0.63 -5.35
N CYS A 110 -7.38 1.89 -4.96
CA CYS A 110 -6.23 2.74 -4.74
C CYS A 110 -6.16 3.06 -3.24
N HIS A 111 -5.12 2.53 -2.62
CA HIS A 111 -4.91 2.75 -1.19
C HIS A 111 -3.99 3.96 -0.99
N VAL A 112 -4.59 5.06 -0.57
CA VAL A 112 -3.83 6.28 -0.33
C VAL A 112 -3.19 6.21 1.06
N PHE A 113 -1.97 6.74 1.14
CA PHE A 113 -1.25 6.75 2.40
C PHE A 113 -0.37 7.99 2.51
N TRP A 114 0.02 8.30 3.75
CA TRP A 114 0.86 9.45 4.01
C TRP A 114 2.21 8.95 4.52
N CYS A 115 3.23 9.15 3.69
CA CYS A 115 4.58 8.72 4.05
C CYS A 115 5.42 9.96 4.31
N GLU A 116 6.30 9.85 5.29
CA GLU A 116 7.17 10.95 5.65
C GLU A 116 8.62 10.48 5.77
N PRO A 117 9.56 11.40 5.45
CA PRO A 117 9.18 12.74 5.04
C PRO A 117 8.63 12.75 3.61
N ASN A 118 9.09 11.77 2.84
CA ASN A 118 8.66 11.65 1.45
C ASN A 118 8.32 10.19 1.15
N ALA A 119 7.50 10.01 0.14
CA ALA A 119 7.09 8.67 -0.27
C ALA A 119 8.06 8.13 -1.30
N ALA A 120 9.33 8.43 -1.09
CA ALA A 120 10.38 7.98 -2.00
C ALA A 120 10.89 6.61 -1.54
N ASN A 121 11.07 6.49 -0.23
CA ASN A 121 11.56 5.25 0.36
C ASN A 121 10.45 4.20 0.29
N VAL A 122 9.24 4.63 0.61
CA VAL A 122 8.09 3.73 0.59
C VAL A 122 7.86 3.24 -0.84
N SER A 123 7.49 4.17 -1.70
CA SER A 123 7.23 3.85 -3.09
C SER A 123 8.34 2.95 -3.64
N GLU A 124 9.56 3.23 -3.20
CA GLU A 124 10.71 2.46 -3.63
C GLU A 124 10.65 1.05 -3.05
N ALA A 125 10.60 0.98 -1.73
CA ALA A 125 10.53 -0.31 -1.05
C ALA A 125 9.39 -1.13 -1.64
N VAL A 126 8.45 -0.43 -2.24
CA VAL A 126 7.30 -1.08 -2.85
C VAL A 126 7.61 -1.39 -4.32
N GLN A 127 8.16 -0.40 -5.00
CA GLN A 127 8.52 -0.54 -6.39
C GLN A 127 9.60 -1.60 -6.56
N ALA A 128 10.70 -1.40 -5.85
CA ALA A 128 11.82 -2.33 -5.90
C ALA A 128 11.31 -3.75 -5.63
N ALA A 129 10.14 -3.81 -4.99
CA ALA A 129 9.55 -5.09 -4.66
C ALA A 129 8.98 -5.72 -5.93
N CYS A 130 8.16 -4.95 -6.62
CA CYS A 130 7.54 -5.42 -7.85
C CYS A 130 8.66 -5.73 -8.86
N SER A 131 9.52 -4.74 -9.05
CA SER A 131 10.63 -4.88 -9.97
C SER A 131 10.17 -5.61 -11.24
N GLY A 132 9.72 -4.83 -12.21
CA GLY A 132 9.25 -5.39 -13.46
C GLY A 132 10.35 -6.21 -14.15
N PRO A 133 9.96 -6.87 -15.27
CA PRO A 133 10.90 -7.68 -16.02
C PRO A 133 11.86 -6.81 -16.82
N SER A 134 12.64 -6.02 -16.10
CA SER A 134 13.60 -5.13 -16.73
C SER A 134 12.88 -4.13 -17.63
N SER A 135 13.18 -2.85 -17.40
CA SER A 135 12.57 -1.79 -18.17
C SER A 135 13.40 -1.51 -19.43
N GLY A 136 14.65 -1.09 -19.19
CA GLY A 136 15.54 -0.79 -20.29
C GLY A 136 15.77 -2.02 -21.17
N GLY A 1 -9.94 -28.49 4.77
CA GLY A 1 -8.72 -29.01 5.36
C GLY A 1 -7.64 -27.92 5.42
N SER A 2 -6.41 -28.37 5.67
CA SER A 2 -5.29 -27.45 5.77
C SER A 2 -4.07 -28.04 5.05
N SER A 3 -3.69 -27.39 3.96
CA SER A 3 -2.55 -27.83 3.18
C SER A 3 -1.67 -26.64 2.81
N GLY A 4 -0.38 -26.79 3.07
CA GLY A 4 0.57 -25.74 2.78
C GLY A 4 1.77 -26.29 2.01
N SER A 5 1.91 -25.83 0.77
CA SER A 5 3.01 -26.26 -0.07
C SER A 5 4.12 -25.21 -0.07
N SER A 6 4.91 -25.23 0.99
CA SER A 6 6.01 -24.28 1.12
C SER A 6 7.31 -25.04 1.39
N GLY A 7 8.42 -24.32 1.25
CA GLY A 7 9.73 -24.89 1.47
C GLY A 7 10.18 -24.69 2.92
N PRO A 8 10.97 -25.68 3.42
CA PRO A 8 11.47 -25.62 4.77
C PRO A 8 12.61 -24.60 4.90
N THR A 9 12.26 -23.35 4.67
CA THR A 9 13.22 -22.27 4.76
C THR A 9 12.56 -20.99 5.28
N PRO A 10 12.98 -20.58 6.50
CA PRO A 10 12.44 -19.38 7.12
C PRO A 10 13.00 -18.11 6.46
N LYS A 11 14.04 -18.32 5.67
CA LYS A 11 14.68 -17.21 4.97
C LYS A 11 15.17 -16.19 6.00
N THR A 12 15.99 -15.27 5.51
CA THR A 12 16.54 -14.23 6.37
C THR A 12 16.46 -12.87 5.68
N GLU A 13 15.52 -12.06 6.15
CA GLU A 13 15.33 -10.74 5.58
C GLU A 13 14.28 -9.96 6.39
N LEU A 14 14.69 -8.78 6.85
CA LEU A 14 13.80 -7.94 7.63
C LEU A 14 12.90 -7.14 6.68
N VAL A 15 11.61 -7.13 7.02
CA VAL A 15 10.63 -6.41 6.21
C VAL A 15 10.77 -4.91 6.47
N GLN A 16 10.19 -4.14 5.57
CA GLN A 16 10.23 -2.69 5.70
C GLN A 16 8.88 -2.15 6.17
N LYS A 17 8.87 -1.69 7.41
CA LYS A 17 7.65 -1.15 8.00
C LYS A 17 7.79 0.36 8.16
N PHE A 18 6.86 1.08 7.54
CA PHE A 18 6.87 2.53 7.61
C PHE A 18 5.55 3.07 8.17
N ARG A 19 5.66 3.75 9.29
CA ARG A 19 4.47 4.32 9.94
C ARG A 19 3.85 5.39 9.04
N VAL A 20 2.80 5.00 8.35
CA VAL A 20 2.10 5.91 7.46
C VAL A 20 0.62 5.94 7.83
N GLN A 21 -0.03 7.02 7.44
CA GLN A 21 -1.45 7.20 7.72
C GLN A 21 -2.29 6.58 6.60
N TYR A 22 -3.51 6.20 6.96
CA TYR A 22 -4.42 5.60 5.99
C TYR A 22 -5.53 6.58 5.60
N LEU A 23 -5.38 7.15 4.42
CA LEU A 23 -6.36 8.11 3.92
C LEU A 23 -7.69 7.38 3.65
N GLY A 24 -7.56 6.25 2.96
CA GLY A 24 -8.73 5.46 2.63
C GLY A 24 -8.53 4.70 1.31
N MET A 25 -9.58 4.01 0.90
CA MET A 25 -9.53 3.25 -0.35
C MET A 25 -10.51 3.82 -1.38
N LEU A 26 -9.93 4.34 -2.46
CA LEU A 26 -10.74 4.92 -3.52
C LEU A 26 -10.66 4.02 -4.76
N PRO A 27 -11.85 3.67 -5.29
CA PRO A 27 -11.93 2.82 -6.47
C PRO A 27 -11.56 3.61 -7.74
N VAL A 28 -11.13 2.86 -8.74
CA VAL A 28 -10.74 3.48 -10.00
C VAL A 28 -10.96 2.47 -11.14
N ASP A 29 -11.29 3.01 -12.31
CA ASP A 29 -11.53 2.18 -13.47
C ASP A 29 -10.20 1.92 -14.19
N ARG A 30 -9.42 2.98 -14.32
CA ARG A 30 -8.13 2.88 -14.97
C ARG A 30 -7.08 2.30 -14.02
N PRO A 31 -6.52 1.13 -14.42
CA PRO A 31 -5.52 0.47 -13.61
C PRO A 31 -4.17 1.19 -13.71
N VAL A 32 -4.11 2.14 -14.62
CA VAL A 32 -2.89 2.91 -14.83
C VAL A 32 -3.26 4.36 -15.14
N GLY A 33 -2.32 5.25 -14.85
CA GLY A 33 -2.52 6.67 -15.08
C GLY A 33 -2.37 7.47 -13.78
N MET A 34 -1.34 8.31 -13.76
CA MET A 34 -1.08 9.13 -12.60
C MET A 34 -2.23 10.10 -12.34
N ASP A 35 -2.77 10.64 -13.42
CA ASP A 35 -3.87 11.58 -13.34
C ASP A 35 -4.89 11.07 -12.32
N THR A 36 -5.53 9.96 -12.68
CA THR A 36 -6.52 9.36 -11.82
C THR A 36 -5.95 9.14 -10.42
N LEU A 37 -4.75 8.59 -10.39
CA LEU A 37 -4.09 8.32 -9.11
C LEU A 37 -4.10 9.58 -8.26
N ASN A 38 -3.34 10.57 -8.71
CA ASN A 38 -3.25 11.84 -8.01
C ASN A 38 -4.66 12.32 -7.65
N SER A 39 -5.58 12.11 -8.59
CA SER A 39 -6.96 12.52 -8.39
C SER A 39 -7.57 11.73 -7.23
N ALA A 40 -7.19 10.47 -7.14
CA ALA A 40 -7.69 9.60 -6.09
C ALA A 40 -7.16 10.08 -4.74
N ILE A 41 -5.95 10.64 -4.78
CA ILE A 41 -5.31 11.13 -3.57
C ILE A 41 -6.05 12.38 -3.09
N GLU A 42 -5.89 13.46 -3.86
CA GLU A 42 -6.55 14.72 -3.52
C GLU A 42 -7.95 14.46 -2.96
N ASN A 43 -8.67 13.60 -3.65
CA ASN A 43 -10.03 13.26 -3.23
C ASN A 43 -9.98 12.66 -1.83
N LEU A 44 -9.18 11.61 -1.70
CA LEU A 44 -9.03 10.94 -0.42
C LEU A 44 -8.40 11.89 0.60
N MET A 45 -7.86 12.98 0.08
CA MET A 45 -7.22 13.97 0.92
C MET A 45 -8.23 15.04 1.36
N THR A 46 -9.06 15.45 0.43
CA THR A 46 -10.08 16.46 0.71
C THR A 46 -11.27 15.82 1.41
N SER A 47 -11.28 14.49 1.42
CA SER A 47 -12.36 13.75 2.05
C SER A 47 -12.26 13.88 3.58
N SER A 48 -11.39 13.03 4.14
CA SER A 48 -11.19 13.04 5.58
C SER A 48 -10.07 14.01 5.96
N SER A 49 -9.90 14.20 7.25
CA SER A 49 -8.87 15.10 7.75
C SER A 49 -7.52 14.37 7.77
N LYS A 50 -6.47 15.15 7.97
CA LYS A 50 -5.12 14.60 8.01
C LYS A 50 -5.00 13.68 9.22
N GLU A 51 -5.31 14.23 10.40
CA GLU A 51 -5.23 13.47 11.62
C GLU A 51 -6.27 12.34 11.62
N ASP A 52 -7.38 12.61 10.93
CA ASP A 52 -8.45 11.63 10.84
C ASP A 52 -7.89 10.31 10.32
N TRP A 53 -6.75 10.41 9.65
CA TRP A 53 -6.10 9.23 9.10
C TRP A 53 -5.39 8.50 10.25
N PRO A 54 -5.70 7.18 10.36
CA PRO A 54 -5.10 6.37 11.40
C PRO A 54 -3.64 6.04 11.07
N SER A 55 -2.81 6.06 12.11
CA SER A 55 -1.39 5.78 11.94
C SER A 55 -1.20 4.26 11.81
N VAL A 56 -0.98 3.83 10.57
CA VAL A 56 -0.77 2.42 10.29
C VAL A 56 0.68 2.21 9.87
N ASN A 57 1.02 0.94 9.66
CA ASN A 57 2.37 0.59 9.26
C ASN A 57 2.31 -0.11 7.90
N MET A 58 3.30 0.19 7.07
CA MET A 58 3.37 -0.39 5.74
C MET A 58 4.50 -1.42 5.67
N ASN A 59 4.12 -2.68 5.81
CA ASN A 59 5.08 -3.77 5.76
C ASN A 59 5.40 -4.10 4.30
N VAL A 60 6.68 -4.38 4.05
CA VAL A 60 7.11 -4.71 2.71
C VAL A 60 8.02 -5.95 2.76
N ALA A 61 7.49 -7.05 2.27
CA ALA A 61 8.23 -8.29 2.25
C ALA A 61 7.64 -9.22 1.18
N ASP A 62 8.41 -10.26 0.86
CA ASP A 62 7.98 -11.22 -0.14
C ASP A 62 7.30 -10.48 -1.29
N ALA A 63 7.91 -9.36 -1.68
CA ALA A 63 7.37 -8.55 -2.76
C ALA A 63 5.88 -8.33 -2.53
N THR A 64 5.56 -7.84 -1.35
CA THR A 64 4.17 -7.57 -1.00
C THR A 64 4.07 -6.34 -0.09
N VAL A 65 2.91 -5.71 -0.12
CA VAL A 65 2.68 -4.53 0.69
C VAL A 65 1.50 -4.79 1.64
N THR A 66 1.84 -5.12 2.88
CA THR A 66 0.82 -5.40 3.88
C THR A 66 0.76 -4.26 4.90
N VAL A 67 -0.41 -3.64 4.97
CA VAL A 67 -0.63 -2.53 5.90
C VAL A 67 -1.02 -3.09 7.27
N ILE A 68 -0.06 -3.02 8.19
CA ILE A 68 -0.30 -3.51 9.53
C ILE A 68 -0.59 -2.33 10.46
N SER A 69 -1.36 -2.61 11.50
CA SER A 69 -1.72 -1.58 12.46
C SER A 69 -0.48 -1.16 13.26
N GLU A 70 -0.55 0.05 13.81
CA GLU A 70 0.54 0.57 14.60
C GLU A 70 0.68 -0.20 15.91
N LYS A 71 -0.45 -0.36 16.58
CA LYS A 71 -0.47 -1.08 17.84
C LYS A 71 -1.06 -2.47 17.62
N ASN A 72 -0.35 -3.26 16.84
CA ASN A 72 -0.79 -4.62 16.54
C ASN A 72 0.03 -5.16 15.36
N GLU A 73 0.83 -6.17 15.66
CA GLU A 73 1.67 -6.79 14.65
C GLU A 73 1.00 -8.07 14.12
N GLU A 74 -0.17 -7.88 13.52
CA GLU A 74 -0.92 -9.00 12.98
C GLU A 74 -2.21 -8.50 12.31
N GLU A 75 -2.79 -7.48 12.91
CA GLU A 75 -4.02 -6.90 12.39
C GLU A 75 -3.75 -6.25 11.03
N VAL A 76 -3.51 -7.10 10.04
CA VAL A 76 -3.24 -6.62 8.70
C VAL A 76 -4.48 -5.88 8.17
N LEU A 77 -4.42 -4.56 8.22
CA LEU A 77 -5.53 -3.74 7.75
C LEU A 77 -5.76 -4.01 6.27
N VAL A 78 -4.67 -4.01 5.52
CA VAL A 78 -4.74 -4.24 4.09
C VAL A 78 -3.52 -5.07 3.65
N GLU A 79 -3.77 -5.96 2.70
CA GLU A 79 -2.70 -6.81 2.19
C GLU A 79 -2.59 -6.66 0.66
N CYS A 80 -1.64 -5.83 0.26
CA CYS A 80 -1.42 -5.58 -1.16
C CYS A 80 -0.23 -6.43 -1.60
N ARG A 81 -0.29 -6.89 -2.85
CA ARG A 81 0.76 -7.71 -3.41
C ARG A 81 1.26 -7.10 -4.72
N VAL A 82 2.58 -6.98 -4.81
CA VAL A 82 3.20 -6.41 -6.01
C VAL A 82 2.82 -7.26 -7.22
N ARG A 83 2.38 -8.48 -6.94
CA ARG A 83 1.98 -9.39 -8.00
C ARG A 83 0.55 -9.09 -8.45
N PHE A 84 -0.18 -8.41 -7.58
CA PHE A 84 -1.55 -8.05 -7.88
C PHE A 84 -1.68 -6.55 -8.16
N LEU A 85 -0.56 -5.86 -8.02
CA LEU A 85 -0.53 -4.42 -8.24
C LEU A 85 -0.62 -4.16 -9.75
N SER A 86 -1.17 -2.98 -10.07
CA SER A 86 -1.31 -2.59 -11.47
C SER A 86 -0.49 -1.34 -11.74
N PHE A 87 -0.43 -0.47 -10.75
CA PHE A 87 0.31 0.77 -10.87
C PHE A 87 0.27 1.58 -9.57
N MET A 88 1.11 2.59 -9.51
CA MET A 88 1.18 3.44 -8.34
C MET A 88 2.02 4.69 -8.61
N GLY A 89 2.41 5.35 -7.53
CA GLY A 89 3.21 6.55 -7.63
C GLY A 89 2.89 7.53 -6.50
N VAL A 90 3.64 8.63 -6.47
CA VAL A 90 3.44 9.65 -5.45
C VAL A 90 2.50 10.73 -6.00
N GLY A 91 1.59 11.16 -5.13
CA GLY A 91 0.64 12.18 -5.51
C GLY A 91 1.32 13.54 -5.68
N LYS A 92 0.50 14.55 -5.94
CA LYS A 92 1.01 15.89 -6.13
C LYS A 92 2.10 16.17 -5.10
N ASP A 93 1.73 16.03 -3.83
CA ASP A 93 2.65 16.27 -2.74
C ASP A 93 3.54 15.03 -2.56
N VAL A 94 4.75 15.29 -2.07
CA VAL A 94 5.71 14.21 -1.85
C VAL A 94 5.33 13.45 -0.58
N HIS A 95 4.33 13.98 0.13
CA HIS A 95 3.88 13.37 1.36
C HIS A 95 2.57 12.62 1.10
N THR A 96 2.51 11.97 -0.06
CA THR A 96 1.33 11.21 -0.44
C THR A 96 1.71 10.05 -1.35
N PHE A 97 1.25 8.87 -0.97
CA PHE A 97 1.53 7.67 -1.74
C PHE A 97 0.27 6.83 -1.94
N ALA A 98 0.07 6.40 -3.18
CA ALA A 98 -1.09 5.59 -3.52
C ALA A 98 -0.72 4.61 -4.63
N PHE A 99 -1.43 3.49 -4.65
CA PHE A 99 -1.18 2.47 -5.65
C PHE A 99 -2.48 1.75 -6.02
N ILE A 100 -2.58 1.43 -7.31
CA ILE A 100 -3.77 0.73 -7.81
C ILE A 100 -3.57 -0.78 -7.66
N MET A 101 -4.55 -1.41 -7.02
CA MET A 101 -4.49 -2.85 -6.82
C MET A 101 -5.74 -3.53 -7.37
N ASP A 102 -5.64 -4.83 -7.55
CA ASP A 102 -6.75 -5.61 -8.08
C ASP A 102 -7.26 -6.55 -6.98
N THR A 103 -8.58 -6.55 -6.82
CA THR A 103 -9.21 -7.39 -5.82
C THR A 103 -10.19 -8.37 -6.47
N GLY A 104 -11.12 -7.81 -7.23
CA GLY A 104 -12.11 -8.61 -7.92
C GLY A 104 -11.85 -8.63 -9.43
N ASN A 105 -12.92 -8.80 -10.18
CA ASN A 105 -12.82 -8.85 -11.63
C ASN A 105 -13.03 -7.45 -12.20
N GLN A 106 -12.16 -7.07 -13.12
CA GLN A 106 -12.24 -5.76 -13.75
C GLN A 106 -12.39 -4.67 -12.69
N ARG A 107 -11.97 -5.01 -11.47
CA ARG A 107 -12.05 -4.07 -10.37
C ARG A 107 -10.65 -3.71 -9.88
N PHE A 108 -10.48 -2.43 -9.56
CA PHE A 108 -9.20 -1.94 -9.09
C PHE A 108 -9.39 -0.92 -7.96
N GLU A 109 -8.59 -1.10 -6.92
CA GLU A 109 -8.66 -0.21 -5.76
C GLU A 109 -7.36 0.60 -5.63
N CYS A 110 -7.50 1.78 -5.06
CA CYS A 110 -6.35 2.65 -4.87
C CYS A 110 -6.27 3.04 -3.39
N HIS A 111 -5.23 2.54 -2.73
CA HIS A 111 -5.04 2.83 -1.32
C HIS A 111 -4.11 4.03 -1.17
N VAL A 112 -4.67 5.10 -0.64
CA VAL A 112 -3.91 6.32 -0.43
C VAL A 112 -3.31 6.31 0.98
N PHE A 113 -2.10 6.84 1.08
CA PHE A 113 -1.40 6.90 2.35
C PHE A 113 -0.53 8.15 2.45
N TRP A 114 -0.15 8.48 3.67
CA TRP A 114 0.69 9.64 3.92
C TRP A 114 2.01 9.16 4.52
N CYS A 115 3.09 9.51 3.85
CA CYS A 115 4.42 9.11 4.30
C CYS A 115 5.26 10.38 4.44
N GLU A 116 6.09 10.39 5.48
CA GLU A 116 6.96 11.52 5.74
C GLU A 116 8.42 11.08 5.81
N PRO A 117 9.32 11.98 5.34
CA PRO A 117 8.89 13.27 4.82
C PRO A 117 8.27 13.11 3.43
N ASN A 118 8.95 12.32 2.61
CA ASN A 118 8.47 12.09 1.25
C ASN A 118 8.16 10.60 1.08
N ALA A 119 7.21 10.33 0.19
CA ALA A 119 6.82 8.96 -0.09
C ALA A 119 7.71 8.38 -1.19
N ALA A 120 9.00 8.64 -1.05
CA ALA A 120 9.97 8.15 -2.02
C ALA A 120 10.48 6.78 -1.59
N ASN A 121 10.95 6.73 -0.34
CA ASN A 121 11.46 5.48 0.21
C ASN A 121 10.38 4.41 0.14
N VAL A 122 9.20 4.77 0.63
CA VAL A 122 8.08 3.85 0.64
C VAL A 122 7.79 3.40 -0.79
N SER A 123 7.32 4.34 -1.60
CA SER A 123 7.01 4.05 -2.98
C SER A 123 8.11 3.20 -3.60
N GLU A 124 9.34 3.55 -3.27
CA GLU A 124 10.50 2.82 -3.78
C GLU A 124 10.53 1.40 -3.21
N ALA A 125 10.51 1.34 -1.88
CA ALA A 125 10.55 0.05 -1.20
C ALA A 125 9.44 -0.86 -1.77
N VAL A 126 8.33 -0.23 -2.13
CA VAL A 126 7.21 -0.95 -2.69
C VAL A 126 7.53 -1.36 -4.14
N GLN A 127 8.01 -0.38 -4.90
CA GLN A 127 8.36 -0.62 -6.28
C GLN A 127 9.47 -1.67 -6.38
N ALA A 128 10.52 -1.44 -5.61
CA ALA A 128 11.65 -2.35 -5.60
C ALA A 128 11.15 -3.78 -5.38
N ALA A 129 10.01 -3.88 -4.73
CA ALA A 129 9.41 -5.17 -4.45
C ALA A 129 8.79 -5.72 -5.74
N CYS A 130 8.12 -4.83 -6.46
CA CYS A 130 7.47 -5.21 -7.71
C CYS A 130 8.56 -5.43 -8.76
N SER A 131 9.25 -4.35 -9.09
CA SER A 131 10.30 -4.41 -10.08
C SER A 131 9.71 -4.65 -11.47
N GLY A 132 9.70 -3.61 -12.27
CA GLY A 132 9.17 -3.71 -13.63
C GLY A 132 10.19 -3.22 -14.66
N PRO A 133 9.75 -3.21 -15.95
CA PRO A 133 10.61 -2.77 -17.03
C PRO A 133 10.76 -1.25 -17.03
N SER A 134 11.98 -0.81 -17.28
CA SER A 134 12.27 0.62 -17.32
C SER A 134 11.18 1.36 -18.07
N SER A 135 10.98 0.95 -19.32
CA SER A 135 9.97 1.55 -20.18
C SER A 135 8.95 0.51 -20.61
N GLY A 136 7.69 0.78 -20.30
CA GLY A 136 6.62 -0.13 -20.65
C GLY A 136 5.60 -0.24 -19.52
#